data_7CZZ
#
_entry.id   7CZZ
#
_cell.length_a   1.00
_cell.length_b   1.00
_cell.length_c   1.00
_cell.angle_alpha   90.00
_cell.angle_beta   90.00
_cell.angle_gamma   90.00
#
_symmetry.space_group_name_H-M   'P 1'
#
loop_
_entity.id
_entity.type
_entity.pdbx_description
1 polymer 'Spike glycoprotein'
2 polymer 'Immunoglobulin heavy variable 1-8,Immunoglobulin heavy variable 1-8,chain H of P5A-2F11_3B,Epididymis luminal protein 214,Epididymis luminal protein 214'
3 polymer 'IG c168_light_IGKV4-1_IGKJ4,Immunoglobulin kappa constant'
4 branched 2-acetamido-2-deoxy-beta-D-glucopyranose-(1-4)-2-acetamido-2-deoxy-beta-D-glucopyranose
5 branched 2-acetamido-2-deoxy-beta-D-glucopyranose-(1-4)-2-acetamido-2-deoxy-beta-D-glucopyranose-(1-4)-2-acetamido-2-deoxy-beta-D-glucopyranose
6 non-polymer 2-acetamido-2-deoxy-beta-D-glucopyranose
#
loop_
_entity_poly.entity_id
_entity_poly.type
_entity_poly.pdbx_seq_one_letter_code
_entity_poly.pdbx_strand_id
1 'polypeptide(L)'
;MFVFLVLLPLVSSQCVNLTTRTQLPPAYTNSFTRGVYYPDKVFRSSVLHSTQDLFLPFFSNVTWFHAIHVSGTNGTKRFD
NPVLPFNDGVYFASTEKSNIIRGWIFGTTLDSKTQSLLIVNNATNVVIKVCEFQFCNDPFLGVYYHKNNKSWMESEFRVY
SSANNCTFEYVSQPFLMDLEGKQGNFKNLREFVFKNIDGYFKIYSKHTPINLVRDLPQGFSALEPLVDLPIGINITRFQT
LLALHRSYLTPGDSSSGWTAGAAAYYVGYLQPRTFLLKYNENGTITDAVDCALDPLSETKCTLKSFTVEKGIYQTSNFRV
QPTESIVRFPNITNLCPFGEVFNATRFASVYAWNRKRISNCVADYSVLYNSASFSTFKCYGVSPTKLNDLCFTNVYADSF
VIRGDEVRQIAPGQTGKIADYNYKLPDDFTGCVIAWNSNNLDSKVGGNYNYLYRLFRKSNLKPFERDISTEIYQAGSTPC
NGVEGFNCYFPLQSYGFQPTNGVGYQPYRVVVLSFELLHAPATVCGPKKSTNLVKNKCVNFNFNGLTGTGVLTESNKKFL
PFQQFGRDIADTTDAVRDPQTLEILDITPCSFGGVSVITPGTNTSNQVAVLYQDVNCTEVPVAIHADQLTPTWRVYSTGS
NVFQTRAGCLIGAEHVNNSYECDIPIGAGICASYQTQTNSPRRARSVASQSIIAYTMSLGAENSVAYSNNSIAIPTNFTI
SVTTEILPVSMTKTSVDCTMYICGDSTECSNLLLQYGSFCTQLNRALTGIAVEQDKNTQEVFAQVKQIYKTPPIKDFGGF
NFSQILPDPSKPSKRSFIEDLLFNKVTLADAGFIKQYGDCLGDIAARDLICAQKFNGLTVLPPLLTDEMIAQYTSALLAG
TITSGWTFGAGAALQIPFAMQMAYRFNGIGVTQNVLYENQKLIANQFNSAIGKIQDSLSSTASALGKLQDVVNQNAQALN
TLVKQLSSNFGAISSVLNDILSRLDPPEAEVQIDRLITGRLQSLQTYVTQQLIRAAEIRASANLAATKMSECVLGQSKRV
DFCGKGYHLMSFPQSAPHGVVFLHVTYVPAQEKNFTTAPAICHDGKAHFPREGVFVSNGTHWFVTQRNFYEPQIITTDNT
FVSGNCDVVIGIVNNTVYDPLQPELDSFKEELDKYFKNHTSPDVDLGDISGINASVVNIQKEIDRLNEVAKNLNESLIDL
QELGKYEQYIKWPWYIWLGFIAGLIAIVMVTIMLCCMTSCCSCLKGCCSCGSCCKFDEDDSEPVLKGVKLHYTLEDYKDD
DDK
;
A,B,C
2 'polypeptide(L)'
;QVQLVQSGAEVKKPGASVKVSCKASGYTFTSYDINWVRQATGQGLEWMGWMNPNSGNTGYAQKFQGRVTMTRNTSISTAY
MELSSLRSEDTAVYYCARYIVVVPAAKGFDPWGQGTLVTVSSASTKGPSVFPLAPSSKSTSGGTAALGCLVKDYFPEPVT
VSWNSGALTSGVHTFPAVLQSSGLYSLSSVVTVPSSSLGTQTYICNVNHKPSNTKVDKKVEPKSCDKTHTCPPCPAPELL
GGPSVFLFPPKPKDTLMISRTPEVTCVVVDVSHEDPEVKFNWYVDGVEVHNAKTKPREEQYNSTYRVVSVLTVLHQDWLN
GKEYKCKVSNKALPAPIEKTISKAKGQPREPQVYTLPPSRDELTKNQVSLTCLVKGFYPSDIAVEWESNGQPENNYKTTP
PVLDSDGSFFLYSKLTVDKSRWQQGNVFSCSVMHEALHNHYTQKSLSLSPGK
;
H,I,J
3 'polypeptide(L)'
;DIVMTQSPDSLAVSLGERATINCKSSQSVLYSSNNKNYLAWYQQKPGQPPKLLIYWASTRESGVPDRFSGSGSGTDFTLT
ISSLQAEDVAVYYCQQYYSTPLTFGGGTKVEIKRTVAAPSVFIFPPSDEQLKSGTASVVCLLNNFYPREAKVQWKVDNAL
QSGNSQESVTEQDSKDSTYSLSSTLTLSKADYEKHKVYACEVTHQGLSSPVTKSFNRGEC
;
K,M,N
#
loop_
_chem_comp.id
_chem_comp.type
_chem_comp.name
_chem_comp.formula
NAG D-saccharide, beta linking 2-acetamido-2-deoxy-beta-D-glucopyranose 'C8 H15 N O6'
#
# COMPACT_ATOMS: atom_id res chain seq x y z
N ALA A 27 -17.80 27.99 51.90
CA ALA A 27 -19.01 28.54 51.31
C ALA A 27 -19.07 28.27 49.82
N TYR A 28 -20.28 28.35 49.26
CA TYR A 28 -20.49 28.25 47.83
C TYR A 28 -21.41 29.39 47.43
N THR A 29 -21.31 29.82 46.18
CA THR A 29 -22.11 30.92 45.70
C THR A 29 -22.55 30.62 44.28
N ASN A 30 -23.42 31.48 43.76
CA ASN A 30 -24.05 31.31 42.47
C ASN A 30 -23.58 32.42 41.54
N SER A 31 -22.90 32.04 40.47
CA SER A 31 -22.66 32.96 39.37
C SER A 31 -24.00 33.29 38.74
N PHE A 32 -24.10 34.38 37.99
CA PHE A 32 -25.36 34.52 37.29
C PHE A 32 -25.14 34.42 35.78
N THR A 33 -24.39 35.36 35.23
CA THR A 33 -23.98 35.31 33.83
C THR A 33 -22.55 35.85 33.82
N ARG A 34 -21.60 34.95 33.99
CA ARG A 34 -20.22 35.32 34.25
C ARG A 34 -19.30 34.33 33.54
N GLY A 35 -18.16 34.82 33.07
CA GLY A 35 -17.20 33.94 32.45
C GLY A 35 -17.41 33.75 30.97
N VAL A 36 -17.74 34.83 30.27
CA VAL A 36 -17.88 34.82 28.82
C VAL A 36 -16.65 35.52 28.24
N TYR A 37 -15.97 34.86 27.33
CA TYR A 37 -14.79 35.41 26.70
C TYR A 37 -14.95 35.35 25.19
N TYR A 38 -14.25 36.24 24.50
CA TYR A 38 -14.23 36.23 23.05
C TYR A 38 -13.49 35.01 22.56
N PRO A 39 -14.12 34.10 21.86
CA PRO A 39 -13.46 32.82 21.57
C PRO A 39 -12.60 32.84 20.32
N ASP A 40 -12.44 34.00 19.69
CA ASP A 40 -11.61 34.11 18.51
C ASP A 40 -11.33 35.58 18.24
N LYS A 41 -10.49 35.83 17.25
CA LYS A 41 -10.07 37.18 16.89
C LYS A 41 -11.01 37.86 15.91
N VAL A 42 -12.13 37.24 15.59
CA VAL A 42 -12.97 37.70 14.49
C VAL A 42 -13.89 38.81 14.97
N PHE A 43 -13.88 39.93 14.25
CA PHE A 43 -14.83 41.00 14.46
C PHE A 43 -16.19 40.60 13.89
N ARG A 44 -17.24 41.09 14.54
CA ARG A 44 -18.61 40.86 14.07
C ARG A 44 -19.44 42.09 14.42
N SER A 45 -20.21 42.55 13.45
CA SER A 45 -21.12 43.66 13.66
C SER A 45 -22.43 43.10 14.20
N SER A 46 -23.52 43.85 14.09
CA SER A 46 -24.75 43.53 14.83
C SER A 46 -25.31 42.20 14.35
N VAL A 47 -24.96 41.12 15.03
CA VAL A 47 -25.40 39.77 14.69
C VAL A 47 -25.58 38.95 15.96
N LEU A 48 -26.07 37.73 15.78
CA LEU A 48 -26.18 36.73 16.83
C LEU A 48 -25.43 35.50 16.35
N HIS A 49 -24.30 35.20 16.98
CA HIS A 49 -23.42 34.14 16.52
C HIS A 49 -23.40 32.99 17.51
N SER A 50 -23.39 31.77 16.99
CA SER A 50 -23.47 30.56 17.81
C SER A 50 -22.13 29.85 17.86
N THR A 51 -21.68 29.50 19.07
CA THR A 51 -20.39 28.84 19.24
C THR A 51 -20.50 27.60 20.11
N GLN A 52 -19.58 26.67 19.88
CA GLN A 52 -19.33 25.54 20.75
C GLN A 52 -17.93 25.67 21.33
N ASP A 53 -17.80 25.65 22.65
CA ASP A 53 -16.49 25.86 23.27
C ASP A 53 -16.57 25.43 24.73
N LEU A 54 -15.54 25.79 25.49
CA LEU A 54 -15.49 25.53 26.93
C LEU A 54 -15.89 26.79 27.66
N PHE A 55 -17.03 26.75 28.34
CA PHE A 55 -17.56 27.90 29.03
C PHE A 55 -17.90 27.52 30.45
N LEU A 56 -18.15 28.54 31.26
CA LEU A 56 -18.67 28.38 32.61
C LEU A 56 -20.19 28.46 32.54
N PRO A 57 -20.91 27.36 32.76
CA PRO A 57 -22.37 27.37 32.60
C PRO A 57 -23.04 28.43 33.44
N PHE A 58 -24.17 28.96 32.97
CA PHE A 58 -24.86 29.99 33.70
C PHE A 58 -25.44 29.42 34.99
N PHE A 59 -25.49 30.26 36.01
CA PHE A 59 -26.03 29.87 37.31
C PHE A 59 -25.34 28.62 37.82
N SER A 60 -24.05 28.74 38.12
CA SER A 60 -23.23 27.60 38.51
C SER A 60 -22.90 27.68 39.99
N ASN A 61 -22.23 26.63 40.45
CA ASN A 61 -21.90 26.43 41.86
C ASN A 61 -20.42 26.71 42.04
N VAL A 62 -20.08 27.95 42.39
CA VAL A 62 -18.68 28.38 42.46
C VAL A 62 -18.25 28.38 43.91
N THR A 63 -17.12 27.75 44.19
CA THR A 63 -16.56 27.72 45.53
C THR A 63 -16.29 29.14 46.02
N TRP A 64 -16.26 29.31 47.32
CA TRP A 64 -15.93 30.59 47.92
C TRP A 64 -14.74 30.37 48.84
N PHE A 65 -13.77 31.28 48.79
CA PHE A 65 -12.62 31.23 49.66
C PHE A 65 -12.43 32.58 50.31
N HIS A 66 -12.02 32.54 51.58
CA HIS A 66 -11.73 33.73 52.35
C HIS A 66 -10.26 33.74 52.72
N ALA A 67 -9.78 34.89 53.15
CA ALA A 67 -8.44 35.05 53.67
C ALA A 67 -8.38 36.33 54.50
N ASN A 81 -3.69 29.61 50.38
CA ASN A 81 -4.91 28.83 50.33
C ASN A 81 -4.64 27.57 49.46
N PRO A 82 -5.54 26.58 49.46
CA PRO A 82 -5.13 25.22 49.14
C PRO A 82 -4.89 24.92 47.67
N VAL A 83 -4.36 23.72 47.44
CA VAL A 83 -4.13 23.17 46.11
C VAL A 83 -5.45 22.73 45.53
N LEU A 84 -5.81 23.27 44.38
CA LEU A 84 -7.05 22.95 43.70
C LEU A 84 -6.79 22.07 42.49
N PRO A 85 -7.82 21.56 41.82
CA PRO A 85 -7.58 20.92 40.52
C PRO A 85 -7.70 21.89 39.36
N PHE A 86 -7.39 21.44 38.15
CA PHE A 86 -7.59 22.23 36.93
C PHE A 86 -8.59 21.62 35.99
N ASN A 87 -8.29 20.42 35.49
CA ASN A 87 -9.07 19.39 34.81
C ASN A 87 -9.71 19.85 33.51
N ASP A 88 -10.07 21.13 33.39
CA ASP A 88 -10.42 21.76 32.12
C ASP A 88 -10.63 23.24 32.39
N GLY A 89 -9.61 24.05 32.19
CA GLY A 89 -9.81 25.49 32.37
C GLY A 89 -10.32 25.93 33.73
N VAL A 90 -10.36 27.23 33.96
CA VAL A 90 -10.74 27.77 35.27
C VAL A 90 -11.24 29.19 35.08
N TYR A 91 -12.36 29.51 35.70
CA TYR A 91 -12.76 30.87 35.96
C TYR A 91 -12.26 31.28 37.34
N PHE A 92 -11.94 32.55 37.50
CA PHE A 92 -11.33 32.99 38.74
C PHE A 92 -11.57 34.47 38.92
N ALA A 93 -12.44 34.86 39.83
CA ALA A 93 -12.64 36.27 40.15
C ALA A 93 -12.03 36.60 41.50
N SER A 94 -11.97 37.89 41.82
CA SER A 94 -11.35 38.34 43.05
C SER A 94 -11.73 39.79 43.28
N THR A 95 -11.77 40.19 44.56
CA THR A 95 -12.27 41.52 44.92
C THR A 95 -11.42 42.12 46.03
N GLU A 96 -10.97 43.36 45.82
CA GLU A 96 -10.29 44.16 46.84
C GLU A 96 -9.90 45.54 46.33
N LYS A 97 -9.40 46.40 47.21
CA LYS A 97 -8.74 47.64 46.82
C LYS A 97 -7.23 47.57 46.98
N SER A 98 -6.73 47.01 48.08
CA SER A 98 -5.35 46.57 48.18
C SER A 98 -5.12 45.40 47.23
N ASN A 99 -3.93 44.83 47.22
CA ASN A 99 -3.64 43.73 46.31
C ASN A 99 -3.12 42.54 47.09
N ILE A 100 -4.04 41.68 47.52
CA ILE A 100 -3.71 40.50 48.31
C ILE A 100 -3.47 39.34 47.36
N ILE A 101 -4.21 39.30 46.27
CA ILE A 101 -4.05 38.26 45.26
C ILE A 101 -2.89 38.66 44.36
N ARG A 102 -1.81 37.88 44.42
CA ARG A 102 -0.56 38.20 43.77
C ARG A 102 -0.16 37.05 42.86
N GLY A 103 -1.09 36.58 42.06
CA GLY A 103 -0.79 35.60 41.06
C GLY A 103 -1.05 34.18 41.53
N TRP A 104 -0.84 33.26 40.61
CA TRP A 104 -1.19 31.87 40.77
C TRP A 104 0.07 31.05 40.49
N ILE A 105 0.00 29.76 40.75
CA ILE A 105 1.06 28.85 40.36
C ILE A 105 0.39 27.59 39.83
N PHE A 106 0.94 27.01 38.78
CA PHE A 106 0.25 25.96 38.06
C PHE A 106 1.11 24.71 38.00
N GLY A 107 0.57 23.64 37.42
CA GLY A 107 1.39 22.50 37.10
C GLY A 107 0.75 21.17 37.43
N THR A 108 1.55 20.11 37.50
CA THR A 108 1.03 18.81 37.89
C THR A 108 1.46 18.45 39.31
N THR A 109 2.72 18.68 39.66
CA THR A 109 3.23 18.32 40.98
C THR A 109 3.63 19.50 41.84
N LEU A 110 3.78 20.69 41.26
CA LEU A 110 4.13 21.91 42.00
C LEU A 110 5.45 21.73 42.76
N ASP A 111 6.39 21.04 42.11
CA ASP A 111 7.70 20.81 42.71
C ASP A 111 8.69 20.52 41.61
N SER A 112 9.86 20.00 42.01
CA SER A 112 10.82 19.51 41.04
C SER A 112 10.38 18.14 40.52
N LYS A 113 11.23 17.56 39.67
CA LYS A 113 11.00 16.29 38.98
C LYS A 113 9.97 16.44 37.85
N THR A 114 9.29 17.58 37.78
CA THR A 114 8.46 17.91 36.62
C THR A 114 8.28 19.42 36.57
N GLN A 115 8.03 19.93 35.37
CA GLN A 115 8.01 21.36 35.11
C GLN A 115 6.67 21.99 35.46
N SER A 116 6.71 23.29 35.77
CA SER A 116 5.51 24.03 36.15
C SER A 116 5.67 25.50 35.78
N LEU A 117 4.56 26.21 35.75
CA LEU A 117 4.51 27.65 35.49
C LEU A 117 4.45 28.40 36.80
N LEU A 118 4.84 29.67 36.78
CA LEU A 118 4.76 30.53 37.95
C LEU A 118 4.50 31.96 37.50
N ILE A 119 3.40 32.53 37.96
CA ILE A 119 2.99 33.88 37.59
C ILE A 119 2.86 34.73 38.83
N VAL A 120 3.70 35.75 38.92
CA VAL A 120 3.87 36.48 40.16
C VAL A 120 3.73 37.97 39.88
N ASN A 121 3.46 38.76 40.92
CA ASN A 121 3.44 40.20 40.83
C ASN A 121 3.84 40.80 42.18
N ASN A 122 5.09 41.27 42.30
CA ASN A 122 5.44 42.07 43.47
C ASN A 122 4.90 43.48 43.24
N ALA A 123 5.26 44.44 44.09
CA ALA A 123 4.74 45.79 43.92
C ALA A 123 5.30 46.46 42.66
N THR A 124 6.10 45.72 41.89
CA THR A 124 6.71 46.28 40.68
C THR A 124 5.86 46.00 39.45
N ASN A 125 5.75 44.74 39.06
CA ASN A 125 5.01 44.29 37.89
C ASN A 125 5.13 42.78 37.75
N VAL A 126 4.36 42.26 36.79
CA VAL A 126 4.17 40.83 36.56
C VAL A 126 5.50 40.15 36.25
N VAL A 127 5.64 38.90 36.69
CA VAL A 127 6.82 38.09 36.39
C VAL A 127 6.38 36.68 36.00
N ILE A 128 6.18 36.43 34.71
CA ILE A 128 5.92 35.06 34.30
C ILE A 128 7.24 34.31 34.31
N LYS A 129 7.19 33.01 34.55
CA LYS A 129 8.40 32.22 34.66
C LYS A 129 8.05 30.75 34.50
N VAL A 130 8.93 30.01 33.82
CA VAL A 130 8.74 28.57 33.70
C VAL A 130 10.06 27.86 33.94
N CYS A 131 10.24 27.33 35.14
CA CYS A 131 11.36 26.47 35.49
C CYS A 131 10.84 25.17 36.10
N GLU A 132 11.76 24.39 36.64
CA GLU A 132 11.44 23.39 37.64
C GLU A 132 11.72 24.01 39.01
N PHE A 133 10.73 23.97 39.88
CA PHE A 133 10.82 24.69 41.14
C PHE A 133 10.87 23.74 42.31
N GLN A 134 11.00 24.30 43.49
CA GLN A 134 10.67 23.63 44.74
C GLN A 134 9.76 24.57 45.51
N PHE A 135 8.48 24.27 45.52
CA PHE A 135 7.47 25.17 46.06
C PHE A 135 7.21 24.84 47.52
N CYS A 136 7.17 25.88 48.34
CA CYS A 136 6.64 25.74 49.68
C CYS A 136 5.24 25.14 49.61
N ASN A 137 4.96 24.19 50.51
CA ASN A 137 3.61 23.65 50.56
C ASN A 137 2.59 24.71 50.96
N ASP A 138 3.04 25.76 51.64
CA ASP A 138 2.22 26.95 51.90
C ASP A 138 3.01 28.17 51.45
N PRO A 139 3.03 28.43 50.14
CA PRO A 139 3.88 29.51 49.61
C PRO A 139 3.14 30.83 49.57
N PHE A 140 3.85 31.91 49.85
CA PHE A 140 3.24 33.23 49.89
C PHE A 140 4.33 34.28 49.81
N LEU A 141 3.93 35.54 49.98
CA LEU A 141 4.87 36.64 50.05
C LEU A 141 4.40 37.62 51.12
N GLY A 142 5.38 38.23 51.80
CA GLY A 142 5.10 39.09 52.94
C GLY A 142 4.71 40.50 52.57
N VAL A 143 4.87 41.40 53.54
CA VAL A 143 4.64 42.82 53.35
C VAL A 143 5.21 43.53 54.58
N MET A 153 10.43 47.85 55.51
CA MET A 153 10.57 46.40 55.42
C MET A 153 10.05 45.91 54.07
N GLU A 154 8.80 45.46 54.05
CA GLU A 154 8.11 45.03 52.84
C GLU A 154 8.91 43.97 52.09
N SER A 155 9.41 43.00 52.85
CA SER A 155 10.22 41.90 52.33
C SER A 155 9.42 40.60 52.36
N GLU A 156 9.62 39.78 51.35
CA GLU A 156 8.59 38.84 50.91
C GLU A 156 9.16 37.60 50.25
N PHE A 157 8.31 36.93 49.48
CA PHE A 157 8.70 35.84 48.59
C PHE A 157 9.29 34.65 49.32
N ARG A 158 8.48 34.02 50.17
CA ARG A 158 8.81 32.70 50.68
C ARG A 158 8.16 31.66 49.78
N VAL A 159 8.00 31.99 48.49
CA VAL A 159 7.19 31.16 47.60
C VAL A 159 7.90 29.85 47.30
N TYR A 160 9.04 29.90 46.64
CA TYR A 160 9.77 28.67 46.31
C TYR A 160 11.15 28.66 46.97
N SER A 161 11.95 27.64 46.63
CA SER A 161 13.34 27.61 47.05
C SER A 161 14.23 27.03 45.96
N SER A 162 13.77 27.04 44.71
CA SER A 162 14.50 26.44 43.61
C SER A 162 13.98 27.05 42.30
N ALA A 163 14.90 27.24 41.36
CA ALA A 163 14.58 27.84 40.06
C ALA A 163 15.37 27.18 38.94
N ASN A 164 15.40 25.85 38.90
CA ASN A 164 16.30 25.12 38.02
C ASN A 164 15.74 24.99 36.60
N ASN A 165 16.64 24.88 35.63
CA ASN A 165 16.30 24.47 34.28
C ASN A 165 15.29 25.36 33.56
N CYS A 166 15.28 26.65 33.86
CA CYS A 166 14.26 27.57 33.33
C CYS A 166 14.20 27.54 31.81
N THR A 167 12.98 27.34 31.29
CA THR A 167 12.74 27.15 29.86
C THR A 167 11.94 28.32 29.30
N PHE A 168 11.64 29.31 30.12
CA PHE A 168 10.89 30.48 29.71
C PHE A 168 10.98 31.50 30.84
N GLU A 169 11.31 32.74 30.51
CA GLU A 169 11.30 33.79 31.50
C GLU A 169 10.49 34.96 30.95
N TYR A 170 10.20 35.91 31.81
CA TYR A 170 9.63 37.19 31.45
C TYR A 170 9.67 38.07 32.69
N VAL A 171 10.01 39.34 32.53
CA VAL A 171 9.86 40.31 33.61
C VAL A 171 9.41 41.60 32.97
N SER A 172 9.31 42.67 33.76
CA SER A 172 9.02 44.00 33.23
C SER A 172 9.47 45.07 34.20
N LYS A 187 -14.94 48.25 45.37
CA LYS A 187 -13.49 48.23 45.13
C LYS A 187 -13.16 47.83 43.70
N ASN A 188 -12.63 46.63 43.54
CA ASN A 188 -12.23 46.13 42.23
C ASN A 188 -12.72 44.70 42.08
N LEU A 189 -13.06 44.34 40.85
CA LEU A 189 -13.35 42.96 40.48
C LEU A 189 -12.47 42.59 39.30
N ARG A 190 -11.72 41.51 39.43
CA ARG A 190 -10.71 41.12 38.45
C ARG A 190 -10.93 39.66 38.09
N GLU A 191 -11.54 39.45 36.93
CA GLU A 191 -11.84 38.10 36.46
C GLU A 191 -10.76 37.58 35.51
N PHE A 192 -10.59 36.26 35.52
CA PHE A 192 -9.60 35.61 34.68
C PHE A 192 -10.15 34.26 34.23
N VAL A 193 -9.84 33.89 33.00
CA VAL A 193 -10.15 32.57 32.48
C VAL A 193 -8.84 31.97 32.01
N PHE A 194 -8.48 30.81 32.56
CA PHE A 194 -7.24 30.13 32.21
C PHE A 194 -7.57 28.86 31.48
N LYS A 195 -6.94 28.63 30.34
CA LYS A 195 -7.11 27.35 29.64
C LYS A 195 -5.79 26.95 29.00
N ASN A 196 -5.71 25.69 28.58
CA ASN A 196 -4.45 25.08 28.19
C ASN A 196 -4.71 24.05 27.09
N ILE A 197 -4.48 24.45 25.83
CA ILE A 197 -4.79 23.61 24.68
C ILE A 197 -3.60 23.57 23.74
N ASP A 198 -3.23 22.37 23.29
CA ASP A 198 -2.17 22.15 22.32
C ASP A 198 -0.90 22.91 22.67
N GLY A 199 -0.42 22.74 23.89
CA GLY A 199 0.82 23.36 24.31
C GLY A 199 0.78 24.87 24.42
N TYR A 200 -0.40 25.46 24.28
CA TYR A 200 -0.57 26.89 24.47
C TYR A 200 -1.38 27.10 25.74
N PHE A 201 -0.95 28.06 26.55
CA PHE A 201 -1.63 28.37 27.79
C PHE A 201 -2.26 29.75 27.63
N LYS A 202 -3.56 29.78 27.37
CA LYS A 202 -4.28 31.01 27.08
C LYS A 202 -4.86 31.59 28.36
N ILE A 203 -4.88 32.92 28.41
CA ILE A 203 -5.32 33.68 29.56
C ILE A 203 -6.21 34.82 29.06
N TYR A 204 -7.47 34.80 29.46
CA TYR A 204 -8.36 35.92 29.22
C TYR A 204 -8.58 36.62 30.53
N SER A 205 -8.96 37.90 30.48
CA SER A 205 -9.06 38.66 31.69
C SER A 205 -9.98 39.85 31.48
N LYS A 206 -10.43 40.43 32.58
CA LYS A 206 -11.22 41.64 32.57
C LYS A 206 -11.17 42.27 33.95
N HIS A 207 -11.18 43.60 33.99
CA HIS A 207 -11.12 44.35 35.23
C HIS A 207 -12.32 45.28 35.25
N THR A 208 -13.32 44.91 36.02
CA THR A 208 -14.48 45.76 36.22
C THR A 208 -14.42 46.40 37.60
N PRO A 209 -14.92 47.62 37.74
CA PRO A 209 -15.00 48.21 39.08
C PRO A 209 -16.32 47.88 39.78
N ILE A 210 -16.27 47.25 40.95
CA ILE A 210 -17.49 47.03 41.72
C ILE A 210 -17.80 48.30 42.50
N ASN A 211 -19.02 48.39 43.03
CA ASN A 211 -19.31 49.44 43.99
C ASN A 211 -19.57 48.80 45.35
N LEU A 212 -19.10 47.57 45.50
CA LEU A 212 -19.01 46.86 46.77
C LEU A 212 -17.52 46.69 47.08
N VAL A 213 -17.22 45.95 48.14
CA VAL A 213 -15.81 45.68 48.44
C VAL A 213 -15.44 44.24 48.06
N ARG A 214 -16.13 43.24 48.61
CA ARG A 214 -15.71 41.85 48.40
C ARG A 214 -16.82 40.81 48.28
N ASP A 215 -17.89 41.08 47.51
CA ASP A 215 -18.91 40.07 47.23
C ASP A 215 -19.13 39.97 45.72
N LEU A 216 -19.47 38.77 45.25
CA LEU A 216 -19.64 38.53 43.82
C LEU A 216 -20.90 39.20 43.31
N PRO A 217 -20.79 40.16 42.40
CA PRO A 217 -21.98 40.88 41.92
C PRO A 217 -22.73 40.16 40.82
N GLN A 218 -23.67 40.85 40.20
CA GLN A 218 -24.44 40.32 39.09
C GLN A 218 -24.25 41.23 37.89
N GLY A 219 -24.32 40.64 36.70
CA GLY A 219 -24.21 41.42 35.48
C GLY A 219 -23.53 40.68 34.35
N PHE A 220 -23.31 41.35 33.22
CA PHE A 220 -22.67 40.75 32.06
C PHE A 220 -21.44 41.56 31.67
N SER A 221 -20.33 40.86 31.47
CA SER A 221 -19.08 41.50 31.08
C SER A 221 -18.15 40.49 30.43
N ALA A 222 -17.90 40.61 29.13
CA ALA A 222 -17.11 39.64 28.38
C ALA A 222 -15.63 39.87 28.58
N LEU A 223 -14.88 38.78 28.60
CA LEU A 223 -13.45 38.79 28.94
C LEU A 223 -12.62 38.72 27.67
N GLU A 224 -11.59 39.66 27.54
CA GLU A 224 -10.77 39.84 26.36
C GLU A 224 -9.42 39.15 26.50
N PRO A 225 -8.95 38.49 25.44
CA PRO A 225 -7.71 37.70 25.55
C PRO A 225 -6.51 38.56 25.87
N LEU A 226 -5.61 38.02 26.70
CA LEU A 226 -4.47 38.77 27.21
C LEU A 226 -3.16 38.23 26.66
N VAL A 227 -2.92 36.94 26.86
CA VAL A 227 -1.62 36.33 26.70
C VAL A 227 -1.81 35.06 25.88
N ASP A 228 -0.67 34.48 25.50
CA ASP A 228 -0.56 33.23 24.76
C ASP A 228 0.87 32.71 25.02
N LEU A 229 1.02 31.51 25.59
CA LEU A 229 2.36 31.03 25.88
C LEU A 229 2.56 29.65 25.27
N PRO A 230 3.47 29.53 24.31
CA PRO A 230 3.75 28.22 23.71
C PRO A 230 4.71 27.51 24.66
N ILE A 231 4.16 26.81 25.66
CA ILE A 231 5.01 26.15 26.65
C ILE A 231 5.14 24.67 26.31
N GLY A 232 4.03 23.93 26.38
CA GLY A 232 4.06 22.50 26.22
C GLY A 232 3.80 21.77 27.52
N ILE A 233 3.90 22.53 28.62
CA ILE A 233 3.68 22.10 30.00
C ILE A 233 2.38 21.31 30.16
N ASN A 234 2.41 20.27 30.99
CA ASN A 234 1.22 19.57 31.45
C ASN A 234 0.72 20.24 32.73
N ILE A 235 -0.60 20.31 32.90
CA ILE A 235 -1.17 20.93 34.08
C ILE A 235 -2.27 20.04 34.65
N THR A 236 -2.27 19.89 35.97
CA THR A 236 -3.32 19.15 36.65
C THR A 236 -3.72 19.84 37.95
N ARG A 237 -2.94 20.83 38.40
CA ARG A 237 -3.22 21.45 39.69
C ARG A 237 -2.80 22.91 39.63
N PHE A 238 -3.30 23.70 40.58
CA PHE A 238 -2.93 25.10 40.66
C PHE A 238 -3.21 25.61 42.08
N GLN A 239 -2.71 26.81 42.36
CA GLN A 239 -2.80 27.39 43.69
C GLN A 239 -3.05 28.89 43.57
N THR A 240 -2.84 29.60 44.67
CA THR A 240 -2.93 31.05 44.71
C THR A 240 -1.81 31.59 45.60
N LEU A 241 -1.59 32.91 45.52
CA LEU A 241 -0.52 33.58 46.25
C LEU A 241 -1.08 34.83 46.92
N LEU A 242 -0.74 35.04 48.19
CA LEU A 242 -1.31 36.13 48.95
C LEU A 242 -0.22 36.88 49.71
N ALA A 243 -0.47 38.17 49.94
CA ALA A 243 0.45 39.05 50.66
C ALA A 243 0.02 39.10 52.13
N LEU A 244 0.87 38.58 53.01
CA LEU A 244 0.55 38.41 54.43
C LEU A 244 0.30 39.72 55.16
N HIS A 245 -0.05 39.59 56.43
CA HIS A 245 -0.15 40.68 57.37
C HIS A 245 1.08 40.70 58.28
N ARG A 246 1.85 41.78 58.22
CA ARG A 246 3.02 41.86 59.10
C ARG A 246 3.16 43.24 59.75
N SER A 247 2.58 44.27 59.13
CA SER A 247 2.70 45.63 59.67
C SER A 247 1.33 46.26 59.90
N ALA A 264 -10.96 37.17 49.50
CA ALA A 264 -12.18 36.70 48.88
C ALA A 264 -11.96 36.37 47.42
N TYR A 265 -12.16 35.10 47.06
CA TYR A 265 -12.00 34.69 45.68
C TYR A 265 -12.74 33.39 45.41
N TYR A 266 -13.07 33.17 44.16
CA TYR A 266 -13.94 32.11 43.69
C TYR A 266 -13.22 31.26 42.66
N VAL A 267 -13.71 30.05 42.44
CA VAL A 267 -13.13 29.16 41.45
C VAL A 267 -14.23 28.37 40.75
N GLY A 268 -14.49 28.70 39.48
CA GLY A 268 -15.37 27.90 38.65
C GLY A 268 -14.57 26.99 37.74
N TYR A 269 -15.29 26.10 37.07
CA TYR A 269 -14.67 25.21 36.11
C TYR A 269 -15.44 25.29 34.80
N LEU A 270 -14.78 24.90 33.72
CA LEU A 270 -15.32 25.08 32.38
C LEU A 270 -15.65 23.73 31.77
N GLN A 271 -16.76 23.68 31.04
CA GLN A 271 -17.23 22.49 30.37
C GLN A 271 -17.56 22.82 28.94
N PRO A 272 -17.63 21.82 28.07
CA PRO A 272 -18.01 22.08 26.68
C PRO A 272 -19.50 22.37 26.55
N ARG A 273 -19.82 23.63 26.31
CA ARG A 273 -21.18 24.11 26.11
C ARG A 273 -21.33 24.73 24.72
N THR A 274 -22.55 25.12 24.41
CA THR A 274 -22.92 25.83 23.19
C THR A 274 -23.65 27.10 23.59
N PHE A 275 -23.16 28.24 23.14
CA PHE A 275 -23.73 29.51 23.51
C PHE A 275 -24.16 30.29 22.28
N LEU A 276 -24.98 31.31 22.51
CA LEU A 276 -25.45 32.24 21.49
C LEU A 276 -25.06 33.64 21.95
N LEU A 277 -24.08 34.23 21.28
CA LEU A 277 -23.56 35.53 21.66
C LEU A 277 -24.15 36.63 20.81
N LYS A 278 -24.56 37.72 21.44
CA LYS A 278 -25.11 38.87 20.74
C LYS A 278 -24.00 39.90 20.60
N TYR A 279 -23.73 40.30 19.37
CA TYR A 279 -22.65 41.23 19.09
C TYR A 279 -23.22 42.62 18.83
N ASN A 280 -22.60 43.61 19.45
CA ASN A 280 -22.92 45.01 19.24
C ASN A 280 -22.50 45.45 17.83
N GLU A 281 -22.79 46.70 17.51
CA GLU A 281 -22.33 47.27 16.25
C GLU A 281 -20.87 47.70 16.29
N ASN A 282 -20.30 47.96 17.46
CA ASN A 282 -18.87 48.12 17.58
C ASN A 282 -18.13 46.80 17.62
N GLY A 283 -18.84 45.70 17.83
CA GLY A 283 -18.23 44.39 17.82
C GLY A 283 -17.98 43.79 19.17
N THR A 284 -18.62 44.32 20.21
CA THR A 284 -18.48 43.75 21.55
C THR A 284 -19.67 42.87 21.89
N ILE A 285 -19.41 41.86 22.72
CA ILE A 285 -20.44 40.94 23.16
C ILE A 285 -21.19 41.61 24.30
N THR A 286 -22.49 41.85 24.10
CA THR A 286 -23.29 42.55 25.10
C THR A 286 -24.21 41.61 25.87
N ASP A 287 -24.64 40.51 25.25
CA ASP A 287 -25.50 39.54 25.90
C ASP A 287 -25.19 38.15 25.38
N ALA A 288 -25.71 37.14 26.08
CA ALA A 288 -25.49 35.76 25.67
C ALA A 288 -26.66 34.91 26.12
N VAL A 289 -26.73 33.71 25.56
CA VAL A 289 -27.72 32.71 25.92
C VAL A 289 -27.00 31.38 26.07
N ASP A 290 -27.18 30.74 27.22
CA ASP A 290 -26.71 29.38 27.45
C ASP A 290 -27.82 28.44 27.01
N CYS A 291 -27.53 27.58 26.05
CA CYS A 291 -28.58 26.89 25.29
C CYS A 291 -28.90 25.53 25.90
N ALA A 292 -28.50 25.33 27.16
CA ALA A 292 -28.73 24.05 27.80
C ALA A 292 -29.24 24.28 29.20
N LEU A 293 -29.58 25.53 29.53
CA LEU A 293 -30.16 25.83 30.82
C LEU A 293 -31.58 25.27 30.93
N ASP A 294 -32.49 25.74 30.11
CA ASP A 294 -33.90 25.40 30.27
C ASP A 294 -34.57 25.31 28.89
N PRO A 295 -35.83 24.91 28.79
CA PRO A 295 -36.47 24.81 27.47
C PRO A 295 -36.55 26.12 26.72
N LEU A 296 -36.79 27.24 27.41
CA LEU A 296 -36.82 28.53 26.72
C LEU A 296 -35.50 28.85 26.04
N SER A 297 -34.37 28.54 26.68
CA SER A 297 -33.08 28.84 26.09
C SER A 297 -32.76 27.93 24.91
N GLU A 298 -33.14 26.66 25.00
CA GLU A 298 -33.00 25.77 23.87
C GLU A 298 -33.87 26.20 22.69
N THR A 299 -35.04 26.77 22.95
CA THR A 299 -35.84 27.33 21.87
C THR A 299 -35.18 28.55 21.25
N LYS A 300 -34.68 29.47 22.08
CA LYS A 300 -34.00 30.64 21.56
C LYS A 300 -32.81 30.25 20.71
N CYS A 301 -32.12 29.17 21.09
CA CYS A 301 -30.97 28.71 20.32
C CYS A 301 -31.41 28.07 19.01
N THR A 302 -32.51 27.30 19.04
CA THR A 302 -33.03 26.69 17.83
C THR A 302 -33.49 27.72 16.82
N LEU A 303 -34.10 28.82 17.26
CA LEU A 303 -34.55 29.87 16.37
C LEU A 303 -33.48 30.88 16.02
N LYS A 304 -32.38 30.93 16.78
CA LYS A 304 -31.32 31.93 16.63
C LYS A 304 -31.88 33.35 16.85
N SER A 305 -32.48 33.55 18.01
CA SER A 305 -33.06 34.84 18.32
C SER A 305 -33.13 35.00 19.83
N PHE A 306 -33.43 36.23 20.25
CA PHE A 306 -33.60 36.53 21.66
C PHE A 306 -35.05 36.78 22.01
N THR A 307 -35.95 36.87 21.04
CA THR A 307 -37.38 36.99 21.27
C THR A 307 -38.08 35.91 20.46
N VAL A 308 -38.76 35.00 21.13
CA VAL A 308 -39.62 34.01 20.51
C VAL A 308 -41.05 34.46 20.62
N GLU A 309 -41.77 34.42 19.50
CA GLU A 309 -43.20 34.70 19.47
C GLU A 309 -43.99 33.45 19.75
N LYS A 310 -45.24 33.63 20.14
CA LYS A 310 -46.04 32.49 20.57
C LYS A 310 -46.14 31.46 19.46
N GLY A 311 -46.16 30.20 19.87
CA GLY A 311 -46.18 29.12 18.91
C GLY A 311 -45.87 27.83 19.62
N ILE A 312 -45.43 26.86 18.85
CA ILE A 312 -44.92 25.61 19.39
C ILE A 312 -43.77 25.19 18.49
N TYR A 313 -42.65 24.85 19.10
CA TYR A 313 -41.39 24.68 18.39
C TYR A 313 -40.80 23.34 18.73
N GLN A 314 -40.33 22.63 17.71
CA GLN A 314 -39.59 21.40 17.91
C GLN A 314 -38.16 21.75 18.23
N THR A 315 -37.65 21.23 19.34
CA THR A 315 -36.45 21.77 19.90
C THR A 315 -35.34 20.73 19.94
N SER A 316 -35.70 19.47 20.11
CA SER A 316 -34.74 18.39 20.21
C SER A 316 -35.49 17.06 20.17
N ASN A 317 -34.76 15.98 20.35
CA ASN A 317 -35.35 14.67 20.50
C ASN A 317 -35.08 14.18 21.91
N PHE A 318 -35.74 13.09 22.25
CA PHE A 318 -35.63 12.47 23.56
C PHE A 318 -35.60 10.97 23.35
N ARG A 319 -34.82 10.27 24.16
CA ARG A 319 -34.71 8.81 24.05
C ARG A 319 -34.22 8.19 25.36
N VAL A 320 -34.78 7.04 25.69
CA VAL A 320 -34.42 6.35 26.92
C VAL A 320 -33.14 5.52 26.72
N GLN A 321 -32.15 5.77 27.56
CA GLN A 321 -30.88 5.05 27.48
C GLN A 321 -31.03 3.61 27.97
N PRO A 322 -30.17 2.72 27.48
CA PRO A 322 -30.25 1.31 27.89
C PRO A 322 -29.27 0.96 29.02
N THR A 323 -29.69 0.08 29.93
CA THR A 323 -28.82 -0.31 31.05
C THR A 323 -28.68 -1.83 31.03
N GLU A 324 -28.06 -2.37 32.08
CA GLU A 324 -28.23 -3.78 32.43
C GLU A 324 -27.94 -4.76 31.30
N SER A 325 -26.92 -4.50 30.47
CA SER A 325 -26.64 -5.31 29.29
C SER A 325 -26.57 -6.80 29.62
N ILE A 326 -27.28 -7.60 28.84
CA ILE A 326 -27.37 -9.05 29.07
C ILE A 326 -26.77 -9.81 27.90
N VAL A 327 -26.51 -11.09 28.16
CA VAL A 327 -25.93 -12.03 27.22
C VAL A 327 -26.25 -13.46 27.65
N ARG A 328 -27.41 -13.96 27.23
CA ARG A 328 -27.84 -15.31 27.59
C ARG A 328 -27.54 -16.35 26.50
N PHE A 329 -27.45 -17.60 26.93
CA PHE A 329 -27.20 -18.72 26.02
C PHE A 329 -27.96 -19.95 26.54
N PRO A 330 -28.09 -20.97 25.69
CA PRO A 330 -28.79 -22.19 26.08
C PRO A 330 -28.11 -22.88 27.28
N ASN A 331 -28.68 -24.00 27.72
CA ASN A 331 -28.13 -24.74 28.85
C ASN A 331 -26.75 -25.29 28.56
N ILE A 332 -26.36 -26.33 29.30
CA ILE A 332 -25.06 -26.96 29.13
C ILE A 332 -25.14 -28.47 29.31
N THR A 333 -24.67 -29.21 28.31
CA THR A 333 -24.69 -30.67 28.37
C THR A 333 -23.31 -31.25 28.11
N ASN A 334 -22.98 -31.46 26.85
CA ASN A 334 -21.68 -32.02 26.47
C ASN A 334 -20.53 -31.13 26.93
N LEU A 335 -19.32 -31.67 26.86
CA LEU A 335 -18.12 -30.93 27.26
C LEU A 335 -16.91 -31.85 27.36
N CYS A 336 -17.11 -33.13 27.06
CA CYS A 336 -16.04 -34.12 27.12
C CYS A 336 -15.49 -34.23 28.54
N PRO A 337 -15.22 -35.45 29.03
CA PRO A 337 -14.70 -35.51 30.39
C PRO A 337 -13.19 -35.73 30.41
N PHE A 338 -12.44 -34.67 30.68
CA PHE A 338 -10.99 -34.75 30.73
C PHE A 338 -10.50 -35.52 31.93
N GLY A 339 -11.40 -36.02 32.78
CA GLY A 339 -11.10 -36.94 33.85
C GLY A 339 -10.91 -38.37 33.42
N GLU A 340 -10.58 -38.61 32.15
CA GLU A 340 -10.10 -39.92 31.70
C GLU A 340 -8.66 -39.87 31.26
N VAL A 341 -8.25 -38.78 30.59
CA VAL A 341 -6.86 -38.66 30.15
C VAL A 341 -6.01 -38.04 31.26
N PHE A 342 -6.61 -37.12 32.02
CA PHE A 342 -5.91 -36.55 33.17
C PHE A 342 -6.18 -37.32 34.45
N ASN A 343 -6.92 -38.42 34.38
CA ASN A 343 -7.26 -39.22 35.55
C ASN A 343 -7.17 -40.72 35.27
N ALA A 344 -6.15 -41.14 34.54
CA ALA A 344 -6.01 -42.56 34.22
C ALA A 344 -5.25 -43.29 35.32
N THR A 345 -5.52 -44.58 35.44
CA THR A 345 -4.82 -45.41 36.42
C THR A 345 -3.47 -45.88 35.92
N ARG A 346 -3.29 -45.98 34.60
CA ARG A 346 -2.04 -46.42 34.03
C ARG A 346 -1.79 -45.64 32.74
N PHE A 347 -0.70 -44.88 32.72
CA PHE A 347 -0.35 -44.08 31.55
C PHE A 347 0.23 -44.95 30.44
N ALA A 348 0.81 -44.31 29.43
CA ALA A 348 1.40 -45.03 28.31
C ALA A 348 2.90 -44.75 28.21
N SER A 349 3.64 -45.71 27.67
CA SER A 349 5.08 -45.57 27.51
C SER A 349 5.43 -44.28 26.78
N VAL A 350 6.74 -43.99 26.70
CA VAL A 350 7.20 -42.78 26.02
C VAL A 350 7.52 -43.05 24.56
N TYR A 351 7.81 -44.31 24.24
CA TYR A 351 8.13 -44.69 22.87
C TYR A 351 6.90 -45.12 22.09
N ALA A 352 5.81 -45.45 22.75
CA ALA A 352 4.51 -45.63 22.09
C ALA A 352 3.49 -44.81 22.85
N TRP A 353 3.47 -43.51 22.59
CA TRP A 353 2.60 -42.62 23.33
C TRP A 353 1.16 -42.90 22.94
N ASN A 354 0.23 -42.40 23.72
CA ASN A 354 -1.13 -42.63 23.26
C ASN A 354 -1.58 -41.49 22.38
N ARG A 355 -2.79 -41.58 21.85
CA ARG A 355 -3.30 -40.51 21.01
C ARG A 355 -4.82 -40.53 21.06
N LYS A 356 -5.40 -39.65 21.87
CA LYS A 356 -6.85 -39.54 21.99
C LYS A 356 -7.27 -38.34 21.14
N ARG A 357 -8.33 -38.50 20.34
CA ARG A 357 -8.77 -37.42 19.49
C ARG A 357 -10.03 -36.83 20.07
N ILE A 358 -9.87 -35.88 20.99
CA ILE A 358 -11.01 -35.17 21.52
C ILE A 358 -11.76 -34.54 20.35
N SER A 359 -13.08 -34.48 20.46
CA SER A 359 -13.92 -34.09 19.34
C SER A 359 -15.01 -33.17 19.87
N ASN A 360 -16.04 -32.95 19.05
CA ASN A 360 -17.14 -32.02 19.36
C ASN A 360 -17.64 -32.18 20.79
N CYS A 361 -17.52 -31.09 21.55
CA CYS A 361 -17.95 -31.07 22.94
C CYS A 361 -17.86 -29.65 23.50
N VAL A 362 -17.73 -29.54 24.82
CA VAL A 362 -17.63 -28.26 25.49
C VAL A 362 -16.37 -28.39 26.35
N ALA A 363 -15.26 -27.79 25.91
CA ALA A 363 -14.00 -27.91 26.61
C ALA A 363 -13.80 -26.71 27.53
N ASP A 364 -13.45 -26.98 28.78
CA ASP A 364 -13.25 -25.95 29.78
C ASP A 364 -11.80 -26.00 30.27
N TYR A 365 -10.92 -25.31 29.54
CA TYR A 365 -9.52 -25.30 29.91
C TYR A 365 -9.26 -24.52 31.18
N SER A 366 -10.28 -23.95 31.81
CA SER A 366 -10.04 -23.24 33.05
C SER A 366 -9.83 -24.21 34.21
N VAL A 367 -10.62 -25.28 34.27
CA VAL A 367 -10.42 -26.29 35.31
C VAL A 367 -9.02 -26.88 35.21
N LEU A 368 -8.46 -26.90 34.00
CA LEU A 368 -7.07 -27.27 33.86
C LEU A 368 -6.17 -26.15 34.35
N TYR A 369 -6.33 -24.96 33.79
CA TYR A 369 -5.35 -23.90 33.97
C TYR A 369 -5.17 -23.54 35.44
N ASN A 370 -6.24 -23.58 36.22
CA ASN A 370 -6.15 -23.12 37.59
C ASN A 370 -6.05 -24.24 38.60
N SER A 371 -5.82 -25.48 38.15
CA SER A 371 -5.87 -26.58 39.09
C SER A 371 -4.67 -26.61 40.02
N ALA A 372 -3.62 -25.88 39.70
CA ALA A 372 -2.47 -25.71 40.58
C ALA A 372 -1.79 -27.02 40.93
N SER A 373 -2.27 -28.12 40.40
CA SER A 373 -1.65 -29.42 40.60
C SER A 373 -0.61 -29.73 39.56
N PHE A 374 -0.50 -28.91 38.53
CA PHE A 374 0.39 -29.16 37.41
C PHE A 374 1.70 -28.44 37.67
N SER A 375 2.79 -29.16 37.52
CA SER A 375 4.10 -28.54 37.68
C SER A 375 4.53 -27.78 36.45
N THR A 376 3.94 -28.05 35.29
CA THR A 376 4.35 -27.35 34.08
C THR A 376 3.12 -27.16 33.21
N PHE A 377 2.81 -25.93 32.85
CA PHE A 377 1.69 -25.66 31.96
C PHE A 377 2.11 -24.58 30.98
N LYS A 378 2.69 -24.96 29.86
CA LYS A 378 3.14 -23.99 28.88
C LYS A 378 2.21 -24.00 27.70
N CYS A 379 1.86 -22.83 27.19
CA CYS A 379 1.06 -22.74 25.98
C CYS A 379 1.85 -21.98 24.93
N TYR A 380 1.83 -22.47 23.69
CA TYR A 380 2.71 -21.94 22.67
C TYR A 380 2.00 -21.16 21.59
N GLY A 381 1.06 -21.78 20.89
CA GLY A 381 0.38 -21.04 19.87
C GLY A 381 -0.47 -19.94 20.45
N VAL A 382 -0.91 -20.13 21.68
CA VAL A 382 -1.96 -19.30 22.26
C VAL A 382 -1.84 -19.28 23.77
N SER A 383 -1.80 -18.08 24.35
CA SER A 383 -1.69 -17.95 25.79
C SER A 383 -2.88 -18.60 26.48
N PRO A 384 -2.71 -19.08 27.72
CA PRO A 384 -3.70 -20.00 28.30
C PRO A 384 -5.06 -19.39 28.57
N THR A 385 -5.14 -18.14 29.01
CA THR A 385 -6.43 -17.61 29.46
C THR A 385 -7.42 -17.43 28.32
N LYS A 386 -6.96 -17.36 27.08
CA LYS A 386 -7.83 -17.17 25.94
C LYS A 386 -8.24 -18.48 25.28
N LEU A 387 -8.05 -19.61 25.97
CA LEU A 387 -8.48 -20.88 25.40
C LEU A 387 -9.98 -21.06 25.50
N ASN A 388 -10.56 -20.60 26.61
CA ASN A 388 -12.00 -20.73 26.82
C ASN A 388 -12.78 -19.64 26.08
N ASP A 389 -12.25 -19.21 24.93
CA ASP A 389 -12.90 -18.19 24.13
C ASP A 389 -12.62 -18.39 22.64
N LEU A 390 -12.10 -19.57 22.31
CA LEU A 390 -11.80 -19.89 20.91
C LEU A 390 -12.38 -21.25 20.52
N CYS A 391 -12.47 -21.49 19.22
CA CYS A 391 -13.01 -22.75 18.71
C CYS A 391 -12.14 -23.30 17.58
N PHE A 392 -11.91 -24.60 17.59
CA PHE A 392 -11.10 -25.26 16.58
C PHE A 392 -11.86 -26.40 15.91
N THR A 393 -11.14 -27.23 15.16
CA THR A 393 -11.76 -28.36 14.47
C THR A 393 -11.53 -29.66 15.24
N ASN A 394 -10.32 -29.84 15.74
CA ASN A 394 -9.97 -31.04 16.48
C ASN A 394 -8.97 -30.67 17.55
N VAL A 395 -9.04 -31.38 18.67
CA VAL A 395 -8.03 -31.33 19.70
C VAL A 395 -7.50 -32.72 19.83
N TYR A 396 -6.20 -32.87 19.82
CA TYR A 396 -5.62 -34.17 20.08
C TYR A 396 -4.95 -34.12 21.44
N ALA A 397 -4.95 -35.23 22.15
CA ALA A 397 -4.27 -35.29 23.44
C ALA A 397 -3.35 -36.49 23.43
N ASP A 398 -2.05 -36.24 23.59
CA ASP A 398 -1.09 -37.33 23.66
C ASP A 398 -0.61 -37.50 25.08
N SER A 399 -0.36 -38.73 25.48
CA SER A 399 -0.08 -39.03 26.88
C SER A 399 1.12 -39.95 26.99
N PHE A 400 2.00 -39.68 27.95
CA PHE A 400 3.10 -40.60 28.21
C PHE A 400 3.77 -40.25 29.53
N VAL A 401 4.86 -40.94 29.82
CA VAL A 401 5.59 -40.84 31.09
C VAL A 401 7.08 -40.76 30.81
N ILE A 402 7.74 -39.76 31.38
CA ILE A 402 9.18 -39.58 31.18
C ILE A 402 9.85 -39.30 32.51
N ARG A 403 11.15 -39.03 32.44
CA ARG A 403 11.88 -38.62 33.62
C ARG A 403 11.48 -37.22 34.03
N GLY A 404 12.05 -36.75 35.13
CA GLY A 404 11.70 -35.42 35.58
C GLY A 404 12.39 -34.34 34.80
N ASP A 405 13.64 -34.56 34.39
CA ASP A 405 14.37 -33.51 33.73
C ASP A 405 14.37 -33.66 32.22
N GLU A 406 13.52 -34.50 31.67
CA GLU A 406 13.30 -34.53 30.24
C GLU A 406 12.02 -33.83 29.84
N VAL A 407 11.41 -33.08 30.75
CA VAL A 407 10.23 -32.33 30.36
C VAL A 407 10.60 -31.11 29.57
N ARG A 408 11.89 -30.78 29.51
CA ARG A 408 12.28 -29.63 28.72
C ARG A 408 12.56 -29.98 27.28
N GLN A 409 12.45 -31.24 26.90
CA GLN A 409 12.54 -31.60 25.50
C GLN A 409 11.19 -31.73 24.84
N ILE A 410 10.11 -31.57 25.59
CA ILE A 410 8.77 -31.56 25.01
C ILE A 410 8.45 -30.09 24.74
N ALA A 411 8.92 -29.61 23.63
CA ALA A 411 8.79 -28.21 23.25
C ALA A 411 9.20 -28.09 21.80
N PRO A 412 8.74 -27.09 21.06
CA PRO A 412 9.10 -27.01 19.65
C PRO A 412 10.57 -26.63 19.50
N GLY A 413 11.30 -27.40 18.70
CA GLY A 413 12.69 -27.12 18.49
C GLY A 413 13.61 -27.49 19.63
N GLN A 414 13.70 -28.77 19.97
CA GLN A 414 14.66 -29.28 20.95
C GLN A 414 15.36 -30.50 20.39
N THR A 415 16.36 -30.96 21.11
CA THR A 415 17.09 -32.18 20.77
C THR A 415 17.37 -32.96 22.03
N GLY A 416 17.73 -34.22 21.84
CA GLY A 416 17.87 -35.16 22.94
C GLY A 416 17.17 -36.47 22.62
N LYS A 417 17.50 -37.47 23.44
CA LYS A 417 17.04 -38.82 23.14
C LYS A 417 15.54 -38.92 23.09
N ILE A 418 14.83 -38.01 23.77
CA ILE A 418 13.38 -38.06 23.74
C ILE A 418 12.85 -37.37 22.50
N ALA A 419 13.26 -36.14 22.26
CA ALA A 419 12.71 -35.41 21.14
C ALA A 419 13.29 -35.89 19.81
N ASP A 420 14.47 -36.50 19.84
CA ASP A 420 15.03 -37.00 18.59
C ASP A 420 14.23 -38.18 18.08
N TYR A 421 14.24 -39.29 18.80
CA TYR A 421 13.42 -40.41 18.42
C TYR A 421 12.69 -40.97 19.63
N ASN A 422 11.71 -40.25 20.15
CA ASN A 422 10.59 -40.86 20.84
C ASN A 422 9.30 -40.12 20.51
N TYR A 423 9.38 -38.79 20.53
CA TYR A 423 8.20 -37.94 20.37
C TYR A 423 8.65 -36.56 19.95
N LYS A 424 8.35 -36.17 18.71
CA LYS A 424 8.82 -34.92 18.15
C LYS A 424 7.63 -34.02 17.89
N LEU A 425 7.71 -32.77 18.33
CA LEU A 425 6.76 -31.68 18.22
C LEU A 425 7.11 -30.78 17.04
N PRO A 426 6.18 -30.45 16.15
CA PRO A 426 6.54 -29.64 14.99
C PRO A 426 7.02 -28.27 15.41
N ASP A 427 7.56 -27.56 14.45
CA ASP A 427 8.23 -26.30 14.79
C ASP A 427 7.28 -25.12 14.84
N ASP A 428 6.03 -25.28 14.43
CA ASP A 428 5.00 -24.27 14.60
C ASP A 428 3.85 -24.80 15.45
N PHE A 429 4.18 -25.43 16.55
CA PHE A 429 3.19 -26.04 17.42
C PHE A 429 2.14 -25.02 17.80
N THR A 430 0.96 -25.50 18.15
CA THR A 430 -0.13 -24.60 18.52
C THR A 430 -0.70 -24.85 19.91
N GLY A 431 -0.59 -26.03 20.45
CA GLY A 431 -1.32 -26.39 21.64
C GLY A 431 -0.66 -25.97 22.92
N CYS A 432 -0.81 -26.80 23.95
CA CYS A 432 -0.17 -26.59 25.24
C CYS A 432 0.37 -27.90 25.76
N VAL A 433 1.35 -27.80 26.64
CA VAL A 433 2.04 -28.94 27.22
C VAL A 433 1.84 -28.89 28.71
N ILE A 434 1.36 -29.98 29.30
CA ILE A 434 1.06 -30.04 30.72
C ILE A 434 1.81 -31.21 31.32
N ALA A 435 2.34 -31.03 32.52
CA ALA A 435 3.15 -32.08 33.12
C ALA A 435 3.08 -32.00 34.62
N TRP A 436 3.02 -33.16 35.28
CA TRP A 436 3.00 -33.17 36.73
C TRP A 436 3.71 -34.39 37.27
N ASN A 437 4.27 -34.24 38.47
CA ASN A 437 5.03 -35.32 39.06
C ASN A 437 4.11 -36.44 39.50
N SER A 438 4.59 -37.67 39.36
CA SER A 438 3.79 -38.82 39.72
C SER A 438 4.65 -39.87 40.39
N ASN A 439 5.46 -39.46 41.36
CA ASN A 439 6.38 -40.41 41.98
C ASN A 439 5.66 -41.53 42.70
N ASN A 440 4.54 -41.23 43.34
CA ASN A 440 3.91 -42.23 44.20
C ASN A 440 3.14 -43.27 43.41
N LEU A 441 2.75 -42.96 42.19
CA LEU A 441 1.96 -43.89 41.38
C LEU A 441 2.81 -44.82 40.54
N ASP A 442 3.91 -44.32 39.97
CA ASP A 442 4.61 -45.05 38.94
C ASP A 442 5.91 -45.67 39.41
N SER A 443 6.43 -45.25 40.54
CA SER A 443 7.70 -45.76 41.03
C SER A 443 7.47 -46.75 42.15
N LYS A 444 8.11 -47.91 42.06
CA LYS A 444 7.87 -48.94 43.06
C LYS A 444 9.19 -49.51 43.52
N VAL A 445 9.23 -49.87 44.80
CA VAL A 445 10.45 -50.37 45.42
C VAL A 445 10.96 -51.56 44.65
N GLY A 446 12.27 -51.62 44.45
CA GLY A 446 12.87 -52.62 43.61
C GLY A 446 12.98 -52.23 42.16
N GLY A 447 12.33 -51.13 41.77
CA GLY A 447 12.46 -50.65 40.42
C GLY A 447 11.31 -51.04 39.53
N ASN A 448 10.66 -50.06 38.93
CA ASN A 448 9.56 -50.29 38.01
C ASN A 448 10.15 -50.36 36.61
N TYR A 449 10.37 -51.56 36.10
CA TYR A 449 11.00 -51.75 34.82
C TYR A 449 10.00 -51.91 33.68
N ASN A 450 8.83 -51.31 33.81
CA ASN A 450 7.83 -51.42 32.76
C ASN A 450 7.72 -50.17 31.90
N TYR A 451 8.55 -49.17 32.15
CA TYR A 451 8.49 -47.92 31.41
C TYR A 451 9.76 -47.78 30.59
N LEU A 452 9.64 -48.06 29.29
CA LEU A 452 10.78 -48.11 28.40
C LEU A 452 10.84 -46.86 27.55
N TYR A 453 11.98 -46.69 26.89
CA TYR A 453 12.14 -45.64 25.90
C TYR A 453 13.12 -46.12 24.86
N ARG A 454 13.04 -45.53 23.68
CA ARG A 454 13.91 -45.90 22.58
C ARG A 454 15.16 -45.04 22.64
N LEU A 455 16.32 -45.66 22.49
CA LEU A 455 17.55 -44.92 22.58
C LEU A 455 18.44 -45.03 21.36
N PHE A 456 18.02 -45.76 20.33
CA PHE A 456 18.74 -45.83 19.08
C PHE A 456 17.77 -45.79 17.92
N ARG A 457 18.01 -44.94 16.94
CA ARG A 457 17.22 -44.98 15.72
C ARG A 457 18.07 -44.51 14.56
N LYS A 458 17.70 -44.93 13.36
CA LYS A 458 18.42 -44.52 12.17
C LYS A 458 18.35 -43.01 11.95
N SER A 459 17.17 -42.42 12.11
CA SER A 459 16.99 -41.02 11.78
C SER A 459 15.91 -40.43 12.68
N ASN A 460 16.09 -39.16 13.01
CA ASN A 460 15.16 -38.48 13.88
C ASN A 460 13.75 -38.51 13.31
N LEU A 461 12.78 -38.44 14.21
CA LEU A 461 11.39 -38.61 13.81
C LEU A 461 10.89 -37.38 13.08
N LYS A 462 9.94 -37.60 12.18
CA LYS A 462 9.15 -36.48 11.70
C LYS A 462 8.20 -36.07 12.81
N PRO A 463 7.75 -34.83 12.83
CA PRO A 463 6.84 -34.41 13.90
C PRO A 463 5.60 -35.26 13.96
N PHE A 464 5.24 -35.71 15.16
CA PHE A 464 4.05 -36.50 15.42
C PHE A 464 4.11 -37.87 14.77
N GLU A 465 5.32 -38.33 14.48
CA GLU A 465 5.51 -39.66 13.93
C GLU A 465 5.78 -40.64 15.05
N ARG A 466 5.46 -41.91 14.84
CA ARG A 466 5.47 -42.90 15.90
C ARG A 466 6.09 -44.20 15.39
N ASP A 467 6.87 -44.87 16.24
CA ASP A 467 7.70 -45.98 15.80
C ASP A 467 7.78 -47.02 16.91
N ILE A 468 7.02 -48.11 16.78
CA ILE A 468 6.97 -49.13 17.81
C ILE A 468 7.71 -50.40 17.39
N SER A 469 8.54 -50.32 16.36
CA SER A 469 9.25 -51.52 15.93
C SER A 469 10.31 -51.89 16.96
N THR A 470 10.84 -53.10 16.82
CA THR A 470 11.78 -53.63 17.80
C THR A 470 12.90 -54.39 17.09
N GLU A 471 13.38 -53.83 15.98
CA GLU A 471 14.46 -54.46 15.26
C GLU A 471 15.79 -54.19 15.93
N ILE A 472 16.70 -55.15 15.84
CA ILE A 472 18.02 -54.99 16.42
C ILE A 472 18.76 -53.90 15.69
N TYR A 473 19.17 -52.87 16.42
CA TYR A 473 19.90 -51.75 15.83
C TYR A 473 21.28 -52.19 15.35
N GLN A 474 21.48 -52.11 14.03
CA GLN A 474 22.75 -52.50 13.43
C GLN A 474 23.71 -51.32 13.35
N ALA A 475 24.60 -51.24 14.33
CA ALA A 475 25.58 -50.15 14.39
C ALA A 475 26.74 -50.41 13.43
N GLY A 476 27.23 -51.65 13.43
CA GLY A 476 28.34 -52.02 12.57
C GLY A 476 27.87 -52.55 11.22
N SER A 477 28.73 -52.44 10.22
CA SER A 477 28.40 -52.91 8.88
C SER A 477 28.07 -54.40 8.88
N THR A 478 28.64 -55.13 9.84
CA THR A 478 28.39 -56.56 9.95
C THR A 478 26.92 -56.85 10.19
N PRO A 479 26.28 -57.62 9.22
CA PRO A 479 24.86 -57.88 9.47
C PRO A 479 24.64 -58.48 10.85
N CYS A 480 23.68 -57.95 11.60
CA CYS A 480 23.37 -58.45 12.93
C CYS A 480 22.68 -59.81 12.87
N ASN A 481 22.10 -60.12 11.72
CA ASN A 481 21.41 -61.39 11.52
C ASN A 481 20.23 -61.56 12.49
N GLY A 482 20.04 -60.57 13.36
CA GLY A 482 18.97 -60.61 14.33
C GLY A 482 19.44 -61.06 15.70
N VAL A 483 20.75 -61.01 15.92
CA VAL A 483 21.33 -61.42 17.19
C VAL A 483 22.12 -60.26 17.75
N GLU A 484 22.20 -60.21 19.07
CA GLU A 484 22.92 -59.16 19.76
C GLU A 484 24.42 -59.35 19.61
N GLY A 485 25.17 -58.39 20.13
CA GLY A 485 26.61 -58.43 20.06
C GLY A 485 27.17 -57.03 19.96
N PHE A 486 28.47 -56.94 19.75
CA PHE A 486 29.13 -55.64 19.60
C PHE A 486 28.60 -54.95 18.36
N ASN A 487 28.15 -53.71 18.54
CA ASN A 487 27.60 -52.91 17.45
C ASN A 487 26.30 -53.52 16.92
N CYS A 488 25.65 -54.34 17.72
CA CYS A 488 24.32 -54.86 17.41
C CYS A 488 23.53 -54.83 18.71
N TYR A 489 22.72 -53.80 18.89
CA TYR A 489 22.11 -53.49 20.17
C TYR A 489 20.60 -53.56 20.09
N PHE A 490 20.00 -54.09 21.14
CA PHE A 490 18.57 -53.96 21.32
C PHE A 490 18.24 -52.49 21.50
N PRO A 491 17.17 -51.99 20.87
CA PRO A 491 16.98 -50.54 20.82
C PRO A 491 16.16 -49.95 21.96
N LEU A 492 15.70 -50.71 22.93
CA LEU A 492 14.85 -50.17 23.99
C LEU A 492 15.51 -50.35 25.34
N GLN A 493 15.45 -49.29 26.14
CA GLN A 493 15.98 -49.29 27.50
C GLN A 493 14.80 -49.05 28.43
N SER A 494 14.98 -49.32 29.73
CA SER A 494 13.90 -49.12 30.67
C SER A 494 14.37 -48.26 31.82
N TYR A 495 13.62 -47.22 32.12
CA TYR A 495 13.78 -46.47 33.36
C TYR A 495 13.57 -47.45 34.50
N GLY A 496 14.54 -47.60 35.37
CA GLY A 496 14.20 -48.33 36.56
C GLY A 496 13.83 -47.35 37.64
N PHE A 497 12.55 -47.04 37.78
CA PHE A 497 12.14 -46.00 38.70
C PHE A 497 12.11 -46.56 40.11
N GLN A 498 12.58 -45.79 41.07
CA GLN A 498 12.56 -46.23 42.44
C GLN A 498 12.18 -45.07 43.33
N PRO A 499 11.45 -45.33 44.41
CA PRO A 499 10.87 -44.22 45.18
C PRO A 499 11.90 -43.35 45.85
N THR A 500 13.10 -43.85 46.11
CA THR A 500 14.15 -43.03 46.70
C THR A 500 15.06 -42.43 45.64
N ASN A 501 14.50 -41.81 44.63
CA ASN A 501 15.26 -41.14 43.59
C ASN A 501 15.16 -39.64 43.78
N GLY A 502 16.27 -38.95 43.61
CA GLY A 502 16.23 -37.51 43.63
C GLY A 502 15.31 -36.98 42.56
N VAL A 503 14.73 -35.81 42.82
CA VAL A 503 13.88 -35.19 41.83
C VAL A 503 14.68 -35.01 40.55
N GLY A 504 14.00 -35.04 39.42
CA GLY A 504 14.71 -35.11 38.17
C GLY A 504 15.09 -36.50 37.78
N TYR A 505 14.84 -37.49 38.64
CA TYR A 505 14.82 -38.87 38.23
C TYR A 505 13.53 -39.56 38.60
N GLN A 506 12.56 -38.86 39.11
CA GLN A 506 11.28 -39.45 39.41
C GLN A 506 10.35 -39.29 38.23
N PRO A 507 9.37 -40.16 38.09
CA PRO A 507 8.56 -40.14 36.87
C PRO A 507 7.61 -38.97 36.84
N TYR A 508 7.51 -38.37 35.67
CA TYR A 508 6.57 -37.27 35.44
C TYR A 508 5.60 -37.75 34.38
N ARG A 509 4.33 -37.44 34.55
CA ARG A 509 3.36 -37.74 33.52
C ARG A 509 3.09 -36.50 32.71
N VAL A 510 2.99 -36.67 31.39
CA VAL A 510 2.90 -35.57 30.45
C VAL A 510 1.70 -35.77 29.55
N VAL A 511 1.00 -34.67 29.27
CA VAL A 511 -0.11 -34.63 28.33
C VAL A 511 0.11 -33.45 27.42
N VAL A 512 0.08 -33.68 26.12
CA VAL A 512 0.34 -32.65 25.13
C VAL A 512 -0.96 -32.43 24.37
N LEU A 513 -1.59 -31.29 24.55
CA LEU A 513 -2.79 -30.96 23.80
C LEU A 513 -2.40 -30.21 22.55
N SER A 514 -2.93 -30.64 21.42
CA SER A 514 -2.58 -30.03 20.16
C SER A 514 -3.87 -29.65 19.44
N PHE A 515 -4.14 -28.36 19.34
CA PHE A 515 -5.34 -27.89 18.67
C PHE A 515 -5.03 -27.77 17.20
N GLU A 516 -5.83 -28.38 16.37
CA GLU A 516 -5.62 -28.27 14.94
C GLU A 516 -6.86 -27.69 14.27
N LEU A 517 -6.64 -27.04 13.13
CA LEU A 517 -7.73 -26.43 12.38
C LEU A 517 -7.63 -26.77 10.89
N LEU A 518 -8.21 -27.90 10.49
CA LEU A 518 -8.19 -28.31 9.10
C LEU A 518 -8.93 -27.30 8.22
N HIS A 519 -10.12 -27.66 7.78
CA HIS A 519 -10.92 -26.78 6.94
C HIS A 519 -12.40 -27.15 6.99
N ALA A 520 -12.84 -27.66 8.13
CA ALA A 520 -14.23 -28.06 8.32
C ALA A 520 -15.13 -26.84 8.54
N PRO A 521 -16.33 -27.07 9.07
CA PRO A 521 -17.27 -25.98 9.31
C PRO A 521 -17.23 -25.46 10.74
N ALA A 522 -16.71 -26.28 11.65
CA ALA A 522 -16.61 -25.91 13.06
C ALA A 522 -16.36 -27.14 13.93
N THR A 523 -16.27 -26.93 15.24
CA THR A 523 -16.02 -28.02 16.17
C THR A 523 -16.00 -27.51 17.61
N VAL A 524 -15.44 -28.32 18.51
CA VAL A 524 -15.35 -27.97 19.93
C VAL A 524 -15.00 -26.50 20.19
N CYS A 525 -15.67 -25.89 21.16
CA CYS A 525 -15.31 -24.58 21.68
C CYS A 525 -15.60 -24.48 23.18
N GLY A 526 -15.17 -23.38 23.77
CA GLY A 526 -15.32 -23.15 25.19
C GLY A 526 -16.74 -22.78 25.58
N PRO A 527 -17.07 -22.99 26.85
CA PRO A 527 -18.41 -22.69 27.37
C PRO A 527 -18.73 -21.20 27.24
N LYS A 528 -19.98 -20.84 27.53
CA LYS A 528 -20.40 -19.45 27.45
C LYS A 528 -21.50 -19.16 28.47
N LYS A 529 -21.19 -18.31 29.45
CA LYS A 529 -22.14 -17.94 30.48
C LYS A 529 -23.24 -17.05 29.93
N SER A 530 -24.20 -16.70 30.78
CA SER A 530 -25.31 -15.84 30.38
C SER A 530 -25.75 -14.93 31.52
N THR A 531 -27.01 -14.52 31.50
CA THR A 531 -27.55 -13.64 32.53
C THR A 531 -29.04 -13.91 32.75
N ASN A 532 -29.70 -12.97 33.41
CA ASN A 532 -31.13 -13.10 33.69
C ASN A 532 -31.98 -12.24 32.76
N LEU A 533 -33.29 -12.20 33.02
CA LEU A 533 -34.21 -11.41 32.21
C LEU A 533 -34.75 -10.21 32.98
N VAL A 534 -34.54 -9.02 32.43
CA VAL A 534 -35.00 -7.80 33.07
C VAL A 534 -36.24 -7.27 32.35
N LYS A 535 -37.34 -7.99 32.50
CA LYS A 535 -38.60 -7.61 31.87
C LYS A 535 -38.96 -6.16 32.17
N ASN A 536 -39.11 -5.36 31.11
CA ASN A 536 -39.48 -3.95 31.24
C ASN A 536 -38.31 -3.02 31.59
N LYS A 537 -37.25 -3.07 30.78
CA LYS A 537 -36.08 -2.22 31.00
C LYS A 537 -35.20 -2.17 29.76
N CYS A 538 -35.31 -1.08 29.00
CA CYS A 538 -34.51 -0.92 27.78
C CYS A 538 -33.11 -1.43 28.07
N VAL A 539 -32.71 -2.45 27.32
CA VAL A 539 -31.52 -3.22 27.64
C VAL A 539 -30.74 -3.45 26.35
N ASN A 540 -29.49 -3.80 26.49
CA ASN A 540 -28.61 -4.12 25.37
C ASN A 540 -28.38 -5.63 25.44
N PHE A 541 -28.90 -6.37 24.47
CA PHE A 541 -28.94 -7.81 24.58
C PHE A 541 -28.19 -8.49 23.44
N ASN A 542 -27.79 -9.74 23.73
CA ASN A 542 -27.17 -10.62 22.75
C ASN A 542 -27.72 -12.02 23.01
N PHE A 543 -28.43 -12.57 22.02
CA PHE A 543 -29.01 -13.91 22.09
C PHE A 543 -28.28 -14.79 21.07
N ASN A 544 -27.26 -15.50 21.55
CA ASN A 544 -26.38 -16.36 20.77
C ASN A 544 -26.13 -15.84 19.36
N GLY A 545 -25.78 -14.57 19.24
CA GLY A 545 -25.48 -14.01 17.94
C GLY A 545 -26.32 -12.80 17.60
N LEU A 546 -27.61 -12.84 17.96
CA LEU A 546 -28.51 -11.72 17.72
C LEU A 546 -28.14 -10.59 18.66
N THR A 547 -27.62 -9.50 18.10
CA THR A 547 -27.25 -8.33 18.90
C THR A 547 -28.33 -7.27 18.71
N GLY A 548 -28.85 -6.74 19.81
CA GLY A 548 -29.85 -5.68 19.69
C GLY A 548 -30.07 -4.85 20.93
N THR A 549 -31.06 -3.97 20.89
CA THR A 549 -31.43 -3.11 22.01
C THR A 549 -32.94 -3.05 22.11
N GLY A 550 -33.45 -2.99 23.32
CA GLY A 550 -34.88 -2.81 23.50
C GLY A 550 -35.36 -3.39 24.81
N VAL A 551 -36.66 -3.29 24.99
CA VAL A 551 -37.38 -3.88 26.11
C VAL A 551 -37.77 -5.29 25.72
N LEU A 552 -37.59 -6.22 26.66
CA LEU A 552 -37.94 -7.63 26.49
C LEU A 552 -39.20 -7.91 27.27
N THR A 553 -40.12 -8.67 26.69
CA THR A 553 -41.39 -8.93 27.35
C THR A 553 -41.84 -10.36 27.11
N GLU A 554 -42.58 -10.90 28.06
CA GLU A 554 -43.10 -12.26 27.93
C GLU A 554 -43.99 -12.28 26.71
N SER A 555 -43.91 -13.36 25.93
CA SER A 555 -44.72 -13.46 24.72
C SER A 555 -45.91 -14.39 24.92
N ASN A 556 -46.72 -14.47 23.87
CA ASN A 556 -47.79 -15.46 23.82
C ASN A 556 -47.91 -16.05 22.41
N LYS A 557 -46.87 -15.89 21.60
CA LYS A 557 -46.85 -16.43 20.25
C LYS A 557 -46.35 -17.85 20.40
N LYS A 558 -46.77 -18.73 19.49
CA LYS A 558 -46.36 -20.13 19.54
C LYS A 558 -45.33 -20.48 18.48
N PHE A 559 -44.06 -20.33 18.80
CA PHE A 559 -42.99 -20.66 17.87
C PHE A 559 -42.96 -22.16 17.58
N LEU A 560 -42.63 -22.52 16.34
CA LEU A 560 -42.56 -23.91 15.93
C LEU A 560 -41.61 -24.70 16.84
N PRO A 561 -41.44 -25.98 16.55
CA PRO A 561 -40.55 -26.83 17.34
C PRO A 561 -39.16 -26.93 16.72
N PHE A 562 -38.59 -25.79 16.32
CA PHE A 562 -37.27 -25.80 15.71
C PHE A 562 -36.80 -24.39 15.41
N GLN A 563 -37.74 -23.44 15.41
CA GLN A 563 -37.41 -22.05 15.13
C GLN A 563 -36.58 -21.43 16.26
N GLN A 564 -36.24 -20.15 16.10
CA GLN A 564 -35.44 -19.46 17.11
C GLN A 564 -36.09 -18.13 17.51
N PHE A 565 -36.14 -17.20 16.56
CA PHE A 565 -36.74 -15.89 16.81
C PHE A 565 -37.86 -15.60 15.81
N GLY A 566 -38.39 -14.38 15.88
CA GLY A 566 -39.46 -13.97 14.99
C GLY A 566 -39.16 -12.65 14.33
N ARG A 567 -39.64 -12.47 13.10
CA ARG A 567 -39.42 -11.23 12.37
C ARG A 567 -40.75 -10.66 11.90
N ASP A 568 -40.74 -9.39 11.50
CA ASP A 568 -41.95 -8.73 11.03
C ASP A 568 -41.81 -8.23 9.60
N ILE A 569 -42.94 -7.90 8.98
CA ILE A 569 -42.96 -7.40 7.62
C ILE A 569 -42.12 -6.13 7.64
N ALA A 570 -41.31 -5.95 6.60
CA ALA A 570 -40.22 -4.97 6.54
C ALA A 570 -38.99 -5.49 7.28
N ASP A 571 -39.04 -6.74 7.73
CA ASP A 571 -37.86 -7.49 8.12
C ASP A 571 -37.08 -6.90 9.30
N THR A 572 -37.71 -6.80 10.47
CA THR A 572 -37.00 -6.44 11.70
C THR A 572 -37.27 -7.49 12.75
N THR A 573 -36.24 -7.88 13.48
CA THR A 573 -36.38 -8.87 14.54
C THR A 573 -37.33 -8.35 15.61
N ASP A 574 -38.37 -9.11 15.92
CA ASP A 574 -39.32 -8.67 16.93
C ASP A 574 -39.64 -9.71 17.98
N ALA A 575 -39.14 -10.93 17.84
CA ALA A 575 -39.26 -11.93 18.88
C ALA A 575 -38.00 -12.77 18.90
N VAL A 576 -37.68 -13.32 20.05
CA VAL A 576 -36.58 -14.27 20.19
C VAL A 576 -37.02 -15.42 21.07
N ARG A 577 -36.21 -16.46 21.09
CA ARG A 577 -36.38 -17.59 21.99
C ARG A 577 -35.14 -17.68 22.86
N ASP A 578 -35.33 -17.77 24.18
CA ASP A 578 -34.20 -17.85 25.10
C ASP A 578 -33.75 -19.30 25.20
N PRO A 579 -32.44 -19.53 25.21
CA PRO A 579 -31.99 -20.93 25.31
C PRO A 579 -32.21 -21.57 26.68
N GLN A 580 -31.61 -20.98 27.71
CA GLN A 580 -31.74 -21.48 29.07
C GLN A 580 -33.14 -21.96 29.43
N THR A 581 -34.16 -21.35 28.84
CA THR A 581 -35.53 -21.73 29.16
C THR A 581 -36.40 -22.12 27.97
N LEU A 582 -36.23 -21.43 26.85
CA LEU A 582 -37.03 -21.72 25.66
C LEU A 582 -38.45 -21.20 25.82
N GLU A 583 -38.57 -19.88 25.95
CA GLU A 583 -39.87 -19.25 26.12
C GLU A 583 -39.98 -17.99 25.27
N ILE A 584 -40.98 -17.96 24.39
CA ILE A 584 -41.19 -16.82 23.51
C ILE A 584 -41.06 -15.48 24.23
N LEU A 585 -40.40 -14.53 23.58
CA LEU A 585 -40.20 -13.20 24.15
C LEU A 585 -40.19 -12.15 23.05
N ASP A 586 -40.94 -11.07 23.27
CA ASP A 586 -41.02 -9.99 22.31
C ASP A 586 -40.01 -8.91 22.59
N ILE A 587 -39.63 -8.22 21.52
CA ILE A 587 -38.60 -7.19 21.56
C ILE A 587 -39.24 -5.90 21.09
N THR A 588 -39.56 -5.01 22.03
CA THR A 588 -40.18 -3.73 21.69
C THR A 588 -39.15 -2.62 21.62
N PRO A 589 -39.20 -1.82 20.48
CA PRO A 589 -38.17 -0.76 20.45
C PRO A 589 -38.22 0.11 21.69
N CYS A 590 -37.17 0.90 21.90
CA CYS A 590 -37.10 1.78 23.06
C CYS A 590 -38.13 2.91 22.97
N SER A 591 -37.95 3.94 23.79
CA SER A 591 -38.86 5.08 23.80
C SER A 591 -38.17 6.34 23.31
N PHE A 592 -38.48 6.74 22.08
CA PHE A 592 -37.89 7.92 21.49
C PHE A 592 -39.03 8.82 21.02
N GLY A 593 -38.73 10.10 20.86
CA GLY A 593 -39.73 11.02 20.36
C GLY A 593 -39.27 12.45 20.39
N GLY A 594 -39.93 13.33 19.65
CA GLY A 594 -39.56 14.72 19.66
C GLY A 594 -40.00 15.43 20.92
N VAL A 595 -39.35 16.56 21.18
CA VAL A 595 -39.71 17.43 22.30
C VAL A 595 -40.06 18.79 21.73
N SER A 596 -41.23 19.30 22.10
CA SER A 596 -41.68 20.60 21.63
C SER A 596 -41.90 21.51 22.82
N VAL A 597 -41.68 22.80 22.60
CA VAL A 597 -41.81 23.82 23.63
C VAL A 597 -42.92 24.78 23.24
N ILE A 598 -43.88 24.96 24.15
CA ILE A 598 -45.04 25.82 23.95
C ILE A 598 -44.81 27.08 24.77
N THR A 599 -44.76 28.22 24.11
CA THR A 599 -44.52 29.49 24.75
C THR A 599 -45.54 30.54 24.33
N PRO A 600 -46.05 31.33 25.29
CA PRO A 600 -46.92 32.45 24.91
C PRO A 600 -46.20 33.60 24.24
N GLY A 601 -44.88 33.57 24.11
CA GLY A 601 -44.11 34.64 23.53
C GLY A 601 -43.37 35.37 24.64
N THR A 602 -42.09 35.66 24.41
CA THR A 602 -41.24 36.25 25.43
C THR A 602 -41.65 37.66 25.78
N ASN A 603 -42.50 38.26 24.96
CA ASN A 603 -43.05 39.60 25.18
C ASN A 603 -44.32 39.55 26.00
N THR A 604 -44.63 38.38 26.55
CA THR A 604 -45.83 38.20 27.35
C THR A 604 -45.45 37.56 28.68
N SER A 605 -44.50 36.64 28.62
CA SER A 605 -44.12 35.82 29.77
C SER A 605 -42.93 34.98 29.37
N ASN A 606 -42.29 34.39 30.37
CA ASN A 606 -41.18 33.47 30.14
C ASN A 606 -41.50 32.07 30.64
N GLN A 607 -42.75 31.82 31.03
CA GLN A 607 -43.18 30.48 31.33
C GLN A 607 -43.27 29.65 30.06
N VAL A 608 -43.27 28.33 30.23
CA VAL A 608 -43.13 27.43 29.11
C VAL A 608 -43.81 26.11 29.48
N ALA A 609 -44.36 25.42 28.48
CA ALA A 609 -44.85 24.07 28.63
C ALA A 609 -44.13 23.17 27.63
N VAL A 610 -44.11 21.87 27.91
CA VAL A 610 -43.28 20.95 27.15
C VAL A 610 -44.09 19.74 26.74
N LEU A 611 -44.05 19.40 25.45
CA LEU A 611 -44.72 18.23 24.91
C LEU A 611 -43.68 17.17 24.56
N TYR A 612 -43.81 16.00 25.14
CA TYR A 612 -43.04 14.82 24.74
C TYR A 612 -43.92 14.03 23.81
N GLN A 613 -43.54 13.94 22.54
CA GLN A 613 -44.47 13.50 21.52
C GLN A 613 -44.58 11.98 21.55
N ASP A 614 -45.82 11.50 21.54
CA ASP A 614 -46.24 10.10 21.64
C ASP A 614 -45.33 9.29 22.57
N VAL A 615 -45.08 9.85 23.74
CA VAL A 615 -44.40 9.15 24.81
C VAL A 615 -45.38 9.00 25.96
N ASN A 616 -45.42 7.80 26.55
CA ASN A 616 -46.26 7.59 27.70
C ASN A 616 -45.72 8.39 28.88
N CYS A 617 -46.62 9.10 29.55
CA CYS A 617 -46.21 10.16 30.44
C CYS A 617 -45.64 9.63 31.76
N THR A 618 -45.37 8.34 31.85
CA THR A 618 -44.86 7.72 33.07
C THR A 618 -43.36 7.45 32.96
N GLU A 619 -42.82 7.68 31.75
CA GLU A 619 -41.42 7.40 31.50
C GLU A 619 -40.70 8.62 30.97
N VAL A 620 -41.11 9.80 31.43
CA VAL A 620 -40.56 11.05 30.93
C VAL A 620 -39.17 11.31 31.49
N PRO A 621 -38.96 11.27 32.82
CA PRO A 621 -37.59 11.57 33.25
C PRO A 621 -36.78 10.30 33.50
N SER A 640 -47.10 19.35 40.44
CA SER A 640 -47.04 19.90 39.09
C SER A 640 -48.15 19.35 38.20
N ASN A 641 -48.09 19.69 36.92
CA ASN A 641 -49.13 19.34 35.96
C ASN A 641 -48.57 18.39 34.92
N VAL A 642 -48.91 17.11 35.03
CA VAL A 642 -48.65 16.16 33.99
C VAL A 642 -49.99 15.72 33.43
N PHE A 643 -50.14 15.82 32.13
CA PHE A 643 -51.41 15.61 31.45
C PHE A 643 -51.14 14.76 30.24
N GLN A 644 -51.92 13.71 30.07
CA GLN A 644 -51.72 12.78 28.98
C GLN A 644 -52.64 13.11 27.81
N THR A 645 -52.08 13.14 26.62
CA THR A 645 -52.79 13.49 25.41
C THR A 645 -52.62 12.35 24.42
N ARG A 646 -53.52 12.30 23.45
CA ARG A 646 -53.33 11.43 22.30
C ARG A 646 -52.10 11.82 21.48
N ALA A 647 -51.51 12.97 21.76
CA ALA A 647 -50.34 13.46 21.03
C ALA A 647 -49.06 13.39 21.85
N GLY A 648 -49.13 12.90 23.09
CA GLY A 648 -47.96 12.80 23.94
C GLY A 648 -48.24 13.26 25.35
N CYS A 649 -47.16 13.46 26.11
CA CYS A 649 -47.28 13.90 27.48
C CYS A 649 -46.93 15.38 27.61
N LEU A 650 -47.85 16.13 28.18
CA LEU A 650 -47.73 17.57 28.33
C LEU A 650 -47.39 17.92 29.77
N ILE A 651 -46.36 18.73 29.96
CA ILE A 651 -45.91 19.12 31.30
C ILE A 651 -45.88 20.64 31.38
N GLY A 652 -46.49 21.19 32.41
CA GLY A 652 -46.44 22.61 32.65
C GLY A 652 -47.68 23.38 32.24
N ALA A 653 -48.75 22.69 31.88
CA ALA A 653 -50.04 23.29 31.57
C ALA A 653 -51.10 22.53 32.34
N GLU A 654 -52.11 23.25 32.82
CA GLU A 654 -53.22 22.62 33.51
C GLU A 654 -54.39 22.40 32.57
N HIS A 655 -55.09 21.30 32.78
CA HIS A 655 -56.23 20.93 31.96
C HIS A 655 -57.50 21.50 32.55
N VAL A 656 -58.23 22.27 31.75
CA VAL A 656 -59.50 22.85 32.17
C VAL A 656 -60.64 22.15 31.44
N ASN A 657 -61.86 22.46 31.84
CA ASN A 657 -63.05 21.84 31.28
C ASN A 657 -63.81 22.73 30.32
N ASN A 658 -63.49 24.01 30.29
CA ASN A 658 -64.07 24.95 29.33
C ASN A 658 -63.64 24.58 27.91
N SER A 659 -64.14 25.30 26.91
CA SER A 659 -63.68 25.12 25.54
C SER A 659 -63.69 26.46 24.84
N TYR A 660 -62.54 26.85 24.32
CA TYR A 660 -62.35 28.12 23.67
C TYR A 660 -62.03 27.90 22.21
N GLU A 661 -61.81 28.99 21.50
CA GLU A 661 -61.26 28.93 20.16
C GLU A 661 -59.79 28.58 20.23
N CYS A 662 -59.32 27.83 19.24
CA CYS A 662 -57.96 27.30 19.31
C CYS A 662 -56.94 28.44 19.24
N ASP A 663 -55.89 28.32 20.04
CA ASP A 663 -54.87 29.34 20.13
C ASP A 663 -53.52 28.83 19.63
N ILE A 664 -53.00 27.82 20.31
CA ILE A 664 -51.77 27.14 19.95
C ILE A 664 -52.14 25.68 19.77
N PRO A 665 -51.98 25.13 18.58
CA PRO A 665 -52.48 23.78 18.34
C PRO A 665 -51.54 22.70 18.86
N ILE A 666 -52.02 21.86 19.76
CA ILE A 666 -51.25 20.73 20.25
C ILE A 666 -51.48 19.52 19.38
N GLY A 667 -52.72 19.12 19.20
CA GLY A 667 -53.04 18.01 18.32
C GLY A 667 -54.18 17.18 18.85
N ALA A 668 -54.77 16.39 17.96
CA ALA A 668 -55.89 15.51 18.29
C ALA A 668 -57.02 16.25 19.00
N GLY A 669 -57.27 17.47 18.57
CA GLY A 669 -58.33 18.27 19.14
C GLY A 669 -57.95 19.11 20.34
N ILE A 670 -56.70 19.08 20.79
CA ILE A 670 -56.27 19.79 21.98
C ILE A 670 -55.50 21.03 21.57
N CYS A 671 -55.84 22.16 22.19
CA CYS A 671 -55.05 23.38 22.07
C CYS A 671 -54.63 23.93 23.42
N ALA A 672 -53.74 24.90 23.41
CA ALA A 672 -53.21 25.51 24.63
C ALA A 672 -53.31 27.01 24.52
N SER A 673 -53.36 27.67 25.67
CA SER A 673 -53.38 29.13 25.69
C SER A 673 -52.78 29.61 26.99
N TYR A 674 -52.41 30.90 27.01
CA TYR A 674 -51.88 31.54 28.20
C TYR A 674 -52.98 32.36 28.84
N GLN A 675 -53.84 31.72 29.60
CA GLN A 675 -55.02 32.47 30.03
C GLN A 675 -55.27 32.43 31.53
N THR A 676 -55.29 31.24 32.09
CA THR A 676 -55.87 31.00 33.40
C THR A 676 -54.84 30.41 34.37
N GLN A 690 -51.91 34.24 33.39
CA GLN A 690 -51.57 33.74 34.72
C GLN A 690 -50.83 32.41 34.61
N SER A 691 -51.31 31.54 33.72
CA SER A 691 -50.63 30.28 33.45
C SER A 691 -51.13 29.72 32.14
N ILE A 692 -50.52 28.61 31.74
CA ILE A 692 -50.86 27.89 30.52
C ILE A 692 -51.96 26.90 30.84
N ILE A 693 -52.98 26.88 29.99
CA ILE A 693 -54.07 25.93 30.08
C ILE A 693 -54.12 25.15 28.78
N ALA A 694 -54.59 23.91 28.88
CA ALA A 694 -54.84 23.06 27.74
C ALA A 694 -56.30 22.65 27.77
N TYR A 695 -56.94 22.68 26.61
CA TYR A 695 -58.39 22.46 26.54
C TYR A 695 -58.74 21.81 25.21
N THR A 696 -59.94 21.27 25.14
CA THR A 696 -60.54 20.80 23.90
C THR A 696 -61.16 21.96 23.16
N MET A 697 -60.82 22.13 21.89
CA MET A 697 -61.20 23.34 21.18
C MET A 697 -62.68 23.34 20.83
N SER A 698 -63.21 24.54 20.68
CA SER A 698 -64.59 24.76 20.27
C SER A 698 -64.62 25.06 18.78
N LEU A 699 -65.58 24.49 18.08
CA LEU A 699 -65.70 24.75 16.65
C LEU A 699 -66.51 25.99 16.36
N GLY A 700 -67.23 26.51 17.33
CA GLY A 700 -68.07 27.67 17.10
C GLY A 700 -69.21 27.68 18.07
N ALA A 701 -70.13 28.62 17.86
CA ALA A 701 -71.29 28.81 18.72
C ALA A 701 -72.49 28.13 18.10
N GLU A 702 -73.20 27.33 18.89
CA GLU A 702 -74.37 26.62 18.39
C GLU A 702 -75.52 27.58 18.13
N ASN A 703 -76.35 27.22 17.15
CA ASN A 703 -77.42 28.09 16.68
C ASN A 703 -78.43 27.22 15.97
N SER A 704 -79.59 27.03 16.57
CA SER A 704 -80.69 26.33 15.92
C SER A 704 -81.57 27.35 15.23
N VAL A 705 -81.84 27.12 13.97
CA VAL A 705 -82.58 28.05 13.13
C VAL A 705 -84.07 27.81 13.34
N ALA A 706 -84.84 28.88 13.38
CA ALA A 706 -86.27 28.82 13.66
C ALA A 706 -87.04 28.37 12.42
N TYR A 707 -86.91 27.10 12.10
CA TYR A 707 -87.52 26.55 10.90
C TYR A 707 -88.94 26.08 11.18
N SER A 708 -89.89 26.62 10.44
CA SER A 708 -91.21 26.01 10.33
C SER A 708 -91.55 25.94 8.86
N ASN A 709 -92.72 25.41 8.56
CA ASN A 709 -93.10 25.20 7.17
C ASN A 709 -93.92 26.33 6.60
N ASN A 710 -94.11 27.42 7.34
CA ASN A 710 -94.67 28.63 6.75
C ASN A 710 -94.04 29.89 7.33
N SER A 711 -92.78 29.84 7.71
CA SER A 711 -92.09 30.99 8.24
C SER A 711 -90.94 31.40 7.33
N ILE A 712 -90.72 32.70 7.20
CA ILE A 712 -89.68 33.26 6.38
C ILE A 712 -89.08 34.45 7.09
N ALA A 713 -87.80 34.68 6.86
CA ALA A 713 -87.10 35.86 7.35
C ALA A 713 -86.61 36.66 6.15
N ILE A 714 -86.81 37.96 6.18
CA ILE A 714 -86.47 38.85 5.08
C ILE A 714 -85.69 40.03 5.64
N PRO A 715 -84.60 40.44 4.99
CA PRO A 715 -83.80 41.54 5.53
C PRO A 715 -84.42 42.90 5.25
N THR A 716 -84.21 43.82 6.18
CA THR A 716 -84.73 45.16 6.03
C THR A 716 -83.65 46.21 5.81
N ASN A 717 -82.38 45.84 5.88
CA ASN A 717 -81.31 46.79 5.68
C ASN A 717 -80.14 46.05 5.04
N PHE A 718 -79.02 46.75 4.87
CA PHE A 718 -77.82 46.13 4.34
C PHE A 718 -76.61 46.87 4.86
N THR A 719 -75.45 46.23 4.72
CA THR A 719 -74.17 46.89 4.91
C THR A 719 -73.30 46.68 3.67
N ILE A 720 -72.56 47.70 3.33
CA ILE A 720 -71.52 47.63 2.31
C ILE A 720 -70.22 47.26 3.01
N SER A 721 -69.65 46.12 2.66
CA SER A 721 -68.40 45.72 3.29
C SER A 721 -67.32 45.60 2.23
N VAL A 722 -66.07 45.82 2.64
CA VAL A 722 -64.93 45.67 1.75
C VAL A 722 -63.81 44.95 2.49
N THR A 723 -63.28 43.90 1.86
CA THR A 723 -62.24 43.08 2.44
C THR A 723 -61.05 43.00 1.50
N THR A 724 -59.93 42.49 2.00
CA THR A 724 -58.73 42.34 1.19
C THR A 724 -58.40 40.88 0.93
N GLU A 725 -57.66 40.67 -0.16
CA GLU A 725 -57.12 39.35 -0.47
C GLU A 725 -55.73 39.54 -1.08
N ILE A 726 -54.74 38.86 -0.53
CA ILE A 726 -53.33 39.05 -0.89
C ILE A 726 -52.85 37.81 -1.62
N LEU A 727 -52.17 38.00 -2.76
CA LEU A 727 -51.68 36.85 -3.51
C LEU A 727 -50.28 37.09 -4.05
N PRO A 728 -49.36 36.14 -3.86
CA PRO A 728 -48.05 36.20 -4.53
C PRO A 728 -48.13 35.92 -6.01
N VAL A 729 -47.40 36.71 -6.80
CA VAL A 729 -47.37 36.43 -8.23
C VAL A 729 -45.96 36.04 -8.67
N SER A 730 -44.91 36.61 -8.08
CA SER A 730 -43.56 36.31 -8.53
C SER A 730 -42.65 35.99 -7.36
N MET A 731 -41.46 35.53 -7.68
CA MET A 731 -40.36 35.39 -6.75
C MET A 731 -39.10 35.90 -7.45
N THR A 732 -37.97 35.87 -6.74
CA THR A 732 -36.76 36.49 -7.26
C THR A 732 -36.03 35.59 -8.24
N LYS A 733 -35.55 36.20 -9.32
CA LYS A 733 -34.78 35.49 -10.32
C LYS A 733 -33.31 35.45 -9.92
N THR A 734 -32.81 34.25 -9.69
CA THR A 734 -31.42 34.06 -9.30
C THR A 734 -30.72 33.26 -10.35
N SER A 735 -29.43 33.49 -10.48
CA SER A 735 -28.58 32.71 -11.35
C SER A 735 -27.39 32.24 -10.55
N VAL A 736 -26.90 31.05 -10.88
CA VAL A 736 -25.66 30.55 -10.31
C VAL A 736 -24.71 30.26 -11.45
N ASP A 737 -23.42 30.31 -11.15
CA ASP A 737 -22.37 29.87 -12.05
C ASP A 737 -21.73 28.65 -11.42
N CYS A 738 -22.19 27.47 -11.83
CA CYS A 738 -21.69 26.20 -11.34
C CYS A 738 -20.19 26.18 -11.09
N THR A 739 -19.40 26.55 -12.09
CA THR A 739 -17.96 26.43 -11.98
C THR A 739 -17.40 27.34 -10.90
N MET A 740 -17.93 28.56 -10.79
CA MET A 740 -17.41 29.49 -9.81
C MET A 740 -17.85 29.14 -8.41
N TYR A 741 -18.92 28.35 -8.28
CA TYR A 741 -19.37 27.94 -6.97
C TYR A 741 -18.62 26.70 -6.50
N ILE A 742 -18.44 25.73 -7.40
CA ILE A 742 -17.81 24.47 -7.01
C ILE A 742 -16.31 24.62 -6.88
N CYS A 743 -15.70 25.38 -7.79
CA CYS A 743 -14.23 25.45 -7.84
C CYS A 743 -13.70 26.80 -7.39
N GLY A 744 -14.37 27.87 -7.77
CA GLY A 744 -13.92 29.18 -7.35
C GLY A 744 -12.61 29.60 -8.00
N ASP A 745 -12.55 29.49 -9.33
CA ASP A 745 -11.41 29.98 -10.10
C ASP A 745 -10.10 29.31 -9.67
N SER A 746 -10.04 28.01 -9.93
CA SER A 746 -8.83 27.22 -9.72
C SER A 746 -8.81 26.11 -10.75
N THR A 747 -7.75 26.08 -11.57
CA THR A 747 -7.74 25.20 -12.73
C THR A 747 -7.67 23.73 -12.36
N GLU A 748 -7.16 23.41 -11.18
CA GLU A 748 -7.11 22.02 -10.76
C GLU A 748 -8.51 21.44 -10.57
N CYS A 749 -9.35 22.12 -9.80
CA CYS A 749 -10.71 21.67 -9.60
C CYS A 749 -11.49 21.70 -10.90
N SER A 750 -11.24 22.70 -11.74
CA SER A 750 -12.02 22.87 -12.95
C SER A 750 -11.78 21.76 -13.95
N ASN A 751 -10.60 21.15 -13.93
CA ASN A 751 -10.33 20.04 -14.86
C ASN A 751 -10.93 18.75 -14.38
N LEU A 752 -10.91 18.51 -13.07
CA LEU A 752 -11.61 17.37 -12.50
C LEU A 752 -13.10 17.42 -12.75
N LEU A 753 -13.68 18.62 -12.77
CA LEU A 753 -15.11 18.82 -12.96
C LEU A 753 -15.58 18.40 -14.34
N LEU A 754 -14.74 18.56 -15.35
CA LEU A 754 -15.06 18.13 -16.70
C LEU A 754 -15.41 16.64 -16.78
N GLN A 755 -14.97 15.84 -15.83
CA GLN A 755 -15.26 14.42 -15.84
C GLN A 755 -16.68 14.12 -15.44
N TYR A 756 -17.46 15.11 -15.03
CA TYR A 756 -18.82 14.86 -14.60
C TYR A 756 -19.84 15.11 -15.69
N GLY A 757 -19.41 15.49 -16.85
CA GLY A 757 -20.31 15.55 -18.00
C GLY A 757 -20.94 16.92 -18.14
N SER A 758 -22.25 16.97 -18.10
CA SER A 758 -23.00 18.19 -18.39
C SER A 758 -23.98 18.54 -17.29
N PHE A 759 -23.70 18.15 -16.05
CA PHE A 759 -24.61 18.46 -14.96
C PHE A 759 -24.81 19.96 -14.80
N CYS A 760 -23.77 20.73 -15.08
CA CYS A 760 -23.82 22.15 -14.82
C CYS A 760 -24.37 22.96 -15.98
N THR A 761 -24.64 22.34 -17.10
CA THR A 761 -25.43 22.98 -18.13
C THR A 761 -26.92 22.75 -17.87
N GLN A 762 -27.25 21.59 -17.33
CA GLN A 762 -28.63 21.32 -16.91
C GLN A 762 -29.06 22.23 -15.79
N LEU A 763 -28.22 22.41 -14.76
CA LEU A 763 -28.63 23.28 -13.68
C LEU A 763 -28.93 24.70 -14.14
N ASN A 764 -28.08 25.24 -15.01
CA ASN A 764 -28.32 26.56 -15.55
C ASN A 764 -29.56 26.63 -16.43
N ARG A 765 -29.80 25.60 -17.23
CA ARG A 765 -31.02 25.57 -18.02
C ARG A 765 -32.25 25.62 -17.12
N ALA A 766 -32.22 24.88 -16.02
CA ALA A 766 -33.37 24.87 -15.11
C ALA A 766 -33.59 26.24 -14.48
N LEU A 767 -32.53 26.86 -13.99
CA LEU A 767 -32.68 28.18 -13.37
C LEU A 767 -33.11 29.24 -14.37
N THR A 768 -32.66 29.16 -15.62
CA THR A 768 -33.11 30.11 -16.62
C THR A 768 -34.57 29.93 -16.97
N GLY A 769 -35.01 28.67 -17.10
CA GLY A 769 -36.40 28.40 -17.32
C GLY A 769 -37.31 28.89 -16.23
N ILE A 770 -36.86 28.88 -14.96
CA ILE A 770 -37.71 29.45 -13.93
C ILE A 770 -37.54 30.95 -13.76
N ALA A 771 -36.47 31.55 -14.27
CA ALA A 771 -36.40 32.99 -14.22
C ALA A 771 -37.16 33.67 -15.34
N VAL A 772 -37.42 32.98 -16.45
CA VAL A 772 -38.24 33.58 -17.50
C VAL A 772 -39.73 33.54 -17.14
N GLU A 773 -40.17 32.47 -16.50
CA GLU A 773 -41.58 32.39 -16.14
C GLU A 773 -41.95 33.32 -15.00
N GLN A 774 -41.01 33.90 -14.27
CA GLN A 774 -41.39 34.90 -13.29
C GLN A 774 -41.88 36.18 -13.92
N ASP A 775 -41.32 36.56 -15.06
CA ASP A 775 -41.83 37.68 -15.82
C ASP A 775 -43.08 37.34 -16.58
N LYS A 776 -43.18 36.09 -17.04
CA LYS A 776 -44.46 35.68 -17.61
C LYS A 776 -45.59 35.70 -16.58
N ASN A 777 -45.29 35.41 -15.32
CA ASN A 777 -46.31 35.44 -14.28
C ASN A 777 -46.90 36.84 -14.10
N THR A 778 -46.04 37.86 -14.07
CA THR A 778 -46.50 39.23 -13.87
C THR A 778 -47.23 39.77 -15.08
N GLN A 779 -46.75 39.42 -16.27
CA GLN A 779 -47.38 39.93 -17.47
C GLN A 779 -48.83 39.51 -17.58
N GLU A 780 -49.19 38.33 -17.11
CA GLU A 780 -50.55 37.85 -17.27
C GLU A 780 -51.49 38.27 -16.16
N VAL A 781 -50.98 38.79 -15.06
CA VAL A 781 -51.86 39.37 -14.05
C VAL A 781 -52.11 40.83 -14.36
N PHE A 782 -51.10 41.55 -14.84
CA PHE A 782 -51.26 43.01 -14.86
C PHE A 782 -51.52 43.60 -16.23
N ALA A 783 -51.01 43.02 -17.30
CA ALA A 783 -51.25 43.57 -18.64
C ALA A 783 -52.56 43.03 -19.16
N GLN A 784 -53.65 43.46 -18.51
CA GLN A 784 -55.00 43.05 -18.90
C GLN A 784 -55.74 44.24 -19.50
N VAL A 785 -55.01 45.21 -20.02
CA VAL A 785 -55.57 46.38 -20.68
C VAL A 785 -54.77 46.60 -21.95
N LYS A 786 -55.42 47.19 -22.94
CA LYS A 786 -54.73 47.68 -24.12
C LYS A 786 -54.36 49.16 -23.99
N GLN A 787 -55.31 49.98 -23.56
CA GLN A 787 -55.06 51.40 -23.35
C GLN A 787 -54.68 51.66 -21.90
N ILE A 788 -53.97 52.76 -21.70
CA ILE A 788 -53.73 53.27 -20.36
C ILE A 788 -54.78 54.35 -20.12
N TYR A 789 -55.79 54.03 -19.34
CA TYR A 789 -56.87 54.96 -19.10
C TYR A 789 -56.51 55.90 -17.97
N LYS A 790 -56.94 57.15 -18.12
CA LYS A 790 -56.75 58.16 -17.10
C LYS A 790 -58.10 58.61 -16.59
N THR A 791 -58.13 59.03 -15.35
CA THR A 791 -59.37 59.46 -14.74
C THR A 791 -59.58 60.96 -14.97
N PRO A 792 -60.82 61.45 -14.89
CA PRO A 792 -61.07 62.85 -15.21
C PRO A 792 -60.53 63.76 -14.11
N PRO A 793 -60.21 65.01 -14.45
CA PRO A 793 -59.71 65.93 -13.41
C PRO A 793 -60.74 66.26 -12.35
N ILE A 794 -61.99 66.55 -12.73
CA ILE A 794 -63.05 66.83 -11.76
C ILE A 794 -63.78 65.53 -11.47
N LYS A 795 -63.69 65.09 -10.21
CA LYS A 795 -64.04 63.72 -9.81
C LYS A 795 -65.30 63.75 -8.94
N ASP A 796 -66.46 63.68 -9.58
CA ASP A 796 -67.70 63.57 -8.83
C ASP A 796 -68.36 62.25 -9.21
N PHE A 797 -68.22 61.27 -8.33
CA PHE A 797 -68.69 59.92 -8.57
C PHE A 797 -69.91 59.57 -7.73
N GLY A 798 -70.77 60.55 -7.49
CA GLY A 798 -72.01 60.31 -6.79
C GLY A 798 -71.92 60.26 -5.29
N GLY A 799 -70.86 60.79 -4.71
CA GLY A 799 -70.64 60.70 -3.29
C GLY A 799 -69.58 59.70 -2.89
N PHE A 800 -69.20 58.81 -3.79
CA PHE A 800 -68.14 57.85 -3.53
C PHE A 800 -66.79 58.54 -3.68
N ASN A 801 -65.85 58.15 -2.84
CA ASN A 801 -64.57 58.83 -2.69
C ASN A 801 -63.48 57.79 -2.85
N PHE A 802 -62.70 57.88 -3.92
CA PHE A 802 -61.66 56.90 -4.23
C PHE A 802 -60.26 57.47 -4.02
N SER A 803 -60.11 58.45 -3.15
CA SER A 803 -58.86 59.21 -3.12
C SER A 803 -57.71 58.45 -2.49
N GLN A 804 -57.98 57.46 -1.63
CA GLN A 804 -56.92 56.67 -1.02
C GLN A 804 -56.45 55.53 -1.89
N ILE A 805 -57.07 55.28 -3.04
CA ILE A 805 -56.62 54.24 -3.95
C ILE A 805 -56.33 54.77 -5.34
N LEU A 806 -56.44 55.96 -5.56
CA LEU A 806 -56.04 56.55 -6.81
C LEU A 806 -54.63 57.07 -6.73
N PRO A 807 -53.90 57.16 -7.84
CA PRO A 807 -52.49 57.54 -7.77
C PRO A 807 -52.29 58.93 -7.19
N ASP A 808 -51.14 59.10 -6.54
CA ASP A 808 -50.79 60.33 -5.85
C ASP A 808 -49.49 60.88 -6.45
N PRO A 809 -49.51 62.05 -7.09
CA PRO A 809 -48.30 62.51 -7.80
C PRO A 809 -47.15 62.88 -6.86
N SER A 810 -47.45 63.43 -5.70
CA SER A 810 -46.42 63.82 -4.74
C SER A 810 -45.79 62.65 -4.00
N LYS A 811 -46.16 61.41 -4.34
CA LYS A 811 -45.68 60.23 -3.65
C LYS A 811 -44.55 59.58 -4.45
N PRO A 812 -43.86 58.56 -3.88
CA PRO A 812 -42.83 57.86 -4.64
C PRO A 812 -43.40 56.88 -5.66
N SER A 813 -42.93 56.97 -6.90
CA SER A 813 -43.31 56.15 -8.04
C SER A 813 -44.75 56.40 -8.47
N LYS A 814 -45.38 57.49 -8.02
CA LYS A 814 -46.77 57.81 -8.38
C LYS A 814 -47.73 56.72 -7.90
N ARG A 815 -47.51 56.21 -6.70
CA ARG A 815 -48.36 55.19 -6.13
C ARG A 815 -49.54 55.82 -5.42
N SER A 816 -50.54 55.00 -5.18
CA SER A 816 -51.66 55.39 -4.34
C SER A 816 -51.25 55.39 -2.87
N PHE A 817 -52.11 55.95 -2.04
CA PHE A 817 -51.82 56.04 -0.61
C PHE A 817 -51.76 54.66 0.02
N ILE A 818 -52.57 53.72 -0.46
CA ILE A 818 -52.59 52.39 0.14
C ILE A 818 -51.51 51.50 -0.48
N GLU A 819 -51.08 51.80 -1.69
CA GLU A 819 -49.95 51.08 -2.27
C GLU A 819 -48.64 51.41 -1.57
N ASP A 820 -48.57 52.53 -0.85
CA ASP A 820 -47.39 52.86 -0.06
C ASP A 820 -47.34 52.09 1.24
N LEU A 821 -48.44 52.05 1.99
CA LEU A 821 -48.45 51.25 3.21
C LEU A 821 -48.05 49.81 2.94
N LEU A 822 -48.31 49.30 1.74
CA LEU A 822 -47.94 47.94 1.41
C LEU A 822 -46.46 47.80 1.11
N PHE A 823 -45.85 48.79 0.46
CA PHE A 823 -44.42 48.71 0.17
C PHE A 823 -43.57 49.06 1.36
N ASN A 824 -44.16 49.55 2.44
CA ASN A 824 -43.44 49.79 3.68
C ASN A 824 -43.54 48.64 4.66
N LYS A 825 -44.52 47.77 4.51
CA LYS A 825 -44.71 46.72 5.48
C LYS A 825 -43.89 45.48 5.14
N VAL A 826 -43.72 45.20 3.85
CA VAL A 826 -42.90 44.08 3.42
C VAL A 826 -41.81 44.54 2.47
N PHE A 855 -22.12 36.91 -4.69
CA PHE A 855 -21.03 36.79 -3.73
C PHE A 855 -19.99 35.81 -4.21
N ASN A 856 -20.39 34.60 -4.60
CA ASN A 856 -19.48 33.72 -5.31
C ASN A 856 -20.22 32.85 -6.32
N GLY A 857 -20.38 33.36 -7.52
CA GLY A 857 -21.16 32.71 -8.54
C GLY A 857 -22.65 32.86 -8.42
N LEU A 858 -23.13 33.70 -7.51
CA LEU A 858 -24.56 33.89 -7.27
C LEU A 858 -24.94 35.30 -7.66
N THR A 859 -25.95 35.44 -8.52
CA THR A 859 -26.43 36.75 -8.91
C THR A 859 -27.96 36.78 -8.89
N VAL A 860 -28.49 38.00 -8.84
CA VAL A 860 -29.91 38.26 -8.83
C VAL A 860 -30.23 39.12 -10.03
N LEU A 861 -31.12 38.66 -10.88
CA LEU A 861 -31.53 39.39 -12.06
C LEU A 861 -32.73 40.26 -11.77
N PRO A 862 -32.79 41.44 -12.37
CA PRO A 862 -33.91 42.35 -12.11
C PRO A 862 -35.14 41.93 -12.91
N PRO A 863 -36.33 42.23 -12.42
CA PRO A 863 -37.54 41.94 -13.18
C PRO A 863 -37.71 42.89 -14.35
N LEU A 864 -38.41 42.41 -15.38
CA LEU A 864 -38.55 43.16 -16.62
C LEU A 864 -39.41 44.39 -16.43
N LEU A 865 -40.53 44.25 -15.72
CA LEU A 865 -41.37 45.38 -15.36
C LEU A 865 -40.89 45.97 -14.04
N THR A 866 -40.66 47.27 -14.03
CA THR A 866 -40.31 47.96 -12.81
C THR A 866 -41.55 48.08 -11.92
N ASP A 867 -41.39 48.63 -10.72
CA ASP A 867 -42.56 48.85 -9.89
C ASP A 867 -43.39 50.03 -10.36
N GLU A 868 -42.76 50.97 -11.03
CA GLU A 868 -43.47 52.10 -11.62
C GLU A 868 -44.41 51.64 -12.72
N MET A 869 -43.96 50.73 -13.56
CA MET A 869 -44.78 50.19 -14.62
C MET A 869 -45.98 49.42 -14.08
N ILE A 870 -45.80 48.65 -13.01
CA ILE A 870 -46.92 47.90 -12.47
C ILE A 870 -47.91 48.83 -11.77
N ALA A 871 -47.44 49.88 -11.12
CA ALA A 871 -48.39 50.84 -10.57
C ALA A 871 -49.15 51.58 -11.66
N GLN A 872 -48.51 51.86 -12.78
CA GLN A 872 -49.21 52.36 -13.96
C GLN A 872 -50.29 51.41 -14.46
N TYR A 873 -50.01 50.13 -14.52
CA TYR A 873 -51.02 49.15 -14.94
C TYR A 873 -52.22 49.12 -14.01
N THR A 874 -51.97 49.12 -12.69
CA THR A 874 -53.12 49.09 -11.81
C THR A 874 -53.91 50.39 -11.81
N SER A 875 -53.27 51.53 -12.04
CA SER A 875 -54.07 52.74 -12.15
C SER A 875 -54.86 52.80 -13.45
N ALA A 876 -54.37 52.21 -14.53
CA ALA A 876 -55.21 52.09 -15.71
C ALA A 876 -56.40 51.14 -15.50
N LEU A 877 -56.22 50.01 -14.81
CA LEU A 877 -57.37 49.17 -14.52
C LEU A 877 -58.38 49.90 -13.65
N LEU A 878 -57.91 50.61 -12.64
CA LEU A 878 -58.78 51.28 -11.71
C LEU A 878 -59.50 52.47 -12.31
N ALA A 879 -58.89 53.18 -13.25
CA ALA A 879 -59.60 54.25 -13.92
C ALA A 879 -60.57 53.74 -14.98
N GLY A 880 -60.31 52.57 -15.56
CA GLY A 880 -61.24 51.92 -16.45
C GLY A 880 -62.49 51.49 -15.74
N THR A 881 -62.36 50.93 -14.54
CA THR A 881 -63.55 50.45 -13.86
C THR A 881 -64.36 51.56 -13.18
N ILE A 882 -63.73 52.61 -12.66
CA ILE A 882 -64.47 53.69 -12.03
C ILE A 882 -65.31 54.44 -13.06
N THR A 883 -64.99 54.28 -14.32
CA THR A 883 -65.44 55.24 -15.32
C THR A 883 -66.25 54.58 -16.43
N SER A 884 -66.04 53.28 -16.68
CA SER A 884 -66.73 52.57 -17.74
C SER A 884 -67.43 51.31 -17.28
N GLY A 885 -67.38 50.98 -15.99
CA GLY A 885 -67.85 49.69 -15.55
C GLY A 885 -67.07 48.56 -16.18
N TRP A 886 -67.79 47.52 -16.58
CA TRP A 886 -67.22 46.31 -17.15
C TRP A 886 -67.15 46.35 -18.66
N THR A 887 -67.36 47.50 -19.29
CA THR A 887 -67.38 47.55 -20.74
C THR A 887 -65.99 47.53 -21.35
N PHE A 888 -64.97 47.98 -20.63
CA PHE A 888 -63.65 48.06 -21.23
C PHE A 888 -62.96 46.71 -21.28
N GLY A 889 -63.44 45.74 -20.51
CA GLY A 889 -62.90 44.41 -20.58
C GLY A 889 -63.53 43.56 -21.65
N ALA A 890 -64.44 44.13 -22.42
CA ALA A 890 -65.07 43.42 -23.52
C ALA A 890 -64.91 44.12 -24.85
N GLY A 891 -64.31 45.31 -24.88
CA GLY A 891 -64.22 46.09 -26.10
C GLY A 891 -63.75 47.48 -25.78
N ALA A 892 -64.28 48.44 -26.52
CA ALA A 892 -64.02 49.83 -26.22
C ALA A 892 -64.73 50.25 -24.94
N ALA A 893 -64.06 51.10 -24.17
CA ALA A 893 -64.64 51.63 -22.95
C ALA A 893 -65.76 52.61 -23.24
N LEU A 894 -66.92 52.37 -22.64
CA LEU A 894 -68.06 53.27 -22.76
C LEU A 894 -68.39 53.86 -21.41
N GLN A 895 -68.35 55.17 -21.30
CA GLN A 895 -68.58 55.82 -20.02
C GLN A 895 -70.05 55.73 -19.61
N ILE A 896 -70.26 55.75 -18.30
CA ILE A 896 -71.57 55.69 -17.68
C ILE A 896 -71.41 56.40 -16.34
N PRO A 897 -72.39 57.15 -15.84
CA PRO A 897 -72.25 57.77 -14.52
C PRO A 897 -72.15 56.70 -13.44
N PHE A 898 -71.41 57.01 -12.37
CA PHE A 898 -71.03 55.97 -11.42
C PHE A 898 -72.22 55.39 -10.66
N ALA A 899 -73.21 56.21 -10.33
CA ALA A 899 -74.36 55.67 -9.60
C ALA A 899 -75.24 54.81 -10.48
N MET A 900 -75.27 55.05 -11.78
CA MET A 900 -76.02 54.17 -12.65
C MET A 900 -75.31 52.83 -12.83
N GLN A 901 -73.99 52.85 -12.79
CA GLN A 901 -73.23 51.61 -12.77
C GLN A 901 -73.50 50.83 -11.48
N MET A 902 -73.51 51.52 -10.35
CA MET A 902 -73.87 50.91 -9.07
C MET A 902 -75.26 50.31 -9.10
N ALA A 903 -76.21 50.97 -9.77
CA ALA A 903 -77.54 50.40 -9.92
C ALA A 903 -77.58 49.14 -10.78
N TYR A 904 -76.82 49.10 -11.87
CA TYR A 904 -76.67 47.86 -12.63
C TYR A 904 -76.11 46.72 -11.78
N ARG A 905 -75.09 47.01 -10.98
CA ARG A 905 -74.54 45.98 -10.11
C ARG A 905 -75.54 45.52 -9.06
N PHE A 906 -76.37 46.41 -8.54
CA PHE A 906 -77.44 45.97 -7.65
C PHE A 906 -78.43 45.07 -8.35
N ASN A 907 -78.78 45.39 -9.60
CA ASN A 907 -79.58 44.48 -10.40
C ASN A 907 -78.94 43.11 -10.53
N GLY A 908 -77.62 43.07 -10.63
CA GLY A 908 -76.95 41.80 -10.84
C GLY A 908 -76.99 40.87 -9.64
N ILE A 909 -77.25 41.40 -8.45
CA ILE A 909 -77.44 40.57 -7.26
C ILE A 909 -78.91 40.40 -6.90
N GLY A 910 -79.83 40.84 -7.74
CA GLY A 910 -81.23 40.66 -7.48
C GLY A 910 -81.92 41.67 -6.58
N VAL A 911 -81.41 42.88 -6.49
CA VAL A 911 -82.11 43.97 -5.83
C VAL A 911 -82.53 44.96 -6.90
N THR A 912 -83.62 45.66 -6.66
CA THR A 912 -84.07 46.61 -7.67
C THR A 912 -83.30 47.93 -7.56
N GLN A 913 -83.45 48.76 -8.60
CA GLN A 913 -82.61 49.94 -8.75
C GLN A 913 -83.04 51.09 -7.86
N ASN A 914 -84.34 51.22 -7.62
CA ASN A 914 -84.82 52.21 -6.68
C ASN A 914 -84.23 52.03 -5.29
N VAL A 915 -83.82 50.82 -4.91
CA VAL A 915 -83.19 50.63 -3.61
C VAL A 915 -81.82 51.28 -3.56
N LEU A 916 -81.10 51.35 -4.68
CA LEU A 916 -79.88 52.15 -4.70
C LEU A 916 -80.18 53.63 -4.77
N TYR A 917 -81.11 54.03 -5.62
CA TYR A 917 -81.26 55.47 -5.84
C TYR A 917 -81.88 56.16 -4.64
N GLU A 918 -82.63 55.45 -3.81
CA GLU A 918 -83.22 56.05 -2.64
C GLU A 918 -82.33 55.96 -1.41
N ASN A 919 -81.22 55.26 -1.50
CA ASN A 919 -80.29 55.07 -0.40
C ASN A 919 -78.89 55.45 -0.83
N GLN A 920 -78.78 56.29 -1.86
CA GLN A 920 -77.48 56.66 -2.39
C GLN A 920 -76.54 57.23 -1.35
N LYS A 921 -76.95 58.23 -0.58
CA LYS A 921 -76.02 58.83 0.36
C LYS A 921 -75.61 57.88 1.46
N LEU A 922 -76.51 57.01 1.91
CA LEU A 922 -76.15 56.05 2.93
C LEU A 922 -75.19 55.00 2.40
N ILE A 923 -75.40 54.53 1.17
CA ILE A 923 -74.52 53.53 0.57
C ILE A 923 -73.14 54.13 0.31
N ALA A 924 -73.09 55.39 -0.08
CA ALA A 924 -71.82 56.05 -0.29
C ALA A 924 -71.08 56.32 1.00
N ASN A 925 -71.79 56.71 2.07
CA ASN A 925 -71.15 56.86 3.37
C ASN A 925 -70.61 55.55 3.90
N GLN A 926 -71.37 54.47 3.79
CA GLN A 926 -70.88 53.17 4.22
C GLN A 926 -69.64 52.76 3.44
N PHE A 927 -69.63 52.97 2.12
CA PHE A 927 -68.45 52.64 1.34
C PHE A 927 -67.24 53.47 1.76
N ASN A 928 -67.40 54.78 1.96
CA ASN A 928 -66.28 55.63 2.34
C ASN A 928 -65.74 55.25 3.72
N SER A 929 -66.63 55.00 4.65
CA SER A 929 -66.22 54.61 5.99
C SER A 929 -65.57 53.24 6.03
N ALA A 930 -65.90 52.35 5.10
CA ALA A 930 -65.28 51.05 5.05
C ALA A 930 -63.95 51.03 4.30
N ILE A 931 -63.75 51.94 3.35
CA ILE A 931 -62.43 52.13 2.77
C ILE A 931 -61.50 52.79 3.79
N GLY A 932 -62.05 53.62 4.67
CA GLY A 932 -61.23 54.22 5.70
C GLY A 932 -60.70 53.26 6.73
N LYS A 933 -61.28 52.06 6.84
CA LYS A 933 -60.82 51.11 7.84
C LYS A 933 -59.75 50.17 7.31
N ILE A 934 -59.75 49.87 6.02
CA ILE A 934 -58.62 49.17 5.42
C ILE A 934 -57.34 49.91 5.74
N GLN A 935 -57.36 51.23 5.61
CA GLN A 935 -56.18 52.04 5.79
C GLN A 935 -55.67 51.98 7.22
N ASP A 936 -56.57 51.95 8.20
CA ASP A 936 -56.16 51.79 9.59
C ASP A 936 -55.61 50.40 9.84
N SER A 937 -56.37 49.37 9.50
CA SER A 937 -55.94 48.01 9.76
C SER A 937 -54.61 47.68 9.11
N LEU A 938 -54.28 48.28 7.97
CA LEU A 938 -52.95 48.05 7.42
C LEU A 938 -51.91 48.97 8.04
N SER A 939 -52.23 50.25 8.22
CA SER A 939 -51.30 51.19 8.81
C SER A 939 -50.90 50.83 10.23
N SER A 940 -51.68 50.00 10.92
CA SER A 940 -51.40 49.66 12.31
C SER A 940 -50.56 48.40 12.42
N ALA A 944 -50.00 41.33 8.43
CA ALA A 944 -51.14 41.01 7.57
C ALA A 944 -50.69 40.56 6.17
N LEU A 945 -49.52 41.02 5.76
CA LEU A 945 -48.92 40.54 4.52
C LEU A 945 -47.99 39.37 4.77
N GLY A 946 -48.46 38.39 5.52
CA GLY A 946 -47.65 37.23 5.81
C GLY A 946 -47.42 36.32 4.63
N LYS A 947 -48.38 36.23 3.71
CA LYS A 947 -48.19 35.38 2.55
C LYS A 947 -47.13 35.93 1.61
N LEU A 948 -46.95 37.25 1.57
CA LEU A 948 -45.87 37.81 0.79
C LEU A 948 -44.53 37.74 1.50
N GLN A 949 -44.55 37.86 2.82
CA GLN A 949 -43.34 37.75 3.61
C GLN A 949 -42.77 36.34 3.60
N ASP A 950 -43.63 35.33 3.54
CA ASP A 950 -43.14 33.96 3.60
C ASP A 950 -42.36 33.57 2.35
N VAL A 951 -42.77 34.03 1.17
CA VAL A 951 -42.01 33.64 -0.01
C VAL A 951 -40.68 34.34 -0.06
N VAL A 952 -40.58 35.56 0.47
CA VAL A 952 -39.28 36.21 0.60
C VAL A 952 -38.39 35.44 1.58
N ASN A 953 -38.93 35.12 2.75
CA ASN A 953 -38.16 34.40 3.75
C ASN A 953 -37.66 33.04 3.25
N GLN A 954 -38.51 32.27 2.57
CA GLN A 954 -38.10 30.96 2.10
C GLN A 954 -36.93 31.05 1.13
N ASN A 955 -36.99 31.98 0.17
CA ASN A 955 -35.92 32.13 -0.78
C ASN A 955 -34.61 32.56 -0.12
N ALA A 956 -34.67 33.50 0.82
CA ALA A 956 -33.46 33.88 1.53
C ALA A 956 -32.88 32.77 2.39
N GLN A 957 -33.74 32.02 3.08
CA GLN A 957 -33.28 30.89 3.88
C GLN A 957 -32.64 29.82 3.02
N ALA A 958 -33.07 29.67 1.76
CA ALA A 958 -32.42 28.69 0.90
C ALA A 958 -31.10 29.20 0.35
N LEU A 959 -31.05 30.48 -0.05
CA LEU A 959 -29.81 31.03 -0.54
C LEU A 959 -28.73 31.06 0.54
N ASN A 960 -29.11 31.21 1.80
CA ASN A 960 -28.10 31.21 2.85
C ASN A 960 -27.58 29.81 3.11
N THR A 961 -28.47 28.81 3.11
CA THR A 961 -28.04 27.44 3.22
C THR A 961 -27.12 27.02 2.08
N LEU A 962 -27.31 27.58 0.89
CA LEU A 962 -26.40 27.25 -0.20
C LEU A 962 -24.99 27.75 0.05
N VAL A 963 -24.84 28.97 0.56
CA VAL A 963 -23.52 29.52 0.81
C VAL A 963 -22.87 28.89 2.04
N LYS A 964 -23.65 28.60 3.06
CA LYS A 964 -23.11 27.98 4.26
C LYS A 964 -22.59 26.57 4.02
N GLN A 965 -22.82 25.99 2.84
CA GLN A 965 -22.29 24.68 2.54
C GLN A 965 -20.90 24.75 1.94
N LEU A 966 -20.42 25.95 1.60
CA LEU A 966 -19.07 26.12 1.06
C LEU A 966 -18.03 26.03 2.16
N SER A 967 -18.45 25.66 3.36
CA SER A 967 -17.53 25.53 4.46
C SER A 967 -17.74 24.22 5.20
N SER A 968 -18.02 23.16 4.46
CA SER A 968 -18.06 21.82 5.01
C SER A 968 -17.04 20.97 4.28
N ASN A 969 -16.50 19.98 4.98
CA ASN A 969 -15.44 19.13 4.43
C ASN A 969 -15.99 18.03 3.56
N PHE A 970 -17.13 17.46 3.93
CA PHE A 970 -17.67 16.25 3.32
C PHE A 970 -16.68 15.10 3.39
N GLY A 971 -15.80 15.09 4.39
CA GLY A 971 -14.80 14.06 4.50
C GLY A 971 -13.52 14.38 3.76
N ALA A 972 -12.97 15.55 4.04
CA ALA A 972 -11.70 15.96 3.46
C ALA A 972 -10.89 16.62 4.56
N ILE A 973 -9.67 17.01 4.23
CA ILE A 973 -8.81 17.59 5.26
C ILE A 973 -9.17 19.04 5.57
N SER A 974 -9.68 19.79 4.61
CA SER A 974 -10.18 21.13 4.90
C SER A 974 -11.31 21.45 3.93
N SER A 975 -11.75 22.71 3.96
CA SER A 975 -12.78 23.21 3.09
C SER A 975 -12.23 24.17 2.05
N VAL A 976 -10.92 24.38 2.03
CA VAL A 976 -10.29 25.37 1.17
C VAL A 976 -9.44 24.63 0.14
N LEU A 977 -9.55 25.03 -1.12
CA LEU A 977 -8.73 24.41 -2.14
C LEU A 977 -7.30 24.90 -2.08
N ASN A 978 -7.06 26.09 -1.55
CA ASN A 978 -5.71 26.57 -1.35
C ASN A 978 -5.02 25.91 -0.16
N ASP A 979 -5.74 25.08 0.57
CA ASP A 979 -5.16 24.41 1.72
C ASP A 979 -4.86 22.96 1.35
N ILE A 980 -5.51 22.50 0.29
CA ILE A 980 -5.33 21.15 -0.21
C ILE A 980 -4.39 21.17 -1.41
N LEU A 981 -4.01 22.37 -1.83
CA LEU A 981 -3.13 22.55 -2.97
C LEU A 981 -1.78 23.05 -2.50
N SER A 982 -1.78 24.15 -1.77
CA SER A 982 -0.55 24.73 -1.26
C SER A 982 0.06 23.85 -0.18
N ARG A 983 -0.01 22.54 -0.38
CA ARG A 983 0.55 21.60 0.58
C ARG A 983 0.15 20.16 0.27
N LEU A 984 0.32 19.75 -0.98
CA LEU A 984 -0.02 18.40 -1.40
C LEU A 984 0.26 18.16 -2.88
N ASP A 985 0.67 16.95 -3.21
CA ASP A 985 0.99 16.60 -4.60
C ASP A 985 -0.29 16.30 -5.38
N PRO A 986 -0.21 16.53 -6.75
CA PRO A 986 -1.46 16.25 -7.49
C PRO A 986 -2.07 14.89 -7.19
N PRO A 987 -1.31 13.78 -7.49
CA PRO A 987 -1.97 12.49 -7.19
C PRO A 987 -2.49 12.42 -5.76
N GLU A 988 -2.07 13.37 -4.93
CA GLU A 988 -2.49 13.41 -3.53
C GLU A 988 -3.54 14.46 -3.27
N ALA A 989 -3.51 15.54 -4.04
CA ALA A 989 -4.48 16.62 -3.88
C ALA A 989 -5.64 16.45 -4.85
N GLU A 990 -5.62 15.37 -5.63
CA GLU A 990 -6.67 15.10 -6.58
C GLU A 990 -7.64 14.07 -6.01
N VAL A 991 -7.45 13.75 -4.75
CA VAL A 991 -8.31 12.79 -4.06
C VAL A 991 -9.06 13.55 -2.98
N GLN A 992 -8.47 14.64 -2.53
CA GLN A 992 -9.08 15.48 -1.51
C GLN A 992 -9.99 16.51 -2.16
N ILE A 993 -9.88 16.62 -3.48
CA ILE A 993 -10.68 17.57 -4.23
C ILE A 993 -11.97 16.92 -4.71
N ASP A 994 -11.90 15.65 -5.09
CA ASP A 994 -13.13 14.97 -5.51
C ASP A 994 -14.16 14.86 -4.41
N ARG A 995 -13.73 14.70 -3.16
CA ARG A 995 -14.68 14.64 -2.06
C ARG A 995 -15.42 15.95 -1.87
N LEU A 996 -14.77 17.07 -2.15
CA LEU A 996 -15.43 18.36 -2.12
C LEU A 996 -16.33 18.57 -3.32
N ILE A 997 -15.87 18.16 -4.50
CA ILE A 997 -16.67 18.31 -5.71
C ILE A 997 -17.99 17.58 -5.56
N THR A 998 -17.95 16.34 -5.09
CA THR A 998 -19.18 15.56 -4.96
C THR A 998 -20.18 16.22 -4.01
N GLY A 999 -19.71 16.68 -2.86
CA GLY A 999 -20.57 17.35 -1.91
C GLY A 999 -21.18 18.63 -2.43
N ARG A 1000 -20.35 19.49 -3.02
CA ARG A 1000 -20.85 20.75 -3.56
C ARG A 1000 -21.82 20.55 -4.72
N LEU A 1001 -21.59 19.54 -5.57
CA LEU A 1001 -22.55 19.25 -6.61
C LEU A 1001 -23.87 18.79 -6.03
N GLN A 1002 -23.84 17.91 -5.04
CA GLN A 1002 -25.05 17.50 -4.37
C GLN A 1002 -25.82 18.68 -3.81
N SER A 1003 -25.13 19.60 -3.16
CA SER A 1003 -25.82 20.72 -2.54
C SER A 1003 -26.42 21.67 -3.57
N LEU A 1004 -25.70 21.96 -4.65
CA LEU A 1004 -26.24 22.79 -5.71
C LEU A 1004 -27.46 22.14 -6.37
N GLN A 1005 -27.44 20.84 -6.56
CA GLN A 1005 -28.56 20.20 -7.22
C GLN A 1005 -29.77 20.10 -6.31
N THR A 1006 -29.56 19.96 -5.00
CA THR A 1006 -30.69 20.06 -4.07
C THR A 1006 -31.32 21.45 -4.10
N TYR A 1007 -30.50 22.49 -4.10
CA TYR A 1007 -31.02 23.84 -4.28
C TYR A 1007 -31.86 23.96 -5.54
N VAL A 1008 -31.40 23.37 -6.65
CA VAL A 1008 -32.13 23.58 -7.89
C VAL A 1008 -33.43 22.76 -7.93
N THR A 1009 -33.49 21.62 -7.27
CA THR A 1009 -34.76 20.89 -7.21
C THR A 1009 -35.80 21.62 -6.38
N GLN A 1010 -35.42 22.11 -5.21
CA GLN A 1010 -36.39 22.76 -4.35
C GLN A 1010 -36.92 24.07 -4.94
N GLN A 1011 -36.15 24.74 -5.77
CA GLN A 1011 -36.63 25.91 -6.50
C GLN A 1011 -37.65 25.57 -7.58
N LEU A 1012 -37.48 24.46 -8.28
CA LEU A 1012 -38.51 24.00 -9.22
C LEU A 1012 -39.81 23.72 -8.49
N ILE A 1013 -39.72 23.10 -7.32
CA ILE A 1013 -40.94 22.76 -6.61
C ILE A 1013 -41.60 24.00 -6.01
N ARG A 1014 -40.83 25.01 -5.64
CA ARG A 1014 -41.39 26.25 -5.12
C ARG A 1014 -41.94 27.15 -6.23
N ALA A 1015 -41.31 27.15 -7.39
CA ALA A 1015 -41.82 27.89 -8.53
C ALA A 1015 -43.12 27.32 -9.07
N ALA A 1016 -43.29 25.99 -9.07
CA ALA A 1016 -44.56 25.41 -9.49
C ALA A 1016 -45.71 25.82 -8.59
N GLU A 1017 -45.44 26.22 -7.37
CA GLU A 1017 -46.48 26.67 -6.46
C GLU A 1017 -46.77 28.16 -6.62
N ILE A 1018 -45.72 28.97 -6.85
CA ILE A 1018 -45.94 30.38 -7.16
C ILE A 1018 -46.71 30.52 -8.47
N ARG A 1019 -46.52 29.58 -9.40
CA ARG A 1019 -47.18 29.66 -10.70
C ARG A 1019 -48.68 29.51 -10.57
N ALA A 1020 -49.13 28.60 -9.71
CA ALA A 1020 -50.55 28.39 -9.51
C ALA A 1020 -51.22 29.56 -8.81
N SER A 1021 -50.53 30.20 -7.88
CA SER A 1021 -51.02 31.40 -7.25
C SER A 1021 -51.17 32.55 -8.23
N ALA A 1022 -50.18 32.77 -9.09
CA ALA A 1022 -50.31 33.76 -10.14
C ALA A 1022 -51.39 33.43 -11.16
N ASN A 1023 -51.63 32.16 -11.42
CA ASN A 1023 -52.73 31.77 -12.30
C ASN A 1023 -54.08 32.05 -11.69
N LEU A 1024 -54.21 31.89 -10.37
CA LEU A 1024 -55.43 32.30 -9.68
C LEU A 1024 -55.60 33.81 -9.62
N ALA A 1025 -54.53 34.56 -9.41
CA ALA A 1025 -54.59 36.01 -9.44
C ALA A 1025 -55.00 36.54 -10.81
N ALA A 1026 -54.54 35.91 -11.87
CA ALA A 1026 -54.95 36.33 -13.21
C ALA A 1026 -56.42 36.07 -13.48
N THR A 1027 -57.00 35.02 -12.92
CA THR A 1027 -58.41 34.73 -13.05
C THR A 1027 -59.27 35.66 -12.20
N LYS A 1028 -58.82 35.99 -11.00
CA LYS A 1028 -59.52 36.98 -10.20
C LYS A 1028 -59.47 38.37 -10.81
N MET A 1029 -58.37 38.76 -11.44
CA MET A 1029 -58.38 40.04 -12.12
C MET A 1029 -59.38 40.09 -13.26
N SER A 1030 -59.58 38.98 -13.97
CA SER A 1030 -60.55 38.93 -15.05
C SER A 1030 -61.98 38.90 -14.53
N GLU A 1031 -62.23 38.13 -13.49
CA GLU A 1031 -63.59 37.83 -13.09
C GLU A 1031 -64.13 38.69 -11.97
N CYS A 1032 -63.27 39.34 -11.19
CA CYS A 1032 -63.73 40.24 -10.14
C CYS A 1032 -63.47 41.70 -10.44
N VAL A 1033 -62.46 42.04 -11.23
CA VAL A 1033 -62.15 43.42 -11.53
C VAL A 1033 -62.74 43.86 -12.85
N LEU A 1034 -62.71 43.03 -13.89
CA LEU A 1034 -63.34 43.38 -15.14
C LEU A 1034 -64.74 42.80 -15.30
N GLY A 1035 -65.31 42.25 -14.24
CA GLY A 1035 -66.67 41.77 -14.29
C GLY A 1035 -67.34 41.82 -12.95
N GLN A 1036 -68.56 41.28 -12.89
CA GLN A 1036 -69.24 40.97 -11.64
C GLN A 1036 -69.42 39.45 -11.57
N SER A 1037 -68.89 38.84 -10.53
CA SER A 1037 -68.97 37.39 -10.43
C SER A 1037 -70.20 36.94 -9.66
N LYS A 1038 -70.75 35.82 -10.09
CA LYS A 1038 -71.83 35.13 -9.39
C LYS A 1038 -71.35 33.94 -8.58
N ARG A 1039 -70.14 33.46 -8.83
CA ARG A 1039 -69.58 32.38 -8.03
C ARG A 1039 -69.55 32.77 -6.56
N VAL A 1040 -69.93 31.84 -5.69
CA VAL A 1040 -70.04 32.13 -4.26
C VAL A 1040 -68.65 32.10 -3.65
N ASP A 1041 -68.32 33.15 -2.89
CA ASP A 1041 -67.07 33.26 -2.14
C ASP A 1041 -65.84 33.21 -3.04
N PHE A 1042 -65.93 33.80 -4.22
CA PHE A 1042 -64.78 33.89 -5.10
C PHE A 1042 -64.18 35.27 -5.12
N CYS A 1043 -65.01 36.29 -4.88
CA CYS A 1043 -64.59 37.68 -4.86
C CYS A 1043 -65.09 38.32 -3.58
N GLY A 1044 -64.79 37.68 -2.45
CA GLY A 1044 -65.19 38.16 -1.15
C GLY A 1044 -66.26 37.28 -0.54
N LYS A 1045 -66.79 37.75 0.59
CA LYS A 1045 -67.85 37.06 1.31
C LYS A 1045 -69.04 38.00 1.43
N GLY A 1046 -70.15 37.60 0.85
CA GLY A 1046 -71.31 38.42 0.61
C GLY A 1046 -71.71 38.26 -0.83
N TYR A 1047 -72.41 39.25 -1.36
CA TYR A 1047 -72.76 39.28 -2.77
C TYR A 1047 -71.85 40.25 -3.49
N HIS A 1048 -71.06 39.76 -4.43
CA HIS A 1048 -70.04 40.59 -5.07
C HIS A 1048 -70.66 41.78 -5.78
N LEU A 1049 -70.20 42.97 -5.44
CA LEU A 1049 -70.49 44.15 -6.22
C LEU A 1049 -69.34 44.51 -7.14
N MET A 1050 -68.15 44.76 -6.60
CA MET A 1050 -67.04 45.17 -7.46
C MET A 1050 -65.72 44.95 -6.73
N SER A 1051 -64.63 45.03 -7.47
CA SER A 1051 -63.30 44.76 -6.94
C SER A 1051 -62.32 45.78 -7.48
N PHE A 1052 -61.30 46.10 -6.67
CA PHE A 1052 -60.25 47.06 -7.03
C PHE A 1052 -58.87 46.44 -6.80
N PRO A 1053 -57.97 46.51 -7.77
CA PRO A 1053 -56.62 45.99 -7.57
C PRO A 1053 -55.63 47.02 -7.04
N GLN A 1054 -54.67 46.54 -6.27
CA GLN A 1054 -53.54 47.32 -5.77
C GLN A 1054 -52.28 46.48 -5.88
N SER A 1055 -51.19 47.09 -6.29
CA SER A 1055 -49.95 46.34 -6.42
C SER A 1055 -49.24 46.23 -5.07
N ALA A 1056 -48.54 45.14 -4.88
CA ALA A 1056 -47.75 44.86 -3.69
C ALA A 1056 -46.37 44.44 -4.12
N PRO A 1057 -45.41 44.34 -3.19
CA PRO A 1057 -44.04 43.97 -3.59
C PRO A 1057 -43.86 42.83 -4.57
N HIS A 1058 -44.36 41.63 -4.30
CA HIS A 1058 -44.29 40.56 -5.28
C HIS A 1058 -45.66 39.96 -5.52
N GLY A 1059 -46.69 40.77 -5.46
CA GLY A 1059 -48.02 40.25 -5.60
C GLY A 1059 -49.03 41.34 -5.77
N VAL A 1060 -50.27 40.98 -5.48
CA VAL A 1060 -51.40 41.86 -5.72
C VAL A 1060 -52.38 41.73 -4.58
N VAL A 1061 -52.99 42.85 -4.21
CA VAL A 1061 -54.05 42.92 -3.22
C VAL A 1061 -55.34 43.26 -3.97
N PHE A 1062 -56.38 42.50 -3.72
CA PHE A 1062 -57.71 42.83 -4.21
C PHE A 1062 -58.53 43.39 -3.05
N LEU A 1063 -59.21 44.50 -3.29
CA LEU A 1063 -60.20 45.06 -2.37
C LEU A 1063 -61.57 44.71 -2.93
N HIS A 1064 -62.28 43.83 -2.24
CA HIS A 1064 -63.57 43.34 -2.68
C HIS A 1064 -64.67 44.12 -1.97
N VAL A 1065 -65.61 44.67 -2.74
CA VAL A 1065 -66.76 45.38 -2.24
C VAL A 1065 -67.98 44.48 -2.45
N THR A 1066 -68.63 44.10 -1.35
CA THR A 1066 -69.79 43.23 -1.39
C THR A 1066 -70.94 43.83 -0.59
N TYR A 1067 -72.12 43.31 -0.91
CA TYR A 1067 -73.38 43.65 -0.26
C TYR A 1067 -73.70 42.57 0.76
N VAL A 1068 -74.08 42.96 1.96
CA VAL A 1068 -74.43 42.01 3.02
C VAL A 1068 -75.80 42.40 3.57
N PRO A 1069 -76.80 41.53 3.55
CA PRO A 1069 -78.10 41.89 4.10
C PRO A 1069 -78.09 41.89 5.63
N ALA A 1070 -78.97 42.70 6.21
CA ALA A 1070 -78.96 42.93 7.64
C ALA A 1070 -80.37 43.17 8.16
N GLN A 1071 -80.52 42.98 9.46
CA GLN A 1071 -81.71 43.33 10.23
C GLN A 1071 -82.97 42.64 9.75
N GLU A 1072 -83.03 41.32 9.85
CA GLU A 1072 -84.12 40.54 9.31
C GLU A 1072 -85.32 40.49 10.24
N LYS A 1073 -86.50 40.34 9.65
CA LYS A 1073 -87.74 40.09 10.38
C LYS A 1073 -88.33 38.79 9.88
N ASN A 1074 -89.10 38.10 10.72
CA ASN A 1074 -89.92 37.03 10.21
C ASN A 1074 -91.33 37.50 9.88
N PHE A 1075 -91.88 36.86 8.85
CA PHE A 1075 -93.26 36.95 8.41
C PHE A 1075 -93.75 35.53 8.23
N THR A 1076 -94.99 35.36 7.79
CA THR A 1076 -95.48 34.04 7.40
C THR A 1076 -95.70 34.03 5.90
N THR A 1077 -95.48 32.88 5.27
CA THR A 1077 -95.50 32.76 3.82
C THR A 1077 -96.52 31.73 3.37
N ALA A 1078 -96.82 31.79 2.09
CA ALA A 1078 -97.59 30.79 1.37
C ALA A 1078 -96.97 30.65 0.00
N PRO A 1079 -97.11 29.50 -0.64
CA PRO A 1079 -96.57 29.33 -1.98
C PRO A 1079 -97.39 29.98 -3.08
N ALA A 1080 -98.70 30.11 -2.88
CA ALA A 1080 -99.60 30.60 -3.90
C ALA A 1080 -100.80 31.21 -3.21
N ILE A 1081 -101.61 31.93 -3.97
CA ILE A 1081 -102.82 32.55 -3.47
C ILE A 1081 -103.99 32.01 -4.27
N CYS A 1082 -105.06 31.59 -3.61
CA CYS A 1082 -106.24 31.13 -4.31
C CYS A 1082 -107.25 32.27 -4.42
N HIS A 1083 -107.79 32.45 -5.61
CA HIS A 1083 -108.74 33.53 -5.86
C HIS A 1083 -109.54 33.16 -7.09
N ASP A 1084 -110.87 33.20 -6.97
CA ASP A 1084 -111.78 32.85 -8.06
C ASP A 1084 -111.54 31.44 -8.57
N GLY A 1085 -111.08 30.56 -7.68
CA GLY A 1085 -110.82 29.20 -8.09
C GLY A 1085 -109.52 29.00 -8.83
N LYS A 1086 -108.68 30.03 -8.90
CA LYS A 1086 -107.40 29.93 -9.57
C LYS A 1086 -106.26 30.06 -8.57
N ALA A 1087 -105.09 29.58 -8.96
CA ALA A 1087 -103.89 29.64 -8.14
C ALA A 1087 -102.90 30.62 -8.74
N HIS A 1088 -102.43 31.57 -7.93
CA HIS A 1088 -101.56 32.65 -8.38
C HIS A 1088 -100.20 32.51 -7.72
N PHE A 1089 -99.16 32.70 -8.51
CA PHE A 1089 -97.79 32.64 -8.08
C PHE A 1089 -97.11 33.97 -8.35
N PRO A 1090 -96.17 34.39 -7.52
CA PRO A 1090 -95.52 35.67 -7.76
C PRO A 1090 -94.57 35.62 -8.94
N ARG A 1091 -94.54 36.72 -9.68
CA ARG A 1091 -93.67 36.77 -10.86
C ARG A 1091 -92.19 36.80 -10.48
N GLU A 1092 -91.81 37.64 -9.51
CA GLU A 1092 -90.42 37.67 -9.07
C GLU A 1092 -90.27 37.88 -7.57
N GLY A 1093 -91.20 37.44 -6.76
CA GLY A 1093 -91.03 37.70 -5.35
C GLY A 1093 -91.43 36.61 -4.42
N VAL A 1094 -91.88 36.99 -3.23
CA VAL A 1094 -92.46 36.10 -2.25
C VAL A 1094 -93.72 36.74 -1.70
N PHE A 1095 -94.73 35.93 -1.46
CA PHE A 1095 -95.92 36.33 -0.73
C PHE A 1095 -95.62 36.32 0.75
N VAL A 1096 -95.90 37.43 1.44
CA VAL A 1096 -95.68 37.50 2.87
C VAL A 1096 -96.91 38.10 3.56
N SER A 1097 -96.98 37.91 4.87
CA SER A 1097 -98.10 38.36 5.67
C SER A 1097 -97.57 39.05 6.91
N ASN A 1098 -98.04 40.27 7.18
CA ASN A 1098 -97.60 40.95 8.39
C ASN A 1098 -98.42 40.57 9.61
N GLY A 1099 -99.30 39.59 9.49
CA GLY A 1099 -100.15 39.17 10.57
C GLY A 1099 -101.59 39.12 10.12
N THR A 1100 -101.98 40.12 9.34
CA THR A 1100 -103.35 40.22 8.84
C THR A 1100 -103.47 40.51 7.35
N HIS A 1101 -102.43 41.00 6.68
CA HIS A 1101 -102.52 41.36 5.28
C HIS A 1101 -101.43 40.66 4.47
N TRP A 1102 -101.67 40.53 3.17
CA TRP A 1102 -100.80 39.77 2.29
C TRP A 1102 -100.21 40.68 1.22
N PHE A 1103 -98.89 40.63 1.08
CA PHE A 1103 -98.14 41.46 0.16
C PHE A 1103 -97.19 40.60 -0.66
N VAL A 1104 -96.52 41.22 -1.63
CA VAL A 1104 -95.41 40.63 -2.35
C VAL A 1104 -94.16 41.47 -2.08
N THR A 1105 -93.06 40.82 -1.72
CA THR A 1105 -91.77 41.49 -1.71
C THR A 1105 -90.83 40.87 -2.72
N GLN A 1106 -89.74 41.57 -2.95
CA GLN A 1106 -88.56 40.94 -3.52
C GLN A 1106 -87.78 40.25 -2.41
N ARG A 1107 -87.03 39.23 -2.77
CA ARG A 1107 -86.61 38.26 -1.79
C ARG A 1107 -85.48 38.73 -0.89
N ASN A 1108 -84.68 39.71 -1.31
CA ASN A 1108 -83.52 40.13 -0.53
C ASN A 1108 -83.70 41.45 0.20
N PHE A 1109 -84.78 42.17 -0.05
CA PHE A 1109 -84.97 43.46 0.59
C PHE A 1109 -86.45 43.67 0.80
N TYR A 1110 -86.84 44.05 2.01
CA TYR A 1110 -88.25 44.10 2.35
C TYR A 1110 -88.89 45.36 1.79
N GLU A 1111 -89.87 45.18 0.92
CA GLU A 1111 -90.55 46.28 0.24
C GLU A 1111 -91.89 45.77 -0.24
N PRO A 1112 -92.91 45.80 0.62
CA PRO A 1112 -94.17 45.11 0.32
C PRO A 1112 -95.07 45.87 -0.64
N GLN A 1113 -95.78 45.10 -1.46
CA GLN A 1113 -96.64 45.64 -2.50
C GLN A 1113 -97.98 44.93 -2.44
N ILE A 1114 -99.01 45.57 -2.95
CA ILE A 1114 -100.32 44.95 -3.04
C ILE A 1114 -100.29 43.88 -4.13
N ILE A 1115 -100.86 42.73 -3.84
CA ILE A 1115 -100.92 41.64 -4.81
C ILE A 1115 -101.94 42.00 -5.89
N THR A 1116 -101.49 42.12 -7.12
CA THR A 1116 -102.34 42.43 -8.25
C THR A 1116 -102.07 41.42 -9.36
N THR A 1117 -102.79 41.55 -10.46
CA THR A 1117 -102.59 40.70 -11.63
C THR A 1117 -101.43 41.17 -12.49
N ASP A 1118 -100.64 42.12 -12.02
CA ASP A 1118 -99.46 42.61 -12.73
C ASP A 1118 -98.19 42.03 -12.13
N ASN A 1119 -98.22 41.57 -10.89
CA ASN A 1119 -97.05 40.99 -10.26
C ASN A 1119 -97.25 39.52 -9.93
N THR A 1120 -98.34 38.91 -10.40
CA THR A 1120 -98.57 37.48 -10.23
C THR A 1120 -98.96 36.89 -11.58
N PHE A 1121 -98.89 35.56 -11.67
CA PHE A 1121 -99.41 34.85 -12.83
C PHE A 1121 -100.22 33.65 -12.36
N VAL A 1122 -101.04 33.12 -13.25
CA VAL A 1122 -102.01 32.09 -12.92
C VAL A 1122 -101.62 30.78 -13.59
N SER A 1123 -101.80 29.68 -12.89
CA SER A 1123 -101.76 28.37 -13.51
C SER A 1123 -102.50 27.37 -12.65
N GLY A 1124 -103.61 26.87 -13.17
CA GLY A 1124 -104.32 25.78 -12.52
C GLY A 1124 -105.39 26.26 -11.55
N ASN A 1125 -105.97 25.28 -10.88
CA ASN A 1125 -106.98 25.51 -9.86
C ASN A 1125 -106.37 25.25 -8.50
N CYS A 1126 -107.02 25.78 -7.47
CA CYS A 1126 -106.34 25.82 -6.18
C CYS A 1126 -106.69 24.64 -5.30
N ASP A 1127 -106.47 23.42 -5.79
CA ASP A 1127 -106.58 22.23 -4.97
C ASP A 1127 -105.46 21.21 -5.19
N VAL A 1128 -104.42 21.54 -5.94
CA VAL A 1128 -103.26 20.67 -6.09
C VAL A 1128 -102.04 21.17 -5.33
N VAL A 1129 -101.84 22.48 -5.22
CA VAL A 1129 -100.79 23.06 -4.40
C VAL A 1129 -101.13 22.81 -2.93
N ILE A 1130 -100.13 22.54 -2.11
CA ILE A 1130 -100.36 22.36 -0.67
C ILE A 1130 -99.77 23.55 0.06
N GLY A 1131 -100.62 24.25 0.78
CA GLY A 1131 -100.26 25.49 1.42
C GLY A 1131 -100.89 26.73 0.85
N ILE A 1132 -101.74 26.62 -0.17
CA ILE A 1132 -102.45 27.78 -0.71
C ILE A 1132 -103.20 28.50 0.39
N VAL A 1133 -103.25 29.83 0.30
CA VAL A 1133 -104.13 30.60 1.18
C VAL A 1133 -105.13 31.34 0.34
N ASN A 1134 -106.24 31.71 0.98
CA ASN A 1134 -107.30 32.46 0.35
C ASN A 1134 -107.06 33.95 0.55
N ASN A 1135 -107.08 34.70 -0.54
CA ASN A 1135 -106.92 36.14 -0.47
C ASN A 1135 -107.33 36.71 -1.81
N THR A 1136 -107.55 38.01 -1.85
CA THR A 1136 -108.03 38.67 -3.05
C THR A 1136 -106.88 39.20 -3.88
N VAL A 1137 -106.96 38.99 -5.18
CA VAL A 1137 -105.99 39.49 -6.13
C VAL A 1137 -106.66 40.61 -6.90
N TYR A 1138 -106.07 41.78 -6.85
CA TYR A 1138 -106.71 43.00 -7.30
C TYR A 1138 -106.43 43.25 -8.78
N ASP A 1139 -107.47 43.49 -9.53
CA ASP A 1139 -107.40 43.82 -10.94
C ASP A 1139 -107.37 45.32 -11.12
N PRO A 1140 -106.36 45.87 -11.80
CA PRO A 1140 -106.29 47.33 -11.92
C PRO A 1140 -107.28 47.93 -12.90
N LEU A 1141 -107.58 47.25 -14.00
CA LEU A 1141 -108.53 47.76 -14.98
C LEU A 1141 -109.94 47.83 -14.43
N GLN A 1142 -110.40 46.74 -13.81
CA GLN A 1142 -111.78 46.57 -13.36
C GLN A 1142 -112.37 47.80 -12.66
N PRO A 1143 -111.74 48.37 -11.63
CA PRO A 1143 -112.27 49.62 -11.08
C PRO A 1143 -112.08 50.81 -12.01
N GLU A 1144 -110.82 51.04 -12.42
CA GLU A 1144 -110.45 52.27 -13.10
C GLU A 1144 -111.36 52.55 -14.29
N LEU A 1145 -111.50 51.55 -15.16
CA LEU A 1145 -112.43 51.62 -16.28
C LEU A 1145 -113.82 52.02 -15.81
N ASP A 1146 -114.27 51.44 -14.70
CA ASP A 1146 -115.62 51.68 -14.21
C ASP A 1146 -115.63 52.64 -13.02
N ALA B 27 -39.87 -46.66 -14.52
CA ALA B 27 -41.00 -45.77 -14.84
C ALA B 27 -40.68 -44.37 -14.46
N TYR B 28 -41.71 -43.48 -14.27
CA TYR B 28 -41.59 -42.12 -13.83
C TYR B 28 -42.92 -41.69 -13.39
N THR B 29 -43.00 -40.79 -12.41
CA THR B 29 -44.24 -40.19 -12.06
C THR B 29 -44.11 -38.70 -12.18
N ASN B 30 -44.93 -37.96 -11.46
CA ASN B 30 -45.02 -36.57 -11.70
C ASN B 30 -45.41 -35.96 -10.44
N SER B 31 -44.42 -35.40 -9.71
CA SER B 31 -44.61 -34.82 -8.41
C SER B 31 -45.54 -33.72 -8.53
N PHE B 32 -46.50 -33.58 -7.62
CA PHE B 32 -47.46 -32.49 -7.73
C PHE B 32 -46.94 -31.22 -7.06
N THR B 33 -47.46 -30.92 -5.88
CA THR B 33 -47.04 -29.74 -5.14
C THR B 33 -46.43 -30.14 -3.81
N ARG B 34 -45.37 -30.94 -3.86
CA ARG B 34 -44.70 -31.40 -2.65
C ARG B 34 -43.24 -30.99 -2.66
N GLY B 35 -42.56 -31.21 -1.54
CA GLY B 35 -41.16 -30.86 -1.40
C GLY B 35 -40.97 -29.46 -0.87
N VAL B 36 -41.86 -29.05 0.03
CA VAL B 36 -41.79 -27.72 0.63
C VAL B 36 -41.45 -27.81 2.11
N TYR B 37 -40.37 -27.15 2.50
CA TYR B 37 -39.92 -27.16 3.88
C TYR B 37 -39.65 -25.74 4.37
N TYR B 38 -39.78 -25.53 5.68
CA TYR B 38 -39.54 -24.22 6.26
C TYR B 38 -38.07 -23.88 6.10
N PRO B 39 -37.74 -23.02 5.12
CA PRO B 39 -36.38 -22.68 4.90
C PRO B 39 -35.63 -21.94 5.95
N ASP B 40 -36.09 -21.89 7.22
CA ASP B 40 -35.37 -21.33 8.32
C ASP B 40 -36.33 -21.26 9.43
N LYS B 41 -35.84 -20.89 10.63
CA LYS B 41 -36.47 -21.03 11.90
C LYS B 41 -37.35 -19.94 12.28
N VAL B 42 -37.78 -19.09 11.37
CA VAL B 42 -38.45 -17.88 11.71
C VAL B 42 -39.90 -18.05 11.71
N PHE B 43 -40.58 -17.75 12.80
CA PHE B 43 -42.00 -17.77 12.92
C PHE B 43 -42.55 -16.71 12.04
N ARG B 44 -43.69 -16.82 11.40
CA ARG B 44 -44.16 -15.66 10.70
C ARG B 44 -45.58 -15.82 10.75
N SER B 45 -46.36 -14.80 11.11
CA SER B 45 -47.77 -14.99 11.30
C SER B 45 -48.52 -15.24 10.04
N SER B 46 -49.07 -14.25 9.35
CA SER B 46 -49.97 -14.47 8.26
C SER B 46 -49.36 -14.04 7.00
N VAL B 47 -48.28 -13.32 7.11
CA VAL B 47 -47.68 -12.67 6.03
C VAL B 47 -47.23 -13.64 5.06
N LEU B 48 -47.28 -13.35 3.76
CA LEU B 48 -46.74 -14.23 2.75
C LEU B 48 -45.27 -13.78 2.77
N HIS B 49 -44.35 -14.67 2.45
CA HIS B 49 -42.98 -14.33 2.49
C HIS B 49 -42.51 -14.92 1.30
N SER B 50 -41.63 -14.28 0.55
CA SER B 50 -41.15 -14.73 -0.71
C SER B 50 -39.72 -14.96 -0.55
N THR B 51 -39.24 -16.16 -0.90
CA THR B 51 -37.89 -16.51 -0.61
C THR B 51 -37.35 -17.28 -1.73
N GLN B 52 -36.07 -17.10 -2.01
CA GLN B 52 -35.32 -17.78 -2.99
C GLN B 52 -34.76 -18.91 -2.28
N ASP B 53 -34.64 -20.12 -2.88
CA ASP B 53 -33.92 -21.17 -2.21
C ASP B 53 -33.73 -22.27 -3.19
N LEU B 54 -33.63 -23.53 -2.75
CA LEU B 54 -33.28 -24.67 -3.54
C LEU B 54 -34.34 -25.59 -3.25
N PHE B 55 -35.30 -25.75 -4.13
CA PHE B 55 -36.40 -26.62 -3.86
C PHE B 55 -36.61 -27.43 -5.08
N LEU B 56 -37.59 -28.30 -4.98
CA LEU B 56 -37.94 -29.18 -6.05
C LEU B 56 -38.98 -28.51 -6.87
N PRO B 57 -38.86 -28.28 -8.17
CA PRO B 57 -39.83 -27.65 -9.03
C PRO B 57 -41.11 -28.31 -9.03
N PHE B 58 -42.29 -27.67 -9.15
CA PHE B 58 -43.59 -28.32 -9.11
C PHE B 58 -43.82 -29.02 -10.39
N PHE B 59 -44.75 -29.99 -10.44
CA PHE B 59 -45.11 -30.79 -11.58
C PHE B 59 -43.94 -31.30 -12.30
N SER B 60 -42.97 -31.89 -11.59
CA SER B 60 -41.67 -32.38 -11.98
C SER B 60 -41.66 -33.80 -12.41
N ASN B 61 -40.65 -34.28 -13.12
CA ASN B 61 -40.60 -35.69 -13.46
C ASN B 61 -39.87 -36.36 -12.31
N VAL B 62 -40.43 -37.37 -11.62
CA VAL B 62 -39.71 -37.91 -10.46
C VAL B 62 -39.69 -39.40 -10.66
N THR B 63 -38.52 -40.01 -10.51
CA THR B 63 -38.40 -41.45 -10.73
C THR B 63 -39.32 -42.28 -9.83
N TRP B 64 -39.57 -43.51 -10.23
CA TRP B 64 -40.42 -44.42 -9.45
C TRP B 64 -39.63 -45.71 -9.36
N PHE B 65 -39.40 -46.23 -8.16
CA PHE B 65 -38.63 -47.47 -8.05
C PHE B 65 -39.47 -48.57 -7.41
N HIS B 66 -39.70 -49.65 -8.12
CA HIS B 66 -40.51 -50.76 -7.59
C HIS B 66 -39.66 -51.87 -6.99
N ALA B 67 -39.58 -51.92 -5.67
CA ALA B 67 -38.78 -52.92 -4.99
C ALA B 67 -39.39 -54.31 -5.13
N ASN B 81 -30.83 -51.39 -6.99
CA ASN B 81 -31.18 -49.99 -7.27
C ASN B 81 -29.87 -49.30 -7.21
N PRO B 82 -29.47 -48.58 -8.19
CA PRO B 82 -28.10 -48.26 -8.40
C PRO B 82 -27.67 -47.19 -7.54
N VAL B 83 -26.39 -46.85 -7.65
CA VAL B 83 -25.80 -45.64 -7.19
C VAL B 83 -26.49 -44.62 -8.01
N LEU B 84 -26.92 -43.50 -7.43
CA LEU B 84 -27.63 -42.45 -8.11
C LEU B 84 -26.79 -41.28 -7.85
N PRO B 85 -26.87 -40.18 -8.49
CA PRO B 85 -26.00 -39.05 -8.15
C PRO B 85 -26.73 -38.24 -7.13
N PHE B 86 -26.13 -37.15 -6.63
CA PHE B 86 -26.71 -36.29 -5.63
C PHE B 86 -26.25 -34.97 -6.11
N ASN B 87 -26.67 -34.65 -7.33
CA ASN B 87 -26.51 -33.45 -8.08
C ASN B 87 -26.38 -32.24 -7.27
N ASP B 88 -27.43 -32.03 -6.47
CA ASP B 88 -27.63 -30.91 -5.56
C ASP B 88 -28.93 -31.34 -4.89
N GLY B 89 -28.90 -31.45 -3.57
CA GLY B 89 -30.01 -31.93 -2.82
C GLY B 89 -30.67 -33.07 -3.39
N VAL B 90 -31.70 -33.50 -2.70
CA VAL B 90 -32.49 -34.57 -3.21
C VAL B 90 -33.81 -34.54 -2.50
N TYR B 91 -34.66 -35.43 -2.98
CA TYR B 91 -36.01 -35.65 -2.50
C TYR B 91 -36.08 -37.15 -2.71
N PHE B 92 -36.62 -37.86 -1.75
CA PHE B 92 -36.64 -39.29 -1.87
C PHE B 92 -37.68 -39.66 -0.88
N ALA B 93 -38.83 -40.06 -1.37
CA ALA B 93 -39.90 -40.45 -0.50
C ALA B 93 -40.15 -41.90 -0.76
N SER B 94 -40.18 -42.71 0.28
CA SER B 94 -40.40 -44.14 0.11
C SER B 94 -41.77 -44.53 0.57
N THR B 95 -42.51 -45.25 -0.26
CA THR B 95 -43.83 -45.65 0.14
C THR B 95 -43.88 -47.13 0.46
N GLU B 96 -44.35 -47.44 1.65
CA GLU B 96 -44.40 -48.83 2.04
C GLU B 96 -45.52 -49.29 2.90
N LYS B 97 -45.18 -49.84 4.06
CA LYS B 97 -46.30 -50.39 4.81
C LYS B 97 -45.76 -51.45 5.73
N SER B 98 -44.63 -52.02 5.35
CA SER B 98 -43.79 -52.88 6.12
C SER B 98 -42.49 -52.18 6.01
N ASN B 99 -41.76 -51.98 7.10
CA ASN B 99 -40.59 -51.14 7.13
C ASN B 99 -39.43 -51.60 6.30
N ILE B 100 -39.52 -51.57 4.95
CA ILE B 100 -38.50 -52.14 4.12
C ILE B 100 -37.42 -51.18 3.79
N ILE B 101 -37.74 -49.92 3.99
CA ILE B 101 -36.79 -48.85 3.69
C ILE B 101 -35.93 -48.51 4.90
N ARG B 102 -34.62 -48.55 4.72
CA ARG B 102 -33.69 -48.23 5.79
C ARG B 102 -32.92 -46.97 5.47
N GLY B 103 -31.80 -46.76 6.15
CA GLY B 103 -30.99 -45.58 5.94
C GLY B 103 -30.50 -45.42 4.51
N TRP B 104 -29.54 -44.53 4.34
CA TRP B 104 -28.96 -44.26 3.03
C TRP B 104 -27.45 -44.18 3.17
N ILE B 105 -26.74 -44.19 2.04
CA ILE B 105 -25.30 -44.10 2.06
C ILE B 105 -24.80 -43.01 1.11
N PHE B 106 -24.16 -42.00 1.68
CA PHE B 106 -23.63 -40.89 0.89
C PHE B 106 -22.11 -40.86 0.98
N GLY B 107 -21.44 -40.99 -0.15
CA GLY B 107 -19.99 -40.98 -0.17
C GLY B 107 -19.40 -40.46 -1.46
N THR B 108 -18.44 -39.55 -1.35
CA THR B 108 -17.77 -38.98 -2.51
C THR B 108 -17.20 -40.07 -3.40
N THR B 109 -16.91 -41.23 -2.81
CA THR B 109 -16.35 -42.33 -3.57
C THR B 109 -17.26 -43.48 -3.40
N LEU B 110 -17.67 -43.68 -2.14
CA LEU B 110 -18.41 -44.80 -1.66
C LEU B 110 -17.47 -45.86 -1.28
N ASP B 111 -16.22 -45.49 -0.93
CA ASP B 111 -15.22 -46.50 -0.64
C ASP B 111 -14.58 -46.14 0.65
N SER B 112 -13.87 -47.13 1.22
CA SER B 112 -12.86 -46.86 2.19
C SER B 112 -11.79 -46.16 1.41
N LYS B 113 -11.06 -45.26 2.08
CA LYS B 113 -10.04 -44.47 1.48
C LYS B 113 -10.56 -43.20 0.85
N THR B 114 -11.77 -42.83 1.32
CA THR B 114 -12.54 -41.61 1.04
C THR B 114 -13.73 -41.57 2.03
N GLN B 115 -14.01 -40.46 2.75
CA GLN B 115 -15.11 -40.50 3.66
C GLN B 115 -16.44 -40.82 3.03
N SER B 116 -17.34 -41.34 3.90
CA SER B 116 -18.64 -41.68 3.50
C SER B 116 -19.44 -41.67 4.74
N LEU B 117 -20.71 -41.16 4.69
CA LEU B 117 -21.72 -41.07 5.72
C LEU B 117 -22.63 -42.21 5.63
N LEU B 118 -23.19 -42.73 6.70
CA LEU B 118 -24.16 -43.75 6.60
C LEU B 118 -25.13 -43.48 7.63
N ILE B 119 -26.35 -43.19 7.25
CA ILE B 119 -27.45 -43.12 8.15
C ILE B 119 -28.08 -44.41 7.91
N VAL B 120 -28.53 -45.11 8.95
CA VAL B 120 -29.16 -46.41 8.77
C VAL B 120 -29.99 -46.80 9.99
N ASN B 121 -31.12 -47.44 9.74
CA ASN B 121 -32.01 -47.88 10.81
C ASN B 121 -31.61 -49.24 11.36
N ASN B 122 -32.17 -49.59 12.51
CA ASN B 122 -31.88 -50.87 13.16
C ASN B 122 -33.12 -51.40 13.88
N ALA B 123 -33.01 -52.61 14.42
CA ALA B 123 -34.14 -53.21 15.14
C ALA B 123 -34.78 -52.22 16.10
N THR B 124 -34.05 -51.16 16.42
CA THR B 124 -34.55 -50.12 17.32
C THR B 124 -33.50 -49.04 17.55
N ASN B 125 -33.85 -47.80 17.22
CA ASN B 125 -32.94 -46.67 17.39
C ASN B 125 -31.94 -46.54 16.25
N VAL B 126 -32.16 -45.55 15.38
CA VAL B 126 -31.28 -45.30 14.25
C VAL B 126 -29.82 -45.21 14.67
N VAL B 127 -28.92 -45.14 13.70
CA VAL B 127 -27.53 -45.02 13.98
C VAL B 127 -26.90 -44.36 12.82
N ILE B 128 -26.14 -43.30 13.06
CA ILE B 128 -25.47 -42.59 12.02
C ILE B 128 -24.02 -42.74 12.32
N LYS B 129 -23.16 -42.95 11.33
CA LYS B 129 -21.76 -42.99 11.61
C LYS B 129 -21.14 -42.43 10.42
N VAL B 130 -19.88 -41.97 10.50
CA VAL B 130 -19.17 -41.50 9.35
C VAL B 130 -17.82 -42.11 9.45
N CYS B 131 -17.80 -43.45 9.56
CA CYS B 131 -16.60 -44.22 9.56
C CYS B 131 -16.40 -44.56 8.11
N GLU B 132 -15.18 -44.49 7.54
CA GLU B 132 -15.00 -44.69 6.11
C GLU B 132 -15.09 -46.14 5.59
N PHE B 133 -16.31 -46.68 5.72
CA PHE B 133 -16.86 -47.97 5.40
C PHE B 133 -16.45 -48.56 4.11
N GLN B 134 -16.97 -49.79 3.84
CA GLN B 134 -16.85 -50.43 2.58
C GLN B 134 -18.17 -51.05 2.28
N PHE B 135 -18.60 -50.84 1.03
CA PHE B 135 -19.87 -51.19 0.52
C PHE B 135 -19.67 -52.10 -0.64
N CYS B 136 -20.65 -53.04 -0.74
CA CYS B 136 -20.82 -54.15 -1.65
C CYS B 136 -21.47 -53.72 -2.93
N ASN B 137 -22.29 -54.62 -3.48
CA ASN B 137 -23.04 -54.46 -4.68
C ASN B 137 -24.47 -54.48 -4.30
N ASP B 138 -24.87 -55.25 -3.26
CA ASP B 138 -26.24 -55.32 -2.76
C ASP B 138 -26.41 -55.14 -1.26
N PRO B 139 -26.01 -54.08 -0.58
CA PRO B 139 -26.14 -53.99 0.87
C PRO B 139 -27.58 -53.94 1.31
N PHE B 140 -27.98 -54.68 2.36
CA PHE B 140 -29.35 -54.72 2.83
C PHE B 140 -29.32 -55.29 4.17
N LEU B 141 -30.40 -55.13 4.90
CA LEU B 141 -30.53 -55.67 6.25
C LEU B 141 -31.38 -56.94 6.23
N GLY B 142 -30.72 -58.10 6.24
CA GLY B 142 -31.43 -59.36 6.21
C GLY B 142 -32.55 -59.44 7.23
N VAL B 143 -33.36 -60.50 7.13
CA VAL B 143 -34.47 -60.70 8.05
C VAL B 143 -34.47 -62.12 8.62
N MET B 153 -26.23 -65.70 4.68
CA MET B 153 -27.65 -66.11 4.55
C MET B 153 -28.49 -65.53 5.67
N GLU B 154 -29.43 -64.60 5.29
CA GLU B 154 -30.48 -64.00 6.08
C GLU B 154 -29.94 -62.92 6.99
N SER B 155 -28.64 -62.47 6.85
CA SER B 155 -28.06 -61.51 7.80
C SER B 155 -28.53 -60.13 7.71
N GLU B 156 -28.79 -59.64 8.92
CA GLU B 156 -29.35 -58.41 9.31
C GLU B 156 -28.30 -57.35 9.38
N PHE B 157 -27.18 -57.54 8.71
CA PHE B 157 -26.12 -56.53 8.68
C PHE B 157 -25.09 -56.83 7.60
N ARG B 158 -25.54 -57.43 6.51
CA ARG B 158 -24.67 -57.76 5.40
C ARG B 158 -24.53 -56.54 4.49
N VAL B 159 -23.54 -55.71 4.80
CA VAL B 159 -23.31 -54.51 4.01
C VAL B 159 -21.84 -54.05 4.10
N TYR B 160 -21.59 -52.92 4.75
CA TYR B 160 -20.24 -52.40 4.90
C TYR B 160 -19.30 -53.46 5.46
N SER B 161 -18.02 -53.14 5.52
CA SER B 161 -17.03 -54.07 6.04
C SER B 161 -15.65 -53.44 6.12
N SER B 162 -15.63 -52.13 6.39
CA SER B 162 -14.36 -51.41 6.49
C SER B 162 -14.38 -50.32 7.55
N ALA B 163 -15.18 -50.53 8.59
CA ALA B 163 -15.26 -49.56 9.68
C ALA B 163 -13.85 -49.21 10.12
N ASN B 164 -13.26 -48.20 9.50
CA ASN B 164 -11.91 -47.80 9.86
C ASN B 164 -11.92 -46.45 10.54
N ASN B 165 -11.14 -45.53 9.99
CA ASN B 165 -11.04 -44.19 10.51
C ASN B 165 -12.45 -43.77 10.73
N CYS B 166 -12.75 -43.32 11.94
CA CYS B 166 -14.10 -42.97 12.24
C CYS B 166 -14.13 -41.63 12.85
N THR B 167 -15.10 -40.81 12.45
CA THR B 167 -15.18 -39.44 12.96
C THR B 167 -16.59 -38.98 13.25
N PHE B 168 -17.38 -39.86 13.86
CA PHE B 168 -18.77 -39.56 14.20
C PHE B 168 -19.50 -40.81 14.60
N GLU B 169 -20.28 -40.72 15.67
CA GLU B 169 -21.05 -41.85 16.16
C GLU B 169 -22.13 -41.35 17.09
N TYR B 170 -23.38 -41.52 16.68
CA TYR B 170 -24.50 -41.09 17.49
C TYR B 170 -25.59 -42.15 17.33
N VAL B 171 -26.42 -42.32 18.35
CA VAL B 171 -27.49 -43.31 18.28
C VAL B 171 -28.83 -42.76 18.77
N SER B 172 -29.72 -43.66 19.16
CA SER B 172 -31.03 -43.27 19.65
C SER B 172 -31.95 -44.48 19.80
N LYS B 187 -49.28 -47.05 2.86
CA LYS B 187 -49.40 -46.69 4.29
C LYS B 187 -48.72 -45.43 4.67
N ASN B 188 -47.41 -45.35 4.46
CA ASN B 188 -46.55 -44.34 5.03
C ASN B 188 -45.71 -43.70 4.02
N LEU B 189 -46.06 -42.46 3.72
CA LEU B 189 -45.35 -41.66 2.73
C LEU B 189 -44.71 -40.49 3.43
N ARG B 190 -43.41 -40.64 3.69
CA ARG B 190 -42.63 -39.61 4.34
C ARG B 190 -41.52 -39.31 3.35
N GLU B 191 -41.26 -38.04 3.13
CA GLU B 191 -40.21 -37.62 2.22
C GLU B 191 -39.09 -37.01 3.05
N PHE B 192 -37.86 -37.36 2.72
CA PHE B 192 -36.71 -36.82 3.46
C PHE B 192 -35.92 -35.94 2.49
N VAL B 193 -35.48 -34.77 2.94
CA VAL B 193 -34.69 -33.90 2.05
C VAL B 193 -33.30 -33.84 2.67
N PHE B 194 -32.24 -33.96 1.87
CA PHE B 194 -30.88 -33.92 2.42
C PHE B 194 -30.16 -32.69 1.88
N LYS B 195 -29.56 -31.87 2.74
CA LYS B 195 -28.89 -30.67 2.22
C LYS B 195 -27.42 -30.55 2.59
N ASN B 196 -26.52 -30.92 1.68
CA ASN B 196 -25.09 -30.79 1.99
C ASN B 196 -24.63 -29.39 1.70
N ILE B 197 -24.98 -28.48 2.61
CA ILE B 197 -24.66 -27.12 2.43
C ILE B 197 -23.56 -26.92 3.43
N ASP B 198 -22.30 -26.74 2.98
CA ASP B 198 -21.13 -26.35 3.78
C ASP B 198 -20.86 -27.07 5.08
N GLY B 199 -20.80 -28.37 5.02
CA GLY B 199 -20.34 -29.08 6.14
C GLY B 199 -21.47 -29.44 6.99
N TYR B 200 -22.69 -29.00 6.67
CA TYR B 200 -23.77 -29.34 7.50
C TYR B 200 -24.51 -30.12 6.52
N PHE B 201 -25.00 -31.26 6.93
CA PHE B 201 -25.87 -32.09 6.13
C PHE B 201 -27.22 -31.86 6.73
N LYS B 202 -28.20 -31.26 6.02
CA LYS B 202 -29.42 -30.90 6.65
C LYS B 202 -30.36 -31.87 6.13
N ILE B 203 -31.31 -32.29 6.95
CA ILE B 203 -32.18 -33.35 6.64
C ILE B 203 -33.46 -32.88 7.12
N TYR B 204 -34.48 -32.78 6.24
CA TYR B 204 -35.81 -32.39 6.58
C TYR B 204 -36.60 -33.55 6.40
N SER B 205 -37.71 -33.73 7.11
CA SER B 205 -38.40 -34.96 6.92
C SER B 205 -39.75 -34.70 7.38
N LYS B 206 -40.72 -35.47 6.94
CA LYS B 206 -42.08 -35.32 7.36
C LYS B 206 -42.67 -36.65 7.15
N HIS B 207 -43.68 -37.07 7.91
CA HIS B 207 -44.32 -38.37 7.79
C HIS B 207 -45.80 -38.23 7.67
N THR B 208 -46.37 -38.48 6.47
CA THR B 208 -47.78 -38.39 6.20
C THR B 208 -48.31 -39.78 5.99
N PRO B 209 -49.50 -40.15 6.46
CA PRO B 209 -50.18 -41.41 6.13
C PRO B 209 -51.15 -41.43 4.95
N ILE B 210 -50.97 -42.40 4.04
CA ILE B 210 -51.76 -42.70 2.88
C ILE B 210 -52.41 -44.03 3.05
N ASN B 211 -53.26 -44.39 2.06
CA ASN B 211 -54.09 -45.57 2.05
C ASN B 211 -53.80 -46.35 0.81
N LEU B 212 -54.05 -45.73 -0.34
CA LEU B 212 -53.55 -46.06 -1.63
C LEU B 212 -52.07 -46.06 -1.58
N VAL B 213 -51.38 -47.05 -2.25
CA VAL B 213 -49.94 -46.99 -2.37
C VAL B 213 -49.36 -46.76 -3.79
N ARG B 214 -49.97 -47.32 -4.88
CA ARG B 214 -49.33 -47.46 -6.20
C ARG B 214 -49.09 -46.29 -7.14
N ASP B 215 -48.76 -45.07 -6.63
CA ASP B 215 -48.45 -43.90 -7.43
C ASP B 215 -48.47 -42.73 -6.50
N LEU B 216 -47.54 -41.77 -6.69
CA LEU B 216 -47.28 -40.71 -5.73
C LEU B 216 -48.47 -39.82 -5.44
N PRO B 217 -48.74 -39.38 -4.19
CA PRO B 217 -49.85 -38.53 -3.77
C PRO B 217 -49.94 -37.17 -4.36
N GLN B 218 -51.02 -36.44 -4.02
CA GLN B 218 -51.41 -35.18 -4.57
C GLN B 218 -51.91 -34.45 -3.38
N GLY B 219 -51.32 -33.32 -3.01
CA GLY B 219 -51.76 -32.58 -1.86
C GLY B 219 -50.58 -31.79 -1.47
N PHE B 220 -50.67 -30.90 -0.45
CA PHE B 220 -49.55 -30.06 -0.09
C PHE B 220 -49.24 -30.27 1.35
N SER B 221 -47.99 -30.57 1.72
CA SER B 221 -47.57 -30.66 3.08
C SER B 221 -46.15 -30.26 3.11
N ALA B 222 -45.69 -29.65 4.22
CA ALA B 222 -44.39 -29.06 4.31
C ALA B 222 -43.59 -29.79 5.29
N LEU B 223 -42.27 -29.83 5.14
CA LEU B 223 -41.40 -30.71 5.86
C LEU B 223 -40.62 -29.95 6.80
N GLU B 224 -40.56 -30.31 8.08
CA GLU B 224 -39.90 -29.59 9.15
C GLU B 224 -38.49 -30.03 9.31
N PRO B 225 -37.51 -29.27 9.69
CA PRO B 225 -36.13 -29.66 9.77
C PRO B 225 -35.87 -30.62 10.87
N LEU B 226 -35.15 -31.73 10.62
CA LEU B 226 -34.95 -32.80 11.55
C LEU B 226 -33.71 -32.76 12.31
N VAL B 227 -32.58 -32.82 11.61
CA VAL B 227 -31.26 -32.96 12.18
C VAL B 227 -30.41 -32.05 11.42
N ASP B 228 -29.13 -32.19 11.69
CA ASP B 228 -28.11 -31.40 11.14
C ASP B 228 -26.88 -32.04 11.74
N LEU B 229 -25.88 -32.42 10.90
CA LEU B 229 -24.66 -32.95 11.45
C LEU B 229 -23.61 -32.05 10.91
N PRO B 230 -22.53 -31.69 11.60
CA PRO B 230 -21.40 -30.91 11.09
C PRO B 230 -20.33 -31.88 10.66
N ILE B 231 -19.89 -31.94 9.40
CA ILE B 231 -19.06 -33.02 8.98
C ILE B 231 -17.95 -32.58 8.08
N GLY B 232 -18.24 -31.79 7.05
CA GLY B 232 -17.27 -31.47 6.03
C GLY B 232 -17.23 -32.55 5.00
N ILE B 233 -18.11 -33.56 5.12
CA ILE B 233 -18.21 -34.68 4.21
C ILE B 233 -18.68 -34.17 2.90
N ASN B 234 -18.39 -34.91 1.84
CA ASN B 234 -18.79 -34.52 0.50
C ASN B 234 -19.52 -35.66 -0.19
N ILE B 235 -20.75 -35.40 -0.60
CA ILE B 235 -21.55 -36.42 -1.27
C ILE B 235 -21.69 -36.15 -2.77
N THR B 236 -21.83 -37.22 -3.54
CA THR B 236 -21.99 -37.13 -4.99
C THR B 236 -22.61 -38.43 -5.48
N ARG B 237 -23.45 -38.98 -4.62
CA ARG B 237 -24.19 -40.21 -4.85
C ARG B 237 -24.50 -40.82 -3.48
N PHE B 238 -25.32 -41.86 -3.47
CA PHE B 238 -25.71 -42.60 -2.27
C PHE B 238 -26.17 -43.92 -2.89
N GLN B 239 -27.47 -44.15 -2.79
CA GLN B 239 -28.15 -45.34 -3.23
C GLN B 239 -29.08 -45.55 -2.04
N THR B 240 -29.80 -46.66 -1.99
CA THR B 240 -30.69 -46.86 -0.83
C THR B 240 -30.41 -48.25 -0.25
N LEU B 241 -30.85 -48.53 0.98
CA LEU B 241 -30.51 -49.80 1.51
C LEU B 241 -31.84 -50.30 1.88
N LEU B 242 -32.32 -51.31 1.14
CA LEU B 242 -33.62 -51.86 1.35
C LEU B 242 -33.42 -52.89 2.34
N ALA B 243 -34.46 -53.60 2.77
CA ALA B 243 -34.35 -54.62 3.77
C ALA B 243 -35.26 -55.70 3.39
N LEU B 244 -35.03 -56.29 2.21
CA LEU B 244 -35.71 -57.44 1.62
C LEU B 244 -35.49 -58.65 2.50
N HIS B 245 -36.40 -59.62 2.44
CA HIS B 245 -36.28 -60.81 3.28
C HIS B 245 -35.21 -61.76 2.75
N ARG B 246 -35.27 -63.01 3.18
CA ARG B 246 -34.30 -64.02 2.76
C ARG B 246 -34.90 -65.42 2.81
N SER B 247 -34.73 -66.17 1.73
CA SER B 247 -35.24 -67.53 1.64
C SER B 247 -34.69 -68.25 0.41
N ALA B 264 -42.36 -48.78 -2.59
CA ALA B 264 -41.91 -48.06 -3.80
C ALA B 264 -41.27 -46.83 -3.40
N TYR B 265 -40.21 -46.37 -4.08
CA TYR B 265 -39.53 -45.10 -3.72
C TYR B 265 -39.14 -44.16 -4.89
N TYR B 266 -39.65 -42.92 -4.84
CA TYR B 266 -39.41 -41.89 -5.85
C TYR B 266 -38.46 -40.81 -5.27
N VAL B 267 -37.39 -40.49 -6.02
CA VAL B 267 -36.36 -39.50 -5.66
C VAL B 267 -36.58 -38.14 -6.37
N GLY B 268 -36.67 -37.06 -5.59
CA GLY B 268 -36.88 -35.69 -6.06
C GLY B 268 -35.58 -34.87 -6.17
N TYR B 269 -35.32 -34.28 -7.34
CA TYR B 269 -34.11 -33.46 -7.58
C TYR B 269 -34.45 -31.94 -7.54
N LEU B 270 -33.67 -31.18 -6.77
CA LEU B 270 -33.86 -29.72 -6.60
C LEU B 270 -32.85 -28.75 -7.25
N GLN B 271 -33.39 -27.60 -7.69
CA GLN B 271 -32.76 -26.52 -8.39
C GLN B 271 -33.04 -25.25 -7.69
N PRO B 272 -32.37 -24.17 -7.92
CA PRO B 272 -32.62 -22.94 -7.19
C PRO B 272 -33.70 -22.00 -7.73
N ARG B 273 -34.97 -22.22 -7.45
CA ARG B 273 -35.93 -21.35 -8.09
C ARG B 273 -36.34 -20.13 -7.29
N THR B 274 -37.58 -20.11 -6.84
CA THR B 274 -38.09 -19.00 -6.08
C THR B 274 -39.52 -19.35 -5.86
N PHE B 275 -39.75 -19.93 -4.71
CA PHE B 275 -41.06 -20.33 -4.30
C PHE B 275 -41.45 -19.38 -3.21
N LEU B 276 -42.69 -18.96 -3.32
CA LEU B 276 -43.26 -18.07 -2.36
C LEU B 276 -44.19 -18.82 -1.46
N LEU B 277 -43.96 -18.60 -0.17
CA LEU B 277 -44.71 -19.29 0.86
C LEU B 277 -45.74 -18.55 1.63
N LYS B 278 -46.79 -19.29 1.94
CA LYS B 278 -47.86 -18.69 2.69
C LYS B 278 -47.91 -19.17 4.07
N TYR B 279 -47.70 -18.27 5.02
CA TYR B 279 -47.73 -18.64 6.43
C TYR B 279 -49.12 -18.40 7.02
N ASN B 280 -49.82 -19.50 7.31
CA ASN B 280 -51.15 -19.42 7.88
C ASN B 280 -51.19 -18.59 9.16
N GLU B 281 -52.36 -18.51 9.78
CA GLU B 281 -52.53 -17.76 11.02
C GLU B 281 -51.95 -18.50 12.21
N ASN B 282 -50.86 -19.23 11.98
CA ASN B 282 -50.20 -20.00 13.03
C ASN B 282 -48.73 -20.24 12.73
N GLY B 283 -48.11 -19.32 12.00
CA GLY B 283 -46.71 -19.44 11.64
C GLY B 283 -46.41 -20.73 10.91
N THR B 284 -47.46 -21.51 10.62
CA THR B 284 -47.30 -22.78 9.93
C THR B 284 -47.50 -22.60 8.42
N ILE B 285 -46.41 -22.61 7.67
CA ILE B 285 -46.46 -22.46 6.23
C ILE B 285 -47.65 -23.24 5.71
N THR B 286 -48.08 -22.97 4.48
CA THR B 286 -49.20 -23.67 3.98
C THR B 286 -49.26 -23.66 2.48
N ASP B 287 -48.50 -22.82 1.75
CA ASP B 287 -48.55 -22.77 0.31
C ASP B 287 -47.34 -22.12 -0.18
N ALA B 288 -47.01 -22.30 -1.45
CA ALA B 288 -45.87 -21.73 -2.06
C ALA B 288 -46.20 -21.50 -3.48
N VAL B 289 -45.44 -20.65 -4.21
CA VAL B 289 -45.56 -20.34 -5.62
C VAL B 289 -44.19 -20.51 -6.13
N ASP B 290 -43.93 -21.35 -7.12
CA ASP B 290 -42.66 -21.47 -7.79
C ASP B 290 -42.57 -20.42 -8.82
N CYS B 291 -41.68 -19.41 -8.76
CA CYS B 291 -41.84 -18.31 -9.65
C CYS B 291 -41.57 -18.59 -11.07
N ALA B 292 -40.55 -19.35 -11.42
CA ALA B 292 -40.23 -19.57 -12.79
C ALA B 292 -40.96 -20.69 -13.42
N LEU B 293 -42.05 -21.12 -12.80
CA LEU B 293 -42.86 -22.20 -13.33
C LEU B 293 -43.53 -21.77 -14.64
N ASP B 294 -44.41 -20.78 -14.56
CA ASP B 294 -45.12 -20.26 -15.72
C ASP B 294 -45.32 -18.74 -15.65
N PRO B 295 -45.93 -18.15 -16.76
CA PRO B 295 -46.07 -16.68 -16.65
C PRO B 295 -46.99 -16.21 -15.53
N LEU B 296 -48.04 -16.95 -15.22
CA LEU B 296 -48.94 -16.55 -14.15
C LEU B 296 -48.20 -16.57 -12.82
N SER B 297 -47.42 -17.62 -12.58
CA SER B 297 -46.65 -17.74 -11.36
C SER B 297 -45.67 -16.59 -11.27
N GLU B 298 -45.11 -16.22 -12.41
CA GLU B 298 -44.15 -15.12 -12.46
C GLU B 298 -44.85 -13.83 -12.04
N THR B 299 -46.01 -13.57 -12.61
CA THR B 299 -46.77 -12.38 -12.29
C THR B 299 -47.02 -12.37 -10.80
N LYS B 300 -47.38 -13.52 -10.26
CA LYS B 300 -47.63 -13.65 -8.84
C LYS B 300 -46.39 -13.28 -8.06
N CYS B 301 -45.22 -13.37 -8.69
CA CYS B 301 -44.01 -13.02 -7.97
C CYS B 301 -43.71 -11.53 -8.11
N THR B 302 -44.16 -10.91 -9.20
CA THR B 302 -43.95 -9.48 -9.36
C THR B 302 -44.88 -8.68 -8.46
N LEU B 303 -46.11 -9.12 -8.32
CA LEU B 303 -47.08 -8.43 -7.49
C LEU B 303 -47.05 -8.87 -6.04
N LYS B 304 -46.27 -9.91 -5.73
CA LYS B 304 -46.15 -10.44 -4.38
C LYS B 304 -47.49 -10.82 -3.79
N SER B 305 -48.24 -11.63 -4.53
CA SER B 305 -49.55 -12.05 -4.10
C SER B 305 -49.93 -13.30 -4.86
N PHE B 306 -50.81 -14.10 -4.26
CA PHE B 306 -51.28 -15.32 -4.89
C PHE B 306 -52.49 -15.09 -5.79
N THR B 307 -53.19 -13.98 -5.63
CA THR B 307 -54.32 -13.64 -6.48
C THR B 307 -53.99 -12.42 -7.31
N VAL B 308 -54.39 -12.46 -8.58
CA VAL B 308 -54.17 -11.36 -9.50
C VAL B 308 -55.53 -10.89 -10.01
N GLU B 309 -55.66 -9.59 -10.18
CA GLU B 309 -56.86 -8.98 -10.74
C GLU B 309 -56.74 -8.81 -12.24
N LYS B 310 -57.86 -8.48 -12.87
CA LYS B 310 -57.86 -8.11 -14.28
C LYS B 310 -56.91 -6.95 -14.51
N GLY B 311 -56.13 -7.04 -15.57
CA GLY B 311 -55.16 -6.01 -15.86
C GLY B 311 -54.09 -6.51 -16.80
N ILE B 312 -53.07 -5.67 -16.97
CA ILE B 312 -51.89 -6.00 -17.75
C ILE B 312 -50.69 -5.53 -16.95
N TYR B 313 -49.73 -6.43 -16.75
CA TYR B 313 -48.66 -6.21 -15.79
C TYR B 313 -47.33 -6.44 -16.47
N GLN B 314 -46.41 -5.51 -16.32
CA GLN B 314 -45.08 -5.70 -16.86
C GLN B 314 -44.26 -6.55 -15.90
N THR B 315 -43.68 -7.62 -16.42
CA THR B 315 -43.06 -8.62 -15.56
C THR B 315 -41.57 -8.81 -15.80
N SER B 316 -41.08 -8.57 -17.01
CA SER B 316 -39.65 -8.83 -17.24
C SER B 316 -39.22 -8.15 -18.53
N ASN B 317 -37.99 -8.38 -18.93
CA ASN B 317 -37.48 -7.95 -20.21
C ASN B 317 -37.20 -9.17 -21.05
N PHE B 318 -36.74 -8.94 -22.27
CA PHE B 318 -36.42 -10.01 -23.18
C PHE B 318 -35.23 -9.61 -24.02
N ARG B 319 -34.03 -9.76 -23.47
CA ARG B 319 -32.82 -9.40 -24.18
C ARG B 319 -32.35 -10.56 -25.04
N VAL B 320 -32.42 -10.39 -26.36
CA VAL B 320 -31.97 -11.45 -27.26
C VAL B 320 -30.52 -11.73 -26.92
N GLN B 321 -30.04 -12.91 -27.32
CA GLN B 321 -28.66 -13.29 -27.04
C GLN B 321 -27.81 -13.32 -28.30
N PRO B 322 -26.53 -12.76 -28.17
CA PRO B 322 -25.74 -12.81 -29.41
C PRO B 322 -24.97 -14.11 -29.55
N THR B 323 -24.38 -14.32 -30.72
CA THR B 323 -23.60 -15.52 -30.99
C THR B 323 -22.68 -15.29 -32.18
N GLU B 324 -22.07 -16.36 -32.67
CA GLU B 324 -21.16 -16.26 -33.81
C GLU B 324 -20.21 -15.09 -33.65
N SER B 325 -19.80 -14.83 -32.41
CA SER B 325 -18.89 -13.73 -32.12
C SER B 325 -17.77 -13.62 -33.15
N ILE B 326 -18.06 -12.98 -34.27
CA ILE B 326 -17.08 -12.81 -35.34
C ILE B 326 -16.10 -11.68 -35.02
N VAL B 327 -14.96 -11.70 -35.69
CA VAL B 327 -13.92 -10.69 -35.52
C VAL B 327 -13.17 -10.51 -36.82
N ARG B 328 -13.31 -9.34 -37.44
CA ARG B 328 -12.66 -9.08 -38.72
C ARG B 328 -11.42 -8.19 -38.59
N PHE B 329 -10.79 -7.92 -39.72
CA PHE B 329 -9.59 -7.08 -39.75
C PHE B 329 -9.20 -6.72 -41.17
N PRO B 330 -8.04 -6.10 -41.35
CA PRO B 330 -7.57 -5.70 -42.68
C PRO B 330 -6.63 -6.72 -43.32
N ASN B 331 -6.64 -6.80 -44.64
CA ASN B 331 -5.77 -7.75 -45.35
C ASN B 331 -4.37 -7.81 -44.73
N ILE B 332 -3.73 -8.96 -44.85
CA ILE B 332 -2.39 -9.16 -44.30
C ILE B 332 -1.32 -8.72 -45.30
N THR B 333 -0.82 -7.50 -45.13
CA THR B 333 0.20 -6.96 -46.01
C THR B 333 1.59 -7.10 -45.39
N ASN B 334 2.01 -6.08 -44.66
CA ASN B 334 3.32 -6.09 -44.01
C ASN B 334 3.39 -7.07 -42.86
N LEU B 335 4.60 -7.44 -42.47
CA LEU B 335 4.81 -8.38 -41.38
C LEU B 335 6.28 -8.75 -41.24
N CYS B 336 7.12 -8.16 -42.08
CA CYS B 336 8.55 -8.43 -42.05
C CYS B 336 8.85 -9.87 -42.47
N PRO B 337 9.78 -10.05 -43.40
CA PRO B 337 10.13 -11.39 -43.86
C PRO B 337 11.35 -11.96 -43.13
N PHE B 338 11.11 -12.77 -42.10
CA PHE B 338 12.21 -13.36 -41.36
C PHE B 338 12.97 -14.40 -42.17
N GLY B 339 12.56 -14.65 -43.40
CA GLY B 339 13.27 -15.46 -44.36
C GLY B 339 14.43 -14.76 -45.04
N GLU B 340 14.98 -13.71 -44.42
CA GLU B 340 16.26 -13.15 -44.83
C GLU B 340 17.33 -13.33 -43.77
N VAL B 341 16.96 -13.22 -42.49
CA VAL B 341 17.93 -13.41 -41.41
C VAL B 341 18.00 -14.87 -41.03
N PHE B 342 16.87 -15.57 -41.10
CA PHE B 342 16.85 -17.01 -40.85
C PHE B 342 17.02 -17.82 -42.12
N ASN B 343 17.24 -17.16 -43.26
CA ASN B 343 17.42 -17.84 -44.53
C ASN B 343 18.52 -17.22 -45.38
N ALA B 344 19.64 -16.86 -44.75
CA ALA B 344 20.74 -16.25 -45.48
C ALA B 344 21.66 -17.32 -46.07
N THR B 345 22.34 -16.96 -47.15
CA THR B 345 23.28 -17.87 -47.78
C THR B 345 24.64 -17.83 -47.11
N ARG B 346 25.00 -16.73 -46.45
CA ARG B 346 26.27 -16.59 -45.78
C ARG B 346 26.07 -15.77 -44.52
N PHE B 347 26.34 -16.39 -43.37
CA PHE B 347 26.18 -15.72 -42.08
C PHE B 347 27.32 -14.73 -41.83
N ALA B 348 27.42 -14.26 -40.59
CA ALA B 348 28.46 -13.30 -40.22
C ALA B 348 29.37 -13.88 -39.14
N SER B 349 30.61 -13.43 -39.13
CA SER B 349 31.59 -13.89 -38.14
C SER B 349 31.04 -13.74 -36.72
N VAL B 350 31.80 -14.25 -35.76
CA VAL B 350 31.40 -14.19 -34.36
C VAL B 350 31.97 -12.94 -33.67
N TYR B 351 33.08 -12.44 -34.22
CA TYR B 351 33.72 -11.25 -33.67
C TYR B 351 33.22 -9.97 -34.29
N ALA B 352 32.56 -10.03 -35.43
CA ALA B 352 31.83 -8.90 -35.98
C ALA B 352 30.45 -9.39 -36.36
N TRP B 353 29.57 -9.51 -35.37
CA TRP B 353 28.25 -10.05 -35.60
C TRP B 353 27.46 -9.06 -36.42
N ASN B 354 26.34 -9.52 -36.97
CA ASN B 354 25.57 -8.52 -37.68
C ASN B 354 24.57 -7.88 -36.74
N ARG B 355 23.81 -6.92 -37.24
CA ARG B 355 22.80 -6.27 -36.41
C ARG B 355 21.72 -5.72 -37.31
N LYS B 356 20.60 -6.44 -37.41
CA LYS B 356 19.47 -6.00 -38.21
C LYS B 356 18.44 -5.42 -37.24
N ARG B 357 17.87 -4.27 -37.58
CA ARG B 357 16.91 -3.64 -36.69
C ARG B 357 15.53 -3.82 -37.27
N ILE B 358 14.91 -4.94 -36.96
CA ILE B 358 13.53 -5.15 -37.37
C ILE B 358 12.69 -4.01 -36.82
N SER B 359 11.68 -3.61 -37.58
CA SER B 359 10.93 -2.39 -37.27
C SER B 359 9.45 -2.68 -37.50
N ASN B 360 8.66 -1.61 -37.57
CA ASN B 360 7.19 -1.71 -37.69
C ASN B 360 6.77 -2.72 -38.74
N CYS B 361 6.04 -3.74 -38.29
CA CYS B 361 5.55 -4.79 -39.16
C CYS B 361 4.59 -5.71 -38.40
N VAL B 362 4.47 -6.94 -38.87
CA VAL B 362 3.58 -7.93 -38.25
C VAL B 362 4.49 -9.15 -38.03
N ALA B 363 4.94 -9.35 -36.80
CA ALA B 363 5.85 -10.43 -36.49
C ALA B 363 5.08 -11.64 -35.98
N ASP B 364 5.39 -12.80 -36.55
CA ASP B 364 4.71 -14.05 -36.20
C ASP B 364 5.74 -15.03 -35.64
N TYR B 365 6.00 -14.93 -34.34
CA TYR B 365 6.96 -15.80 -33.72
C TYR B 365 6.47 -17.23 -33.61
N SER B 366 5.27 -17.54 -34.10
CA SER B 366 4.83 -18.92 -34.06
C SER B 366 5.51 -19.76 -35.14
N VAL B 367 5.65 -19.21 -36.34
CA VAL B 367 6.37 -19.92 -37.40
C VAL B 367 7.79 -20.21 -36.96
N LEU B 368 8.35 -19.38 -36.10
CA LEU B 368 9.63 -19.69 -35.50
C LEU B 368 9.47 -20.78 -34.46
N TYR B 369 8.61 -20.55 -33.48
CA TYR B 369 8.57 -21.39 -32.29
C TYR B 369 8.29 -22.84 -32.61
N ASN B 370 7.46 -23.10 -33.61
CA ASN B 370 7.05 -24.47 -33.89
C ASN B 370 7.78 -25.09 -35.06
N SER B 371 8.83 -24.44 -35.56
CA SER B 371 9.44 -24.94 -36.79
C SER B 371 10.22 -26.22 -36.55
N ALA B 372 10.53 -26.56 -35.31
CA ALA B 372 11.14 -27.83 -34.96
C ALA B 372 12.48 -28.05 -35.63
N SER B 373 12.95 -27.09 -36.40
CA SER B 373 14.26 -27.16 -37.04
C SER B 373 15.34 -26.56 -36.17
N PHE B 374 14.98 -25.92 -35.07
CA PHE B 374 15.91 -25.23 -34.21
C PHE B 374 16.35 -26.17 -33.11
N SER B 375 17.65 -26.27 -32.91
CA SER B 375 18.15 -27.09 -31.83
C SER B 375 18.10 -26.38 -30.48
N THR B 376 17.97 -25.07 -30.46
CA THR B 376 17.93 -24.35 -29.20
C THR B 376 17.01 -23.16 -29.36
N PHE B 377 15.99 -23.05 -28.53
CA PHE B 377 15.09 -21.90 -28.56
C PHE B 377 14.78 -21.51 -27.14
N LYS B 378 15.59 -20.65 -26.55
CA LYS B 378 15.36 -20.23 -25.17
C LYS B 378 14.83 -18.82 -25.16
N CYS B 379 13.84 -18.56 -24.32
CA CYS B 379 13.34 -17.21 -24.15
C CYS B 379 13.51 -16.81 -22.70
N TYR B 380 13.97 -15.58 -22.47
CA TYR B 380 14.36 -15.17 -21.14
C TYR B 380 13.44 -14.16 -20.51
N GLY B 381 13.26 -13.00 -21.13
CA GLY B 381 12.39 -12.04 -20.54
C GLY B 381 10.95 -12.51 -20.55
N VAL B 382 10.62 -13.37 -21.50
CA VAL B 382 9.22 -13.69 -21.79
C VAL B 382 9.13 -15.08 -22.41
N SER B 383 8.28 -15.92 -21.84
CA SER B 383 8.10 -17.27 -22.36
C SER B 383 7.61 -17.23 -23.80
N PRO B 384 7.91 -18.26 -24.60
CA PRO B 384 7.76 -18.12 -26.05
C PRO B 384 6.34 -18.00 -26.54
N THR B 385 5.37 -18.69 -25.93
CA THR B 385 4.04 -18.72 -26.52
C THR B 385 3.32 -17.39 -26.43
N LYS B 386 3.75 -16.50 -25.54
CA LYS B 386 3.12 -15.19 -25.37
C LYS B 386 3.78 -14.11 -26.19
N LEU B 387 4.60 -14.48 -27.17
CA LEU B 387 5.23 -13.46 -28.01
C LEU B 387 4.24 -12.91 -29.02
N ASN B 388 3.39 -13.77 -29.56
CA ASN B 388 2.40 -13.36 -30.56
C ASN B 388 1.19 -12.70 -29.92
N ASP B 389 1.41 -12.02 -28.80
CA ASP B 389 0.33 -11.34 -28.08
C ASP B 389 0.84 -10.09 -27.38
N LEU B 390 2.05 -9.67 -27.73
CA LEU B 390 2.65 -8.48 -27.12
C LEU B 390 3.19 -7.54 -28.20
N CYS B 391 3.44 -6.29 -27.81
CA CYS B 391 3.96 -5.30 -28.73
C CYS B 391 5.09 -4.49 -28.09
N PHE B 392 6.15 -4.24 -28.86
CA PHE B 392 7.29 -3.48 -28.37
C PHE B 392 7.58 -2.29 -29.27
N THR B 393 8.76 -1.68 -29.08
CA THR B 393 9.16 -0.53 -29.88
C THR B 393 10.12 -0.93 -30.99
N ASN B 394 11.07 -1.80 -30.66
CA ASN B 394 12.05 -2.26 -31.63
C ASN B 394 12.40 -3.71 -31.31
N VAL B 395 12.71 -4.47 -32.35
CA VAL B 395 13.29 -5.79 -32.22
C VAL B 395 14.61 -5.73 -32.93
N TYR B 396 15.65 -6.18 -32.29
CA TYR B 396 16.92 -6.29 -32.98
C TYR B 396 17.21 -7.75 -33.19
N ALA B 397 17.89 -8.07 -34.27
CA ALA B 397 18.29 -9.45 -34.53
C ALA B 397 19.76 -9.48 -34.83
N ASP B 398 20.53 -10.19 -34.01
CA ASP B 398 21.95 -10.33 -34.22
C ASP B 398 22.25 -11.73 -34.73
N SER B 399 23.22 -11.84 -35.63
CA SER B 399 23.48 -13.10 -36.32
C SER B 399 24.95 -13.41 -36.31
N PHE B 400 25.30 -14.68 -36.08
CA PHE B 400 26.70 -15.08 -36.21
C PHE B 400 26.79 -16.60 -36.20
N VAL B 401 28.04 -17.11 -36.19
CA VAL B 401 28.34 -18.53 -36.30
C VAL B 401 29.39 -18.89 -35.27
N ILE B 402 29.14 -19.93 -34.48
CA ILE B 402 30.08 -20.36 -33.45
C ILE B 402 30.22 -21.87 -33.50
N ARG B 403 30.99 -22.39 -32.56
CA ARG B 403 31.11 -23.83 -32.40
C ARG B 403 29.82 -24.41 -31.87
N GLY B 404 29.79 -25.73 -31.74
CA GLY B 404 28.59 -26.36 -31.24
C GLY B 404 28.44 -26.23 -29.75
N ASP B 405 29.53 -26.30 -29.01
CA ASP B 405 29.43 -26.29 -27.57
C ASP B 405 29.70 -24.93 -26.96
N GLU B 406 29.72 -23.88 -27.77
CA GLU B 406 29.74 -22.53 -27.25
C GLU B 406 28.39 -21.88 -27.31
N VAL B 407 27.33 -22.64 -27.57
CA VAL B 407 26.01 -22.03 -27.54
C VAL B 407 25.53 -21.83 -26.13
N ARG B 408 26.25 -22.36 -25.15
CA ARG B 408 25.84 -22.14 -23.77
C ARG B 408 26.45 -20.89 -23.19
N GLN B 409 27.27 -20.17 -23.93
CA GLN B 409 27.73 -18.88 -23.46
C GLN B 409 26.91 -17.73 -24.01
N ILE B 410 25.95 -18.01 -24.87
CA ILE B 410 25.02 -16.97 -25.35
C ILE B 410 23.83 -17.02 -24.41
N ALA B 411 23.97 -16.35 -23.29
CA ALA B 411 22.97 -16.36 -22.25
C ALA B 411 23.35 -15.28 -21.26
N PRO B 412 22.42 -14.72 -20.48
CA PRO B 412 22.79 -13.63 -19.57
C PRO B 412 23.60 -14.18 -18.41
N GLY B 413 24.74 -13.56 -18.15
CA GLY B 413 25.60 -14.00 -17.08
C GLY B 413 26.38 -15.26 -17.34
N GLN B 414 27.28 -15.25 -18.32
CA GLN B 414 28.21 -16.34 -18.57
C GLN B 414 29.61 -15.79 -18.75
N THR B 415 30.57 -16.70 -18.85
CA THR B 415 31.95 -16.35 -19.09
C THR B 415 32.56 -17.35 -20.06
N GLY B 416 33.70 -16.98 -20.62
CA GLY B 416 34.31 -17.74 -21.69
C GLY B 416 34.73 -16.85 -22.83
N LYS B 417 35.54 -17.41 -23.71
CA LYS B 417 36.17 -16.61 -24.75
C LYS B 417 35.14 -15.94 -25.64
N ILE B 418 33.95 -16.51 -25.74
CA ILE B 418 32.93 -15.89 -26.58
C ILE B 418 32.22 -14.78 -25.84
N ALA B 419 31.71 -15.08 -24.65
CA ALA B 419 30.94 -14.07 -23.94
C ALA B 419 31.84 -13.00 -23.33
N ASP B 420 33.10 -13.33 -23.09
CA ASP B 420 33.99 -12.31 -22.53
C ASP B 420 34.27 -11.23 -23.55
N TYR B 421 34.95 -11.57 -24.63
CA TYR B 421 35.16 -10.61 -25.68
C TYR B 421 34.88 -11.22 -27.04
N ASN B 422 33.61 -11.49 -27.35
CA ASN B 422 33.13 -11.48 -28.72
C ASN B 422 31.74 -10.90 -28.78
N TYR B 423 30.88 -11.30 -27.85
CA TYR B 423 29.47 -10.94 -27.86
C TYR B 423 28.91 -11.12 -26.47
N LYS B 424 28.57 -10.02 -25.80
CA LYS B 424 28.12 -10.05 -24.43
C LYS B 424 26.68 -9.60 -24.36
N LEU B 425 25.84 -10.36 -23.67
CA LEU B 425 24.42 -10.19 -23.41
C LEU B 425 24.20 -9.53 -22.06
N PRO B 426 23.39 -8.48 -21.94
CA PRO B 426 23.24 -7.82 -20.65
C PRO B 426 22.63 -8.76 -19.64
N ASP B 427 22.63 -8.33 -18.39
CA ASP B 427 22.22 -9.22 -17.32
C ASP B 427 20.72 -9.22 -17.08
N ASP B 428 19.97 -8.32 -17.70
CA ASP B 428 18.52 -8.34 -17.68
C ASP B 428 17.95 -8.49 -19.08
N PHE B 429 18.49 -9.42 -19.84
CA PHE B 429 18.09 -9.63 -21.22
C PHE B 429 16.59 -9.83 -21.29
N THR B 430 16.02 -9.54 -22.45
CA THR B 430 14.59 -9.69 -22.63
C THR B 430 14.18 -10.60 -23.77
N GLY B 431 15.01 -10.80 -24.76
CA GLY B 431 14.58 -11.46 -25.97
C GLY B 431 14.64 -12.97 -25.90
N CYS B 432 14.97 -13.58 -27.03
CA CYS B 432 15.14 -15.01 -27.12
C CYS B 432 16.36 -15.34 -27.95
N VAL B 433 16.91 -16.52 -27.74
CA VAL B 433 18.12 -16.99 -28.40
C VAL B 433 17.76 -18.23 -29.17
N ILE B 434 18.09 -18.26 -30.45
CA ILE B 434 17.77 -19.38 -31.33
C ILE B 434 19.03 -19.88 -31.99
N ALA B 435 19.15 -21.19 -32.13
CA ALA B 435 20.38 -21.74 -32.65
C ALA B 435 20.12 -23.06 -33.34
N TRP B 436 20.78 -23.29 -34.47
CA TRP B 436 20.61 -24.56 -35.16
C TRP B 436 21.90 -24.98 -35.84
N ASN B 437 22.07 -26.28 -35.98
CA ASN B 437 23.29 -26.82 -36.56
C ASN B 437 23.33 -26.54 -38.05
N SER B 438 24.52 -26.26 -38.55
CA SER B 438 24.69 -25.95 -39.95
C SER B 438 25.93 -26.60 -40.50
N ASN B 439 26.14 -27.88 -40.21
CA ASN B 439 27.39 -28.51 -40.62
C ASN B 439 27.54 -28.56 -42.13
N ASN B 440 26.45 -28.77 -42.86
CA ASN B 440 26.58 -29.00 -44.29
C ASN B 440 26.82 -27.72 -45.06
N LEU B 441 26.47 -26.57 -44.51
CA LEU B 441 26.61 -25.31 -45.21
C LEU B 441 27.95 -24.65 -44.97
N ASP B 442 28.48 -24.72 -43.75
CA ASP B 442 29.61 -23.89 -43.37
C ASP B 442 30.91 -24.64 -43.27
N SER B 443 30.88 -25.96 -43.21
CA SER B 443 32.10 -26.74 -43.07
C SER B 443 32.46 -27.35 -44.40
N LYS B 444 33.72 -27.22 -44.79
CA LYS B 444 34.14 -27.71 -46.09
C LYS B 444 35.43 -28.48 -45.95
N VAL B 445 35.56 -29.53 -46.76
CA VAL B 445 36.71 -30.42 -46.70
C VAL B 445 37.99 -29.60 -46.87
N GLY B 446 38.99 -29.93 -46.07
CA GLY B 446 40.20 -29.16 -46.03
C GLY B 446 40.17 -28.04 -45.02
N GLY B 447 39.01 -27.74 -44.47
CA GLY B 447 38.93 -26.74 -43.43
C GLY B 447 38.46 -25.40 -43.93
N ASN B 448 37.39 -24.89 -43.36
CA ASN B 448 36.87 -23.59 -43.72
C ASN B 448 37.48 -22.57 -42.77
N TYR B 449 38.52 -21.88 -43.23
CA TYR B 449 39.25 -20.94 -42.40
C TYR B 449 38.75 -19.51 -42.55
N ASN B 450 37.49 -19.32 -42.86
CA ASN B 450 36.96 -17.98 -43.01
C ASN B 450 36.13 -17.54 -41.83
N TYR B 451 36.02 -18.34 -40.78
CA TYR B 451 35.21 -18.03 -39.63
C TYR B 451 36.14 -17.82 -38.44
N LEU B 452 36.39 -16.58 -38.09
CA LEU B 452 37.34 -16.22 -37.07
C LEU B 452 36.64 -15.84 -35.78
N TYR B 453 37.42 -15.75 -34.71
CA TYR B 453 36.93 -15.24 -33.46
C TYR B 453 38.10 -14.57 -32.74
N ARG B 454 37.77 -13.67 -31.84
CA ARG B 454 38.78 -12.94 -31.08
C ARG B 454 39.08 -13.72 -29.81
N LEU B 455 40.36 -13.88 -29.51
CA LEU B 455 40.75 -14.65 -28.35
C LEU B 455 41.60 -13.88 -27.37
N PHE B 456 41.91 -12.62 -27.62
CA PHE B 456 42.63 -11.79 -26.67
C PHE B 456 42.03 -10.39 -26.67
N ARG B 457 41.74 -9.87 -25.48
CA ARG B 457 41.32 -8.47 -25.39
C ARG B 457 41.75 -7.92 -24.05
N LYS B 458 41.89 -6.59 -24.00
CA LYS B 458 42.27 -5.95 -22.75
C LYS B 458 41.22 -6.14 -21.67
N SER B 459 39.96 -5.98 -22.00
CA SER B 459 38.91 -6.00 -21.00
C SER B 459 37.63 -6.53 -21.61
N ASN B 460 36.85 -7.24 -20.81
CA ASN B 460 35.62 -7.83 -21.28
C ASN B 460 34.69 -6.76 -21.83
N LEU B 461 33.83 -7.18 -22.75
CA LEU B 461 32.98 -6.25 -23.46
C LEU B 461 31.86 -5.74 -22.57
N LYS B 462 31.43 -4.52 -22.83
CA LYS B 462 30.15 -4.10 -22.30
C LYS B 462 29.06 -4.81 -23.07
N PRO B 463 27.89 -4.98 -22.50
CA PRO B 463 26.82 -5.69 -23.22
C PRO B 463 26.49 -5.01 -24.53
N PHE B 464 26.41 -5.81 -25.59
CA PHE B 464 26.04 -5.35 -26.93
C PHE B 464 27.10 -4.43 -27.52
N GLU B 465 28.32 -4.52 -27.03
CA GLU B 465 29.42 -3.74 -27.57
C GLU B 465 30.15 -4.59 -28.60
N ARG B 466 30.80 -3.92 -29.54
CA ARG B 466 31.37 -4.58 -30.71
C ARG B 466 32.75 -4.01 -31.00
N ASP B 467 33.68 -4.88 -31.41
CA ASP B 467 35.10 -4.52 -31.50
C ASP B 467 35.73 -5.24 -32.68
N ILE B 468 35.93 -4.55 -33.78
CA ILE B 468 36.48 -5.14 -35.00
C ILE B 468 37.92 -4.72 -35.24
N SER B 469 38.59 -4.16 -34.24
CA SER B 469 39.96 -3.74 -34.45
C SER B 469 40.86 -4.95 -34.58
N THR B 470 42.08 -4.71 -35.05
CA THR B 470 43.02 -5.79 -35.33
C THR B 470 44.42 -5.40 -34.88
N GLU B 471 44.52 -4.78 -33.72
CA GLU B 471 45.81 -4.38 -33.20
C GLU B 471 46.51 -5.57 -32.58
N ILE B 472 47.84 -5.59 -32.68
CA ILE B 472 48.61 -6.66 -32.09
C ILE B 472 48.50 -6.61 -30.58
N TYR B 473 48.02 -7.69 -29.99
CA TYR B 473 47.86 -7.79 -28.55
C TYR B 473 49.20 -7.76 -27.83
N GLN B 474 49.45 -6.71 -27.07
CA GLN B 474 50.70 -6.57 -26.33
C GLN B 474 50.60 -7.21 -24.95
N ALA B 475 51.08 -8.45 -24.84
CA ALA B 475 51.05 -9.17 -23.58
C ALA B 475 52.17 -8.72 -22.65
N GLY B 476 53.38 -8.57 -23.21
CA GLY B 476 54.53 -8.15 -22.44
C GLY B 476 54.70 -6.64 -22.44
N SER B 477 55.35 -6.13 -21.41
CA SER B 477 55.59 -4.69 -21.29
C SER B 477 56.36 -4.16 -22.50
N THR B 478 57.15 -5.01 -23.12
CA THR B 478 57.94 -4.63 -24.28
C THR B 478 57.04 -4.18 -25.43
N PRO B 479 57.21 -2.87 -25.85
CA PRO B 479 56.33 -2.46 -26.95
C PRO B 479 56.43 -3.42 -28.14
N CYS B 480 55.28 -3.84 -28.66
CA CYS B 480 55.25 -4.76 -29.80
C CYS B 480 55.68 -4.06 -31.08
N ASN B 481 55.60 -2.74 -31.09
CA ASN B 481 55.98 -1.94 -32.25
C ASN B 481 55.13 -2.29 -33.48
N GLY B 482 54.23 -3.25 -33.32
CA GLY B 482 53.36 -3.67 -34.40
C GLY B 482 53.86 -4.93 -35.08
N VAL B 483 54.74 -5.64 -34.41
CA VAL B 483 55.30 -6.88 -34.96
C VAL B 483 55.03 -8.01 -33.97
N GLU B 484 54.90 -9.21 -34.51
CA GLU B 484 54.63 -10.38 -33.70
C GLU B 484 55.87 -10.79 -32.92
N GLY B 485 55.69 -11.80 -32.08
CA GLY B 485 56.78 -12.30 -31.27
C GLY B 485 56.24 -12.80 -29.95
N PHE B 486 57.15 -13.17 -29.05
CA PHE B 486 56.77 -13.65 -27.73
C PHE B 486 56.04 -12.53 -26.99
N ASN B 487 54.86 -12.86 -26.46
CA ASN B 487 54.03 -11.90 -25.73
C ASN B 487 53.57 -10.75 -26.63
N CYS B 488 53.56 -10.98 -27.94
CA CYS B 488 52.99 -10.04 -28.90
C CYS B 488 52.25 -10.89 -29.93
N TYR B 489 50.94 -11.01 -29.77
CA TYR B 489 50.14 -11.98 -30.50
C TYR B 489 49.10 -11.29 -31.37
N PHE B 490 48.91 -11.84 -32.54
CA PHE B 490 47.77 -11.47 -33.35
C PHE B 490 46.51 -11.89 -32.62
N PRO B 491 45.46 -11.05 -32.59
CA PRO B 491 44.35 -11.33 -31.69
C PRO B 491 43.22 -12.17 -32.28
N LEU B 492 43.30 -12.65 -33.51
CA LEU B 492 42.20 -13.37 -34.12
C LEU B 492 42.64 -14.77 -34.50
N GLN B 493 41.79 -15.74 -34.18
CA GLN B 493 42.02 -17.14 -34.51
C GLN B 493 40.89 -17.57 -35.45
N SER B 494 41.06 -18.70 -36.13
CA SER B 494 40.04 -19.17 -37.04
C SER B 494 39.66 -20.60 -36.73
N TYR B 495 38.37 -20.84 -36.58
CA TYR B 495 37.84 -22.20 -36.55
C TYR B 495 38.23 -22.85 -37.87
N GLY B 496 38.93 -23.96 -37.82
CA GLY B 496 39.04 -24.67 -39.08
C GLY B 496 37.99 -25.75 -39.11
N PHE B 497 36.83 -25.45 -39.69
CA PHE B 497 35.74 -26.38 -39.65
C PHE B 497 35.94 -27.45 -40.71
N GLN B 498 35.65 -28.68 -40.35
CA GLN B 498 35.78 -29.76 -41.30
C GLN B 498 34.60 -30.71 -41.14
N PRO B 499 34.13 -31.31 -42.23
CA PRO B 499 32.87 -32.05 -42.16
C PRO B 499 32.95 -33.29 -41.30
N THR B 500 34.13 -33.84 -41.08
CA THR B 500 34.27 -35.00 -40.21
C THR B 500 34.64 -34.59 -38.80
N ASN B 501 33.93 -33.64 -38.22
CA ASN B 501 34.14 -33.22 -36.84
C ASN B 501 33.02 -33.76 -35.97
N GLY B 502 33.39 -34.24 -34.80
CA GLY B 502 32.38 -34.64 -33.84
C GLY B 502 31.47 -33.48 -33.50
N VAL B 503 30.22 -33.80 -33.15
CA VAL B 503 29.30 -32.76 -32.74
C VAL B 503 29.90 -32.00 -31.57
N GLY B 504 29.56 -30.73 -31.45
CA GLY B 504 30.26 -29.90 -30.52
C GLY B 504 31.53 -29.32 -31.09
N TYR B 505 31.90 -29.71 -32.29
CA TYR B 505 32.89 -28.96 -33.05
C TYR B 505 32.38 -28.59 -34.43
N GLN B 506 31.14 -28.85 -34.73
CA GLN B 506 30.58 -28.45 -35.99
C GLN B 506 29.92 -27.08 -35.86
N PRO B 507 29.83 -26.35 -36.94
CA PRO B 507 29.37 -24.97 -36.83
C PRO B 507 27.89 -24.88 -36.55
N TYR B 508 27.53 -23.97 -35.66
CA TYR B 508 26.14 -23.71 -35.34
C TYR B 508 25.87 -22.27 -35.71
N ARG B 509 24.72 -22.00 -36.30
CA ARG B 509 24.34 -20.63 -36.58
C ARG B 509 23.40 -20.15 -35.51
N VAL B 510 23.59 -18.91 -35.07
CA VAL B 510 22.88 -18.35 -33.92
C VAL B 510 22.25 -17.03 -34.32
N VAL B 511 21.03 -16.81 -33.85
CA VAL B 511 20.30 -15.56 -34.01
C VAL B 511 19.76 -15.17 -32.66
N VAL B 512 20.04 -13.95 -32.23
CA VAL B 512 19.64 -13.47 -30.92
C VAL B 512 18.64 -12.35 -31.15
N LEU B 513 17.38 -12.57 -30.81
CA LEU B 513 16.37 -11.54 -30.92
C LEU B 513 16.30 -10.79 -29.60
N SER B 514 16.33 -9.48 -29.68
CA SER B 514 16.31 -8.66 -28.47
C SER B 514 15.20 -7.64 -28.61
N PHE B 515 14.14 -7.80 -27.84
CA PHE B 515 13.02 -6.87 -27.88
C PHE B 515 13.33 -5.74 -26.94
N GLU B 516 13.26 -4.51 -27.43
CA GLU B 516 13.50 -3.38 -26.57
C GLU B 516 12.29 -2.45 -26.56
N LEU B 517 12.13 -1.72 -25.46
CA LEU B 517 11.01 -0.79 -25.31
C LEU B 517 11.47 0.56 -24.79
N LEU B 518 11.87 1.44 -25.71
CA LEU B 518 12.32 2.76 -25.33
C LEU B 518 11.21 3.55 -24.65
N HIS B 519 10.62 4.51 -25.37
CA HIS B 519 9.54 5.33 -24.83
C HIS B 519 8.72 5.96 -25.94
N ALA B 520 8.62 5.27 -27.07
CA ALA B 520 7.86 5.76 -28.21
C ALA B 520 6.36 5.59 -27.99
N PRO B 521 5.59 5.66 -29.07
CA PRO B 521 4.13 5.52 -28.98
C PRO B 521 3.64 4.10 -29.26
N ALA B 522 4.48 3.32 -29.96
CA ALA B 522 4.14 1.95 -30.31
C ALA B 522 5.07 1.42 -31.40
N THR B 523 4.83 0.17 -31.81
CA THR B 523 5.64 -0.44 -32.85
C THR B 523 5.15 -1.86 -33.16
N VAL B 524 6.00 -2.64 -33.82
CA VAL B 524 5.66 -4.02 -34.18
C VAL B 524 4.90 -4.78 -33.10
N CYS B 525 3.89 -5.54 -33.52
CA CYS B 525 3.20 -6.50 -32.67
C CYS B 525 2.76 -7.72 -33.46
N GLY B 526 2.26 -8.72 -32.74
CA GLY B 526 1.82 -9.97 -33.33
C GLY B 526 0.50 -9.85 -34.06
N PRO B 527 0.27 -10.78 -34.99
CA PRO B 527 -0.97 -10.80 -35.77
C PRO B 527 -2.19 -11.08 -34.90
N LYS B 528 -3.37 -11.00 -35.50
CA LYS B 528 -4.62 -11.25 -34.77
C LYS B 528 -5.64 -11.94 -35.67
N LYS B 529 -5.82 -13.24 -35.46
CA LYS B 529 -6.77 -14.01 -36.24
C LYS B 529 -8.14 -13.32 -36.31
N SER B 530 -9.00 -13.80 -37.19
CA SER B 530 -10.33 -13.23 -37.36
C SER B 530 -11.38 -14.31 -37.55
N THR B 531 -12.46 -13.97 -38.25
CA THR B 531 -13.53 -14.92 -38.49
C THR B 531 -14.36 -14.52 -39.72
N ASN B 532 -15.30 -15.38 -40.10
CA ASN B 532 -16.15 -15.12 -41.24
C ASN B 532 -17.02 -13.88 -41.05
N LEU B 533 -18.17 -13.85 -41.71
CA LEU B 533 -19.09 -12.73 -41.61
C LEU B 533 -20.50 -13.13 -42.03
N VAL B 534 -21.47 -12.93 -41.14
CA VAL B 534 -22.85 -13.27 -41.43
C VAL B 534 -23.77 -12.06 -41.23
N LYS B 535 -24.40 -11.62 -42.31
CA LYS B 535 -25.29 -10.47 -42.26
C LYS B 535 -26.70 -10.91 -41.86
N ASN B 536 -27.24 -10.26 -40.84
CA ASN B 536 -28.60 -10.57 -40.37
C ASN B 536 -28.70 -11.44 -39.13
N LYS B 537 -28.00 -11.08 -38.06
CA LYS B 537 -28.09 -11.84 -36.82
C LYS B 537 -27.44 -11.02 -35.71
N CYS B 538 -28.09 -10.97 -34.55
CA CYS B 538 -27.48 -10.29 -33.42
C CYS B 538 -26.17 -10.98 -33.10
N VAL B 539 -25.08 -10.24 -33.22
CA VAL B 539 -23.73 -10.79 -33.21
C VAL B 539 -22.86 -9.92 -32.32
N ASN B 540 -21.73 -10.48 -31.93
CA ASN B 540 -20.74 -9.78 -31.12
C ASN B 540 -19.55 -9.54 -32.02
N PHE B 541 -19.29 -8.28 -32.36
CA PHE B 541 -18.34 -7.97 -33.42
C PHE B 541 -17.19 -7.12 -32.91
N ASN B 542 -16.09 -7.19 -33.66
CA ASN B 542 -14.91 -6.36 -33.44
C ASN B 542 -14.37 -6.00 -34.83
N PHE B 543 -14.37 -4.71 -35.13
CA PHE B 543 -13.86 -4.16 -36.39
C PHE B 543 -12.62 -3.35 -36.09
N ASN B 544 -11.46 -3.99 -36.22
CA ASN B 544 -10.14 -3.44 -35.93
C ASN B 544 -10.13 -2.46 -34.78
N GLY B 545 -10.73 -2.84 -33.66
CA GLY B 545 -10.74 -1.99 -32.50
C GLY B 545 -12.13 -1.66 -32.00
N LEU B 546 -13.07 -1.43 -32.91
CA LEU B 546 -14.45 -1.14 -32.55
C LEU B 546 -15.09 -2.42 -32.02
N THR B 547 -15.40 -2.45 -30.73
CA THR B 547 -16.04 -3.60 -30.12
C THR B 547 -17.51 -3.26 -29.91
N GLY B 548 -18.40 -4.15 -30.37
CA GLY B 548 -19.82 -3.93 -30.16
C GLY B 548 -20.71 -5.13 -30.32
N THR B 549 -22.02 -4.90 -30.27
CA THR B 549 -23.01 -5.96 -30.42
C THR B 549 -24.15 -5.43 -31.28
N GLY B 550 -24.75 -6.30 -32.08
CA GLY B 550 -25.86 -5.89 -32.93
C GLY B 550 -26.17 -6.82 -34.08
N VAL B 551 -27.08 -6.38 -34.95
CA VAL B 551 -27.49 -7.14 -36.12
C VAL B 551 -26.98 -6.42 -37.37
N LEU B 552 -26.12 -7.08 -38.14
CA LEU B 552 -25.56 -6.49 -39.34
C LEU B 552 -26.43 -6.72 -40.58
N THR B 553 -26.60 -5.67 -41.36
CA THR B 553 -27.41 -5.75 -42.59
C THR B 553 -26.60 -5.21 -43.77
N GLU B 554 -27.30 -4.69 -44.77
CA GLU B 554 -26.64 -4.15 -45.95
C GLU B 554 -27.10 -2.72 -46.18
N SER B 555 -26.30 -1.76 -45.76
CA SER B 555 -26.65 -0.34 -45.90
C SER B 555 -26.56 0.12 -47.34
N ASN B 556 -27.14 1.29 -47.60
CA ASN B 556 -27.13 1.87 -48.94
C ASN B 556 -26.43 3.22 -48.92
N LYS B 557 -25.83 3.56 -47.79
CA LYS B 557 -25.12 4.83 -47.63
C LYS B 557 -23.99 4.93 -48.64
N LYS B 558 -23.10 5.90 -48.43
CA LYS B 558 -21.96 6.10 -49.32
C LYS B 558 -20.81 6.77 -48.60
N PHE B 559 -19.93 5.97 -48.02
CA PHE B 559 -18.76 6.49 -47.31
C PHE B 559 -17.70 6.98 -48.26
N LEU B 560 -17.01 8.06 -47.88
CA LEU B 560 -15.96 8.64 -48.70
C LEU B 560 -14.87 7.61 -49.00
N PRO B 561 -13.78 8.06 -49.62
CA PRO B 561 -12.67 7.16 -49.95
C PRO B 561 -11.58 7.20 -48.89
N PHE B 562 -11.97 7.17 -47.62
CA PHE B 562 -10.99 7.21 -46.54
C PHE B 562 -11.66 7.00 -45.18
N GLN B 563 -12.99 7.11 -45.15
CA GLN B 563 -13.74 6.93 -43.92
C GLN B 563 -13.78 5.46 -43.50
N GLN B 564 -14.26 5.21 -42.29
CA GLN B 564 -14.35 3.85 -41.77
C GLN B 564 -15.77 3.52 -41.32
N PHE B 565 -16.27 4.30 -40.36
CA PHE B 565 -17.62 4.08 -39.85
C PHE B 565 -18.51 5.33 -39.87
N GLY B 566 -19.25 5.55 -38.79
CA GLY B 566 -20.14 6.67 -38.68
C GLY B 566 -20.84 6.70 -37.32
N ARG B 567 -21.18 7.90 -36.90
CA ARG B 567 -21.80 8.11 -35.60
C ARG B 567 -23.12 8.84 -35.79
N ASP B 568 -23.99 8.70 -34.79
CA ASP B 568 -25.27 9.37 -34.77
C ASP B 568 -25.18 10.65 -33.95
N ILE B 569 -26.24 11.42 -33.95
CA ILE B 569 -26.43 12.48 -32.97
C ILE B 569 -26.71 11.78 -31.66
N ALA B 570 -26.11 12.29 -30.58
CA ALA B 570 -26.00 11.64 -29.28
C ALA B 570 -24.86 10.63 -29.28
N ASP B 571 -24.10 10.59 -30.37
CA ASP B 571 -22.79 9.94 -30.41
C ASP B 571 -22.79 8.45 -30.13
N THR B 572 -23.46 7.67 -30.97
CA THR B 572 -23.37 6.22 -30.90
C THR B 572 -22.97 5.69 -32.28
N THR B 573 -22.06 4.73 -32.30
CA THR B 573 -21.62 4.13 -33.55
C THR B 573 -22.79 3.45 -34.24
N ASP B 574 -23.06 3.82 -35.49
CA ASP B 574 -24.16 3.21 -36.20
C ASP B 574 -23.81 2.71 -37.59
N ALA B 575 -22.59 2.89 -38.07
CA ALA B 575 -22.27 2.35 -39.39
C ALA B 575 -20.86 1.74 -39.44
N VAL B 576 -20.58 0.94 -40.46
CA VAL B 576 -19.26 0.34 -40.61
C VAL B 576 -18.96 -0.11 -42.04
N ARG B 577 -17.67 -0.21 -42.34
CA ARG B 577 -17.22 -0.64 -43.66
C ARG B 577 -16.38 -1.90 -43.49
N ASP B 578 -16.74 -2.94 -44.23
CA ASP B 578 -16.01 -4.21 -44.16
C ASP B 578 -14.55 -4.01 -44.57
N PRO B 579 -13.61 -4.34 -43.60
CA PRO B 579 -12.21 -4.14 -44.02
C PRO B 579 -11.66 -5.36 -44.77
N GLN B 580 -12.30 -5.70 -45.88
CA GLN B 580 -11.87 -6.83 -46.70
C GLN B 580 -12.48 -6.71 -48.08
N THR B 581 -13.71 -6.21 -48.14
CA THR B 581 -14.40 -6.01 -49.40
C THR B 581 -15.04 -4.62 -49.42
N LEU B 582 -14.72 -3.83 -48.40
CA LEU B 582 -15.24 -2.47 -48.26
C LEU B 582 -16.70 -2.34 -48.60
N GLU B 583 -17.56 -2.75 -47.67
CA GLU B 583 -19.00 -2.65 -47.86
C GLU B 583 -19.60 -1.91 -46.68
N ILE B 584 -20.72 -1.24 -46.91
CA ILE B 584 -21.37 -0.48 -45.84
C ILE B 584 -22.45 -1.28 -45.13
N LEU B 585 -22.07 -1.97 -44.06
CA LEU B 585 -23.01 -2.76 -43.28
C LEU B 585 -23.62 -1.87 -42.21
N ASP B 586 -24.95 -1.88 -42.11
CA ASP B 586 -25.63 -1.08 -41.12
C ASP B 586 -25.60 -1.79 -39.78
N ILE B 587 -25.55 -1.04 -38.69
CA ILE B 587 -25.52 -1.61 -37.36
C ILE B 587 -26.79 -1.27 -36.60
N THR B 588 -27.57 -2.28 -36.31
CA THR B 588 -28.84 -2.14 -35.60
C THR B 588 -28.79 -2.94 -34.31
N PRO B 589 -29.34 -2.33 -33.19
CA PRO B 589 -29.26 -3.12 -31.95
C PRO B 589 -30.08 -4.40 -32.05
N CYS B 590 -29.79 -5.36 -31.16
CA CYS B 590 -30.51 -6.62 -31.14
C CYS B 590 -31.86 -6.46 -30.45
N SER B 591 -32.91 -6.99 -31.08
CA SER B 591 -34.26 -6.91 -30.53
C SER B 591 -34.32 -7.10 -29.02
N PHE B 592 -34.91 -6.12 -28.35
CA PHE B 592 -35.06 -6.17 -26.90
C PHE B 592 -36.33 -5.41 -26.56
N GLY B 593 -36.97 -5.79 -25.46
CA GLY B 593 -38.19 -5.14 -25.03
C GLY B 593 -38.78 -5.77 -23.78
N GLY B 594 -39.68 -5.05 -23.12
CA GLY B 594 -40.31 -5.54 -21.91
C GLY B 594 -41.36 -6.59 -22.19
N VAL B 595 -41.79 -7.29 -21.13
CA VAL B 595 -42.80 -8.33 -21.27
C VAL B 595 -44.05 -7.99 -20.46
N SER B 596 -45.21 -8.05 -21.11
CA SER B 596 -46.47 -7.75 -20.46
C SER B 596 -47.39 -8.96 -20.48
N VAL B 597 -48.00 -9.24 -19.32
CA VAL B 597 -48.91 -10.38 -19.21
C VAL B 597 -50.34 -9.92 -18.97
N ILE B 598 -51.23 -10.28 -19.90
CA ILE B 598 -52.63 -9.91 -19.80
C ILE B 598 -53.40 -11.05 -19.17
N THR B 599 -54.12 -10.76 -18.09
CA THR B 599 -54.88 -11.75 -17.36
C THR B 599 -56.29 -11.25 -17.06
N PRO B 600 -57.30 -12.10 -17.22
CA PRO B 600 -58.64 -11.74 -16.76
C PRO B 600 -58.85 -11.82 -15.26
N GLY B 601 -57.80 -12.05 -14.48
CA GLY B 601 -57.91 -12.29 -13.06
C GLY B 601 -57.93 -13.78 -12.75
N THR B 602 -57.27 -14.13 -11.66
CA THR B 602 -57.22 -15.53 -11.25
C THR B 602 -58.53 -16.00 -10.63
N ASN B 603 -59.36 -15.09 -10.16
CA ASN B 603 -60.69 -15.49 -9.70
C ASN B 603 -61.54 -15.90 -10.89
N THR B 604 -61.26 -15.34 -12.06
CA THR B 604 -62.01 -15.65 -13.27
C THR B 604 -61.52 -16.96 -13.89
N SER B 605 -60.49 -16.85 -14.73
CA SER B 605 -59.92 -18.02 -15.40
C SER B 605 -58.41 -18.02 -15.32
N ASN B 606 -57.81 -19.21 -15.28
CA ASN B 606 -56.36 -19.34 -15.19
C ASN B 606 -55.70 -19.22 -16.56
N GLN B 607 -56.13 -18.23 -17.34
CA GLN B 607 -55.58 -18.01 -18.67
C GLN B 607 -54.57 -16.86 -18.66
N VAL B 608 -53.87 -16.69 -19.78
CA VAL B 608 -52.88 -15.62 -19.90
C VAL B 608 -52.59 -15.37 -21.38
N ALA B 609 -52.36 -14.10 -21.72
CA ALA B 609 -51.81 -13.72 -23.01
C ALA B 609 -50.58 -12.86 -22.79
N VAL B 610 -49.67 -12.83 -23.76
CA VAL B 610 -48.36 -12.21 -23.53
C VAL B 610 -48.07 -11.22 -24.66
N LEU B 611 -47.60 -10.04 -24.31
CA LEU B 611 -47.22 -9.01 -25.26
C LEU B 611 -45.72 -8.76 -25.18
N TYR B 612 -45.06 -8.91 -26.33
CA TYR B 612 -43.64 -8.61 -26.49
C TYR B 612 -43.54 -7.23 -27.12
N GLN B 613 -43.16 -6.25 -26.32
CA GLN B 613 -43.33 -4.86 -26.68
C GLN B 613 -42.27 -4.42 -27.67
N ASP B 614 -42.72 -3.90 -28.81
CA ASP B 614 -41.85 -3.30 -29.83
C ASP B 614 -40.90 -4.34 -30.43
N VAL B 615 -41.46 -5.41 -30.97
CA VAL B 615 -40.67 -6.45 -31.61
C VAL B 615 -41.49 -7.06 -32.73
N ASN B 616 -40.82 -7.66 -33.69
CA ASN B 616 -41.50 -8.36 -34.76
C ASN B 616 -42.01 -9.70 -34.25
N CYS B 617 -43.18 -10.11 -34.71
CA CYS B 617 -43.77 -11.33 -34.20
C CYS B 617 -43.14 -12.49 -34.95
N THR B 618 -41.82 -12.46 -35.05
CA THR B 618 -41.06 -13.43 -35.83
C THR B 618 -39.74 -13.81 -35.18
N GLU B 619 -39.37 -13.20 -34.05
CA GLU B 619 -38.21 -13.61 -33.29
C GLU B 619 -38.60 -13.85 -31.84
N VAL B 620 -39.65 -14.65 -31.66
CA VAL B 620 -40.09 -14.99 -30.33
C VAL B 620 -40.17 -16.51 -30.16
N THR B 638 -46.11 -21.25 -25.88
CA THR B 638 -46.33 -19.90 -26.39
C THR B 638 -45.83 -19.77 -27.82
N GLY B 639 -46.45 -20.52 -28.73
CA GLY B 639 -46.05 -20.46 -30.13
C GLY B 639 -47.14 -20.62 -31.17
N SER B 640 -48.39 -20.31 -30.84
CA SER B 640 -49.46 -20.34 -31.85
C SER B 640 -50.52 -19.32 -31.44
N ASN B 641 -51.22 -18.78 -32.43
CA ASN B 641 -52.15 -17.66 -32.32
C ASN B 641 -51.44 -16.31 -32.16
N VAL B 642 -50.32 -16.14 -32.84
CA VAL B 642 -49.62 -14.86 -32.79
C VAL B 642 -50.37 -13.82 -33.60
N PHE B 643 -50.18 -12.55 -33.24
CA PHE B 643 -50.90 -11.44 -33.85
C PHE B 643 -50.05 -10.18 -33.65
N GLN B 644 -49.80 -9.46 -34.74
CA GLN B 644 -48.89 -8.33 -34.67
C GLN B 644 -49.66 -7.02 -34.60
N THR B 645 -49.45 -6.28 -33.52
CA THR B 645 -50.08 -4.97 -33.37
C THR B 645 -49.04 -3.87 -33.54
N ARG B 646 -49.43 -2.63 -33.32
CA ARG B 646 -48.54 -1.50 -33.35
C ARG B 646 -47.79 -1.34 -32.04
N ALA B 647 -48.20 -2.05 -31.00
CA ALA B 647 -47.56 -2.00 -29.69
C ALA B 647 -46.58 -3.13 -29.46
N GLY B 648 -46.57 -4.14 -30.33
CA GLY B 648 -45.67 -5.27 -30.20
C GLY B 648 -46.25 -6.51 -30.84
N CYS B 649 -45.90 -7.66 -30.27
CA CYS B 649 -46.36 -8.95 -30.77
C CYS B 649 -47.14 -9.65 -29.68
N LEU B 650 -48.36 -10.05 -30.00
CA LEU B 650 -49.29 -10.64 -29.03
C LEU B 650 -49.40 -12.14 -29.26
N ILE B 651 -49.29 -12.91 -28.19
CA ILE B 651 -49.37 -14.36 -28.27
C ILE B 651 -50.37 -14.84 -27.23
N GLY B 652 -51.40 -15.54 -27.67
CA GLY B 652 -52.39 -16.08 -26.77
C GLY B 652 -53.77 -15.44 -26.83
N ALA B 653 -54.04 -14.66 -27.87
CA ALA B 653 -55.35 -14.03 -28.03
C ALA B 653 -55.75 -14.12 -29.49
N GLU B 654 -57.04 -14.31 -29.73
CA GLU B 654 -57.55 -14.36 -31.08
C GLU B 654 -58.10 -13.00 -31.48
N HIS B 655 -57.84 -12.62 -32.72
CA HIS B 655 -58.25 -11.34 -33.26
C HIS B 655 -59.65 -11.45 -33.87
N VAL B 656 -60.57 -10.63 -33.37
CA VAL B 656 -61.93 -10.62 -33.87
C VAL B 656 -62.14 -9.37 -34.71
N ASN B 657 -63.19 -9.37 -35.54
CA ASN B 657 -63.55 -8.21 -36.34
C ASN B 657 -64.48 -7.26 -35.63
N ASN B 658 -65.11 -7.68 -34.54
CA ASN B 658 -66.07 -6.85 -33.83
C ASN B 658 -65.38 -5.66 -33.17
N SER B 659 -66.17 -4.86 -32.46
CA SER B 659 -65.66 -3.80 -31.61
C SER B 659 -66.52 -3.73 -30.37
N TYR B 660 -65.87 -3.49 -29.23
CA TYR B 660 -66.54 -3.41 -27.95
C TYR B 660 -65.96 -2.21 -27.22
N GLU B 661 -66.50 -1.92 -26.05
CA GLU B 661 -65.86 -0.94 -25.19
C GLU B 661 -64.61 -1.53 -24.58
N CYS B 662 -63.64 -0.67 -24.27
CA CYS B 662 -62.35 -1.15 -23.82
C CYS B 662 -62.46 -1.84 -22.46
N ASP B 663 -61.74 -2.94 -22.31
CA ASP B 663 -61.68 -3.66 -21.05
C ASP B 663 -60.26 -3.65 -20.48
N ILE B 664 -59.31 -4.19 -21.21
CA ILE B 664 -57.90 -4.12 -20.87
C ILE B 664 -57.18 -3.43 -22.02
N PRO B 665 -56.57 -2.26 -21.82
CA PRO B 665 -55.94 -1.53 -22.93
C PRO B 665 -54.60 -2.14 -23.31
N ILE B 666 -54.44 -2.46 -24.58
CA ILE B 666 -53.16 -2.95 -25.06
C ILE B 666 -52.38 -1.77 -25.61
N GLY B 667 -53.04 -0.96 -26.42
CA GLY B 667 -52.45 0.27 -26.94
C GLY B 667 -52.72 0.43 -28.42
N ALA B 668 -52.50 1.65 -28.91
CA ALA B 668 -52.73 2.02 -30.30
C ALA B 668 -54.10 1.58 -30.80
N GLY B 669 -55.11 1.80 -29.97
CA GLY B 669 -56.46 1.47 -30.31
C GLY B 669 -56.90 0.06 -29.97
N ILE B 670 -56.00 -0.81 -29.54
CA ILE B 670 -56.30 -2.24 -29.37
C ILE B 670 -56.55 -2.51 -27.90
N CYS B 671 -57.65 -3.19 -27.61
CA CYS B 671 -58.03 -3.63 -26.28
C CYS B 671 -58.24 -5.14 -26.27
N ALA B 672 -58.28 -5.71 -25.07
CA ALA B 672 -58.35 -7.15 -24.91
C ALA B 672 -59.35 -7.51 -23.83
N SER B 673 -60.05 -8.61 -24.03
CA SER B 673 -61.08 -9.00 -23.07
C SER B 673 -61.13 -10.52 -22.96
N TYR B 674 -61.87 -10.99 -21.96
CA TYR B 674 -62.07 -12.41 -21.71
C TYR B 674 -63.50 -12.76 -22.04
N GLN B 675 -63.70 -13.35 -23.22
CA GLN B 675 -64.99 -13.85 -23.65
C GLN B 675 -64.88 -14.44 -25.04
N THR B 676 -65.94 -15.08 -25.52
CA THR B 676 -66.07 -15.46 -26.92
C THR B 676 -64.93 -16.36 -27.39
N GLN B 690 -65.12 -19.05 -23.88
CA GLN B 690 -64.31 -17.88 -23.62
C GLN B 690 -62.84 -18.20 -23.75
N SER B 691 -62.10 -17.47 -24.59
CA SER B 691 -60.66 -17.68 -24.51
C SER B 691 -59.87 -16.45 -24.06
N ILE B 692 -59.61 -15.51 -24.97
CA ILE B 692 -59.13 -14.15 -24.73
C ILE B 692 -59.12 -13.52 -26.11
N ILE B 693 -59.60 -12.30 -26.23
CA ILE B 693 -59.78 -11.69 -27.54
C ILE B 693 -59.10 -10.34 -27.58
N ALA B 694 -58.63 -9.97 -28.77
CA ALA B 694 -58.01 -8.68 -29.02
C ALA B 694 -58.78 -8.00 -30.15
N TYR B 695 -59.25 -6.77 -29.91
CA TYR B 695 -60.12 -6.09 -30.85
C TYR B 695 -59.77 -4.61 -30.91
N THR B 696 -60.31 -3.94 -31.91
CA THR B 696 -60.26 -2.48 -31.98
C THR B 696 -61.43 -1.88 -31.22
N MET B 697 -61.14 -0.99 -30.27
CA MET B 697 -62.15 -0.52 -29.34
C MET B 697 -63.17 0.39 -30.03
N SER B 698 -64.40 0.30 -29.58
CA SER B 698 -65.46 1.16 -30.05
C SER B 698 -65.54 2.40 -29.17
N LEU B 699 -65.92 3.52 -29.78
CA LEU B 699 -65.98 4.77 -29.05
C LEU B 699 -67.33 5.02 -28.42
N GLY B 700 -68.37 4.39 -28.92
CA GLY B 700 -69.68 4.54 -28.38
C GLY B 700 -70.71 4.28 -29.46
N ALA B 701 -71.97 4.28 -29.03
CA ALA B 701 -73.06 4.18 -29.97
C ALA B 701 -73.11 5.42 -30.86
N GLU B 702 -73.69 5.25 -32.02
CA GLU B 702 -73.74 6.32 -33.00
C GLU B 702 -75.18 6.74 -33.23
N ASN B 703 -75.41 8.03 -33.43
CA ASN B 703 -76.76 8.41 -33.77
C ASN B 703 -76.78 9.76 -34.46
N SER B 704 -77.61 9.84 -35.49
CA SER B 704 -77.94 11.08 -36.17
C SER B 704 -79.10 11.77 -35.45
N VAL B 705 -78.93 13.06 -35.20
CA VAL B 705 -79.97 13.90 -34.68
C VAL B 705 -80.90 14.25 -35.83
N ALA B 706 -82.18 14.37 -35.53
CA ALA B 706 -83.18 14.63 -36.56
C ALA B 706 -83.27 16.13 -36.86
N TYR B 707 -82.15 16.71 -37.24
CA TYR B 707 -82.09 18.16 -37.46
C TYR B 707 -82.86 18.55 -38.72
N SER B 708 -83.67 19.59 -38.61
CA SER B 708 -84.22 20.28 -39.77
C SER B 708 -84.32 21.76 -39.48
N ASN B 709 -84.78 22.56 -40.44
CA ASN B 709 -84.79 23.99 -40.21
C ASN B 709 -86.06 24.51 -39.55
N ASN B 710 -87.02 23.64 -39.24
CA ASN B 710 -88.18 24.09 -38.48
C ASN B 710 -88.69 23.03 -37.52
N SER B 711 -87.81 22.20 -36.99
CA SER B 711 -88.17 21.14 -36.06
C SER B 711 -87.54 21.41 -34.70
N ILE B 712 -88.26 21.06 -33.63
CA ILE B 712 -87.77 21.24 -32.28
C ILE B 712 -88.21 20.04 -31.44
N ALA B 713 -87.49 19.80 -30.34
CA ALA B 713 -87.82 18.75 -29.39
C ALA B 713 -87.92 19.35 -28.00
N ILE B 714 -89.05 19.15 -27.32
CA ILE B 714 -89.31 19.72 -26.01
C ILE B 714 -89.53 18.56 -25.04
N PRO B 715 -88.97 18.61 -23.83
CA PRO B 715 -89.23 17.55 -22.85
C PRO B 715 -90.58 17.67 -22.18
N THR B 716 -91.18 16.52 -21.88
CA THR B 716 -92.48 16.48 -21.22
C THR B 716 -92.43 15.95 -19.78
N ASN B 717 -91.25 15.55 -19.33
CA ASN B 717 -91.10 15.02 -17.98
C ASN B 717 -89.66 15.27 -17.55
N PHE B 718 -89.33 14.82 -16.35
CA PHE B 718 -87.97 14.96 -15.84
C PHE B 718 -87.69 13.85 -14.86
N THR B 719 -86.40 13.65 -14.57
CA THR B 719 -85.97 12.85 -13.43
C THR B 719 -85.07 13.68 -12.52
N ILE B 720 -85.05 13.29 -11.25
CA ILE B 720 -84.15 13.84 -10.25
C ILE B 720 -83.01 12.87 -10.04
N SER B 721 -81.78 13.31 -10.32
CA SER B 721 -80.61 12.48 -10.15
C SER B 721 -79.82 12.90 -8.92
N VAL B 722 -79.15 11.94 -8.28
CA VAL B 722 -78.12 12.22 -7.30
C VAL B 722 -76.89 11.38 -7.64
N THR B 723 -75.73 12.03 -7.64
CA THR B 723 -74.48 11.35 -7.97
C THR B 723 -73.38 11.74 -7.01
N THR B 724 -72.45 10.84 -6.79
CA THR B 724 -71.34 11.06 -5.88
C THR B 724 -70.11 11.61 -6.60
N GLU B 725 -69.33 12.38 -5.86
CA GLU B 725 -67.99 12.77 -6.26
C GLU B 725 -67.11 12.66 -5.02
N ILE B 726 -65.92 12.12 -5.18
CA ILE B 726 -65.04 11.84 -4.05
C ILE B 726 -63.70 12.54 -4.29
N LEU B 727 -63.20 13.23 -3.26
CA LEU B 727 -61.97 13.97 -3.42
C LEU B 727 -61.09 13.82 -2.19
N PRO B 728 -59.78 13.62 -2.37
CA PRO B 728 -58.86 13.62 -1.24
C PRO B 728 -58.58 15.02 -0.73
N VAL B 729 -58.41 15.16 0.58
CA VAL B 729 -58.03 16.45 1.13
C VAL B 729 -56.74 16.41 1.95
N SER B 730 -56.24 15.26 2.39
CA SER B 730 -55.00 15.27 3.18
C SER B 730 -54.28 13.93 3.11
N MET B 731 -53.00 13.96 3.45
CA MET B 731 -52.15 12.80 3.67
C MET B 731 -51.78 12.68 5.15
N THR B 732 -51.19 11.53 5.50
CA THR B 732 -50.67 11.32 6.84
C THR B 732 -49.43 12.16 7.09
N LYS B 733 -49.34 12.72 8.28
CA LYS B 733 -48.22 13.54 8.70
C LYS B 733 -47.16 12.65 9.31
N THR B 734 -46.02 12.56 8.64
CA THR B 734 -44.93 11.75 9.14
C THR B 734 -43.71 12.63 9.32
N SER B 735 -42.85 12.22 10.23
CA SER B 735 -41.58 12.86 10.45
C SER B 735 -40.50 11.79 10.52
N VAL B 736 -39.31 12.15 10.05
CA VAL B 736 -38.15 11.27 10.16
C VAL B 736 -37.06 12.04 10.86
N ASP B 737 -36.41 11.40 11.82
CA ASP B 737 -35.20 11.93 12.43
C ASP B 737 -34.03 11.49 11.55
N CYS B 738 -33.46 12.45 10.81
CA CYS B 738 -32.38 12.15 9.87
C CYS B 738 -31.22 11.44 10.54
N THR B 739 -30.79 11.94 11.70
CA THR B 739 -29.65 11.36 12.38
C THR B 739 -29.92 9.94 12.87
N MET B 740 -31.13 9.66 13.33
CA MET B 740 -31.43 8.33 13.85
C MET B 740 -31.71 7.33 12.75
N TYR B 741 -32.14 7.79 11.58
CA TYR B 741 -32.27 6.88 10.45
C TYR B 741 -30.90 6.53 9.89
N ILE B 742 -30.03 7.53 9.75
CA ILE B 742 -28.74 7.31 9.14
C ILE B 742 -27.77 6.56 10.05
N CYS B 743 -27.73 6.88 11.34
CA CYS B 743 -26.67 6.42 12.21
C CYS B 743 -27.13 5.46 13.30
N GLY B 744 -28.41 5.47 13.63
CA GLY B 744 -28.94 4.53 14.60
C GLY B 744 -28.38 4.67 15.99
N ASP B 745 -28.13 5.89 16.45
CA ASP B 745 -27.63 6.14 17.81
C ASP B 745 -26.29 5.43 18.07
N SER B 746 -25.30 5.80 17.27
CA SER B 746 -23.90 5.45 17.50
C SER B 746 -23.06 6.68 17.26
N THR B 747 -22.15 6.96 18.21
CA THR B 747 -21.42 8.23 18.20
C THR B 747 -20.48 8.37 17.01
N GLU B 748 -19.92 7.26 16.55
CA GLU B 748 -18.93 7.31 15.48
C GLU B 748 -19.53 7.63 14.13
N CYS B 749 -20.69 7.06 13.80
CA CYS B 749 -21.48 7.54 12.68
C CYS B 749 -21.86 9.00 12.84
N SER B 750 -22.20 9.43 14.05
CA SER B 750 -22.67 10.80 14.23
C SER B 750 -21.58 11.82 13.96
N ASN B 751 -20.36 11.57 14.41
CA ASN B 751 -19.28 12.51 14.15
C ASN B 751 -18.91 12.56 12.67
N LEU B 752 -19.02 11.43 11.98
CA LEU B 752 -18.77 11.43 10.54
C LEU B 752 -19.87 12.15 9.78
N LEU B 753 -21.12 12.01 10.21
CA LEU B 753 -22.23 12.68 9.54
C LEU B 753 -22.25 14.17 9.82
N LEU B 754 -21.72 14.59 10.97
CA LEU B 754 -21.56 16.01 11.27
C LEU B 754 -20.76 16.75 10.21
N GLN B 755 -20.03 16.02 9.35
CA GLN B 755 -19.16 16.63 8.34
C GLN B 755 -19.91 17.02 7.08
N TYR B 756 -21.20 16.77 7.00
CA TYR B 756 -21.96 17.02 5.79
C TYR B 756 -22.73 18.33 5.82
N GLY B 757 -22.68 19.05 6.92
CA GLY B 757 -23.31 20.35 6.96
C GLY B 757 -24.75 20.27 7.40
N SER B 758 -25.61 21.04 6.75
CA SER B 758 -27.01 21.13 7.13
C SER B 758 -27.91 20.30 6.24
N PHE B 759 -27.47 19.14 5.78
CA PHE B 759 -28.33 18.31 4.94
C PHE B 759 -29.53 17.77 5.69
N CYS B 760 -29.37 17.45 6.98
CA CYS B 760 -30.46 16.91 7.77
C CYS B 760 -31.41 17.96 8.30
N THR B 761 -30.95 19.20 8.49
CA THR B 761 -31.84 20.29 8.89
C THR B 761 -32.79 20.66 7.77
N GLN B 762 -32.30 20.66 6.54
CA GLN B 762 -33.15 20.92 5.38
C GLN B 762 -34.26 19.87 5.25
N LEU B 763 -33.93 18.60 5.45
CA LEU B 763 -34.93 17.55 5.27
C LEU B 763 -36.02 17.63 6.31
N ASN B 764 -35.66 17.92 7.56
CA ASN B 764 -36.67 18.09 8.60
C ASN B 764 -37.53 19.32 8.36
N ARG B 765 -36.95 20.40 7.86
CA ARG B 765 -37.79 21.53 7.49
C ARG B 765 -38.76 21.17 6.38
N ALA B 766 -38.29 20.44 5.37
CA ALA B 766 -39.15 20.05 4.27
C ALA B 766 -40.30 19.19 4.74
N LEU B 767 -40.04 18.22 5.60
CA LEU B 767 -41.12 17.37 6.10
C LEU B 767 -42.06 18.11 7.05
N THR B 768 -41.57 19.08 7.80
CA THR B 768 -42.45 19.81 8.71
C THR B 768 -43.39 20.73 7.96
N GLY B 769 -42.92 21.36 6.87
CA GLY B 769 -43.81 22.16 6.06
C GLY B 769 -44.97 21.37 5.49
N ILE B 770 -44.70 20.17 4.99
CA ILE B 770 -45.73 19.26 4.49
C ILE B 770 -46.78 18.97 5.55
N ALA B 771 -46.37 18.66 6.77
CA ALA B 771 -47.29 18.34 7.85
C ALA B 771 -48.12 19.53 8.30
N VAL B 772 -47.56 20.73 8.25
CA VAL B 772 -48.36 21.90 8.57
C VAL B 772 -49.35 22.21 7.45
N GLU B 773 -49.03 21.86 6.21
CA GLU B 773 -49.96 22.10 5.11
C GLU B 773 -51.17 21.18 5.16
N GLN B 774 -51.04 19.99 5.75
CA GLN B 774 -52.14 19.04 5.77
C GLN B 774 -53.28 19.49 6.67
N ASP B 775 -52.99 20.28 7.70
CA ASP B 775 -54.06 20.80 8.55
C ASP B 775 -54.77 21.98 7.94
N LYS B 776 -54.04 22.79 7.18
CA LYS B 776 -54.63 23.89 6.46
C LYS B 776 -55.51 23.42 5.31
N ASN B 777 -55.14 22.33 4.65
CA ASN B 777 -56.03 21.70 3.68
C ASN B 777 -57.41 21.43 4.28
N THR B 778 -57.45 20.80 5.46
CA THR B 778 -58.70 20.42 6.09
C THR B 778 -59.46 21.61 6.64
N GLN B 779 -58.75 22.58 7.20
CA GLN B 779 -59.40 23.80 7.64
C GLN B 779 -60.06 24.53 6.47
N GLU B 780 -59.41 24.54 5.31
CA GLU B 780 -59.98 25.23 4.16
C GLU B 780 -61.16 24.50 3.57
N VAL B 781 -61.20 23.16 3.63
CA VAL B 781 -62.37 22.47 3.07
C VAL B 781 -63.54 22.54 4.04
N PHE B 782 -63.34 22.28 5.32
CA PHE B 782 -64.47 22.01 6.20
C PHE B 782 -64.89 23.15 7.10
N ALA B 783 -63.98 23.98 7.58
CA ALA B 783 -64.36 25.04 8.52
C ALA B 783 -64.83 26.29 7.77
N GLN B 784 -65.84 26.07 6.92
CA GLN B 784 -66.41 27.10 6.08
C GLN B 784 -67.71 27.64 6.64
N VAL B 785 -67.87 27.66 7.95
CA VAL B 785 -69.14 28.03 8.53
C VAL B 785 -68.88 28.75 9.84
N LYS B 786 -69.64 29.81 10.07
CA LYS B 786 -69.48 30.61 11.28
C LYS B 786 -70.01 29.89 12.50
N GLN B 787 -71.27 29.48 12.46
CA GLN B 787 -71.96 28.90 13.59
C GLN B 787 -72.10 27.41 13.38
N ILE B 788 -72.44 26.71 14.44
CA ILE B 788 -72.74 25.29 14.35
C ILE B 788 -74.26 25.17 14.37
N TYR B 789 -74.85 25.03 13.19
CA TYR B 789 -76.28 25.02 13.02
C TYR B 789 -76.87 23.65 13.34
N LYS B 790 -78.11 23.65 13.84
CA LYS B 790 -78.84 22.45 14.19
C LYS B 790 -80.17 22.40 13.46
N THR B 791 -80.58 21.19 13.10
CA THR B 791 -81.90 20.98 12.53
C THR B 791 -82.95 20.94 13.64
N PRO B 792 -84.18 21.36 13.33
CA PRO B 792 -85.22 21.33 14.36
C PRO B 792 -85.68 19.91 14.64
N PRO B 793 -86.29 19.66 15.80
CA PRO B 793 -86.66 18.29 16.17
C PRO B 793 -87.69 17.63 15.26
N ILE B 794 -88.56 18.40 14.60
CA ILE B 794 -89.45 17.85 13.58
C ILE B 794 -88.65 17.58 12.32
N LYS B 795 -89.27 16.92 11.35
CA LYS B 795 -88.62 16.74 10.06
C LYS B 795 -89.61 17.01 8.94
N ASP B 796 -90.43 18.06 9.08
CA ASP B 796 -91.42 18.39 8.07
C ASP B 796 -90.73 19.18 6.98
N PHE B 797 -90.21 18.47 5.97
CA PHE B 797 -89.48 19.09 4.87
C PHE B 797 -90.19 18.94 3.54
N GLY B 798 -91.51 18.98 3.53
CA GLY B 798 -92.24 18.90 2.29
C GLY B 798 -92.29 17.53 1.65
N GLY B 799 -92.13 16.48 2.42
CA GLY B 799 -92.06 15.14 1.89
C GLY B 799 -90.66 14.66 1.57
N PHE B 800 -89.66 15.52 1.71
CA PHE B 800 -88.28 15.13 1.49
C PHE B 800 -87.71 14.53 2.77
N ASN B 801 -86.90 13.50 2.62
CA ASN B 801 -86.46 12.67 3.72
C ASN B 801 -84.93 12.64 3.71
N PHE B 802 -84.32 13.22 4.73
CA PHE B 802 -82.87 13.37 4.79
C PHE B 802 -82.26 12.48 5.85
N SER B 803 -82.97 11.45 6.28
CA SER B 803 -82.55 10.70 7.46
C SER B 803 -81.26 9.92 7.26
N GLN B 804 -80.95 9.52 6.04
CA GLN B 804 -79.74 8.76 5.82
C GLN B 804 -78.49 9.62 5.80
N ILE B 805 -78.62 10.94 5.80
CA ILE B 805 -77.47 11.83 5.77
C ILE B 805 -77.45 12.80 6.93
N LEU B 806 -78.42 12.76 7.79
CA LEU B 806 -78.32 13.54 9.03
C LEU B 806 -77.65 12.71 10.11
N PRO B 807 -77.07 13.36 11.13
CA PRO B 807 -76.30 12.60 12.12
C PRO B 807 -77.14 11.63 12.92
N ASP B 808 -76.46 10.59 13.41
CA ASP B 808 -77.10 9.50 14.15
C ASP B 808 -76.91 9.73 15.64
N PRO B 809 -77.95 10.09 16.40
CA PRO B 809 -77.76 10.43 17.81
C PRO B 809 -77.34 9.26 18.68
N SER B 810 -77.54 8.02 18.23
CA SER B 810 -77.15 6.84 19.01
C SER B 810 -75.78 6.34 18.61
N LYS B 811 -74.75 7.16 18.81
CA LYS B 811 -73.38 6.79 18.46
C LYS B 811 -72.43 7.70 19.23
N PRO B 812 -71.24 7.19 19.57
CA PRO B 812 -70.20 8.08 20.12
C PRO B 812 -69.70 9.08 19.09
N SER B 813 -69.60 8.67 17.83
CA SER B 813 -69.06 9.53 16.78
C SER B 813 -70.11 10.45 16.16
N LYS B 814 -71.39 10.11 16.30
CA LYS B 814 -72.49 10.93 15.78
C LYS B 814 -72.40 11.09 14.27
N ARG B 815 -71.88 10.10 13.57
CA ARG B 815 -71.84 10.14 12.12
C ARG B 815 -73.21 9.79 11.56
N SER B 816 -73.38 10.03 10.26
CA SER B 816 -74.60 9.62 9.61
C SER B 816 -74.45 8.20 9.08
N PHE B 817 -75.55 7.67 8.56
CA PHE B 817 -75.55 6.32 8.02
C PHE B 817 -74.56 6.18 6.86
N ILE B 818 -74.53 7.16 5.98
CA ILE B 818 -73.67 7.08 4.81
C ILE B 818 -72.23 7.37 5.18
N GLU B 819 -72.00 8.21 6.18
CA GLU B 819 -70.67 8.41 6.70
C GLU B 819 -70.15 7.22 7.47
N ASP B 820 -71.03 6.40 8.04
CA ASP B 820 -70.62 5.12 8.61
C ASP B 820 -70.28 4.10 7.53
N LEU B 821 -71.04 4.09 6.44
CA LEU B 821 -70.66 3.21 5.33
C LEU B 821 -69.32 3.60 4.74
N LEU B 822 -69.02 4.89 4.65
CA LEU B 822 -67.76 5.30 4.02
C LEU B 822 -66.56 5.00 4.89
N PHE B 823 -66.72 4.95 6.21
CA PHE B 823 -65.58 4.74 7.08
C PHE B 823 -65.26 3.27 7.29
N ASN B 824 -66.07 2.35 6.76
CA ASN B 824 -65.76 0.94 6.81
C ASN B 824 -65.25 0.41 5.49
N LYS B 825 -65.05 1.27 4.50
CA LYS B 825 -64.55 0.85 3.21
C LYS B 825 -63.14 1.32 2.91
N VAL B 826 -62.62 2.26 3.70
CA VAL B 826 -61.27 2.76 3.47
C VAL B 826 -60.38 2.40 4.64
N LYS B 854 -43.76 1.93 15.84
CA LYS B 854 -42.51 2.65 16.06
C LYS B 854 -41.39 2.02 15.24
N PHE B 855 -40.45 2.85 14.78
CA PHE B 855 -39.40 2.41 13.88
C PHE B 855 -38.13 3.23 14.06
N ASN B 856 -37.27 3.18 13.05
CA ASN B 856 -35.93 3.77 13.11
C ASN B 856 -35.93 5.28 12.90
N GLY B 857 -36.63 6.01 13.76
CA GLY B 857 -36.74 7.45 13.61
C GLY B 857 -38.01 7.93 12.95
N LEU B 858 -38.91 7.02 12.57
CA LEU B 858 -40.13 7.37 11.88
C LEU B 858 -41.25 7.61 12.87
N THR B 859 -42.04 8.65 12.62
CA THR B 859 -43.12 9.05 13.52
C THR B 859 -44.31 9.52 12.70
N VAL B 860 -45.51 9.25 13.22
CA VAL B 860 -46.76 9.72 12.63
C VAL B 860 -47.43 10.67 13.62
N LEU B 861 -47.63 11.89 13.23
CA LEU B 861 -48.32 12.85 14.06
C LEU B 861 -49.83 12.75 13.84
N PRO B 862 -50.64 13.07 14.85
CA PRO B 862 -52.08 13.05 14.67
C PRO B 862 -52.60 14.35 14.08
N PRO B 863 -53.69 14.31 13.34
CA PRO B 863 -54.29 15.55 12.82
C PRO B 863 -54.83 16.43 13.94
N LEU B 864 -54.85 17.74 13.67
CA LEU B 864 -55.34 18.69 14.66
C LEU B 864 -56.83 18.51 14.93
N LEU B 865 -57.61 18.31 13.88
CA LEU B 865 -59.02 18.03 14.01
C LEU B 865 -59.23 16.52 14.09
N THR B 866 -59.91 16.08 15.13
CA THR B 866 -60.49 14.75 15.15
C THR B 866 -61.50 14.63 14.02
N ASP B 867 -61.89 13.41 13.68
CA ASP B 867 -62.95 13.32 12.69
C ASP B 867 -64.33 13.36 13.30
N GLU B 868 -64.46 13.33 14.62
CA GLU B 868 -65.67 13.81 15.25
C GLU B 868 -65.92 15.27 14.95
N MET B 869 -64.90 16.11 15.07
CA MET B 869 -64.99 17.50 14.70
C MET B 869 -65.33 17.70 13.24
N ILE B 870 -64.78 16.86 12.36
CA ILE B 870 -65.08 16.99 10.95
C ILE B 870 -66.53 16.59 10.67
N ALA B 871 -67.01 15.53 11.32
CA ALA B 871 -68.40 15.18 11.17
C ALA B 871 -69.33 16.25 11.73
N GLN B 872 -68.89 16.95 12.75
CA GLN B 872 -69.65 18.04 13.31
C GLN B 872 -69.67 19.29 12.44
N TYR B 873 -68.59 19.54 11.69
CA TYR B 873 -68.64 20.60 10.68
C TYR B 873 -69.57 20.22 9.53
N THR B 874 -69.54 18.97 9.09
CA THR B 874 -70.38 18.59 7.95
C THR B 874 -71.85 18.59 8.29
N SER B 875 -72.23 18.15 9.47
CA SER B 875 -73.64 18.19 9.83
C SER B 875 -74.17 19.61 9.96
N ALA B 876 -73.33 20.56 10.37
CA ALA B 876 -73.75 21.95 10.44
C ALA B 876 -73.88 22.57 9.08
N LEU B 877 -72.98 22.24 8.15
CA LEU B 877 -73.17 22.64 6.76
C LEU B 877 -74.47 22.07 6.20
N LEU B 878 -74.83 20.85 6.58
CA LEU B 878 -76.06 20.26 6.09
C LEU B 878 -77.30 20.93 6.64
N ALA B 879 -77.36 21.18 7.93
CA ALA B 879 -78.48 21.88 8.55
C ALA B 879 -78.59 23.32 8.10
N GLY B 880 -77.50 23.98 7.74
CA GLY B 880 -77.59 25.30 7.16
C GLY B 880 -78.31 25.28 5.83
N THR B 881 -77.98 24.32 4.98
CA THR B 881 -78.59 24.19 3.66
C THR B 881 -80.05 23.77 3.71
N ILE B 882 -80.40 22.83 4.58
CA ILE B 882 -81.76 22.33 4.59
C ILE B 882 -82.71 23.35 5.20
N THR B 883 -82.20 24.27 5.98
CA THR B 883 -83.05 25.21 6.70
C THR B 883 -83.02 26.62 6.13
N SER B 884 -81.95 27.02 5.47
CA SER B 884 -81.83 28.40 5.02
C SER B 884 -81.45 28.53 3.56
N GLY B 885 -81.33 27.45 2.82
CA GLY B 885 -80.97 27.54 1.43
C GLY B 885 -79.54 28.01 1.23
N TRP B 886 -79.37 29.18 0.62
CA TRP B 886 -78.05 29.74 0.39
C TRP B 886 -77.80 31.02 1.16
N THR B 887 -78.66 31.39 2.09
CA THR B 887 -78.50 32.65 2.76
C THR B 887 -77.42 32.62 3.83
N PHE B 888 -77.19 31.47 4.45
CA PHE B 888 -76.17 31.37 5.47
C PHE B 888 -74.76 31.44 4.90
N GLY B 889 -74.59 31.23 3.60
CA GLY B 889 -73.28 31.36 2.99
C GLY B 889 -72.91 32.78 2.62
N ALA B 890 -73.85 33.71 2.72
CA ALA B 890 -73.59 35.11 2.41
C ALA B 890 -73.82 36.04 3.59
N GLY B 891 -74.24 35.52 4.73
CA GLY B 891 -74.49 36.34 5.89
C GLY B 891 -75.19 35.54 6.96
N ALA B 892 -76.18 36.13 7.60
CA ALA B 892 -76.96 35.43 8.60
C ALA B 892 -77.95 34.49 7.96
N ALA B 893 -78.21 33.37 8.62
CA ALA B 893 -79.10 32.36 8.08
C ALA B 893 -80.54 32.83 8.20
N LEU B 894 -81.25 32.81 7.09
CA LEU B 894 -82.64 33.24 7.02
C LEU B 894 -83.48 32.02 6.66
N GLN B 895 -84.36 31.61 7.57
CA GLN B 895 -85.15 30.42 7.33
C GLN B 895 -86.15 30.64 6.20
N ILE B 896 -86.46 29.56 5.51
CA ILE B 896 -87.42 29.54 4.40
C ILE B 896 -87.94 28.11 4.37
N PRO B 897 -89.21 27.85 4.05
CA PRO B 897 -89.66 26.47 3.95
C PRO B 897 -89.02 25.73 2.77
N PHE B 898 -88.81 24.43 2.94
CA PHE B 898 -87.98 23.69 2.00
C PHE B 898 -88.59 23.60 0.61
N ALA B 899 -89.90 23.43 0.50
CA ALA B 899 -90.51 23.42 -0.82
C ALA B 899 -90.35 24.75 -1.53
N MET B 900 -90.43 25.86 -0.81
CA MET B 900 -90.26 27.16 -1.45
C MET B 900 -88.82 27.39 -1.87
N GLN B 901 -87.87 26.83 -1.14
CA GLN B 901 -86.48 26.91 -1.54
C GLN B 901 -86.23 26.05 -2.77
N MET B 902 -86.85 24.88 -2.82
CA MET B 902 -86.80 24.03 -4.00
C MET B 902 -87.40 24.71 -5.22
N ALA B 903 -88.44 25.50 -5.01
CA ALA B 903 -89.04 26.27 -6.08
C ALA B 903 -88.18 27.44 -6.53
N TYR B 904 -87.46 28.08 -5.63
CA TYR B 904 -86.46 29.07 -6.02
C TYR B 904 -85.38 28.45 -6.90
N ARG B 905 -84.94 27.25 -6.55
CA ARG B 905 -83.91 26.56 -7.31
C ARG B 905 -84.41 26.11 -8.68
N PHE B 906 -85.68 25.73 -8.79
CA PHE B 906 -86.22 25.43 -10.11
C PHE B 906 -86.20 26.64 -11.02
N ASN B 907 -86.40 27.84 -10.48
CA ASN B 907 -86.24 29.05 -11.25
C ASN B 907 -84.82 29.26 -11.73
N GLY B 908 -83.84 28.83 -10.95
CA GLY B 908 -82.45 29.08 -11.30
C GLY B 908 -81.99 28.27 -12.49
N ILE B 909 -82.64 27.15 -12.76
CA ILE B 909 -82.35 26.37 -13.94
C ILE B 909 -83.31 26.65 -15.08
N GLY B 910 -84.15 27.66 -14.96
CA GLY B 910 -85.03 28.05 -16.04
C GLY B 910 -86.32 27.29 -16.16
N VAL B 911 -86.79 26.68 -15.09
CA VAL B 911 -88.10 26.06 -15.07
C VAL B 911 -89.01 26.94 -14.24
N THR B 912 -90.26 27.02 -14.64
CA THR B 912 -91.21 27.86 -13.97
C THR B 912 -91.71 27.17 -12.71
N GLN B 913 -91.95 27.94 -11.67
CA GLN B 913 -91.98 27.35 -10.33
C GLN B 913 -93.28 26.65 -9.97
N ASN B 914 -94.33 26.77 -10.77
CA ASN B 914 -95.47 25.89 -10.55
C ASN B 914 -95.20 24.46 -10.98
N VAL B 915 -94.22 24.23 -11.84
CA VAL B 915 -93.83 22.87 -12.19
C VAL B 915 -93.37 22.12 -10.96
N LEU B 916 -92.84 22.81 -9.96
CA LEU B 916 -92.48 22.15 -8.72
C LEU B 916 -93.69 21.92 -7.83
N TYR B 917 -94.53 22.93 -7.66
CA TYR B 917 -95.61 22.80 -6.69
C TYR B 917 -96.68 21.84 -7.16
N GLU B 918 -96.85 21.69 -8.46
CA GLU B 918 -97.83 20.75 -8.98
C GLU B 918 -97.29 19.34 -9.09
N ASN B 919 -96.01 19.12 -8.82
CA ASN B 919 -95.37 17.82 -8.91
C ASN B 919 -94.58 17.49 -7.65
N GLN B 920 -94.87 18.19 -6.56
CA GLN B 920 -94.12 18.05 -5.32
C GLN B 920 -93.95 16.60 -4.87
N LYS B 921 -95.04 15.83 -4.82
CA LYS B 921 -94.95 14.46 -4.32
C LYS B 921 -94.09 13.58 -5.21
N LEU B 922 -94.26 13.66 -6.51
CA LEU B 922 -93.43 12.90 -7.43
C LEU B 922 -91.97 13.30 -7.31
N ILE B 923 -91.68 14.59 -7.18
CA ILE B 923 -90.31 15.04 -7.08
C ILE B 923 -89.66 14.55 -5.79
N ALA B 924 -90.41 14.59 -4.69
CA ALA B 924 -89.91 14.08 -3.42
C ALA B 924 -89.69 12.58 -3.43
N ASN B 925 -90.58 11.80 -4.03
CA ASN B 925 -90.35 10.38 -4.21
C ASN B 925 -89.12 10.08 -5.04
N GLN B 926 -88.91 10.79 -6.15
CA GLN B 926 -87.71 10.57 -6.93
C GLN B 926 -86.44 10.89 -6.16
N PHE B 927 -86.42 12.00 -5.41
CA PHE B 927 -85.28 12.26 -4.56
C PHE B 927 -85.04 11.11 -3.59
N ASN B 928 -86.10 10.64 -2.93
CA ASN B 928 -85.96 9.60 -1.91
C ASN B 928 -85.45 8.29 -2.49
N SER B 929 -85.94 7.90 -3.66
CA SER B 929 -85.41 6.70 -4.30
C SER B 929 -83.96 6.86 -4.74
N ALA B 930 -83.59 8.02 -5.28
CA ALA B 930 -82.20 8.23 -5.66
C ALA B 930 -81.27 8.23 -4.46
N ILE B 931 -81.73 8.71 -3.31
CA ILE B 931 -80.89 8.66 -2.12
C ILE B 931 -80.78 7.24 -1.62
N GLY B 932 -81.86 6.47 -1.71
CA GLY B 932 -81.78 5.06 -1.37
C GLY B 932 -80.84 4.26 -2.24
N LYS B 933 -80.75 4.58 -3.52
CA LYS B 933 -79.84 3.83 -4.38
C LYS B 933 -78.38 4.05 -4.06
N ILE B 934 -78.03 5.13 -3.37
CA ILE B 934 -76.61 5.43 -3.16
C ILE B 934 -76.00 4.46 -2.17
N GLN B 935 -76.70 4.14 -1.08
CA GLN B 935 -76.17 3.15 -0.15
C GLN B 935 -75.97 1.79 -0.82
N ASP B 936 -76.95 1.31 -1.57
CA ASP B 936 -76.77 0.07 -2.31
C ASP B 936 -75.58 0.15 -3.25
N SER B 937 -75.43 1.26 -3.96
CA SER B 937 -74.25 1.43 -4.79
C SER B 937 -72.98 1.55 -3.97
N LEU B 938 -73.08 1.73 -2.66
CA LEU B 938 -71.90 1.83 -1.81
C LEU B 938 -71.64 0.54 -1.05
N SER B 939 -72.63 0.08 -0.28
CA SER B 939 -72.49 -1.16 0.47
C SER B 939 -72.78 -2.39 -0.39
N ALA B 944 -65.12 2.95 -6.71
CA ALA B 944 -65.83 3.82 -5.77
C ALA B 944 -64.84 4.69 -5.00
N LEU B 945 -64.40 4.19 -3.85
CA LEU B 945 -63.47 4.91 -2.99
C LEU B 945 -62.02 4.53 -3.27
N GLY B 946 -61.71 4.19 -4.52
CA GLY B 946 -60.34 3.92 -4.90
C GLY B 946 -59.45 5.14 -4.90
N LYS B 947 -60.01 6.33 -5.12
CA LYS B 947 -59.20 7.54 -5.08
C LYS B 947 -58.69 7.84 -3.68
N LEU B 948 -59.39 7.40 -2.65
CA LEU B 948 -58.92 7.55 -1.29
C LEU B 948 -58.01 6.42 -0.88
N GLN B 949 -58.18 5.24 -1.46
CA GLN B 949 -57.29 4.13 -1.16
C GLN B 949 -55.92 4.30 -1.80
N ASP B 950 -55.86 4.85 -3.00
CA ASP B 950 -54.59 5.10 -3.66
C ASP B 950 -53.65 5.98 -2.86
N VAL B 951 -54.14 7.02 -2.22
CA VAL B 951 -53.26 7.90 -1.46
C VAL B 951 -52.64 7.15 -0.30
N VAL B 952 -53.45 6.42 0.46
CA VAL B 952 -52.99 5.60 1.56
C VAL B 952 -52.00 4.55 1.10
N ASN B 953 -52.27 3.91 -0.03
CA ASN B 953 -51.41 2.86 -0.54
C ASN B 953 -50.07 3.41 -0.99
N GLN B 954 -50.08 4.48 -1.77
CA GLN B 954 -48.82 5.07 -2.22
C GLN B 954 -47.98 5.55 -1.06
N ASN B 955 -48.61 6.09 -0.02
CA ASN B 955 -47.79 6.56 1.09
C ASN B 955 -47.23 5.39 1.91
N ALA B 956 -48.03 4.37 2.19
CA ALA B 956 -47.50 3.24 2.93
C ALA B 956 -46.42 2.52 2.16
N GLN B 957 -46.59 2.38 0.86
CA GLN B 957 -45.58 1.73 0.04
C GLN B 957 -44.31 2.55 -0.07
N ALA B 958 -44.40 3.88 -0.09
CA ALA B 958 -43.17 4.67 -0.10
C ALA B 958 -42.48 4.68 1.25
N LEU B 959 -43.21 4.46 2.33
CA LEU B 959 -42.58 4.37 3.64
C LEU B 959 -41.97 3.00 3.90
N ASN B 960 -42.47 1.96 3.24
CA ASN B 960 -41.89 0.63 3.37
C ASN B 960 -40.54 0.51 2.67
N THR B 961 -40.37 1.19 1.53
CA THR B 961 -39.11 1.20 0.81
C THR B 961 -37.99 1.88 1.59
N LEU B 962 -38.28 2.96 2.31
CA LEU B 962 -37.26 3.62 3.12
C LEU B 962 -36.72 2.72 4.21
N VAL B 963 -37.58 1.93 4.83
CA VAL B 963 -37.13 0.99 5.83
C VAL B 963 -36.37 -0.17 5.21
N LYS B 964 -36.84 -0.68 4.07
CA LYS B 964 -36.12 -1.77 3.44
C LYS B 964 -34.75 -1.36 2.92
N GLN B 965 -34.54 -0.09 2.62
CA GLN B 965 -33.24 0.39 2.18
C GLN B 965 -32.18 0.41 3.27
N LEU B 966 -32.52 0.03 4.49
CA LEU B 966 -31.52 0.02 5.54
C LEU B 966 -30.75 -1.28 5.61
N SER B 967 -31.24 -2.34 4.99
CA SER B 967 -30.46 -3.55 4.85
C SER B 967 -29.82 -3.65 3.48
N SER B 968 -28.97 -2.69 3.11
CA SER B 968 -28.16 -2.74 1.90
C SER B 968 -26.80 -2.20 2.25
N ASN B 969 -25.73 -2.83 1.74
CA ASN B 969 -24.41 -2.37 2.12
C ASN B 969 -23.95 -1.17 1.32
N PHE B 970 -24.52 -0.96 0.14
CA PHE B 970 -24.09 0.08 -0.79
C PHE B 970 -22.62 -0.06 -1.15
N GLY B 971 -22.09 -1.28 -1.11
CA GLY B 971 -20.70 -1.50 -1.45
C GLY B 971 -19.75 -1.46 -0.28
N ALA B 972 -20.26 -1.67 0.93
CA ALA B 972 -19.44 -1.88 2.11
C ALA B 972 -19.44 -3.37 2.41
N ILE B 973 -18.75 -3.79 3.47
CA ILE B 973 -18.71 -5.21 3.75
C ILE B 973 -20.06 -5.70 4.24
N SER B 974 -20.72 -4.94 5.10
CA SER B 974 -22.03 -5.34 5.60
C SER B 974 -22.89 -4.09 5.72
N SER B 975 -24.11 -4.29 6.20
CA SER B 975 -25.10 -3.23 6.27
C SER B 975 -25.54 -2.95 7.69
N VAL B 976 -24.81 -3.46 8.69
CA VAL B 976 -25.15 -3.28 10.09
C VAL B 976 -23.98 -2.64 10.80
N LEU B 977 -24.20 -1.45 11.36
CA LEU B 977 -23.14 -0.55 11.81
C LEU B 977 -22.32 -1.09 12.96
N ASN B 978 -22.69 -2.22 13.56
CA ASN B 978 -21.85 -2.79 14.60
C ASN B 978 -20.85 -3.80 14.04
N ASP B 979 -21.30 -4.71 13.19
CA ASP B 979 -20.41 -5.74 12.69
C ASP B 979 -19.29 -5.13 11.83
N ILE B 980 -19.57 -4.02 11.16
CA ILE B 980 -18.49 -3.31 10.48
C ILE B 980 -17.55 -2.75 11.55
N LEU B 981 -18.12 -2.37 12.68
CA LEU B 981 -17.36 -1.64 13.67
C LEU B 981 -16.61 -2.51 14.65
N SER B 982 -17.00 -3.76 14.83
CA SER B 982 -16.35 -4.66 15.76
C SER B 982 -15.54 -5.70 15.01
N ARG B 983 -15.26 -5.44 13.74
CA ARG B 983 -14.43 -6.34 12.95
C ARG B 983 -13.39 -5.56 12.17
N LEU B 984 -13.28 -4.26 12.44
CA LEU B 984 -12.20 -3.47 11.86
C LEU B 984 -11.82 -2.38 12.86
N ASP B 985 -10.65 -1.80 12.64
CA ASP B 985 -10.15 -0.71 13.46
C ASP B 985 -10.33 0.63 12.76
N PRO B 986 -10.37 1.74 13.50
CA PRO B 986 -11.07 2.96 13.03
C PRO B 986 -10.70 3.38 11.62
N PRO B 987 -9.41 3.53 11.27
CA PRO B 987 -9.13 4.05 9.92
C PRO B 987 -9.56 3.10 8.82
N GLU B 988 -9.74 1.82 9.16
CA GLU B 988 -10.31 0.88 8.22
C GLU B 988 -11.84 0.96 8.19
N ALA B 989 -12.47 1.25 9.31
CA ALA B 989 -13.91 1.21 9.40
C ALA B 989 -14.56 2.50 8.89
N GLU B 990 -13.95 3.64 9.15
CA GLU B 990 -14.45 4.91 8.65
C GLU B 990 -14.70 4.88 7.14
N VAL B 991 -13.87 4.15 6.39
CA VAL B 991 -14.09 4.05 4.96
C VAL B 991 -15.42 3.40 4.64
N GLN B 992 -15.76 2.30 5.31
CA GLN B 992 -17.02 1.62 5.04
C GLN B 992 -18.21 2.41 5.57
N ILE B 993 -18.03 3.05 6.73
CA ILE B 993 -19.14 3.79 7.31
C ILE B 993 -19.48 4.99 6.45
N ASP B 994 -18.51 5.57 5.76
CA ASP B 994 -18.87 6.65 4.84
C ASP B 994 -19.67 6.17 3.65
N ARG B 995 -19.41 4.98 3.13
CA ARG B 995 -20.26 4.42 2.08
C ARG B 995 -21.68 4.17 2.55
N LEU B 996 -21.82 3.56 3.73
CA LEU B 996 -23.14 3.38 4.31
C LEU B 996 -23.87 4.71 4.47
N ILE B 997 -23.19 5.74 4.97
CA ILE B 997 -23.80 7.04 5.14
C ILE B 997 -24.26 7.61 3.81
N THR B 998 -23.42 7.51 2.78
CA THR B 998 -23.80 8.06 1.49
C THR B 998 -25.05 7.41 0.94
N GLY B 999 -25.13 6.08 1.00
CA GLY B 999 -26.33 5.42 0.53
C GLY B 999 -27.57 5.78 1.32
N ARG B 1000 -27.48 5.79 2.64
CA ARG B 1000 -28.63 6.08 3.48
C ARG B 1000 -29.09 7.53 3.37
N LEU B 1001 -28.20 8.45 3.08
CA LEU B 1001 -28.61 9.83 2.85
C LEU B 1001 -29.26 10.00 1.49
N GLN B 1002 -28.78 9.30 0.47
CA GLN B 1002 -29.45 9.31 -0.84
C GLN B 1002 -30.87 8.78 -0.76
N SER B 1003 -31.09 7.70 0.00
CA SER B 1003 -32.44 7.16 0.15
C SER B 1003 -33.40 8.16 0.78
N LEU B 1004 -32.97 8.86 1.81
CA LEU B 1004 -33.80 9.83 2.47
C LEU B 1004 -34.08 11.04 1.59
N GLN B 1005 -33.14 11.46 0.77
CA GLN B 1005 -33.44 12.54 -0.15
C GLN B 1005 -34.46 12.14 -1.20
N THR B 1006 -34.34 10.93 -1.73
CA THR B 1006 -35.36 10.45 -2.65
C THR B 1006 -36.74 10.44 -2.01
N TYR B 1007 -36.82 9.96 -0.77
CA TYR B 1007 -38.09 9.92 -0.07
C TYR B 1007 -38.68 11.33 0.10
N VAL B 1008 -37.87 12.28 0.56
CA VAL B 1008 -38.42 13.60 0.85
C VAL B 1008 -38.82 14.33 -0.43
N THR B 1009 -38.03 14.19 -1.50
CA THR B 1009 -38.41 14.85 -2.75
C THR B 1009 -39.72 14.33 -3.28
N GLN B 1010 -39.94 13.01 -3.21
CA GLN B 1010 -41.21 12.51 -3.65
C GLN B 1010 -42.38 12.88 -2.75
N GLN B 1011 -42.17 13.01 -1.44
CA GLN B 1011 -43.24 13.51 -0.61
C GLN B 1011 -43.59 14.95 -0.93
N LEU B 1012 -42.60 15.77 -1.26
CA LEU B 1012 -42.87 17.12 -1.71
C LEU B 1012 -43.66 17.17 -2.99
N ILE B 1013 -43.36 16.29 -3.93
CA ILE B 1013 -44.10 16.29 -5.19
C ILE B 1013 -45.51 15.73 -5.01
N ARG B 1014 -45.66 14.77 -4.09
CA ARG B 1014 -46.97 14.19 -3.83
C ARG B 1014 -47.86 15.08 -2.97
N ALA B 1015 -47.31 15.98 -2.18
CA ALA B 1015 -48.15 16.86 -1.39
C ALA B 1015 -48.71 18.01 -2.19
N ALA B 1016 -47.99 18.48 -3.20
CA ALA B 1016 -48.50 19.49 -4.10
C ALA B 1016 -49.66 19.01 -4.94
N GLU B 1017 -49.76 17.71 -5.16
CA GLU B 1017 -50.91 17.11 -5.84
C GLU B 1017 -52.12 16.97 -4.94
N ILE B 1018 -51.90 16.78 -3.64
CA ILE B 1018 -52.99 16.70 -2.68
C ILE B 1018 -53.53 18.10 -2.39
N ARG B 1019 -52.67 19.10 -2.48
CA ARG B 1019 -53.10 20.47 -2.25
C ARG B 1019 -53.96 20.98 -3.39
N ALA B 1020 -53.64 20.65 -4.63
CA ALA B 1020 -54.46 21.04 -5.75
C ALA B 1020 -55.84 20.38 -5.70
N SER B 1021 -55.95 19.23 -5.03
CA SER B 1021 -57.20 18.53 -4.86
C SER B 1021 -58.04 19.11 -3.73
N ALA B 1022 -57.42 19.44 -2.62
CA ALA B 1022 -58.11 20.14 -1.54
C ALA B 1022 -58.56 21.53 -1.95
N ASN B 1023 -57.84 22.19 -2.87
CA ASN B 1023 -58.29 23.46 -3.40
C ASN B 1023 -59.53 23.34 -4.26
N LEU B 1024 -59.62 22.30 -5.08
CA LEU B 1024 -60.82 21.99 -5.82
C LEU B 1024 -61.99 21.64 -4.92
N ALA B 1025 -61.73 20.91 -3.84
CA ALA B 1025 -62.76 20.63 -2.85
C ALA B 1025 -63.28 21.87 -2.17
N ALA B 1026 -62.42 22.81 -1.79
CA ALA B 1026 -62.88 24.04 -1.18
C ALA B 1026 -63.77 24.87 -2.09
N THR B 1027 -63.43 24.95 -3.37
CA THR B 1027 -64.25 25.63 -4.36
C THR B 1027 -65.56 24.94 -4.58
N LYS B 1028 -65.58 23.60 -4.62
CA LYS B 1028 -66.84 22.89 -4.69
C LYS B 1028 -67.69 23.10 -3.46
N MET B 1029 -67.13 23.09 -2.26
CA MET B 1029 -67.94 23.32 -1.08
C MET B 1029 -68.53 24.71 -1.06
N SER B 1030 -67.78 25.68 -1.58
CA SER B 1030 -68.31 27.04 -1.65
C SER B 1030 -69.40 27.17 -2.70
N GLU B 1031 -69.19 26.59 -3.86
CA GLU B 1031 -70.01 26.91 -5.02
C GLU B 1031 -71.12 25.91 -5.28
N CYS B 1032 -71.06 24.71 -4.70
CA CYS B 1032 -72.09 23.71 -4.96
C CYS B 1032 -72.91 23.39 -3.73
N VAL B 1033 -72.38 23.73 -2.56
CA VAL B 1033 -73.06 23.46 -1.32
C VAL B 1033 -73.61 24.75 -0.72
N LEU B 1034 -72.85 25.84 -0.80
CA LEU B 1034 -73.31 27.14 -0.32
C LEU B 1034 -73.97 27.97 -1.41
N GLY B 1035 -74.15 27.44 -2.60
CA GLY B 1035 -74.91 28.14 -3.60
C GLY B 1035 -75.36 27.21 -4.70
N GLN B 1036 -75.97 27.80 -5.72
CA GLN B 1036 -76.35 27.09 -6.92
C GLN B 1036 -75.47 27.51 -8.09
N SER B 1037 -74.93 26.55 -8.80
CA SER B 1037 -73.94 26.79 -9.84
C SER B 1037 -74.56 26.73 -11.23
N LYS B 1038 -74.09 27.60 -12.11
CA LYS B 1038 -74.44 27.55 -13.52
C LYS B 1038 -73.31 27.05 -14.38
N ARG B 1039 -72.14 26.80 -13.81
CA ARG B 1039 -71.01 26.20 -14.52
C ARG B 1039 -71.35 24.76 -14.90
N VAL B 1040 -71.19 24.44 -16.18
CA VAL B 1040 -71.62 23.14 -16.71
C VAL B 1040 -70.69 22.03 -16.25
N ASP B 1041 -71.28 21.02 -15.62
CA ASP B 1041 -70.55 19.85 -15.15
C ASP B 1041 -69.64 20.05 -13.94
N PHE B 1042 -69.81 21.16 -13.24
CA PHE B 1042 -68.98 21.42 -12.06
C PHE B 1042 -69.57 20.73 -10.85
N CYS B 1043 -70.87 20.49 -10.91
CA CYS B 1043 -71.58 19.84 -9.82
C CYS B 1043 -72.46 18.69 -10.33
N GLY B 1044 -71.89 17.80 -11.13
CA GLY B 1044 -72.64 16.68 -11.67
C GLY B 1044 -73.16 16.85 -13.09
N LYS B 1045 -73.94 15.87 -13.56
CA LYS B 1045 -74.51 15.89 -14.91
C LYS B 1045 -75.98 16.31 -14.82
N GLY B 1046 -76.35 17.33 -15.57
CA GLY B 1046 -77.69 17.87 -15.52
C GLY B 1046 -77.63 19.29 -15.06
N TYR B 1047 -78.79 19.84 -14.74
CA TYR B 1047 -78.86 21.18 -14.19
C TYR B 1047 -78.78 21.12 -12.67
N HIS B 1048 -77.72 21.69 -12.12
CA HIS B 1048 -77.45 21.61 -10.70
C HIS B 1048 -78.60 22.17 -9.89
N LEU B 1049 -79.19 21.35 -9.03
CA LEU B 1049 -80.16 21.83 -8.06
C LEU B 1049 -79.50 22.14 -6.73
N MET B 1050 -78.89 21.14 -6.09
CA MET B 1050 -78.23 21.37 -4.81
C MET B 1050 -77.24 20.26 -4.54
N SER B 1051 -76.38 20.44 -3.55
CA SER B 1051 -75.35 19.46 -3.22
C SER B 1051 -75.22 19.34 -1.71
N PHE B 1052 -74.91 18.13 -1.25
CA PHE B 1052 -74.76 17.79 0.17
C PHE B 1052 -73.38 17.20 0.44
N PRO B 1053 -72.67 17.66 1.47
CA PRO B 1053 -71.36 17.07 1.78
C PRO B 1053 -71.41 15.97 2.83
N GLN B 1054 -70.48 15.03 2.70
CA GLN B 1054 -70.27 13.98 3.70
C GLN B 1054 -68.77 13.82 3.88
N SER B 1055 -68.35 13.51 5.09
CA SER B 1055 -66.92 13.36 5.37
C SER B 1055 -66.50 11.92 5.15
N ALA B 1056 -65.34 11.74 4.54
CA ALA B 1056 -64.78 10.42 4.33
C ALA B 1056 -63.44 10.41 5.05
N PRO B 1057 -62.75 9.28 5.16
CA PRO B 1057 -61.41 9.30 5.77
C PRO B 1057 -60.37 9.92 4.84
N HIS B 1058 -59.83 11.07 5.25
CA HIS B 1058 -58.90 11.90 4.49
C HIS B 1058 -59.54 12.54 3.27
N GLY B 1059 -60.86 12.67 3.24
CA GLY B 1059 -61.47 13.17 2.04
C GLY B 1059 -62.88 13.64 2.27
N VAL B 1060 -63.54 13.98 1.17
CA VAL B 1060 -64.91 14.45 1.21
C VAL B 1060 -65.67 13.81 0.05
N VAL B 1061 -66.97 13.62 0.27
CA VAL B 1061 -67.89 13.09 -0.73
C VAL B 1061 -68.97 14.14 -0.93
N PHE B 1062 -69.29 14.42 -2.17
CA PHE B 1062 -70.32 15.36 -2.54
C PHE B 1062 -71.44 14.59 -3.21
N LEU B 1063 -72.64 14.71 -2.69
CA LEU B 1063 -73.83 14.16 -3.32
C LEU B 1063 -74.51 15.30 -4.06
N HIS B 1064 -74.42 15.30 -5.39
CA HIS B 1064 -75.01 16.33 -6.24
C HIS B 1064 -76.40 15.90 -6.68
N VAL B 1065 -77.39 16.74 -6.42
CA VAL B 1065 -78.75 16.61 -6.91
C VAL B 1065 -78.91 17.49 -8.14
N THR B 1066 -79.28 16.88 -9.25
CA THR B 1066 -79.48 17.57 -10.52
C THR B 1066 -80.82 17.20 -11.13
N TYR B 1067 -81.23 18.01 -12.09
CA TYR B 1067 -82.48 17.89 -12.84
C TYR B 1067 -82.15 17.41 -14.25
N VAL B 1068 -82.76 16.32 -14.69
CA VAL B 1068 -82.46 15.76 -16.00
C VAL B 1068 -83.75 15.71 -16.82
N PRO B 1069 -83.83 16.36 -17.97
CA PRO B 1069 -85.07 16.32 -18.75
C PRO B 1069 -85.32 14.95 -19.37
N ALA B 1070 -86.59 14.62 -19.61
CA ALA B 1070 -86.96 13.29 -20.02
C ALA B 1070 -88.22 13.31 -20.87
N GLN B 1071 -88.33 12.30 -21.75
CA GLN B 1071 -89.52 12.03 -22.56
C GLN B 1071 -89.90 13.19 -23.48
N GLU B 1072 -89.03 13.47 -24.44
CA GLU B 1072 -89.27 14.60 -25.31
C GLU B 1072 -90.19 14.23 -26.48
N LYS B 1073 -90.92 15.23 -26.96
CA LYS B 1073 -91.70 15.14 -28.19
C LYS B 1073 -91.14 16.14 -29.18
N ASN B 1074 -91.37 15.87 -30.47
CA ASN B 1074 -90.96 16.79 -31.52
C ASN B 1074 -92.17 17.64 -31.92
N PHE B 1075 -91.89 18.85 -32.40
CA PHE B 1075 -92.86 19.83 -32.79
C PHE B 1075 -92.31 20.60 -33.98
N THR B 1076 -93.20 21.33 -34.63
CA THR B 1076 -92.87 22.34 -35.61
C THR B 1076 -92.68 23.66 -34.89
N THR B 1077 -91.81 24.51 -35.41
CA THR B 1077 -91.44 25.73 -34.72
C THR B 1077 -91.22 26.85 -35.73
N ALA B 1078 -91.14 28.07 -35.22
CA ALA B 1078 -91.00 29.26 -36.04
C ALA B 1078 -90.38 30.34 -35.17
N PRO B 1079 -89.62 31.24 -35.74
CA PRO B 1079 -88.99 32.29 -34.94
C PRO B 1079 -89.90 33.44 -34.56
N ALA B 1080 -90.82 33.83 -35.43
CA ALA B 1080 -91.71 34.95 -35.13
C ALA B 1080 -93.09 34.60 -35.66
N ILE B 1081 -94.04 35.50 -35.43
CA ILE B 1081 -95.40 35.31 -35.93
C ILE B 1081 -95.90 36.63 -36.49
N CYS B 1082 -96.49 36.60 -37.67
CA CYS B 1082 -96.93 37.82 -38.33
C CYS B 1082 -98.41 38.03 -38.15
N HIS B 1083 -98.78 39.22 -37.71
CA HIS B 1083 -100.17 39.57 -37.46
C HIS B 1083 -100.32 41.07 -37.61
N ASP B 1084 -101.30 41.50 -38.40
CA ASP B 1084 -101.52 42.91 -38.73
C ASP B 1084 -100.30 43.57 -39.35
N GLY B 1085 -99.47 42.81 -40.06
CA GLY B 1085 -98.26 43.37 -40.60
C GLY B 1085 -97.19 43.64 -39.57
N LYS B 1086 -97.28 43.02 -38.40
CA LYS B 1086 -96.26 43.18 -37.37
C LYS B 1086 -95.69 41.83 -37.01
N ALA B 1087 -94.41 41.81 -36.65
CA ALA B 1087 -93.73 40.61 -36.22
C ALA B 1087 -93.77 40.51 -34.71
N HIS B 1088 -94.08 39.33 -34.20
CA HIS B 1088 -94.20 39.07 -32.77
C HIS B 1088 -93.18 38.02 -32.39
N PHE B 1089 -92.51 38.24 -31.34
CA PHE B 1089 -91.49 37.38 -30.77
C PHE B 1089 -91.90 36.97 -29.37
N PRO B 1090 -91.55 35.76 -28.93
CA PRO B 1090 -91.92 35.37 -27.57
C PRO B 1090 -91.08 36.10 -26.54
N ARG B 1091 -91.72 36.43 -25.43
CA ARG B 1091 -91.02 37.10 -24.33
C ARG B 1091 -90.04 36.14 -23.66
N GLU B 1092 -90.54 35.02 -23.16
CA GLU B 1092 -89.74 33.84 -22.88
C GLU B 1092 -90.50 32.65 -23.44
N GLY B 1093 -89.78 31.71 -24.01
CA GLY B 1093 -90.40 30.54 -24.58
C GLY B 1093 -90.13 30.43 -26.07
N VAL B 1094 -90.73 29.41 -26.66
CA VAL B 1094 -90.69 29.18 -28.10
C VAL B 1094 -92.11 28.98 -28.60
N PHE B 1095 -92.36 29.43 -29.82
CA PHE B 1095 -93.59 29.12 -30.53
C PHE B 1095 -93.49 27.69 -31.06
N VAL B 1096 -94.47 26.86 -30.75
CA VAL B 1096 -94.53 25.49 -31.24
C VAL B 1096 -95.90 25.23 -31.84
N SER B 1097 -95.97 24.21 -32.69
CA SER B 1097 -97.20 23.81 -33.35
C SER B 1097 -97.45 22.34 -33.10
N ASN B 1098 -98.67 22.00 -32.68
CA ASN B 1098 -99.01 20.61 -32.45
C ASN B 1098 -99.52 19.92 -33.72
N GLY B 1099 -99.48 20.59 -34.85
CA GLY B 1099 -99.94 20.06 -36.11
C GLY B 1099 -100.88 21.03 -36.80
N THR B 1100 -101.74 21.68 -36.03
CA THR B 1100 -102.67 22.64 -36.58
C THR B 1100 -102.75 23.96 -35.82
N HIS B 1101 -102.31 24.01 -34.57
CA HIS B 1101 -102.44 25.21 -33.75
C HIS B 1101 -101.07 25.61 -33.23
N TRP B 1102 -100.94 26.89 -32.88
CA TRP B 1102 -99.70 27.46 -32.41
C TRP B 1102 -99.80 27.87 -30.94
N PHE B 1103 -98.74 27.63 -30.18
CA PHE B 1103 -98.69 27.94 -28.76
C PHE B 1103 -97.32 28.52 -28.43
N VAL B 1104 -97.21 29.15 -27.26
CA VAL B 1104 -95.94 29.47 -26.63
C VAL B 1104 -95.70 28.50 -25.50
N THR B 1105 -94.49 28.00 -25.38
CA THR B 1105 -94.13 27.19 -24.22
C THR B 1105 -92.81 27.69 -23.65
N GLN B 1106 -92.56 27.33 -22.40
CA GLN B 1106 -91.23 27.51 -21.84
C GLN B 1106 -90.29 26.45 -22.43
N ARG B 1107 -89.01 26.77 -22.50
CA ARG B 1107 -88.12 26.00 -23.34
C ARG B 1107 -87.71 24.65 -22.77
N ASN B 1108 -87.89 24.40 -21.49
CA ASN B 1108 -87.36 23.19 -20.88
C ASN B 1108 -88.41 22.23 -20.38
N PHE B 1109 -89.67 22.64 -20.34
CA PHE B 1109 -90.76 21.78 -19.92
C PHE B 1109 -91.96 22.13 -20.78
N TYR B 1110 -92.60 21.15 -21.37
CA TYR B 1110 -93.67 21.41 -22.32
C TYR B 1110 -94.95 21.82 -21.58
N GLU B 1111 -95.37 23.06 -21.77
CA GLU B 1111 -96.53 23.62 -21.09
C GLU B 1111 -97.13 24.68 -21.99
N PRO B 1112 -97.99 24.29 -22.93
CA PRO B 1112 -98.43 25.21 -23.99
C PRO B 1112 -99.55 26.15 -23.58
N GLN B 1113 -99.43 27.39 -24.06
CA GLN B 1113 -100.41 28.43 -23.80
C GLN B 1113 -100.75 29.16 -25.09
N ILE B 1114 -101.85 29.90 -25.08
CA ILE B 1114 -102.27 30.56 -26.30
C ILE B 1114 -101.56 31.91 -26.41
N ILE B 1115 -101.25 32.30 -27.64
CA ILE B 1115 -100.40 33.44 -27.91
C ILE B 1115 -101.21 34.72 -27.77
N THR B 1116 -100.84 35.55 -26.81
CA THR B 1116 -101.50 36.80 -26.53
C THR B 1116 -100.50 37.93 -26.63
N THR B 1117 -100.95 39.15 -26.35
CA THR B 1117 -100.08 40.31 -26.32
C THR B 1117 -99.31 40.43 -25.02
N ASP B 1118 -99.54 39.54 -24.06
CA ASP B 1118 -98.78 39.54 -22.81
C ASP B 1118 -97.74 38.44 -22.84
N ASN B 1119 -97.83 37.57 -23.83
CA ASN B 1119 -96.88 36.50 -24.09
C ASN B 1119 -95.73 36.95 -24.96
N THR B 1120 -95.89 38.03 -25.72
CA THR B 1120 -95.04 38.33 -26.84
C THR B 1120 -94.64 39.79 -26.76
N PHE B 1121 -93.73 40.19 -27.64
CA PHE B 1121 -93.51 41.60 -27.91
C PHE B 1121 -93.40 41.79 -29.41
N VAL B 1122 -93.54 43.03 -29.84
CA VAL B 1122 -93.60 43.39 -31.25
C VAL B 1122 -92.30 44.08 -31.62
N SER B 1123 -91.86 43.86 -32.85
CA SER B 1123 -90.76 44.62 -33.39
C SER B 1123 -90.76 44.53 -34.91
N GLY B 1124 -90.93 45.66 -35.59
CA GLY B 1124 -90.86 45.69 -37.04
C GLY B 1124 -92.07 45.08 -37.72
N ASN B 1125 -91.94 44.94 -39.03
CA ASN B 1125 -92.98 44.36 -39.86
C ASN B 1125 -92.52 43.01 -40.36
N CYS B 1126 -93.47 42.18 -40.81
CA CYS B 1126 -93.14 40.82 -41.19
C CYS B 1126 -92.67 40.72 -42.63
N ASP B 1127 -91.47 41.23 -42.91
CA ASP B 1127 -90.88 41.16 -44.24
C ASP B 1127 -89.41 40.79 -44.16
N VAL B 1128 -88.84 40.84 -42.97
CA VAL B 1128 -87.40 40.76 -42.76
C VAL B 1128 -86.96 39.47 -42.09
N VAL B 1129 -87.85 38.78 -41.40
CA VAL B 1129 -87.49 37.58 -40.65
C VAL B 1129 -87.65 36.38 -41.56
N ILE B 1130 -86.66 35.50 -41.56
CA ILE B 1130 -86.65 34.30 -42.39
C ILE B 1130 -87.40 33.22 -41.64
N GLY B 1131 -88.49 32.75 -42.22
CA GLY B 1131 -89.29 31.71 -41.62
C GLY B 1131 -90.46 32.16 -40.80
N ILE B 1132 -90.91 33.40 -40.96
CA ILE B 1132 -92.05 33.92 -40.21
C ILE B 1132 -93.33 33.22 -40.66
N VAL B 1133 -94.28 33.12 -39.74
CA VAL B 1133 -95.48 32.33 -39.95
C VAL B 1133 -96.70 33.18 -39.58
N ASN B 1134 -97.80 32.91 -40.26
CA ASN B 1134 -99.05 33.63 -40.04
C ASN B 1134 -99.86 32.99 -38.93
N ASN B 1135 -100.32 33.79 -37.98
CA ASN B 1135 -101.25 33.33 -36.97
C ASN B 1135 -101.87 34.57 -36.34
N THR B 1136 -102.82 34.34 -35.45
CA THR B 1136 -103.53 35.40 -34.77
C THR B 1136 -103.00 35.54 -33.35
N VAL B 1137 -102.77 36.77 -32.93
CA VAL B 1137 -102.28 37.09 -31.60
C VAL B 1137 -103.42 37.74 -30.85
N TYR B 1138 -103.79 37.15 -29.72
CA TYR B 1138 -105.04 37.49 -29.04
C TYR B 1138 -104.82 38.60 -28.03
N ASP B 1139 -105.67 39.58 -28.07
CA ASP B 1139 -105.72 40.71 -27.17
C ASP B 1139 -106.80 40.49 -26.13
N PRO B 1140 -106.55 40.66 -24.84
CA PRO B 1140 -107.61 40.42 -23.85
C PRO B 1140 -108.56 41.58 -23.66
N LEU B 1141 -108.02 42.79 -23.83
CA LEU B 1141 -108.78 43.99 -23.48
C LEU B 1141 -110.03 44.14 -24.33
N GLN B 1142 -109.89 44.09 -25.65
CA GLN B 1142 -111.04 44.39 -26.50
C GLN B 1142 -112.14 43.33 -26.44
N PRO B 1143 -111.85 42.04 -26.20
CA PRO B 1143 -112.95 41.12 -25.89
C PRO B 1143 -113.40 41.20 -24.45
N GLU B 1144 -112.72 41.97 -23.62
CA GLU B 1144 -113.34 42.37 -22.36
C GLU B 1144 -114.34 43.50 -22.62
N LEU B 1145 -114.03 44.39 -23.56
CA LEU B 1145 -114.89 45.53 -23.84
C LEU B 1145 -116.05 45.17 -24.75
N ASP B 1146 -116.34 43.88 -24.90
CA ASP B 1146 -117.40 43.39 -25.78
C ASP B 1146 -117.36 44.01 -27.18
N ALA C 27 3.78 40.86 -47.76
CA ALA C 27 4.52 40.27 -46.65
C ALA C 27 3.58 39.65 -45.63
N TYR C 28 2.37 40.18 -45.53
CA TYR C 28 1.38 39.67 -44.59
C TYR C 28 0.01 39.61 -45.26
N THR C 29 -0.80 38.64 -44.86
CA THR C 29 -2.15 38.50 -45.40
C THR C 29 -3.16 38.23 -44.31
N ASN C 30 -4.33 37.72 -44.70
CA ASN C 30 -5.33 37.46 -43.79
C ASN C 30 -5.75 36.19 -44.27
N SER C 31 -5.72 35.14 -43.45
CA SER C 31 -6.23 33.83 -43.68
C SER C 31 -7.69 33.87 -43.43
N PHE C 32 -8.54 33.65 -44.41
CA PHE C 32 -9.90 33.99 -44.22
C PHE C 32 -10.59 32.94 -43.43
N THR C 33 -11.33 32.02 -44.03
CA THR C 33 -11.82 30.89 -43.33
C THR C 33 -11.09 29.76 -43.96
N ARG C 34 -9.99 29.38 -43.35
CA ARG C 34 -9.23 28.35 -44.00
C ARG C 34 -8.28 27.73 -43.04
N GLY C 35 -8.02 26.48 -43.32
CA GLY C 35 -7.13 25.69 -42.52
C GLY C 35 -7.85 24.78 -41.63
N VAL C 36 -8.85 24.06 -42.22
CA VAL C 36 -9.74 23.15 -41.51
C VAL C 36 -9.67 21.83 -42.16
N TYR C 37 -9.25 20.82 -41.37
CA TYR C 37 -9.03 19.48 -41.72
C TYR C 37 -9.91 18.62 -40.90
N TYR C 38 -10.26 17.39 -41.30
CA TYR C 38 -11.07 16.46 -40.57
C TYR C 38 -10.42 15.95 -39.33
N PRO C 39 -10.75 16.28 -38.16
CA PRO C 39 -10.07 15.80 -36.99
C PRO C 39 -10.30 14.38 -36.50
N ASP C 40 -10.86 13.43 -37.27
CA ASP C 40 -11.17 12.11 -36.82
C ASP C 40 -11.54 11.36 -38.04
N LYS C 41 -11.75 10.04 -37.94
CA LYS C 41 -12.06 9.22 -39.04
C LYS C 41 -13.52 8.98 -39.23
N VAL C 42 -14.40 9.25 -38.25
CA VAL C 42 -15.84 9.12 -38.26
C VAL C 42 -16.59 9.62 -39.47
N PHE C 43 -17.79 9.13 -39.82
CA PHE C 43 -18.60 9.59 -40.93
C PHE C 43 -19.69 10.29 -40.27
N ARG C 44 -20.33 11.33 -40.79
CA ARG C 44 -21.41 11.93 -40.10
C ARG C 44 -22.24 12.45 -41.12
N SER C 45 -23.54 12.62 -40.95
CA SER C 45 -24.25 13.25 -41.99
C SER C 45 -25.29 14.10 -41.41
N SER C 46 -25.40 15.32 -41.93
CA SER C 46 -26.29 16.35 -41.57
C SER C 46 -26.20 16.75 -40.14
N VAL C 47 -25.01 16.96 -39.59
CA VAL C 47 -24.89 17.24 -38.20
C VAL C 47 -24.22 18.56 -38.10
N LEU C 48 -23.93 18.94 -36.86
CA LEU C 48 -23.25 20.18 -36.54
C LEU C 48 -22.38 19.77 -35.38
N HIS C 49 -21.42 18.90 -35.66
CA HIS C 49 -20.58 18.38 -34.63
C HIS C 49 -19.75 19.50 -34.09
N SER C 50 -19.01 19.34 -33.01
CA SER C 50 -18.29 20.39 -32.42
C SER C 50 -17.06 19.73 -31.98
N THR C 51 -15.84 20.31 -32.20
CA THR C 51 -14.55 19.70 -31.91
C THR C 51 -13.82 20.67 -31.12
N GLN C 52 -12.73 20.32 -30.49
CA GLN C 52 -11.88 21.21 -29.79
C GLN C 52 -10.59 20.64 -30.19
N ASP C 53 -9.65 21.36 -30.82
CA ASP C 53 -8.44 20.74 -31.30
C ASP C 53 -7.38 21.79 -31.46
N LEU C 54 -6.59 21.73 -32.54
CA LEU C 54 -5.56 22.71 -32.84
C LEU C 54 -5.97 23.22 -34.22
N PHE C 55 -6.37 24.48 -34.30
CA PHE C 55 -6.83 25.01 -35.55
C PHE C 55 -6.10 26.31 -35.78
N LEU C 56 -6.16 26.77 -37.03
CA LEU C 56 -5.58 28.04 -37.42
C LEU C 56 -6.75 29.02 -37.29
N PRO C 57 -6.67 29.91 -36.23
CA PRO C 57 -7.82 30.82 -36.10
C PRO C 57 -8.27 31.51 -37.38
N PHE C 58 -9.56 31.85 -37.45
CA PHE C 58 -10.14 32.51 -38.59
C PHE C 58 -9.67 33.95 -38.66
N PHE C 59 -9.56 34.48 -39.88
CA PHE C 59 -9.10 35.86 -40.07
C PHE C 59 -7.87 36.15 -39.23
N SER C 60 -6.84 35.35 -39.45
CA SER C 60 -5.58 35.47 -38.76
C SER C 60 -4.58 36.03 -39.73
N ASN C 61 -3.39 36.47 -39.26
CA ASN C 61 -2.39 37.19 -40.03
C ASN C 61 -1.26 36.30 -40.46
N VAL C 62 -1.14 35.90 -41.73
CA VAL C 62 -0.18 34.90 -42.16
C VAL C 62 0.98 35.52 -42.92
N THR C 63 2.24 35.11 -42.67
CA THR C 63 3.40 35.60 -43.39
C THR C 63 3.27 35.23 -44.82
N TRP C 64 3.98 35.83 -45.75
CA TRP C 64 3.78 35.53 -47.11
C TRP C 64 5.11 35.56 -47.74
N PHE C 65 5.95 34.62 -47.35
CA PHE C 65 7.30 34.53 -47.89
C PHE C 65 7.34 34.55 -49.41
N HIS C 66 8.45 35.03 -49.96
CA HIS C 66 8.64 35.11 -51.40
C HIS C 66 9.99 34.52 -51.77
N ALA C 67 10.02 33.76 -52.86
CA ALA C 67 11.25 33.14 -53.32
C ALA C 67 10.97 32.10 -54.41
N ASN C 81 14.43 29.22 -48.29
CA ASN C 81 14.01 30.45 -47.59
C ASN C 81 14.15 30.27 -46.11
N PRO C 82 13.81 31.11 -45.16
CA PRO C 82 14.23 31.00 -43.80
C PRO C 82 14.04 29.73 -43.12
N VAL C 83 14.82 29.48 -42.08
CA VAL C 83 14.51 28.45 -41.15
C VAL C 83 13.51 29.13 -40.25
N LEU C 84 12.34 28.47 -40.07
CA LEU C 84 11.07 29.01 -39.58
C LEU C 84 10.67 28.25 -38.40
N PRO C 85 9.97 28.72 -37.45
CA PRO C 85 9.44 27.93 -36.36
C PRO C 85 8.48 26.79 -36.72
N PHE C 86 8.03 26.02 -35.70
CA PHE C 86 7.05 24.99 -35.99
C PHE C 86 6.03 25.02 -34.95
N ASN C 87 6.37 25.47 -33.74
CA ASN C 87 5.40 25.55 -32.65
C ASN C 87 4.53 24.31 -32.64
N ASP C 88 3.29 24.44 -32.16
CA ASP C 88 2.38 23.29 -32.06
C ASP C 88 2.18 22.56 -33.38
N GLY C 89 1.96 23.34 -34.43
CA GLY C 89 1.75 22.78 -35.75
C GLY C 89 1.76 23.94 -36.71
N VAL C 90 1.63 23.67 -38.00
CA VAL C 90 1.64 24.75 -38.96
C VAL C 90 0.90 24.46 -40.26
N TYR C 91 0.33 25.52 -40.84
CA TYR C 91 -0.38 25.51 -42.13
C TYR C 91 0.76 25.83 -43.12
N PHE C 92 0.58 25.58 -44.40
CA PHE C 92 1.63 25.87 -45.37
C PHE C 92 0.97 25.60 -46.71
N ALA C 93 0.53 26.65 -47.41
CA ALA C 93 -0.13 26.57 -48.72
C ALA C 93 0.84 27.17 -49.77
N SER C 94 1.10 26.47 -50.88
CA SER C 94 2.00 26.96 -51.94
C SER C 94 1.17 27.28 -53.22
N THR C 95 1.36 28.44 -53.84
CA THR C 95 0.59 28.78 -55.06
C THR C 95 1.53 29.00 -56.28
N GLU C 96 1.00 28.72 -57.48
CA GLU C 96 1.79 28.91 -58.68
C GLU C 96 1.48 27.78 -59.64
N LYS C 97 2.10 27.81 -60.81
CA LYS C 97 1.85 26.75 -61.78
C LYS C 97 3.13 25.99 -62.11
N SER C 98 4.25 26.70 -62.13
CA SER C 98 5.54 26.09 -62.43
C SER C 98 6.18 25.52 -61.18
N ASN C 99 6.37 24.21 -61.17
CA ASN C 99 6.98 23.53 -60.02
C ASN C 99 8.20 24.28 -59.49
N ILE C 100 7.93 25.27 -58.64
CA ILE C 100 9.00 26.06 -58.04
C ILE C 100 9.40 25.52 -56.67
N ILE C 101 8.42 25.31 -55.81
CA ILE C 101 8.66 24.81 -54.47
C ILE C 101 8.55 23.29 -54.44
N ARG C 102 9.33 22.65 -53.56
CA ARG C 102 9.33 21.20 -53.42
C ARG C 102 9.73 20.78 -52.02
N GLY C 103 9.11 19.71 -51.54
CA GLY C 103 9.41 19.20 -50.21
C GLY C 103 9.60 20.28 -49.17
N TRP C 104 9.90 19.82 -47.95
CA TRP C 104 10.11 20.67 -46.80
C TRP C 104 11.12 19.85 -46.03
N ILE C 105 11.68 20.39 -44.96
CA ILE C 105 12.63 19.63 -44.17
C ILE C 105 12.26 19.95 -42.73
N PHE C 106 11.95 18.95 -41.93
CA PHE C 106 11.55 19.21 -40.54
C PHE C 106 12.54 18.63 -39.54
N GLY C 107 12.86 19.38 -38.50
CA GLY C 107 13.80 18.86 -37.56
C GLY C 107 14.11 19.87 -36.54
N THR C 108 15.03 19.52 -35.63
CA THR C 108 15.41 20.30 -34.47
C THR C 108 16.75 21.06 -34.59
N THR C 109 17.90 20.42 -34.94
CA THR C 109 19.14 21.17 -35.11
C THR C 109 19.51 21.37 -36.54
N LEU C 110 19.10 20.46 -37.45
CA LEU C 110 19.37 20.49 -38.88
C LEU C 110 20.84 20.41 -39.27
N ASP C 111 21.67 20.40 -38.22
CA ASP C 111 23.11 20.23 -38.32
C ASP C 111 23.25 18.86 -37.68
N SER C 112 23.81 17.88 -38.39
CA SER C 112 23.89 16.54 -37.85
C SER C 112 24.15 16.34 -36.36
N LYS C 113 23.44 15.38 -35.77
CA LYS C 113 23.60 15.10 -34.33
C LYS C 113 22.28 15.15 -33.53
N THR C 114 21.18 15.17 -34.26
CA THR C 114 19.82 15.21 -33.76
C THR C 114 19.04 14.60 -34.94
N GLN C 115 17.77 14.19 -34.74
CA GLN C 115 17.02 13.50 -35.76
C GLN C 115 16.30 14.56 -36.63
N SER C 116 16.20 14.36 -37.97
CA SER C 116 15.65 15.34 -38.88
C SER C 116 15.16 14.66 -40.12
N LEU C 117 13.99 15.09 -40.63
CA LEU C 117 13.11 14.41 -41.53
C LEU C 117 13.04 15.14 -42.80
N LEU C 118 12.57 14.59 -43.92
CA LEU C 118 12.70 15.25 -45.18
C LEU C 118 11.62 14.82 -46.04
N ILE C 119 10.74 15.63 -46.59
CA ILE C 119 9.84 15.21 -47.68
C ILE C 119 10.43 15.83 -48.87
N VAL C 120 10.54 15.22 -50.03
CA VAL C 120 11.19 15.79 -51.16
C VAL C 120 10.39 15.36 -52.36
N ASN C 121 10.71 15.90 -53.53
CA ASN C 121 10.02 15.53 -54.76
C ASN C 121 11.01 15.45 -55.91
N ASN C 122 11.82 14.40 -55.91
CA ASN C 122 12.82 14.19 -56.95
C ASN C 122 12.29 14.57 -58.33
N ALA C 123 11.13 14.03 -58.68
CA ALA C 123 10.52 14.30 -59.98
C ALA C 123 9.17 13.59 -60.12
N THR C 124 9.04 12.45 -59.44
CA THR C 124 7.81 11.67 -59.49
C THR C 124 7.76 10.67 -58.33
N ASN C 125 8.92 10.37 -57.76
CA ASN C 125 8.99 9.43 -56.64
C ASN C 125 8.62 10.08 -55.32
N VAL C 126 9.35 11.10 -54.94
CA VAL C 126 9.10 11.81 -53.69
C VAL C 126 9.63 11.03 -52.49
N VAL C 127 10.91 11.19 -52.21
CA VAL C 127 11.54 10.50 -51.09
C VAL C 127 11.11 11.10 -49.76
N ILE C 128 11.01 10.25 -48.74
CA ILE C 128 10.61 10.68 -47.45
C ILE C 128 11.59 9.98 -46.67
N LYS C 129 12.43 10.58 -45.89
CA LYS C 129 13.52 9.85 -45.39
C LYS C 129 13.64 10.34 -44.06
N VAL C 130 14.06 9.49 -43.12
CA VAL C 130 14.24 9.93 -41.74
C VAL C 130 15.56 9.44 -41.16
N CYS C 131 16.63 10.22 -41.36
CA CYS C 131 17.94 9.84 -40.84
C CYS C 131 18.78 11.07 -40.49
N GLU C 132 19.84 10.85 -39.72
CA GLU C 132 20.74 11.93 -39.32
C GLU C 132 21.36 12.56 -40.55
N PHE C 133 21.04 13.82 -40.81
CA PHE C 133 21.57 14.51 -41.98
C PHE C 133 22.27 15.82 -41.67
N GLN C 134 23.12 16.26 -42.59
CA GLN C 134 23.87 17.50 -42.43
C GLN C 134 23.49 18.51 -43.50
N PHE C 135 22.31 19.10 -43.36
CA PHE C 135 21.82 20.10 -44.31
C PHE C 135 22.78 21.27 -44.43
N CYS C 136 22.90 21.84 -45.63
CA CYS C 136 23.78 22.97 -45.87
C CYS C 136 23.05 24.28 -45.71
N ASN C 137 23.78 25.33 -45.34
CA ASN C 137 23.20 26.65 -45.16
C ASN C 137 22.28 27.05 -46.31
N ASP C 138 22.51 26.45 -47.47
CA ASP C 138 21.71 26.74 -48.66
C ASP C 138 21.17 25.45 -49.27
N PRO C 139 19.99 25.03 -48.82
CA PRO C 139 19.39 23.80 -49.37
C PRO C 139 18.38 24.07 -50.48
N PHE C 140 18.58 23.47 -51.65
CA PHE C 140 17.67 23.67 -52.77
C PHE C 140 17.90 22.59 -53.80
N LEU C 141 17.18 22.67 -54.92
CA LEU C 141 17.31 21.69 -55.98
C LEU C 141 17.18 22.35 -57.34
N GLY C 142 18.31 22.58 -57.99
CA GLY C 142 18.31 23.21 -59.31
C GLY C 142 17.52 22.40 -60.31
N VAL C 143 16.88 23.10 -61.26
CA VAL C 143 16.09 22.44 -62.29
C VAL C 143 16.83 22.43 -63.63
N MET C 153 19.40 27.07 -66.46
CA MET C 153 20.68 26.33 -66.41
C MET C 153 20.42 24.83 -66.58
N GLU C 154 19.97 24.15 -65.48
CA GLU C 154 19.35 22.86 -65.38
C GLU C 154 20.10 21.78 -64.64
N SER C 155 21.11 22.08 -63.79
CA SER C 155 21.70 21.03 -62.97
C SER C 155 20.93 20.99 -61.69
N GLU C 156 21.15 20.01 -60.78
CA GLU C 156 20.21 19.81 -59.74
C GLU C 156 20.80 19.29 -58.48
N PHE C 157 19.95 19.09 -57.48
CA PHE C 157 20.39 18.57 -56.19
C PHE C 157 21.01 19.68 -55.33
N ARG C 158 21.95 19.31 -54.47
CA ARG C 158 22.61 20.27 -53.60
C ARG C 158 21.72 20.65 -52.42
N VAL C 159 21.77 19.82 -51.37
CA VAL C 159 20.97 20.07 -50.17
C VAL C 159 21.58 19.37 -48.97
N TYR C 160 22.39 18.35 -49.22
CA TYR C 160 23.03 17.58 -48.16
C TYR C 160 24.07 16.63 -48.73
N SER C 161 25.01 16.21 -47.89
CA SER C 161 26.04 15.32 -48.31
C SER C 161 26.45 14.72 -46.98
N SER C 162 25.68 13.70 -46.51
CA SER C 162 25.78 12.95 -45.27
C SER C 162 24.39 12.38 -45.00
N ALA C 163 24.28 11.08 -44.56
CA ALA C 163 23.00 10.42 -44.40
C ALA C 163 23.09 9.09 -43.63
N ASN C 164 23.46 9.14 -42.32
CA ASN C 164 23.65 7.97 -41.46
C ASN C 164 22.45 7.66 -40.57
N ASN C 165 22.25 6.39 -40.21
CA ASN C 165 21.22 5.89 -39.33
C ASN C 165 19.85 6.00 -39.92
N CYS C 166 19.66 5.75 -41.23
CA CYS C 166 18.34 5.91 -41.81
C CYS C 166 17.30 5.02 -41.26
N THR C 167 16.07 5.54 -41.08
CA THR C 167 15.04 4.92 -40.28
C THR C 167 13.73 5.26 -40.88
N PHE C 168 13.63 5.11 -42.22
CA PHE C 168 12.44 5.20 -42.98
C PHE C 168 12.98 5.44 -44.32
N GLU C 169 12.18 5.13 -45.30
CA GLU C 169 12.45 5.34 -46.66
C GLU C 169 11.09 5.26 -47.19
N TYR C 170 10.92 5.64 -48.44
CA TYR C 170 9.64 5.59 -49.15
C TYR C 170 9.86 6.18 -50.52
N VAL C 171 9.21 5.63 -51.53
CA VAL C 171 9.37 6.14 -52.89
C VAL C 171 8.14 5.89 -53.74
N SER C 172 7.26 6.89 -53.80
CA SER C 172 6.04 6.79 -54.59
C SER C 172 6.39 6.55 -56.05
N LYS C 187 -2.24 27.19 -62.61
CA LYS C 187 -2.49 27.82 -61.31
C LYS C 187 -3.22 26.86 -60.42
N ASN C 188 -2.70 26.65 -59.19
CA ASN C 188 -3.16 25.66 -58.24
C ASN C 188 -2.78 26.05 -56.88
N LEU C 189 -3.60 25.65 -55.92
CA LEU C 189 -3.41 25.89 -54.54
C LEU C 189 -3.19 24.54 -53.99
N ARG C 190 -2.20 24.43 -53.12
CA ARG C 190 -1.88 23.22 -52.39
C ARG C 190 -1.94 23.77 -50.98
N GLU C 191 -2.13 22.91 -50.00
CA GLU C 191 -2.23 23.34 -48.62
C GLU C 191 -2.02 22.11 -47.77
N PHE C 192 -0.82 21.93 -47.27
CA PHE C 192 -0.52 20.76 -46.48
C PHE C 192 -0.37 21.19 -45.02
N VAL C 193 -1.03 20.46 -44.12
CA VAL C 193 -0.96 20.74 -42.69
C VAL C 193 -0.06 19.68 -42.08
N PHE C 194 0.81 20.09 -41.16
CA PHE C 194 1.72 19.17 -40.50
C PHE C 194 1.34 19.08 -39.03
N LYS C 195 1.24 17.88 -38.48
CA LYS C 195 0.85 17.76 -37.08
C LYS C 195 1.43 16.57 -36.34
N ASN C 196 2.70 16.70 -35.98
CA ASN C 196 3.40 15.66 -35.24
C ASN C 196 3.11 15.73 -33.75
N ILE C 197 2.10 14.99 -33.31
CA ILE C 197 1.75 14.95 -31.89
C ILE C 197 1.95 13.56 -31.35
N ASP C 198 2.66 13.50 -30.19
CA ASP C 198 3.12 12.38 -29.37
C ASP C 198 3.93 11.30 -30.07
N GLY C 199 4.31 11.51 -31.35
CA GLY C 199 5.18 10.65 -32.08
C GLY C 199 4.62 10.31 -33.37
N TYR C 200 3.51 10.92 -33.77
CA TYR C 200 2.90 10.66 -35.07
C TYR C 200 3.17 11.90 -35.90
N PHE C 201 3.07 11.81 -37.23
CA PHE C 201 3.34 12.98 -37.97
C PHE C 201 2.40 13.04 -39.10
N LYS C 202 1.39 13.91 -39.00
CA LYS C 202 0.24 13.92 -39.79
C LYS C 202 0.37 14.87 -40.85
N ILE C 203 -0.13 14.60 -42.00
CA ILE C 203 0.00 15.45 -43.10
C ILE C 203 -1.33 15.47 -43.65
N TYR C 204 -2.07 16.57 -43.66
CA TYR C 204 -3.36 16.70 -44.27
C TYR C 204 -3.16 17.49 -45.50
N SER C 205 -3.94 17.40 -46.57
CA SER C 205 -3.58 18.11 -47.74
C SER C 205 -4.79 18.34 -48.53
N LYS C 206 -4.76 19.22 -49.54
CA LYS C 206 -5.92 19.54 -50.33
C LYS C 206 -5.52 20.33 -51.53
N HIS C 207 -6.01 20.05 -52.75
CA HIS C 207 -5.58 20.73 -53.94
C HIS C 207 -6.76 21.27 -54.65
N THR C 208 -6.85 22.63 -54.84
CA THR C 208 -7.92 23.30 -55.57
C THR C 208 -7.36 24.16 -56.68
N PRO C 209 -7.89 24.09 -57.91
CA PRO C 209 -7.70 25.04 -58.99
C PRO C 209 -8.03 26.48 -58.69
N ILE C 210 -7.31 27.45 -59.30
CA ILE C 210 -7.48 28.90 -59.11
C ILE C 210 -7.00 29.62 -60.38
N ASN C 211 -6.56 30.90 -60.21
CA ASN C 211 -5.99 31.77 -61.21
C ASN C 211 -5.32 33.00 -60.56
N LEU C 212 -5.11 33.00 -59.23
CA LEU C 212 -4.45 34.09 -58.54
C LEU C 212 -2.97 33.82 -58.52
N VAL C 213 -2.16 34.91 -58.59
CA VAL C 213 -0.73 34.90 -58.83
C VAL C 213 0.01 34.02 -57.83
N ARG C 214 -0.11 34.47 -56.59
CA ARG C 214 0.40 33.90 -55.35
C ARG C 214 -0.25 34.85 -54.33
N ASP C 215 -1.58 34.97 -54.44
CA ASP C 215 -2.38 35.88 -53.64
C ASP C 215 -3.42 34.96 -53.14
N LEU C 216 -3.46 34.76 -51.80
CA LEU C 216 -4.32 33.87 -51.03
C LEU C 216 -5.79 34.00 -51.27
N PRO C 217 -6.63 33.02 -51.53
CA PRO C 217 -7.99 33.36 -51.89
C PRO C 217 -8.77 33.48 -50.65
N GLN C 218 -10.09 33.26 -50.69
CA GLN C 218 -10.92 33.66 -49.62
C GLN C 218 -12.13 32.81 -49.81
N GLY C 219 -12.11 31.59 -49.23
CA GLY C 219 -13.14 30.60 -49.40
C GLY C 219 -12.91 29.46 -48.44
N PHE C 220 -13.87 28.48 -48.39
CA PHE C 220 -13.85 27.33 -47.50
C PHE C 220 -13.81 26.08 -48.34
N SER C 221 -12.92 25.15 -47.95
CA SER C 221 -12.68 23.87 -48.54
C SER C 221 -11.75 23.21 -47.59
N ALA C 222 -12.11 22.00 -47.06
CA ALA C 222 -11.43 21.26 -46.03
C ALA C 222 -10.52 20.20 -46.48
N LEU C 223 -9.54 19.90 -45.60
CA LEU C 223 -8.36 19.14 -45.84
C LEU C 223 -8.40 17.81 -45.18
N GLU C 224 -8.40 16.70 -45.92
CA GLU C 224 -8.43 15.30 -45.52
C GLU C 224 -7.13 14.63 -45.20
N PRO C 225 -6.81 13.78 -44.27
CA PRO C 225 -5.49 13.27 -43.95
C PRO C 225 -4.86 12.52 -45.05
N LEU C 226 -3.55 12.75 -45.26
CA LEU C 226 -2.78 12.23 -46.34
C LEU C 226 -1.98 11.04 -45.99
N VAL C 227 -1.06 11.19 -45.04
CA VAL C 227 -0.29 10.11 -44.51
C VAL C 227 -0.15 10.37 -43.09
N ASP C 228 0.23 9.39 -42.33
CA ASP C 228 0.64 9.59 -41.00
C ASP C 228 1.82 8.74 -40.90
N LEU C 229 2.94 9.27 -40.43
CA LEU C 229 4.14 8.56 -40.31
C LEU C 229 4.27 8.20 -38.87
N PRO C 230 4.52 6.94 -38.51
CA PRO C 230 4.55 6.50 -37.12
C PRO C 230 5.98 6.43 -36.79
N ILE C 231 6.70 7.51 -37.11
CA ILE C 231 8.10 7.37 -37.32
C ILE C 231 8.79 7.87 -36.17
N GLY C 232 8.15 8.65 -35.30
CA GLY C 232 8.94 9.30 -34.29
C GLY C 232 9.61 10.37 -35.03
N ILE C 233 10.60 11.10 -34.46
CA ILE C 233 11.17 12.33 -35.00
C ILE C 233 10.77 13.29 -34.00
N ASN C 234 11.55 14.38 -33.85
CA ASN C 234 11.14 15.50 -33.06
C ASN C 234 11.23 16.61 -34.05
N ILE C 235 10.30 17.60 -34.02
CA ILE C 235 10.39 18.78 -34.84
C ILE C 235 10.27 19.95 -33.94
N THR C 236 10.98 21.04 -34.31
CA THR C 236 10.86 22.31 -33.69
C THR C 236 10.97 23.36 -34.71
N ARG C 237 11.52 23.17 -35.92
CA ARG C 237 11.69 24.27 -36.82
C ARG C 237 11.64 23.63 -38.16
N PHE C 238 11.58 24.31 -39.29
CA PHE C 238 11.46 23.63 -40.55
C PHE C 238 12.07 24.49 -41.57
N GLN C 239 12.17 24.10 -42.84
CA GLN C 239 12.65 24.97 -43.86
C GLN C 239 11.84 24.73 -45.02
N THR C 240 12.25 25.01 -46.23
CA THR C 240 11.46 24.70 -47.36
C THR C 240 12.50 24.59 -48.37
N LEU C 241 12.23 23.85 -49.45
CA LEU C 241 13.16 23.57 -50.49
C LEU C 241 12.52 24.04 -51.72
N LEU C 242 13.24 24.29 -52.82
CA LEU C 242 12.64 24.92 -53.96
C LEU C 242 13.42 24.51 -55.17
N ALA C 243 12.93 24.89 -56.39
CA ALA C 243 13.75 24.87 -57.59
C ALA C 243 13.68 26.27 -58.19
N LEU C 244 14.85 26.84 -58.67
CA LEU C 244 14.98 28.20 -59.18
C LEU C 244 15.97 28.23 -60.37
N HIS C 245 17.20 28.69 -60.14
CA HIS C 245 18.20 28.75 -61.20
C HIS C 245 19.54 28.18 -60.74
N ARG C 246 20.49 28.06 -61.66
CA ARG C 246 21.80 27.52 -61.34
C ARG C 246 22.91 28.43 -61.87
N SER C 247 22.54 29.66 -62.20
CA SER C 247 23.50 30.64 -62.72
C SER C 247 24.29 31.28 -61.59
N ALA C 264 6.11 31.74 -53.19
CA ALA C 264 4.66 32.03 -53.06
C ALA C 264 4.01 31.16 -52.02
N TYR C 265 4.62 31.10 -50.83
CA TYR C 265 4.08 30.30 -49.74
C TYR C 265 3.79 31.03 -48.42
N TYR C 266 2.59 30.78 -47.88
CA TYR C 266 2.14 31.37 -46.63
C TYR C 266 2.07 30.25 -45.57
N VAL C 267 2.66 30.53 -44.41
CA VAL C 267 2.74 29.62 -43.26
C VAL C 267 1.67 29.96 -42.20
N GLY C 268 0.88 28.97 -41.79
CA GLY C 268 -0.18 29.11 -40.79
C GLY C 268 0.27 28.52 -39.44
N TYR C 269 0.04 29.27 -38.37
CA TYR C 269 0.37 28.82 -37.02
C TYR C 269 -0.97 28.32 -36.46
N LEU C 270 -0.96 27.18 -35.77
CA LEU C 270 -2.19 26.66 -35.26
C LEU C 270 -2.12 26.84 -33.81
N GLN C 271 -3.25 26.87 -33.08
CA GLN C 271 -3.28 26.87 -31.65
C GLN C 271 -4.61 26.32 -31.26
N PRO C 272 -4.97 26.01 -30.02
CA PRO C 272 -6.26 25.56 -29.58
C PRO C 272 -7.49 26.37 -29.93
N ARG C 273 -8.57 25.76 -30.36
CA ARG C 273 -9.72 26.59 -30.61
C ARG C 273 -11.02 25.87 -30.31
N THR C 274 -11.93 25.88 -31.25
CA THR C 274 -13.20 25.22 -31.06
C THR C 274 -14.10 25.66 -32.16
N PHE C 275 -13.93 24.99 -33.28
CA PHE C 275 -14.72 25.27 -34.43
C PHE C 275 -15.56 24.04 -34.63
N LEU C 276 -16.85 24.33 -34.79
CA LEU C 276 -17.87 23.33 -34.98
C LEU C 276 -18.00 23.17 -36.47
N LEU C 277 -17.68 21.96 -36.93
CA LEU C 277 -17.73 21.63 -38.33
C LEU C 277 -19.00 20.90 -38.69
N LYS C 278 -19.65 21.42 -39.73
CA LYS C 278 -20.91 20.88 -40.21
C LYS C 278 -20.72 19.95 -41.40
N TYR C 279 -21.21 18.72 -41.27
CA TYR C 279 -21.09 17.76 -42.34
C TYR C 279 -22.28 17.84 -43.29
N ASN C 280 -21.99 17.98 -44.56
CA ASN C 280 -23.01 18.07 -45.60
C ASN C 280 -24.10 17.03 -45.40
N GLU C 281 -23.91 15.86 -46.00
CA GLU C 281 -24.86 14.77 -45.89
C GLU C 281 -24.16 13.49 -46.32
N ASN C 282 -23.12 13.66 -47.12
CA ASN C 282 -22.32 12.55 -47.61
C ASN C 282 -21.05 12.45 -46.78
N GLY C 283 -21.06 13.11 -45.63
CA GLY C 283 -19.93 13.11 -44.73
C GLY C 283 -18.84 14.06 -45.18
N THR C 284 -19.23 15.05 -45.98
CA THR C 284 -18.28 16.04 -46.50
C THR C 284 -18.48 17.40 -45.84
N ILE C 285 -17.50 17.81 -45.03
CA ILE C 285 -17.57 19.09 -44.36
C ILE C 285 -17.77 20.19 -45.41
N THR C 286 -18.74 21.06 -45.17
CA THR C 286 -19.02 22.15 -46.11
C THR C 286 -18.80 23.51 -45.47
N ASP C 287 -18.77 23.54 -44.13
CA ASP C 287 -18.55 24.78 -43.42
C ASP C 287 -18.26 24.53 -41.95
N ALA C 288 -17.49 25.42 -41.35
CA ALA C 288 -17.15 25.29 -39.94
C ALA C 288 -17.28 26.62 -39.23
N VAL C 289 -17.42 26.57 -37.91
CA VAL C 289 -17.54 27.82 -37.16
C VAL C 289 -16.35 27.90 -36.22
N ASP C 290 -15.65 29.02 -36.28
CA ASP C 290 -14.57 29.32 -35.35
C ASP C 290 -15.14 30.21 -34.26
N CYS C 291 -15.77 29.62 -33.28
CA CYS C 291 -16.17 30.40 -32.12
C CYS C 291 -14.94 30.72 -31.31
N ALA C 292 -14.98 31.85 -30.61
CA ALA C 292 -13.85 32.65 -30.14
C ALA C 292 -13.34 33.59 -31.23
N LEU C 293 -14.09 33.73 -32.31
CA LEU C 293 -13.84 34.79 -33.28
C LEU C 293 -14.60 36.06 -32.91
N ASP C 294 -15.92 35.96 -32.79
CA ASP C 294 -16.77 37.11 -32.49
C ASP C 294 -17.95 36.59 -31.68
N PRO C 295 -18.78 37.50 -31.12
CA PRO C 295 -19.88 37.02 -30.26
C PRO C 295 -20.91 36.16 -30.96
N LEU C 296 -21.21 36.42 -32.23
CA LEU C 296 -22.17 35.60 -32.95
C LEU C 296 -21.68 34.16 -33.08
N SER C 297 -20.37 33.98 -33.23
CA SER C 297 -19.80 32.65 -33.30
C SER C 297 -19.93 31.93 -31.97
N GLU C 298 -19.77 32.65 -30.87
CA GLU C 298 -20.00 32.04 -29.56
C GLU C 298 -21.44 31.59 -29.41
N THR C 299 -22.37 32.41 -29.89
CA THR C 299 -23.77 31.99 -29.88
C THR C 299 -23.95 30.70 -30.66
N LYS C 300 -23.38 30.63 -31.86
CA LYS C 300 -23.53 29.43 -32.67
C LYS C 300 -22.91 28.21 -32.01
N CYS C 301 -21.82 28.41 -31.26
CA CYS C 301 -21.22 27.31 -30.53
C CYS C 301 -22.11 26.84 -29.39
N THR C 302 -22.63 27.77 -28.59
CA THR C 302 -23.36 27.35 -27.40
C THR C 302 -24.77 26.87 -27.74
N LEU C 303 -25.27 27.26 -28.90
CA LEU C 303 -26.57 26.81 -29.36
C LEU C 303 -26.49 25.58 -30.23
N LYS C 304 -25.29 25.26 -30.70
CA LYS C 304 -25.08 24.15 -31.61
C LYS C 304 -25.92 24.44 -32.85
N SER C 305 -25.72 25.61 -33.45
CA SER C 305 -26.46 26.00 -34.64
C SER C 305 -25.81 27.16 -35.39
N PHE C 306 -26.18 27.31 -36.66
CA PHE C 306 -25.62 28.37 -37.50
C PHE C 306 -26.56 29.55 -37.65
N THR C 307 -27.72 29.47 -36.99
CA THR C 307 -28.70 30.55 -37.07
C THR C 307 -29.16 30.98 -35.67
N VAL C 308 -29.55 32.24 -35.55
CA VAL C 308 -30.02 32.76 -34.27
C VAL C 308 -31.13 33.78 -34.48
N GLU C 309 -32.22 33.62 -33.74
CA GLU C 309 -33.35 34.54 -33.85
C GLU C 309 -33.24 35.66 -32.81
N LYS C 310 -33.93 36.76 -33.05
CA LYS C 310 -33.89 37.89 -32.12
C LYS C 310 -34.12 37.41 -30.70
N GLY C 311 -33.28 37.88 -29.77
CA GLY C 311 -33.39 37.49 -28.38
C GLY C 311 -32.13 37.79 -27.61
N ILE C 312 -32.05 37.25 -26.40
CA ILE C 312 -30.89 37.43 -25.53
C ILE C 312 -30.44 36.04 -25.09
N TYR C 313 -29.21 35.67 -25.45
CA TYR C 313 -28.65 34.36 -25.15
C TYR C 313 -27.45 34.50 -24.24
N GLN C 314 -27.48 33.83 -23.10
CA GLN C 314 -26.33 33.74 -22.23
C GLN C 314 -25.28 32.83 -22.86
N THR C 315 -24.10 33.36 -23.10
CA THR C 315 -23.10 32.61 -23.83
C THR C 315 -21.87 32.27 -22.99
N SER C 316 -21.43 33.16 -22.12
CA SER C 316 -20.26 32.89 -21.31
C SER C 316 -20.33 33.72 -20.04
N ASN C 317 -19.35 33.53 -19.18
CA ASN C 317 -19.17 34.37 -18.02
C ASN C 317 -17.97 35.27 -18.24
N PHE C 318 -17.77 36.18 -17.31
CA PHE C 318 -16.70 37.14 -17.40
C PHE C 318 -16.25 37.45 -15.98
N ARG C 319 -14.97 37.72 -15.83
CA ARG C 319 -14.44 38.06 -14.51
C ARG C 319 -13.10 38.76 -14.66
N VAL C 320 -12.84 39.68 -13.74
CA VAL C 320 -11.56 40.38 -13.73
C VAL C 320 -10.51 39.54 -13.03
N GLN C 321 -9.30 39.56 -13.55
CA GLN C 321 -8.17 38.77 -13.11
C GLN C 321 -7.27 39.57 -12.17
N PRO C 322 -6.66 38.92 -11.18
CA PRO C 322 -5.79 39.63 -10.24
C PRO C 322 -4.56 40.20 -10.94
N THR C 323 -4.31 41.49 -10.70
CA THR C 323 -3.18 42.15 -11.33
C THR C 323 -1.86 41.61 -10.79
N GLU C 324 -1.73 41.52 -9.48
CA GLU C 324 -0.47 41.14 -8.86
C GLU C 324 -0.76 40.37 -7.58
N SER C 325 0.25 40.24 -6.73
CA SER C 325 0.12 39.58 -5.44
C SER C 325 0.79 40.46 -4.39
N ILE C 326 0.23 40.45 -3.18
CA ILE C 326 0.82 41.19 -2.07
C ILE C 326 0.85 40.28 -0.84
N VAL C 327 1.72 40.64 0.09
CA VAL C 327 1.91 39.92 1.33
C VAL C 327 2.17 40.94 2.43
N ARG C 328 1.77 40.62 3.66
CA ARG C 328 1.98 41.56 4.75
C ARG C 328 2.01 40.89 6.13
N PHE C 329 3.00 41.28 6.93
CA PHE C 329 3.15 40.72 8.27
C PHE C 329 3.43 41.81 9.29
N PRO C 330 3.93 41.41 10.46
CA PRO C 330 4.24 42.37 11.53
C PRO C 330 5.73 42.74 11.55
N ASN C 331 6.04 43.90 12.11
CA ASN C 331 7.43 44.35 12.19
C ASN C 331 8.35 43.29 12.77
N ILE C 332 9.64 43.44 12.52
CA ILE C 332 10.63 42.49 13.02
C ILE C 332 11.24 42.97 14.34
N THR C 333 10.43 42.98 15.39
CA THR C 333 10.88 43.41 16.71
C THR C 333 11.94 42.47 17.27
N ASN C 334 11.50 41.28 17.67
CA ASN C 334 12.42 40.29 18.23
C ASN C 334 12.94 39.33 17.17
N LEU C 335 14.22 38.97 17.28
CA LEU C 335 14.84 38.06 16.33
C LEU C 335 16.17 37.53 16.87
N CYS C 336 16.46 37.86 18.11
CA CYS C 336 17.70 37.42 18.75
C CYS C 336 18.92 38.04 18.08
N PRO C 337 19.86 38.54 18.88
CA PRO C 337 21.06 39.16 18.33
C PRO C 337 22.24 38.19 18.25
N PHE C 338 22.42 37.53 17.10
CA PHE C 338 23.53 36.60 16.96
C PHE C 338 24.88 37.28 17.01
N GLY C 339 24.91 38.60 17.18
CA GLY C 339 26.11 39.36 17.44
C GLY C 339 26.59 39.31 18.87
N GLU C 340 26.21 38.28 19.62
CA GLU C 340 26.84 37.98 20.90
C GLU C 340 27.60 36.66 20.87
N VAL C 341 27.07 35.67 20.18
CA VAL C 341 27.76 34.38 20.08
C VAL C 341 28.74 34.40 18.91
N PHE C 342 28.37 35.09 17.84
CA PHE C 342 29.28 35.24 16.71
C PHE C 342 30.12 36.51 16.82
N ASN C 343 30.01 37.25 17.92
CA ASN C 343 30.75 38.48 18.11
C ASN C 343 31.27 38.62 19.54
N ALA C 344 31.77 37.53 20.11
CA ALA C 344 32.27 37.57 21.48
C ALA C 344 33.74 37.99 21.50
N THR C 345 34.14 38.59 22.62
CA THR C 345 35.53 38.99 22.79
C THR C 345 36.41 37.86 23.25
N ARG C 346 35.85 36.85 23.92
CA ARG C 346 36.60 35.71 24.41
C ARG C 346 35.74 34.48 24.29
N PHE C 347 36.19 33.51 23.49
CA PHE C 347 35.45 32.27 23.29
C PHE C 347 35.59 31.34 24.49
N ALA C 348 35.19 30.09 24.31
CA ALA C 348 35.27 29.10 25.38
C ALA C 348 36.17 27.93 24.99
N SER C 349 36.79 27.31 25.98
CA SER C 349 37.68 26.18 25.74
C SER C 349 36.98 25.10 24.89
N VAL C 350 37.74 24.08 24.51
CA VAL C 350 37.21 23.00 23.70
C VAL C 350 36.72 21.85 24.57
N TYR C 351 37.26 21.75 25.78
CA TYR C 351 36.87 20.70 26.71
C TYR C 351 35.74 21.12 27.61
N ALA C 352 35.47 22.41 27.74
CA ALA C 352 34.24 22.89 28.39
C ALA C 352 33.61 23.89 27.44
N TRP C 353 32.91 23.40 26.43
CA TRP C 353 32.33 24.28 25.44
C TRP C 353 31.20 25.06 26.06
N ASN C 354 30.75 26.10 25.39
CA ASN C 354 29.62 26.77 26.00
C ASN C 354 28.33 26.18 25.46
N ARG C 355 27.21 26.68 25.95
CA ARG C 355 25.92 26.18 25.47
C ARG C 355 24.88 27.26 25.68
N LYS C 356 24.56 27.98 24.61
CA LYS C 356 23.54 29.03 24.65
C LYS C 356 22.26 28.43 24.06
N ARG C 357 21.12 28.65 24.71
CA ARG C 357 19.88 28.09 24.23
C ARG C 357 19.07 29.21 23.60
N ILE C 358 19.31 29.48 22.34
CA ILE C 358 18.49 30.44 21.61
C ILE C 358 17.04 29.99 21.71
N SER C 359 16.13 30.96 21.78
CA SER C 359 14.73 30.66 22.09
C SER C 359 13.87 31.53 21.18
N ASN C 360 12.58 31.64 21.52
CA ASN C 360 11.60 32.35 20.72
C ASN C 360 12.10 33.71 20.24
N CYS C 361 12.18 33.86 18.93
CA CYS C 361 12.63 35.10 18.32
C CYS C 361 12.43 35.05 16.80
N VAL C 362 13.22 35.84 16.09
CA VAL C 362 13.14 35.89 14.63
C VAL C 362 14.58 35.66 14.17
N ALA C 363 14.89 34.44 13.71
CA ALA C 363 16.23 34.10 13.31
C ALA C 363 16.39 34.27 11.80
N ASP C 364 17.46 34.95 11.41
CA ASP C 364 17.75 35.24 10.01
C ASP C 364 19.08 34.59 9.63
N TYR C 365 19.02 33.31 9.26
CA TYR C 365 20.22 32.60 8.88
C TYR C 365 20.80 33.08 7.56
N SER C 366 20.19 34.07 6.91
CA SER C 366 20.78 34.57 5.68
C SER C 366 21.97 35.46 5.97
N VAL C 367 21.89 36.33 6.98
CA VAL C 367 23.03 37.15 7.35
C VAL C 367 24.21 36.28 7.72
N LEU C 368 23.95 35.08 8.22
CA LEU C 368 25.02 34.13 8.42
C LEU C 368 25.47 33.56 7.10
N TYR C 369 24.56 32.98 6.34
CA TYR C 369 24.92 32.16 5.19
C TYR C 369 25.72 32.94 4.17
N ASN C 370 25.42 34.22 3.99
CA ASN C 370 26.07 34.97 2.93
C ASN C 370 27.18 35.88 3.43
N SER C 371 27.59 35.73 4.69
CA SER C 371 28.54 36.69 5.23
C SER C 371 29.93 36.51 4.66
N ALA C 372 30.21 35.38 4.02
CA ALA C 372 31.45 35.16 3.30
C ALA C 372 32.68 35.27 4.19
N SER C 373 32.49 35.52 5.47
CA SER C 373 33.58 35.58 6.42
C SER C 373 33.87 34.23 7.05
N PHE C 374 33.02 33.23 6.79
CA PHE C 374 33.14 31.92 7.40
C PHE C 374 33.92 31.02 6.48
N SER C 375 34.92 30.35 7.03
CA SER C 375 35.68 29.42 6.24
C SER C 375 34.99 28.07 6.09
N THR C 376 34.02 27.76 6.93
CA THR C 376 33.34 26.47 6.84
C THR C 376 31.91 26.68 7.25
N PHE C 377 30.97 26.32 6.38
CA PHE C 377 29.55 26.42 6.71
C PHE C 377 28.86 25.18 6.16
N LYS C 378 28.80 24.12 6.94
CA LYS C 378 28.17 22.90 6.48
C LYS C 378 26.85 22.72 7.18
N CYS C 379 25.82 22.32 6.43
CA CYS C 379 24.53 22.02 7.04
C CYS C 379 24.19 20.57 6.75
N TYR C 380 23.68 19.87 7.75
CA TYR C 380 23.51 18.43 7.64
C TYR C 380 22.08 17.98 7.57
N GLY C 381 21.27 18.30 8.56
CA GLY C 381 19.89 17.88 8.49
C GLY C 381 19.16 18.58 7.37
N VAL C 382 19.62 19.77 7.02
CA VAL C 382 18.85 20.67 6.16
C VAL C 382 19.79 21.61 5.42
N SER C 383 19.65 21.66 4.11
CA SER C 383 20.48 22.55 3.30
C SER C 383 20.29 24.00 3.72
N PRO C 384 21.30 24.84 3.53
CA PRO C 384 21.30 26.16 4.20
C PRO C 384 20.23 27.12 3.73
N THR C 385 19.90 27.15 2.44
CA THR C 385 19.02 28.20 1.95
C THR C 385 17.60 28.06 2.45
N LYS C 386 17.20 26.88 2.91
CA LYS C 386 15.85 26.64 3.40
C LYS C 386 15.73 26.82 4.90
N LEU C 387 16.72 27.45 5.54
CA LEU C 387 16.61 27.67 6.97
C LEU C 387 15.66 28.82 7.29
N ASN C 388 15.68 29.86 6.45
CA ASN C 388 14.82 31.02 6.65
C ASN C 388 13.40 30.77 6.16
N ASP C 389 12.95 29.52 6.25
CA ASP C 389 11.62 29.14 5.81
C ASP C 389 11.06 28.00 6.64
N LEU C 390 11.72 27.71 7.77
CA LEU C 390 11.30 26.63 8.65
C LEU C 390 11.22 27.11 10.10
N CYS C 391 10.52 26.35 10.93
CA CYS C 391 10.37 26.69 12.34
C CYS C 391 10.57 25.47 13.23
N PHE C 392 11.29 25.66 14.33
CA PHE C 392 11.56 24.58 15.27
C PHE C 392 11.11 24.94 16.68
N THR C 393 11.53 24.15 17.65
CA THR C 393 11.18 24.39 19.05
C THR C 393 12.31 25.09 19.80
N ASN C 394 13.54 24.64 19.56
CA ASN C 394 14.70 25.23 20.22
C ASN C 394 15.87 25.19 19.26
N VAL C 395 16.74 26.17 19.36
CA VAL C 395 18.02 26.16 18.70
C VAL C 395 19.06 26.25 19.78
N TYR C 396 20.04 25.39 19.74
CA TYR C 396 21.13 25.51 20.68
C TYR C 396 22.35 25.96 19.91
N ALA C 397 23.22 26.73 20.55
CA ALA C 397 24.45 27.16 19.91
C ALA C 397 25.60 26.83 20.84
N ASP C 398 26.52 26.00 20.38
CA ASP C 398 27.70 25.66 21.16
C ASP C 398 28.91 26.34 20.57
N SER C 399 29.82 26.77 21.44
CA SER C 399 30.94 27.61 21.01
C SER C 399 32.23 27.09 21.59
N PHE C 400 33.30 27.07 20.80
CA PHE C 400 34.60 26.74 21.33
C PHE C 400 35.68 27.09 20.32
N VAL C 401 36.93 26.71 20.64
CA VAL C 401 38.10 27.05 19.85
C VAL C 401 38.98 25.83 19.71
N ILE C 402 39.37 25.50 18.49
CA ILE C 402 40.20 24.33 18.23
C ILE C 402 41.32 24.71 17.27
N ARG C 403 42.10 23.71 16.88
CA ARG C 403 43.13 23.90 15.89
C ARG C 403 42.49 24.10 14.53
N GLY C 404 43.32 24.33 13.52
CA GLY C 404 42.79 24.54 12.19
C GLY C 404 42.39 23.26 11.52
N ASP C 405 43.14 22.19 11.73
CA ASP C 405 42.87 20.95 11.02
C ASP C 405 42.07 19.97 11.86
N GLU C 406 41.51 20.39 12.97
CA GLU C 406 40.55 19.58 13.68
C GLU C 406 39.14 20.01 13.43
N VAL C 407 38.89 20.85 12.44
CA VAL C 407 37.52 21.21 12.13
C VAL C 407 36.84 20.09 11.37
N ARG C 408 37.58 19.08 10.94
CA ARG C 408 36.95 17.98 10.24
C ARG C 408 36.49 16.89 11.19
N GLN C 409 36.70 17.04 12.48
CA GLN C 409 36.13 16.10 13.43
C GLN C 409 34.84 16.61 14.04
N ILE C 410 34.43 17.83 13.70
CA ILE C 410 33.13 18.34 14.14
C ILE C 410 32.15 18.01 13.03
N ALA C 411 31.66 16.80 13.07
CA ALA C 411 30.78 16.28 12.03
C ALA C 411 30.21 14.97 12.55
N PRO C 412 29.05 14.53 12.07
CA PRO C 412 28.49 13.29 12.62
C PRO C 412 29.29 12.08 12.15
N GLY C 413 29.67 11.25 13.10
CA GLY C 413 30.45 10.07 12.77
C GLY C 413 31.90 10.32 12.44
N GLN C 414 32.68 10.81 13.38
CA GLN C 414 34.12 10.95 13.24
C GLN C 414 34.81 10.40 14.47
N THR C 415 36.13 10.34 14.40
CA THR C 415 36.95 9.92 15.52
C THR C 415 38.19 10.78 15.60
N GLY C 416 38.86 10.74 16.73
CA GLY C 416 39.97 11.62 17.02
C GLY C 416 39.83 12.23 18.40
N LYS C 417 40.93 12.82 18.85
CA LYS C 417 41.00 13.27 20.24
C LYS C 417 39.93 14.29 20.55
N ILE C 418 39.44 15.01 19.54
CA ILE C 418 38.40 16.00 19.80
C ILE C 418 37.04 15.34 19.84
N ALA C 419 36.69 14.57 18.82
CA ALA C 419 35.36 13.99 18.78
C ALA C 419 35.23 12.82 19.73
N ASP C 420 36.34 12.18 20.10
CA ASP C 420 36.24 11.07 21.04
C ASP C 420 35.87 11.58 22.41
N TYR C 421 36.74 12.35 23.04
CA TYR C 421 36.40 12.95 24.31
C TYR C 421 36.79 14.41 24.35
N ASN C 422 36.08 15.25 23.60
CA ASN C 422 35.92 16.64 23.97
C ASN C 422 34.52 17.12 23.64
N TYR C 423 34.02 16.73 22.47
CA TYR C 423 32.74 17.22 21.95
C TYR C 423 32.26 16.26 20.89
N LYS C 424 31.19 15.52 21.17
CA LYS C 424 30.69 14.50 20.27
C LYS C 424 29.32 14.90 19.77
N LEU C 425 29.11 14.83 18.46
CA LEU C 425 27.91 15.12 17.69
C LEU C 425 27.14 13.85 17.40
N PRO C 426 25.83 13.80 17.65
CA PRO C 426 25.10 12.55 17.45
C PRO C 426 25.13 12.16 15.99
N ASP C 427 24.68 10.94 15.72
CA ASP C 427 24.82 10.39 14.39
C ASP C 427 23.69 10.78 13.45
N ASP C 428 22.63 11.39 13.96
CA ASP C 428 21.56 11.96 13.14
C ASP C 428 21.44 13.45 13.35
N PHE C 429 22.57 14.15 13.36
CA PHE C 429 22.59 15.57 13.61
C PHE C 429 21.63 16.29 12.68
N THR C 430 21.18 17.46 13.10
CA THR C 430 20.25 18.23 12.30
C THR C 430 20.71 19.62 11.95
N GLY C 431 21.60 20.22 12.70
CA GLY C 431 21.89 21.63 12.56
C GLY C 431 22.91 21.94 11.51
N CYS C 432 23.72 22.95 11.78
CA CYS C 432 24.81 23.35 10.91
C CYS C 432 26.03 23.67 11.73
N VAL C 433 27.20 23.57 11.10
CA VAL C 433 28.48 23.79 11.74
C VAL C 433 29.16 24.93 11.02
N ILE C 434 29.59 25.95 11.77
CA ILE C 434 30.21 27.13 11.20
C ILE C 434 31.57 27.33 11.84
N ALA C 435 32.55 27.75 11.06
CA ALA C 435 33.89 27.87 11.58
C ALA C 435 34.67 28.91 10.82
N TRP C 436 35.46 29.70 11.54
CA TRP C 436 36.28 30.71 10.88
C TRP C 436 37.58 30.90 11.60
N ASN C 437 38.60 31.29 10.84
CA ASN C 437 39.93 31.45 11.39
C ASN C 437 39.99 32.67 12.29
N SER C 438 40.75 32.56 13.37
CA SER C 438 40.85 33.65 14.31
C SER C 438 42.28 33.80 14.79
N ASN C 439 43.24 33.80 13.88
CA ASN C 439 44.63 33.84 14.30
C ASN C 439 44.97 35.10 15.04
N ASN C 440 44.42 36.24 14.63
CA ASN C 440 44.86 37.50 15.20
C ASN C 440 44.30 37.76 16.58
N LEU C 441 43.20 37.12 16.94
CA LEU C 441 42.57 37.34 18.22
C LEU C 441 43.08 36.43 19.31
N ASP C 442 43.35 35.17 18.99
CA ASP C 442 43.57 34.16 20.01
C ASP C 442 45.02 33.75 20.16
N SER C 443 45.86 34.06 19.19
CA SER C 443 47.25 33.65 19.24
C SER C 443 48.11 34.84 19.62
N LYS C 444 49.01 34.63 20.58
CA LYS C 444 49.82 35.74 21.06
C LYS C 444 51.27 35.30 21.16
N VAL C 445 52.16 36.23 20.87
CA VAL C 445 53.59 35.95 20.84
C VAL C 445 54.01 35.38 22.19
N GLY C 446 54.86 34.37 22.15
CA GLY C 446 55.23 33.63 23.33
C GLY C 446 54.32 32.47 23.64
N GLY C 447 53.19 32.38 22.96
CA GLY C 447 52.33 31.24 23.15
C GLY C 447 51.16 31.52 24.06
N ASN C 448 49.96 31.31 23.57
CA ASN C 448 48.75 31.49 24.36
C ASN C 448 48.41 30.15 24.98
N TYR C 449 48.78 29.96 26.24
CA TYR C 449 48.58 28.69 26.93
C TYR C 449 47.29 28.66 27.72
N ASN C 450 46.27 29.38 27.30
CA ASN C 450 45.01 29.37 28.02
C ASN C 450 43.94 28.54 27.35
N TYR C 451 44.25 27.89 26.24
CA TYR C 451 43.29 27.11 25.49
C TYR C 451 43.67 25.64 25.60
N LEU C 452 42.97 24.91 26.45
CA LEU C 452 43.31 23.54 26.76
C LEU C 452 42.36 22.59 26.06
N TYR C 453 42.72 21.32 26.06
CA TYR C 453 41.86 20.27 25.57
C TYR C 453 42.17 19.00 26.35
N ARG C 454 41.20 18.11 26.40
CA ARG C 454 41.36 16.85 27.11
C ARG C 454 41.93 15.82 26.16
N LEU C 455 42.93 15.09 26.62
CA LEU C 455 43.56 14.11 25.75
C LEU C 455 43.55 12.70 26.31
N PHE C 456 42.97 12.47 27.48
CA PHE C 456 42.81 11.14 28.03
C PHE C 456 41.45 11.01 28.67
N ARG C 457 40.72 9.94 28.34
CA ARG C 457 39.48 9.68 29.05
C ARG C 457 39.24 8.18 29.06
N LYS C 458 38.47 7.72 30.04
CA LYS C 458 38.14 6.31 30.14
C LYS C 458 37.35 5.83 28.94
N SER C 459 36.35 6.59 28.51
CA SER C 459 35.47 6.13 27.45
C SER C 459 34.95 7.32 26.68
N ASN C 460 34.74 7.10 25.38
CA ASN C 460 34.29 8.16 24.51
C ASN C 460 32.98 8.75 25.00
N LEU C 461 32.76 10.01 24.66
CA LEU C 461 31.61 10.73 25.16
C LEU C 461 30.33 10.25 24.50
N LYS C 462 29.23 10.34 25.23
CA LYS C 462 27.94 10.28 24.60
C LYS C 462 27.72 11.57 23.85
N PRO C 463 26.89 11.58 22.82
CA PRO C 463 26.67 12.82 22.07
C PRO C 463 26.15 13.94 22.96
N PHE C 464 26.77 15.11 22.84
CA PHE C 464 26.38 16.30 23.58
C PHE C 464 26.63 16.17 25.07
N GLU C 465 27.52 15.27 25.45
CA GLU C 465 27.89 15.10 26.84
C GLU C 465 29.13 15.94 27.12
N ARG C 466 29.30 16.33 28.38
CA ARG C 466 30.31 17.30 28.75
C ARG C 466 31.00 16.86 30.03
N ASP C 467 32.31 17.08 30.12
CA ASP C 467 33.12 16.51 31.19
C ASP C 467 34.23 17.47 31.57
N ILE C 468 34.06 18.18 32.68
CA ILE C 468 35.03 19.18 33.11
C ILE C 468 35.84 18.72 34.31
N SER C 469 35.83 17.43 34.61
CA SER C 469 36.59 16.95 35.75
C SER C 469 38.07 17.02 35.47
N THR C 470 38.87 16.88 36.51
CA THR C 470 40.31 17.04 36.39
C THR C 470 41.03 15.98 37.23
N GLU C 471 40.53 14.76 37.19
CA GLU C 471 41.15 13.69 37.95
C GLU C 471 42.37 13.16 37.20
N ILE C 472 43.36 12.73 37.96
CA ILE C 472 44.57 12.18 37.36
C ILE C 472 44.24 10.89 36.65
N TYR C 473 44.53 10.84 35.35
CA TYR C 473 44.26 9.66 34.55
C TYR C 473 45.15 8.48 34.98
N GLN C 474 44.51 7.44 35.50
CA GLN C 474 45.24 6.26 35.95
C GLN C 474 45.41 5.25 34.82
N ALA C 475 46.56 5.29 34.16
CA ALA C 475 46.85 4.37 33.06
C ALA C 475 47.24 3.00 33.58
N GLY C 476 48.11 2.96 34.59
CA GLY C 476 48.57 1.73 35.16
C GLY C 476 47.70 1.26 36.32
N SER C 477 47.70 -0.04 36.57
CA SER C 477 46.91 -0.61 37.65
C SER C 477 47.28 0.01 38.99
N THR C 478 48.51 0.45 39.11
CA THR C 478 49.00 1.06 40.34
C THR C 478 48.19 2.31 40.69
N PRO C 479 47.51 2.27 41.90
CA PRO C 479 46.74 3.50 42.20
C PRO C 479 47.62 4.75 42.13
N CYS C 480 47.12 5.77 41.44
CA CYS C 480 47.86 7.02 41.30
C CYS C 480 47.89 7.80 42.60
N ASN C 481 46.95 7.49 43.49
CA ASN C 481 46.87 8.16 44.79
C ASN C 481 46.64 9.66 44.64
N GLY C 482 46.59 10.14 43.40
CA GLY C 482 46.39 11.54 43.12
C GLY C 482 47.68 12.27 42.82
N VAL C 483 48.72 11.52 42.50
CA VAL C 483 50.02 12.08 42.18
C VAL C 483 50.43 11.63 40.81
N GLU C 484 51.22 12.46 40.13
CA GLU C 484 51.68 12.17 38.79
C GLU C 484 52.75 11.09 38.82
N GLY C 485 53.18 10.69 37.63
CA GLY C 485 54.19 9.67 37.51
C GLY C 485 53.95 8.85 36.27
N PHE C 486 54.74 7.79 36.09
CA PHE C 486 54.60 6.91 34.95
C PHE C 486 53.21 6.26 34.99
N ASN C 487 52.49 6.35 33.88
CA ASN C 487 51.15 5.79 33.76
C ASN C 487 50.18 6.46 34.73
N CYS C 488 50.50 7.67 35.16
CA CYS C 488 49.58 8.51 35.93
C CYS C 488 49.74 9.93 35.41
N TYR C 489 48.84 10.34 34.53
CA TYR C 489 49.00 11.55 33.76
C TYR C 489 47.90 12.55 34.06
N PHE C 490 48.28 13.81 34.11
CA PHE C 490 47.31 14.88 34.11
C PHE C 490 46.55 14.84 32.79
N PRO C 491 45.23 15.01 32.79
CA PRO C 491 44.47 14.74 31.57
C PRO C 491 44.28 15.92 30.63
N LEU C 492 44.82 17.11 30.91
CA LEU C 492 44.59 18.27 30.07
C LEU C 492 45.89 18.79 29.51
N GLN C 493 45.86 19.11 28.21
CA GLN C 493 47.00 19.66 27.50
C GLN C 493 46.59 21.05 27.02
N SER C 494 47.55 21.87 26.62
CA SER C 494 47.23 23.21 26.16
C SER C 494 47.86 23.45 24.80
N TYR C 495 47.06 23.89 23.86
CA TYR C 495 47.57 24.44 22.61
C TYR C 495 48.47 25.62 22.96
N GLY C 496 49.71 25.59 22.54
CA GLY C 496 50.44 26.82 22.68
C GLY C 496 50.38 27.55 21.37
N PHE C 497 49.41 28.44 21.21
CA PHE C 497 49.22 29.09 19.92
C PHE C 497 50.23 30.21 19.77
N GLN C 498 50.78 30.34 18.59
CA GLN C 498 51.72 31.41 18.33
C GLN C 498 51.47 31.99 16.95
N PRO C 499 51.67 33.29 16.77
CA PRO C 499 51.22 33.91 15.52
C PRO C 499 51.98 33.45 14.32
N THR C 500 53.19 32.94 14.47
CA THR C 500 53.94 32.40 13.33
C THR C 500 53.74 30.91 13.19
N ASN C 501 52.51 30.44 13.19
CA ASN C 501 52.20 29.04 12.97
C ASN C 501 51.62 28.85 11.58
N GLY C 502 52.04 27.80 10.92
CA GLY C 502 51.44 27.47 9.66
C GLY C 502 49.95 27.22 9.81
N VAL C 503 49.20 27.51 8.75
CA VAL C 503 47.76 27.25 8.78
C VAL C 503 47.55 25.78 9.11
N GLY C 504 46.44 25.48 9.75
CA GLY C 504 46.27 24.17 10.31
C GLY C 504 46.90 24.00 11.67
N TYR C 505 47.60 25.01 12.15
CA TYR C 505 47.93 25.10 13.55
C TYR C 505 47.50 26.41 14.16
N GLN C 506 46.81 27.23 13.44
CA GLN C 506 46.30 28.47 13.99
C GLN C 506 44.90 28.27 14.52
N PRO C 507 44.48 29.06 15.49
CA PRO C 507 43.21 28.79 16.15
C PRO C 507 42.03 29.11 15.27
N TYR C 508 41.04 28.23 15.30
CA TYR C 508 39.79 28.43 14.58
C TYR C 508 38.69 28.49 15.61
N ARG C 509 37.76 29.40 15.43
CA ARG C 509 36.61 29.44 16.32
C ARG C 509 35.44 28.76 15.66
N VAL C 510 34.70 27.97 16.42
CA VAL C 510 33.65 27.10 15.91
C VAL C 510 32.38 27.36 16.67
N VAL C 511 31.26 27.37 15.95
CA VAL C 511 29.91 27.49 16.49
C VAL C 511 29.07 26.41 15.85
N VAL C 512 28.42 25.60 16.66
CA VAL C 512 27.62 24.49 16.19
C VAL C 512 26.17 24.79 16.54
N LEU C 513 25.35 25.05 15.53
CA LEU C 513 23.93 25.28 15.76
C LEU C 513 23.20 23.97 15.63
N SER C 514 22.36 23.67 16.60
CA SER C 514 21.64 22.42 16.61
C SER C 514 20.16 22.72 16.79
N PHE C 515 19.39 22.50 15.75
CA PHE C 515 17.96 22.74 15.81
C PHE C 515 17.29 21.49 16.35
N GLU C 516 16.50 21.64 17.39
CA GLU C 516 15.81 20.48 17.92
C GLU C 516 14.30 20.72 17.90
N LEU C 517 13.55 19.62 17.83
CA LEU C 517 12.10 19.70 17.80
C LEU C 517 11.46 18.71 18.76
N LEU C 518 11.29 19.13 20.01
CA LEU C 518 10.69 18.27 21.03
C LEU C 518 9.26 17.91 20.65
N HIS C 519 8.30 18.53 21.33
CA HIS C 519 6.88 18.28 21.06
C HIS C 519 6.01 19.41 21.58
N ALA C 520 6.55 20.63 21.54
CA ALA C 520 5.82 21.81 21.99
C ALA C 520 4.80 22.26 20.95
N PRO C 521 4.33 23.49 21.06
CA PRO C 521 3.34 24.03 20.13
C PRO C 521 3.97 24.84 19.00
N ALA C 522 5.19 25.32 19.22
CA ALA C 522 5.90 26.13 18.23
C ALA C 522 7.08 26.86 18.87
N THR C 523 7.80 27.63 18.06
CA THR C 523 8.94 28.38 18.55
C THR C 523 9.57 29.22 17.43
N VAL C 524 10.80 29.67 17.64
CA VAL C 524 11.52 30.47 16.65
C VAL C 524 11.32 30.03 15.20
N CYS C 525 11.13 31.00 14.31
CA CYS C 525 11.14 30.76 12.87
C CYS C 525 11.74 31.96 12.14
N GLY C 526 11.93 31.79 10.82
CA GLY C 526 12.52 32.80 9.99
C GLY C 526 11.57 33.94 9.68
N PRO C 527 12.15 35.08 9.32
CA PRO C 527 11.35 36.27 8.99
C PRO C 527 10.45 36.04 7.79
N LYS C 528 9.31 36.72 7.75
CA LYS C 528 8.36 36.57 6.66
C LYS C 528 8.30 37.85 5.81
N LYS C 529 9.26 38.00 4.91
CA LYS C 529 9.32 39.17 4.04
C LYS C 529 7.95 39.50 3.46
N SER C 530 7.72 40.77 3.17
CA SER C 530 6.46 41.22 2.61
C SER C 530 6.66 41.92 1.27
N THR C 531 5.76 42.85 0.95
CA THR C 531 5.84 43.58 -0.31
C THR C 531 5.15 44.93 -0.19
N ASN C 532 3.85 44.96 -0.53
CA ASN C 532 3.07 46.19 -0.47
C ASN C 532 1.58 45.93 -0.59
N LEU C 533 0.79 47.00 -0.67
CA LEU C 533 -0.65 46.89 -0.79
C LEU C 533 -1.21 47.95 -1.74
N VAL C 534 -1.39 47.57 -3.00
CA VAL C 534 -1.92 48.48 -4.00
C VAL C 534 -3.44 48.40 -3.91
N LYS C 535 -4.08 49.49 -3.48
CA LYS C 535 -5.53 49.49 -3.33
C LYS C 535 -6.26 49.62 -4.67
N ASN C 536 -7.55 49.30 -4.64
CA ASN C 536 -8.39 49.38 -5.84
C ASN C 536 -7.81 48.67 -7.05
N LYS C 537 -7.45 47.40 -6.88
CA LYS C 537 -6.88 46.59 -7.97
C LYS C 537 -6.95 45.12 -7.61
N CYS C 538 -7.84 44.37 -8.27
CA CYS C 538 -7.97 42.96 -7.96
C CYS C 538 -6.58 42.37 -7.80
N VAL C 539 -6.30 41.88 -6.61
CA VAL C 539 -5.00 41.34 -6.26
C VAL C 539 -5.22 39.98 -5.61
N ASN C 540 -4.12 39.26 -5.40
CA ASN C 540 -4.10 38.08 -4.54
C ASN C 540 -3.45 38.53 -3.25
N PHE C 541 -4.24 38.65 -2.18
CA PHE C 541 -3.66 39.13 -0.95
C PHE C 541 -3.32 37.95 -0.03
N ASN C 542 -2.53 38.25 0.98
CA ASN C 542 -2.24 37.29 2.03
C ASN C 542 -1.83 38.09 3.26
N PHE C 543 -2.67 38.05 4.28
CA PHE C 543 -2.41 38.70 5.55
C PHE C 543 -2.27 37.60 6.60
N ASN C 544 -1.04 37.27 6.97
CA ASN C 544 -0.69 36.40 8.07
C ASN C 544 -1.10 34.95 7.83
N GLY C 545 -1.82 34.65 6.75
CA GLY C 545 -2.35 33.32 6.57
C GLY C 545 -3.77 33.39 6.03
N LEU C 546 -4.43 34.51 6.29
CA LEU C 546 -5.65 34.87 5.59
C LEU C 546 -5.32 35.03 4.11
N THR C 547 -5.84 34.11 3.30
CA THR C 547 -5.52 34.06 1.87
C THR C 547 -6.80 34.23 1.06
N GLY C 548 -6.77 35.16 0.12
CA GLY C 548 -7.87 35.33 -0.79
C GLY C 548 -7.49 36.25 -1.92
N THR C 549 -8.50 36.63 -2.70
CA THR C 549 -8.28 37.52 -3.82
C THR C 549 -9.43 38.50 -3.92
N GLY C 550 -9.13 39.72 -4.35
CA GLY C 550 -10.15 40.75 -4.43
C GLY C 550 -9.52 42.12 -4.43
N VAL C 551 -10.35 43.13 -4.23
CA VAL C 551 -9.88 44.51 -4.22
C VAL C 551 -10.06 45.10 -2.84
N LEU C 552 -9.00 45.74 -2.36
CA LEU C 552 -8.90 46.25 -0.99
C LEU C 552 -9.08 47.75 -1.00
N THR C 553 -10.00 48.25 -0.19
CA THR C 553 -10.18 49.68 -0.03
C THR C 553 -10.06 50.03 1.44
N GLU C 554 -10.01 51.33 1.73
CA GLU C 554 -10.01 51.76 3.12
C GLU C 554 -11.43 51.94 3.62
N SER C 555 -11.61 51.76 4.93
CA SER C 555 -12.93 51.51 5.48
C SER C 555 -13.34 52.50 6.58
N ASN C 556 -14.54 52.31 7.14
CA ASN C 556 -15.03 53.11 8.25
C ASN C 556 -15.45 52.21 9.40
N LYS C 557 -14.80 51.06 9.52
CA LYS C 557 -15.05 50.18 10.65
C LYS C 557 -14.08 50.52 11.78
N LYS C 558 -14.36 49.98 12.95
CA LYS C 558 -13.48 50.12 14.10
C LYS C 558 -13.46 48.79 14.83
N PHE C 559 -12.37 48.04 14.70
CA PHE C 559 -12.26 46.76 15.36
C PHE C 559 -12.06 46.97 16.85
N LEU C 560 -11.81 45.88 17.57
CA LEU C 560 -11.32 45.98 18.93
C LEU C 560 -9.84 45.61 18.92
N PRO C 561 -9.04 46.28 19.74
CA PRO C 561 -7.59 46.16 19.62
C PRO C 561 -7.06 44.74 19.44
N PHE C 562 -7.76 43.75 19.95
CA PHE C 562 -7.32 42.37 19.78
C PHE C 562 -7.89 41.70 18.54
N GLN C 563 -8.83 42.34 17.85
CA GLN C 563 -9.49 41.72 16.71
C GLN C 563 -8.68 41.95 15.44
N GLN C 564 -8.51 40.88 14.66
CA GLN C 564 -7.57 40.88 13.55
C GLN C 564 -8.23 40.87 12.18
N PHE C 565 -9.48 40.44 12.07
CA PHE C 565 -10.20 40.53 10.81
C PHE C 565 -11.68 40.35 11.09
N GLY C 566 -12.50 40.85 10.15
CA GLY C 566 -13.93 40.80 10.28
C GLY C 566 -14.56 39.86 9.26
N ARG C 567 -15.75 39.40 9.59
CA ARG C 567 -16.53 38.61 8.67
C ARG C 567 -18.00 38.87 8.92
N ASP C 568 -18.79 38.66 7.89
CA ASP C 568 -20.21 38.99 7.90
C ASP C 568 -21.06 37.74 8.07
N ILE C 569 -22.37 37.92 7.93
CA ILE C 569 -23.30 36.80 7.89
C ILE C 569 -22.90 35.93 6.70
N ALA C 570 -23.16 34.62 6.79
CA ALA C 570 -22.70 33.62 5.84
C ALA C 570 -21.20 33.36 5.99
N ASP C 571 -20.57 34.08 6.92
CA ASP C 571 -19.17 33.87 7.28
C ASP C 571 -18.25 33.94 6.08
N THR C 572 -18.21 35.08 5.41
CA THR C 572 -17.19 35.41 4.45
C THR C 572 -16.38 36.57 5.01
N THR C 573 -15.08 36.59 4.72
CA THR C 573 -14.23 37.66 5.20
C THR C 573 -14.49 38.91 4.39
N ASP C 574 -14.85 40.00 5.05
CA ASP C 574 -15.15 41.23 4.34
C ASP C 574 -14.35 42.41 4.86
N ALA C 575 -13.46 42.17 5.81
CA ALA C 575 -12.52 43.17 6.28
C ALA C 575 -11.27 42.48 6.78
N VAL C 576 -10.23 43.26 7.03
CA VAL C 576 -8.98 42.70 7.53
C VAL C 576 -8.21 43.83 8.19
N ARG C 577 -7.27 43.48 9.05
CA ARG C 577 -6.33 44.42 9.65
C ARG C 577 -4.94 44.11 9.12
N ASP C 578 -4.20 45.12 8.68
CA ASP C 578 -2.84 44.90 8.19
C ASP C 578 -1.98 44.77 9.43
N PRO C 579 -0.98 43.89 9.44
CA PRO C 579 -0.19 43.79 10.68
C PRO C 579 0.96 44.76 10.81
N GLN C 580 1.03 45.80 9.99
CA GLN C 580 2.08 46.81 10.12
C GLN C 580 1.57 48.22 10.25
N THR C 581 0.53 48.60 9.53
CA THR C 581 -0.04 49.94 9.67
C THR C 581 -1.01 50.03 10.83
N LEU C 582 -1.64 48.91 11.19
CA LEU C 582 -2.73 48.82 12.15
C LEU C 582 -3.94 49.59 11.62
N GLU C 583 -4.24 49.38 10.34
CA GLU C 583 -5.38 49.97 9.68
C GLU C 583 -6.26 48.85 9.14
N ILE C 584 -7.57 49.02 9.20
CA ILE C 584 -8.49 48.01 8.72
C ILE C 584 -8.94 48.36 7.32
N LEU C 585 -9.07 47.35 6.47
CA LEU C 585 -9.34 47.49 5.06
C LEU C 585 -10.53 46.65 4.68
N ASP C 586 -11.42 47.22 3.87
CA ASP C 586 -12.53 46.52 3.28
C ASP C 586 -12.05 45.64 2.14
N ILE C 587 -12.68 44.47 2.01
CA ILE C 587 -12.40 43.52 0.95
C ILE C 587 -13.66 43.40 0.10
N THR C 588 -13.51 43.55 -1.21
CA THR C 588 -14.63 43.43 -2.12
C THR C 588 -14.28 42.48 -3.24
N PRO C 589 -15.21 41.47 -3.51
CA PRO C 589 -14.81 40.56 -4.61
C PRO C 589 -14.57 41.32 -5.91
N CYS C 590 -13.67 40.80 -6.74
CA CYS C 590 -13.36 41.40 -8.03
C CYS C 590 -14.45 41.11 -9.06
N SER C 591 -15.09 42.16 -9.54
CA SER C 591 -16.16 42.08 -10.53
C SER C 591 -16.21 40.83 -11.41
N PHE C 592 -17.42 40.32 -11.59
CA PHE C 592 -17.69 39.15 -12.42
C PHE C 592 -19.12 39.27 -12.91
N GLY C 593 -19.54 38.39 -13.81
CA GLY C 593 -20.88 38.47 -14.31
C GLY C 593 -21.06 37.55 -15.49
N GLY C 594 -22.25 37.64 -16.10
CA GLY C 594 -22.54 36.90 -17.29
C GLY C 594 -22.47 37.81 -18.51
N VAL C 595 -22.42 37.19 -19.67
CA VAL C 595 -22.38 37.90 -20.93
C VAL C 595 -23.51 37.36 -21.78
N SER C 596 -24.37 38.25 -22.26
CA SER C 596 -25.44 37.86 -23.15
C SER C 596 -25.30 38.59 -24.46
N VAL C 597 -25.63 37.92 -25.55
CA VAL C 597 -25.61 38.56 -26.86
C VAL C 597 -27.03 38.72 -27.36
N ILE C 598 -27.34 39.91 -27.86
CA ILE C 598 -28.63 40.28 -28.39
C ILE C 598 -28.52 40.19 -29.91
N THR C 599 -29.32 39.35 -30.52
CA THR C 599 -29.29 39.23 -31.96
C THR C 599 -30.61 39.69 -32.54
N PRO C 600 -30.56 40.76 -33.42
CA PRO C 600 -31.87 41.14 -33.97
C PRO C 600 -32.32 40.08 -34.97
N GLY C 601 -31.62 38.95 -34.97
CA GLY C 601 -31.91 37.85 -35.86
C GLY C 601 -30.84 37.75 -36.93
N THR C 602 -30.04 36.69 -36.86
CA THR C 602 -28.97 36.50 -37.83
C THR C 602 -29.51 36.56 -39.26
N ASN C 603 -30.83 36.45 -39.39
CA ASN C 603 -31.50 36.48 -40.68
C ASN C 603 -31.91 37.90 -41.05
N THR C 604 -31.55 38.85 -40.20
CA THR C 604 -31.88 40.25 -40.42
C THR C 604 -30.65 41.13 -40.38
N SER C 605 -29.56 40.60 -39.85
CA SER C 605 -28.31 41.34 -39.75
C SER C 605 -27.32 40.62 -38.85
N ASN C 606 -26.03 40.89 -39.06
CA ASN C 606 -24.98 40.27 -38.27
C ASN C 606 -24.49 41.21 -37.18
N GLN C 607 -25.12 42.36 -37.09
CA GLN C 607 -24.77 43.36 -36.09
C GLN C 607 -25.48 43.03 -34.79
N VAL C 608 -24.74 42.45 -33.86
CA VAL C 608 -25.31 42.08 -32.57
C VAL C 608 -24.87 43.02 -31.47
N ALA C 609 -25.51 42.89 -30.30
CA ALA C 609 -25.13 43.72 -29.18
C ALA C 609 -24.77 42.82 -28.02
N VAL C 610 -24.06 43.35 -27.03
CA VAL C 610 -23.57 42.54 -25.93
C VAL C 610 -23.92 43.22 -24.61
N LEU C 611 -24.47 42.46 -23.68
CA LEU C 611 -24.74 42.94 -22.33
C LEU C 611 -23.82 42.23 -21.35
N TYR C 612 -23.16 43.01 -20.52
CA TYR C 612 -22.33 42.55 -19.42
C TYR C 612 -23.15 42.76 -18.15
N GLN C 613 -23.58 41.67 -17.55
CA GLN C 613 -24.63 41.77 -16.55
C GLN C 613 -24.10 42.31 -15.22
N ASP C 614 -24.81 43.29 -14.68
CA ASP C 614 -24.48 44.03 -13.46
C ASP C 614 -23.00 44.34 -13.33
N VAL C 615 -22.44 44.92 -14.38
CA VAL C 615 -21.07 45.39 -14.39
C VAL C 615 -21.09 46.85 -14.80
N ASN C 616 -20.34 47.67 -14.08
CA ASN C 616 -20.17 49.06 -14.49
C ASN C 616 -19.39 49.11 -15.80
N CYS C 617 -19.67 50.12 -16.60
CA CYS C 617 -19.15 50.17 -17.96
C CYS C 617 -17.64 50.39 -18.01
N THR C 618 -17.06 50.94 -16.95
CA THR C 618 -15.63 51.25 -16.96
C THR C 618 -14.77 49.99 -17.03
N GLU C 619 -15.27 48.88 -16.51
CA GLU C 619 -14.44 47.69 -16.32
C GLU C 619 -14.51 46.72 -17.50
N VAL C 620 -14.88 47.17 -18.67
CA VAL C 620 -14.87 46.30 -19.84
C VAL C 620 -13.96 46.92 -20.90
N ASN C 641 -23.35 53.97 -28.58
CA ASN C 641 -22.23 53.06 -28.42
C ASN C 641 -22.32 52.25 -27.13
N VAL C 642 -21.93 52.88 -26.03
CA VAL C 642 -21.83 52.24 -24.73
C VAL C 642 -22.86 52.87 -23.82
N PHE C 643 -23.71 52.05 -23.20
CA PHE C 643 -24.90 52.55 -22.51
C PHE C 643 -25.07 51.80 -21.20
N GLN C 644 -25.32 52.52 -20.13
CA GLN C 644 -25.42 51.90 -18.81
C GLN C 644 -26.87 51.74 -18.42
N THR C 645 -27.32 50.50 -18.29
CA THR C 645 -28.64 50.19 -17.79
C THR C 645 -28.54 49.78 -16.33
N ARG C 646 -29.65 49.37 -15.76
CA ARG C 646 -29.67 48.75 -14.45
C ARG C 646 -29.46 47.24 -14.55
N ALA C 647 -29.61 46.66 -15.73
CA ALA C 647 -29.29 45.27 -15.98
C ALA C 647 -27.81 45.02 -16.24
N GLY C 648 -27.01 46.07 -16.40
CA GLY C 648 -25.61 45.94 -16.73
C GLY C 648 -25.16 46.94 -17.78
N CYS C 649 -24.02 46.68 -18.40
CA CYS C 649 -23.45 47.58 -19.39
C CYS C 649 -23.71 47.00 -20.77
N LEU C 650 -24.23 47.82 -21.68
CA LEU C 650 -24.68 47.35 -22.98
C LEU C 650 -23.85 48.03 -24.06
N ILE C 651 -23.16 47.26 -24.88
CA ILE C 651 -22.30 47.88 -25.89
C ILE C 651 -22.76 47.59 -27.31
N GLY C 652 -22.88 48.65 -28.09
CA GLY C 652 -23.32 48.51 -29.47
C GLY C 652 -24.75 48.94 -29.66
N ALA C 653 -25.37 49.43 -28.59
CA ALA C 653 -26.75 49.90 -28.63
C ALA C 653 -26.81 51.38 -28.30
N GLU C 654 -27.64 52.12 -29.04
CA GLU C 654 -27.79 53.55 -28.82
C GLU C 654 -29.06 53.91 -28.06
N HIS C 655 -28.91 54.70 -27.02
CA HIS C 655 -30.04 55.13 -26.21
C HIS C 655 -30.88 56.20 -26.89
N VAL C 656 -32.19 55.99 -26.91
CA VAL C 656 -33.11 56.95 -27.51
C VAL C 656 -34.09 57.40 -26.45
N ASN C 657 -34.74 58.54 -26.67
CA ASN C 657 -35.70 59.08 -25.70
C ASN C 657 -37.13 58.60 -25.90
N ASN C 658 -37.44 58.12 -27.10
CA ASN C 658 -38.78 57.63 -27.38
C ASN C 658 -39.15 56.43 -26.53
N SER C 659 -40.23 55.75 -26.91
CA SER C 659 -40.69 54.57 -26.19
C SER C 659 -41.55 53.73 -27.11
N TYR C 660 -41.33 52.42 -27.09
CA TYR C 660 -42.10 51.51 -27.92
C TYR C 660 -42.45 50.26 -27.12
N GLU C 661 -43.17 49.33 -27.75
CA GLU C 661 -43.53 48.09 -27.08
C GLU C 661 -42.23 47.34 -26.81
N CYS C 662 -42.32 46.09 -26.39
CA CYS C 662 -41.09 45.36 -26.13
C CYS C 662 -40.86 44.30 -27.20
N ASP C 663 -39.61 44.25 -27.65
CA ASP C 663 -39.14 43.33 -28.68
C ASP C 663 -38.38 42.23 -27.98
N ILE C 664 -37.14 42.54 -27.64
CA ILE C 664 -36.27 41.63 -26.91
C ILE C 664 -36.08 42.21 -25.52
N PRO C 665 -36.44 41.50 -24.46
CA PRO C 665 -36.32 42.07 -23.13
C PRO C 665 -34.89 42.12 -22.65
N ILE C 666 -34.42 43.30 -22.31
CA ILE C 666 -33.13 43.48 -21.67
C ILE C 666 -33.26 43.41 -20.16
N GLY C 667 -34.20 44.14 -19.60
CA GLY C 667 -34.47 44.06 -18.18
C GLY C 667 -34.62 45.44 -17.58
N ALA C 668 -35.16 45.48 -16.38
CA ALA C 668 -35.39 46.71 -15.63
C ALA C 668 -36.06 47.78 -16.46
N GLY C 669 -36.90 47.40 -17.41
CA GLY C 669 -37.67 48.33 -18.18
C GLY C 669 -37.14 48.61 -19.55
N ILE C 670 -36.00 48.04 -19.94
CA ILE C 670 -35.35 48.32 -21.21
C ILE C 670 -35.52 47.12 -22.12
N CYS C 671 -35.72 47.43 -23.39
CA CYS C 671 -35.86 46.45 -24.43
C CYS C 671 -34.89 46.93 -25.48
N ALA C 672 -34.52 46.06 -26.40
CA ALA C 672 -33.62 46.43 -27.46
C ALA C 672 -34.35 46.20 -28.76
N SER C 673 -34.18 47.10 -29.71
CA SER C 673 -34.85 46.96 -30.99
C SER C 673 -33.88 47.25 -32.12
N TYR C 674 -34.26 46.83 -33.32
CA TYR C 674 -33.45 47.06 -34.49
C TYR C 674 -34.24 48.00 -35.38
N GLN C 675 -34.07 49.30 -35.15
CA GLN C 675 -34.78 50.31 -35.94
C GLN C 675 -34.00 50.66 -37.19
N THR C 676 -34.59 51.49 -38.03
CA THR C 676 -33.95 51.91 -39.28
C THR C 676 -34.28 53.37 -39.61
N GLN C 690 -31.29 49.73 -39.05
CA GLN C 690 -29.91 50.05 -39.38
C GLN C 690 -29.12 50.40 -38.13
N SER C 691 -29.62 49.96 -36.98
CA SER C 691 -28.96 50.24 -35.71
C SER C 691 -29.70 49.56 -34.57
N ILE C 692 -29.02 49.34 -33.47
CA ILE C 692 -29.61 48.72 -32.30
C ILE C 692 -29.80 49.79 -31.23
N ILE C 693 -31.06 50.04 -30.87
CA ILE C 693 -31.37 51.04 -29.87
C ILE C 693 -31.81 50.46 -28.53
N ALA C 694 -31.72 51.28 -27.50
CA ALA C 694 -32.10 50.89 -26.15
C ALA C 694 -32.97 51.99 -25.56
N TYR C 695 -34.24 51.68 -25.34
CA TYR C 695 -35.18 52.65 -24.79
C TYR C 695 -35.88 52.12 -23.56
N THR C 696 -36.82 52.92 -23.04
CA THR C 696 -37.62 52.56 -21.89
C THR C 696 -38.98 52.15 -22.43
N MET C 697 -39.30 50.86 -22.34
CA MET C 697 -40.56 50.36 -22.86
C MET C 697 -41.79 51.15 -22.41
N SER C 698 -42.77 51.26 -23.30
CA SER C 698 -44.00 51.96 -23.00
C SER C 698 -45.10 50.94 -22.69
N LEU C 699 -45.97 51.26 -21.75
CA LEU C 699 -47.04 50.34 -21.36
C LEU C 699 -48.17 50.26 -22.38
N GLY C 700 -48.46 51.37 -23.06
CA GLY C 700 -49.51 51.40 -24.04
C GLY C 700 -49.98 52.82 -24.31
N ALA C 701 -50.80 52.97 -25.35
CA ALA C 701 -51.31 54.29 -25.73
C ALA C 701 -52.13 54.84 -24.59
N GLU C 702 -52.32 56.16 -24.57
CA GLU C 702 -53.09 56.77 -23.51
C GLU C 702 -54.51 57.10 -23.97
N ASN C 703 -55.40 57.25 -23.00
CA ASN C 703 -56.82 57.32 -23.28
C ASN C 703 -57.52 57.95 -22.08
N SER C 704 -58.11 59.11 -22.29
CA SER C 704 -59.04 59.68 -21.32
C SER C 704 -60.45 59.37 -21.77
N VAL C 705 -61.26 58.92 -20.85
CA VAL C 705 -62.65 58.59 -21.11
C VAL C 705 -63.47 59.83 -20.77
N ALA C 706 -64.41 60.17 -21.65
CA ALA C 706 -65.19 61.38 -21.50
C ALA C 706 -66.25 61.20 -20.41
N TYR C 707 -65.77 61.01 -19.19
CA TYR C 707 -66.67 60.81 -18.06
C TYR C 707 -67.32 62.11 -17.66
N SER C 708 -68.64 62.08 -17.50
CA SER C 708 -69.38 63.08 -16.76
C SER C 708 -70.56 62.39 -16.09
N ASN C 709 -71.32 63.14 -15.32
CA ASN C 709 -72.37 62.55 -14.52
C ASN C 709 -73.74 62.48 -15.20
N ASN C 710 -73.84 62.83 -16.49
CA ASN C 710 -75.07 62.53 -17.20
C ASN C 710 -74.81 62.15 -18.64
N SER C 711 -73.66 61.56 -18.93
CA SER C 711 -73.30 61.14 -20.27
C SER C 711 -73.18 59.62 -20.34
N ILE C 712 -73.62 59.05 -21.44
CA ILE C 712 -73.54 57.60 -21.63
C ILE C 712 -73.20 57.30 -23.07
N ALA C 713 -72.44 56.23 -23.30
CA ALA C 713 -72.08 55.78 -24.63
C ALA C 713 -72.74 54.44 -24.90
N ILE C 714 -73.48 54.36 -25.99
CA ILE C 714 -74.24 53.16 -26.33
C ILE C 714 -73.90 52.70 -27.74
N PRO C 715 -73.58 51.42 -27.94
CA PRO C 715 -73.13 50.97 -29.26
C PRO C 715 -74.28 50.77 -30.23
N THR C 716 -74.01 51.06 -31.49
CA THR C 716 -75.01 50.97 -32.53
C THR C 716 -74.78 49.82 -33.50
N ASN C 717 -73.73 49.05 -33.33
CA ASN C 717 -73.41 47.95 -34.23
C ASN C 717 -72.63 46.93 -33.44
N PHE C 718 -72.22 45.86 -34.10
CA PHE C 718 -71.43 44.83 -33.43
C PHE C 718 -70.57 44.14 -34.47
N THR C 719 -69.60 43.39 -33.98
CA THR C 719 -68.83 42.46 -34.78
C THR C 719 -68.89 41.08 -34.16
N ILE C 720 -68.83 40.07 -35.00
CA ILE C 720 -68.62 38.69 -34.57
C ILE C 720 -67.13 38.40 -34.65
N SER C 721 -66.55 37.96 -33.55
CA SER C 721 -65.13 37.65 -33.47
C SER C 721 -64.92 36.17 -33.23
N VAL C 722 -63.90 35.61 -33.87
CA VAL C 722 -63.48 34.23 -33.64
C VAL C 722 -61.99 34.23 -33.34
N THR C 723 -61.61 33.67 -32.20
CA THR C 723 -60.21 33.59 -31.83
C THR C 723 -59.86 32.19 -31.36
N THR C 724 -58.58 31.86 -31.40
CA THR C 724 -58.10 30.53 -31.06
C THR C 724 -57.42 30.50 -29.71
N GLU C 725 -57.41 29.32 -29.11
CA GLU C 725 -56.73 29.09 -27.84
C GLU C 725 -56.17 27.68 -27.86
N ILE C 726 -54.89 27.53 -27.54
CA ILE C 726 -54.18 26.28 -27.71
C ILE C 726 -53.72 25.76 -26.35
N LEU C 727 -53.92 24.46 -26.11
CA LEU C 727 -53.59 23.89 -24.81
C LEU C 727 -52.94 22.51 -24.93
N PRO C 728 -51.80 22.29 -24.29
CA PRO C 728 -51.22 20.95 -24.24
C PRO C 728 -51.97 20.02 -23.31
N VAL C 729 -52.27 18.82 -23.81
CA VAL C 729 -53.01 17.83 -23.06
C VAL C 729 -52.12 16.69 -22.58
N SER C 730 -51.08 16.35 -23.30
CA SER C 730 -50.42 15.07 -23.15
C SER C 730 -48.95 15.23 -23.49
N MET C 731 -48.14 14.27 -23.05
CA MET C 731 -46.77 14.24 -23.52
C MET C 731 -46.36 12.83 -23.89
N THR C 732 -45.12 12.66 -24.33
CA THR C 732 -44.65 11.38 -24.84
C THR C 732 -44.41 10.39 -23.70
N LYS C 733 -44.93 9.18 -23.85
CA LYS C 733 -44.74 8.14 -22.86
C LYS C 733 -43.43 7.43 -23.14
N THR C 734 -42.50 7.50 -22.21
CA THR C 734 -41.20 6.89 -22.37
C THR C 734 -40.91 6.02 -21.16
N SER C 735 -40.19 4.93 -21.41
CA SER C 735 -39.69 4.11 -20.33
C SER C 735 -38.20 3.89 -20.51
N VAL C 736 -37.50 3.71 -19.40
CA VAL C 736 -36.10 3.35 -19.42
C VAL C 736 -35.94 2.13 -18.53
N ASP C 737 -35.29 1.10 -19.05
CA ASP C 737 -34.85 0.03 -18.19
C ASP C 737 -33.63 0.51 -17.42
N CYS C 738 -33.77 0.60 -16.10
CA CYS C 738 -32.70 1.13 -15.27
C CYS C 738 -31.45 0.26 -15.34
N THR C 739 -31.62 -1.04 -15.48
CA THR C 739 -30.47 -1.93 -15.46
C THR C 739 -29.70 -1.86 -16.77
N MET C 740 -30.40 -1.82 -17.89
CA MET C 740 -29.72 -1.78 -19.18
C MET C 740 -29.10 -0.42 -19.46
N TYR C 741 -29.60 0.64 -18.85
CA TYR C 741 -28.97 1.94 -19.00
C TYR C 741 -27.63 1.97 -18.27
N ILE C 742 -27.59 1.46 -17.06
CA ILE C 742 -26.41 1.57 -16.22
C ILE C 742 -25.36 0.53 -16.62
N CYS C 743 -25.78 -0.72 -16.76
CA CYS C 743 -24.83 -1.80 -17.04
C CYS C 743 -24.81 -2.18 -18.50
N GLY C 744 -25.98 -2.39 -19.09
CA GLY C 744 -26.06 -2.69 -20.51
C GLY C 744 -25.53 -4.04 -20.90
N ASP C 745 -26.17 -5.12 -20.44
CA ASP C 745 -25.75 -6.48 -20.80
C ASP C 745 -24.34 -6.76 -20.29
N SER C 746 -24.16 -6.70 -18.98
CA SER C 746 -22.91 -7.08 -18.35
C SER C 746 -23.21 -7.60 -16.94
N THR C 747 -22.91 -8.87 -16.70
CA THR C 747 -23.22 -9.47 -15.42
C THR C 747 -22.33 -8.99 -14.29
N GLU C 748 -21.08 -8.62 -14.58
CA GLU C 748 -20.23 -8.08 -13.54
C GLU C 748 -20.82 -6.82 -12.94
N CYS C 749 -21.40 -5.96 -13.80
CA CYS C 749 -21.99 -4.72 -13.31
C CYS C 749 -23.32 -4.97 -12.62
N SER C 750 -24.08 -5.95 -13.11
CA SER C 750 -25.42 -6.18 -12.59
C SER C 750 -25.41 -6.65 -11.14
N ASN C 751 -24.45 -7.48 -10.76
CA ASN C 751 -24.40 -7.96 -9.39
C ASN C 751 -23.93 -6.90 -8.43
N LEU C 752 -23.08 -5.98 -8.88
CA LEU C 752 -22.71 -4.83 -8.09
C LEU C 752 -23.85 -3.84 -7.96
N LEU C 753 -24.73 -3.77 -8.97
CA LEU C 753 -25.88 -2.89 -8.87
C LEU C 753 -26.89 -3.39 -7.85
N LEU C 754 -26.82 -4.66 -7.47
CA LEU C 754 -27.75 -5.20 -6.48
C LEU C 754 -27.45 -4.71 -5.08
N GLN C 755 -26.31 -4.06 -4.86
CA GLN C 755 -25.93 -3.60 -3.55
C GLN C 755 -26.54 -2.26 -3.20
N TYR C 756 -27.36 -1.69 -4.07
CA TYR C 756 -28.03 -0.43 -3.80
C TYR C 756 -29.50 -0.60 -3.49
N GLY C 757 -30.02 -1.81 -3.62
CA GLY C 757 -31.38 -2.08 -3.22
C GLY C 757 -32.37 -1.84 -4.32
N SER C 758 -33.40 -1.06 -4.02
CA SER C 758 -34.55 -0.90 -4.90
C SER C 758 -34.55 0.43 -5.62
N PHE C 759 -33.40 0.90 -6.10
CA PHE C 759 -33.37 2.17 -6.82
C PHE C 759 -34.02 2.02 -8.20
N CYS C 760 -33.74 0.93 -8.90
CA CYS C 760 -34.27 0.78 -10.25
C CYS C 760 -35.74 0.42 -10.24
N THR C 761 -36.19 -0.31 -9.23
CA THR C 761 -37.62 -0.58 -9.09
C THR C 761 -38.38 0.72 -8.84
N GLN C 762 -37.81 1.59 -8.00
CA GLN C 762 -38.40 2.90 -7.76
C GLN C 762 -38.45 3.73 -9.02
N LEU C 763 -37.36 3.74 -9.79
CA LEU C 763 -37.34 4.54 -11.00
C LEU C 763 -38.34 4.07 -12.04
N ASN C 764 -38.43 2.76 -12.25
CA ASN C 764 -39.41 2.27 -13.20
C ASN C 764 -40.83 2.54 -12.72
N ARG C 765 -41.09 2.40 -11.42
CA ARG C 765 -42.41 2.70 -10.90
C ARG C 765 -42.78 4.16 -11.06
N ALA C 766 -41.83 5.08 -10.89
CA ALA C 766 -42.10 6.49 -11.11
C ALA C 766 -42.40 6.78 -12.57
N LEU C 767 -41.61 6.22 -13.48
CA LEU C 767 -41.81 6.51 -14.89
C LEU C 767 -43.08 5.88 -15.45
N THR C 768 -43.53 4.76 -14.90
CA THR C 768 -44.72 4.11 -15.40
C THR C 768 -45.99 4.82 -14.96
N GLY C 769 -45.97 5.37 -13.75
CA GLY C 769 -47.11 6.10 -13.25
C GLY C 769 -47.40 7.37 -14.00
N ILE C 770 -46.41 7.97 -14.64
CA ILE C 770 -46.64 9.16 -15.45
C ILE C 770 -46.92 8.81 -16.90
N ALA C 771 -46.71 7.56 -17.30
CA ALA C 771 -47.19 7.10 -18.59
C ALA C 771 -48.65 6.70 -18.51
N VAL C 772 -49.09 6.24 -17.34
CA VAL C 772 -50.51 5.95 -17.17
C VAL C 772 -51.33 7.24 -17.08
N GLU C 773 -50.76 8.28 -16.46
CA GLU C 773 -51.46 9.55 -16.33
C GLU C 773 -51.72 10.22 -17.67
N GLN C 774 -50.91 9.92 -18.69
CA GLN C 774 -51.07 10.60 -19.96
C GLN C 774 -52.31 10.14 -20.72
N ASP C 775 -52.71 8.89 -20.57
CA ASP C 775 -53.92 8.41 -21.21
C ASP C 775 -55.16 8.93 -20.50
N LYS C 776 -55.12 9.01 -19.18
CA LYS C 776 -56.14 9.67 -18.38
C LYS C 776 -56.32 11.13 -18.76
N ASN C 777 -55.22 11.81 -19.05
CA ASN C 777 -55.27 13.20 -19.49
C ASN C 777 -56.13 13.39 -20.72
N THR C 778 -55.99 12.52 -21.73
CA THR C 778 -56.73 12.77 -22.95
C THR C 778 -58.11 12.12 -22.93
N GLN C 779 -58.31 11.09 -22.11
CA GLN C 779 -59.65 10.64 -21.82
C GLN C 779 -60.48 11.71 -21.13
N GLU C 780 -59.89 12.50 -20.25
CA GLU C 780 -60.64 13.53 -19.54
C GLU C 780 -60.99 14.73 -20.40
N VAL C 781 -60.25 14.97 -21.48
CA VAL C 781 -60.56 16.10 -22.36
C VAL C 781 -61.51 15.68 -23.46
N PHE C 782 -61.27 14.54 -24.11
CA PHE C 782 -61.99 14.31 -25.35
C PHE C 782 -63.21 13.41 -25.20
N ALA C 783 -63.20 12.41 -24.33
CA ALA C 783 -64.33 11.50 -24.19
C ALA C 783 -65.35 12.07 -23.21
N GLN C 784 -65.90 13.21 -23.58
CA GLN C 784 -66.89 13.92 -22.78
C GLN C 784 -68.28 13.78 -23.38
N VAL C 785 -68.45 12.83 -24.29
CA VAL C 785 -69.70 12.67 -25.00
C VAL C 785 -70.03 11.18 -25.02
N LYS C 786 -71.31 10.87 -24.84
CA LYS C 786 -71.75 9.48 -24.73
C LYS C 786 -71.97 8.83 -26.09
N GLN C 787 -72.62 9.53 -27.01
CA GLN C 787 -72.89 9.02 -28.34
C GLN C 787 -71.96 9.68 -29.34
N ILE C 788 -71.82 9.04 -30.48
CA ILE C 788 -71.12 9.62 -31.62
C ILE C 788 -72.17 10.25 -32.51
N TYR C 789 -72.38 11.55 -32.37
CA TYR C 789 -73.36 12.27 -33.16
C TYR C 789 -72.82 12.57 -34.55
N LYS C 790 -73.72 12.57 -35.53
CA LYS C 790 -73.42 12.90 -36.91
C LYS C 790 -74.26 14.08 -37.36
N THR C 791 -73.71 14.89 -38.27
CA THR C 791 -74.48 15.96 -38.88
C THR C 791 -75.31 15.41 -40.04
N PRO C 792 -76.39 16.08 -40.40
CA PRO C 792 -77.20 15.64 -41.53
C PRO C 792 -76.45 15.86 -42.83
N PRO C 793 -76.84 15.18 -43.91
CA PRO C 793 -76.23 15.46 -45.21
C PRO C 793 -76.59 16.83 -45.75
N ILE C 794 -77.79 17.32 -45.46
CA ILE C 794 -78.23 18.63 -45.93
C ILE C 794 -77.93 19.65 -44.85
N LYS C 795 -77.00 20.54 -45.12
CA LYS C 795 -76.44 21.45 -44.12
C LYS C 795 -77.08 22.82 -44.19
N ASP C 796 -78.34 22.90 -43.77
CA ASP C 796 -79.09 24.16 -43.73
C ASP C 796 -78.96 24.76 -42.34
N PHE C 797 -78.06 25.71 -42.17
CA PHE C 797 -77.78 26.29 -40.87
C PHE C 797 -77.99 27.80 -40.85
N GLY C 798 -79.06 28.27 -41.48
CA GLY C 798 -79.37 29.68 -41.47
C GLY C 798 -78.39 30.55 -42.20
N GLY C 799 -77.48 29.98 -42.98
CA GLY C 799 -76.47 30.72 -43.68
C GLY C 799 -75.08 30.51 -43.18
N PHE C 800 -74.92 29.94 -41.99
CA PHE C 800 -73.61 29.74 -41.38
C PHE C 800 -72.91 28.56 -42.03
N ASN C 801 -71.67 28.75 -42.42
CA ASN C 801 -70.90 27.78 -43.18
C ASN C 801 -69.83 27.18 -42.28
N PHE C 802 -69.96 25.89 -41.96
CA PHE C 802 -69.09 25.20 -41.02
C PHE C 802 -68.15 24.22 -41.70
N SER C 803 -67.83 24.42 -42.97
CA SER C 803 -67.23 23.34 -43.74
C SER C 803 -65.74 23.19 -43.50
N GLN C 804 -65.04 24.22 -43.05
CA GLN C 804 -63.62 24.13 -42.78
C GLN C 804 -63.32 23.49 -41.43
N ILE C 805 -64.32 23.29 -40.57
CA ILE C 805 -64.13 22.65 -39.29
C ILE C 805 -64.87 21.33 -39.16
N LEU C 806 -65.56 20.92 -40.16
CA LEU C 806 -66.25 19.64 -40.20
C LEU C 806 -65.35 18.61 -40.86
N PRO C 807 -65.51 17.33 -40.51
CA PRO C 807 -64.64 16.31 -41.10
C PRO C 807 -64.77 16.29 -42.61
N ASP C 808 -63.66 16.03 -43.27
CA ASP C 808 -63.63 15.88 -44.73
C ASP C 808 -63.38 14.42 -45.07
N PRO C 809 -64.45 13.71 -45.38
CA PRO C 809 -64.41 12.28 -45.67
C PRO C 809 -63.66 11.88 -46.94
N SER C 810 -62.41 12.31 -47.07
CA SER C 810 -61.64 11.91 -48.25
C SER C 810 -60.19 12.36 -48.13
N LYS C 811 -59.64 12.23 -46.94
CA LYS C 811 -58.25 12.62 -46.69
C LYS C 811 -57.62 11.76 -45.61
N PRO C 812 -56.50 12.20 -45.03
CA PRO C 812 -55.86 11.41 -43.98
C PRO C 812 -56.87 11.02 -42.89
N SER C 813 -57.38 9.79 -42.93
CA SER C 813 -58.35 9.34 -41.94
C SER C 813 -59.67 10.08 -42.11
N LYS C 814 -59.77 11.26 -41.49
CA LYS C 814 -60.98 12.07 -41.57
C LYS C 814 -60.89 13.27 -40.63
N ARG C 815 -60.10 14.27 -41.02
CA ARG C 815 -59.94 15.45 -40.22
C ARG C 815 -60.52 16.62 -40.97
N SER C 816 -60.88 17.66 -40.24
CA SER C 816 -61.32 18.87 -40.87
C SER C 816 -60.16 19.49 -41.64
N PHE C 817 -60.47 20.49 -42.44
CA PHE C 817 -59.43 21.25 -43.12
C PHE C 817 -58.53 21.97 -42.13
N ILE C 818 -59.08 22.45 -41.02
CA ILE C 818 -58.27 23.17 -40.03
C ILE C 818 -57.36 22.22 -39.26
N GLU C 819 -57.80 21.00 -39.00
CA GLU C 819 -56.97 20.06 -38.25
C GLU C 819 -55.75 19.61 -39.05
N ASP C 820 -55.85 19.62 -40.39
CA ASP C 820 -54.70 19.26 -41.21
C ASP C 820 -53.60 20.31 -41.18
N LEU C 821 -53.94 21.59 -41.23
CA LEU C 821 -52.91 22.59 -41.01
C LEU C 821 -52.25 22.44 -39.65
N LEU C 822 -53.00 22.08 -38.62
CA LEU C 822 -52.42 21.95 -37.30
C LEU C 822 -51.52 20.74 -37.18
N PHE C 823 -51.86 19.66 -37.87
CA PHE C 823 -50.99 18.49 -37.84
C PHE C 823 -49.83 18.59 -38.80
N ASN C 824 -49.85 19.55 -39.72
CA ASN C 824 -48.67 19.86 -40.51
C ASN C 824 -47.82 20.96 -39.91
N LYS C 825 -48.34 21.73 -38.96
CA LYS C 825 -47.56 22.82 -38.38
C LYS C 825 -46.57 22.32 -37.33
N VAL C 826 -46.94 21.32 -36.54
CA VAL C 826 -46.06 20.80 -35.51
C VAL C 826 -45.22 19.63 -36.02
N LYS C 854 -34.74 4.04 -29.75
CA LYS C 854 -34.44 2.74 -29.14
C LYS C 854 -32.96 2.48 -29.18
N PHE C 855 -32.26 2.87 -28.12
CA PHE C 855 -30.81 2.69 -28.12
C PHE C 855 -30.32 1.77 -27.03
N ASN C 856 -30.54 2.14 -25.77
CA ASN C 856 -30.10 1.31 -24.67
C ASN C 856 -31.02 1.54 -23.47
N GLY C 857 -32.08 0.75 -23.40
CA GLY C 857 -33.08 0.86 -22.37
C GLY C 857 -34.22 1.80 -22.69
N LEU C 858 -34.08 2.66 -23.69
CA LEU C 858 -35.04 3.73 -23.91
C LEU C 858 -36.13 3.29 -24.89
N THR C 859 -37.38 3.49 -24.49
CA THR C 859 -38.53 3.08 -25.26
C THR C 859 -39.57 4.18 -25.25
N VAL C 860 -40.37 4.22 -26.31
CA VAL C 860 -41.55 5.07 -26.39
C VAL C 860 -42.77 4.18 -26.57
N LEU C 861 -43.72 4.30 -25.67
CA LEU C 861 -44.98 3.59 -25.77
C LEU C 861 -45.99 4.39 -26.58
N PRO C 862 -46.85 3.74 -27.36
CA PRO C 862 -47.84 4.49 -28.12
C PRO C 862 -49.01 4.89 -27.25
N PRO C 863 -49.61 6.04 -27.49
CA PRO C 863 -50.86 6.38 -26.79
C PRO C 863 -51.94 5.37 -27.10
N LEU C 864 -52.88 5.24 -26.17
CA LEU C 864 -53.95 4.27 -26.32
C LEU C 864 -54.93 4.68 -27.41
N LEU C 865 -55.39 5.92 -27.39
CA LEU C 865 -56.23 6.42 -28.46
C LEU C 865 -55.37 6.87 -29.62
N THR C 866 -55.70 6.41 -30.81
CA THR C 866 -55.05 6.90 -32.01
C THR C 866 -55.56 8.30 -32.32
N ASP C 867 -54.89 8.97 -33.26
CA ASP C 867 -55.32 10.30 -33.67
C ASP C 867 -56.58 10.25 -34.52
N GLU C 868 -56.81 9.15 -35.21
CA GLU C 868 -58.08 8.94 -35.89
C GLU C 868 -59.22 8.84 -34.90
N MET C 869 -58.96 8.37 -33.67
CA MET C 869 -60.02 8.27 -32.67
C MET C 869 -60.29 9.60 -32.01
N ILE C 870 -59.25 10.41 -31.80
CA ILE C 870 -59.45 11.73 -31.25
C ILE C 870 -60.15 12.65 -32.23
N ALA C 871 -59.85 12.52 -33.52
CA ALA C 871 -60.60 13.29 -34.51
C ALA C 871 -62.08 12.92 -34.50
N GLN C 872 -62.38 11.65 -34.29
CA GLN C 872 -63.75 11.20 -34.25
C GLN C 872 -64.49 11.63 -32.98
N TYR C 873 -63.79 11.80 -31.87
CA TYR C 873 -64.42 12.41 -30.70
C TYR C 873 -64.72 13.88 -30.93
N THR C 874 -63.75 14.65 -31.42
CA THR C 874 -64.03 16.06 -31.65
C THR C 874 -65.06 16.28 -32.74
N SER C 875 -65.25 15.36 -33.68
CA SER C 875 -66.31 15.57 -34.66
C SER C 875 -67.70 15.33 -34.09
N ALA C 876 -67.86 14.42 -33.14
CA ALA C 876 -69.13 14.23 -32.46
C ALA C 876 -69.45 15.35 -31.48
N LEU C 877 -68.45 15.95 -30.84
CA LEU C 877 -68.72 17.15 -30.05
C LEU C 877 -69.22 18.30 -30.90
N LEU C 878 -68.62 18.50 -32.06
CA LEU C 878 -69.03 19.51 -33.00
C LEU C 878 -70.41 19.27 -33.57
N ALA C 879 -70.71 18.05 -33.97
CA ALA C 879 -72.05 17.75 -34.43
C ALA C 879 -73.09 17.87 -33.34
N GLY C 880 -72.75 17.55 -32.10
CA GLY C 880 -73.68 17.77 -31.02
C GLY C 880 -73.97 19.22 -30.76
N THR C 881 -72.99 20.10 -30.88
CA THR C 881 -73.27 21.49 -30.56
C THR C 881 -73.97 22.23 -31.68
N ILE C 882 -73.89 21.76 -32.92
CA ILE C 882 -74.46 22.48 -34.06
C ILE C 882 -75.92 22.11 -34.27
N THR C 883 -76.33 20.90 -33.90
CA THR C 883 -77.70 20.48 -34.13
C THR C 883 -78.55 20.62 -32.88
N SER C 884 -77.92 20.61 -31.71
CA SER C 884 -78.61 20.42 -30.46
C SER C 884 -78.38 21.50 -29.43
N GLY C 885 -77.57 22.50 -29.73
CA GLY C 885 -77.30 23.53 -28.75
C GLY C 885 -76.52 23.00 -27.57
N TRP C 886 -77.03 23.26 -26.37
CA TRP C 886 -76.40 22.87 -25.13
C TRP C 886 -77.15 21.76 -24.41
N THR C 887 -77.99 21.02 -25.12
CA THR C 887 -78.82 20.02 -24.48
C THR C 887 -78.16 18.64 -24.43
N PHE C 888 -77.28 18.33 -25.36
CA PHE C 888 -76.63 17.04 -25.34
C PHE C 888 -75.64 16.93 -24.18
N GLY C 889 -75.25 18.04 -23.59
CA GLY C 889 -74.37 18.00 -22.45
C GLY C 889 -75.08 17.98 -21.11
N ALA C 890 -76.40 17.82 -21.13
CA ALA C 890 -77.18 17.80 -19.90
C ALA C 890 -78.21 16.69 -19.94
N GLY C 891 -78.10 15.81 -20.93
CA GLY C 891 -79.08 14.77 -21.11
C GLY C 891 -79.07 14.26 -22.53
N ALA C 892 -80.25 14.13 -23.12
CA ALA C 892 -80.38 13.70 -24.50
C ALA C 892 -80.35 14.90 -25.43
N ALA C 893 -79.76 14.69 -26.60
CA ALA C 893 -79.69 15.76 -27.59
C ALA C 893 -81.06 16.05 -28.15
N LEU C 894 -81.50 17.30 -28.02
CA LEU C 894 -82.78 17.74 -28.57
C LEU C 894 -82.51 18.73 -29.70
N GLN C 895 -83.04 18.45 -30.88
CA GLN C 895 -82.77 19.29 -32.02
C GLN C 895 -83.47 20.64 -31.91
N ILE C 896 -82.88 21.65 -32.52
CA ILE C 896 -83.40 23.01 -32.59
C ILE C 896 -82.76 23.62 -33.83
N PRO C 897 -83.43 24.47 -34.59
CA PRO C 897 -82.77 25.09 -35.74
C PRO C 897 -81.70 26.07 -35.30
N PHE C 898 -80.68 26.23 -36.16
CA PHE C 898 -79.46 26.87 -35.69
C PHE C 898 -79.61 28.37 -35.48
N ALA C 899 -80.39 29.06 -36.31
CA ALA C 899 -80.65 30.46 -36.05
C ALA C 899 -81.43 30.68 -34.75
N MET C 900 -82.30 29.75 -34.38
CA MET C 900 -83.00 29.83 -33.11
C MET C 900 -82.09 29.53 -31.93
N GLN C 901 -81.04 28.75 -32.14
CA GLN C 901 -80.04 28.54 -31.09
C GLN C 901 -79.18 29.78 -30.92
N MET C 902 -78.83 30.42 -32.04
CA MET C 902 -78.12 31.68 -32.02
C MET C 902 -78.92 32.76 -31.33
N ALA C 903 -80.24 32.75 -31.45
CA ALA C 903 -81.04 33.74 -30.76
C ALA C 903 -81.08 33.52 -29.25
N TYR C 904 -81.20 32.28 -28.80
CA TYR C 904 -81.05 31.97 -27.38
C TYR C 904 -79.72 32.48 -26.87
N ARG C 905 -78.66 32.26 -27.62
CA ARG C 905 -77.36 32.69 -27.17
C ARG C 905 -77.21 34.20 -27.14
N PHE C 906 -77.83 34.93 -28.07
CA PHE C 906 -77.90 36.40 -27.95
C PHE C 906 -78.66 36.83 -26.71
N ASN C 907 -79.76 36.16 -26.38
CA ASN C 907 -80.43 36.42 -25.12
C ASN C 907 -79.51 36.24 -23.94
N GLY C 908 -78.66 35.22 -23.96
CA GLY C 908 -77.77 34.94 -22.86
C GLY C 908 -76.69 35.96 -22.62
N ILE C 909 -76.52 36.94 -23.50
CA ILE C 909 -75.59 38.03 -23.24
C ILE C 909 -76.30 39.37 -23.09
N GLY C 910 -77.62 39.40 -23.12
CA GLY C 910 -78.33 40.62 -22.87
C GLY C 910 -78.87 41.37 -24.06
N VAL C 911 -78.92 40.76 -25.22
CA VAL C 911 -79.45 41.37 -26.43
C VAL C 911 -80.75 40.67 -26.79
N THR C 912 -81.77 41.43 -27.17
CA THR C 912 -83.01 40.79 -27.56
C THR C 912 -82.82 40.03 -28.87
N GLN C 913 -83.71 39.08 -29.12
CA GLN C 913 -83.46 38.15 -30.21
C GLN C 913 -83.93 38.67 -31.55
N ASN C 914 -84.81 39.66 -31.57
CA ASN C 914 -85.08 40.38 -32.80
C ASN C 914 -83.83 41.00 -33.41
N VAL C 915 -82.85 41.36 -32.59
CA VAL C 915 -81.59 41.89 -33.11
C VAL C 915 -80.84 40.82 -33.90
N LEU C 916 -81.02 39.55 -33.56
CA LEU C 916 -80.42 38.50 -34.37
C LEU C 916 -81.25 38.24 -35.62
N TYR C 917 -82.56 38.10 -35.46
CA TYR C 917 -83.37 37.73 -36.62
C TYR C 917 -83.42 38.82 -37.68
N GLU C 918 -83.25 40.09 -37.30
CA GLU C 918 -83.26 41.16 -38.27
C GLU C 918 -81.91 41.45 -38.86
N ASN C 919 -80.88 40.68 -38.51
CA ASN C 919 -79.52 40.88 -38.99
C ASN C 919 -78.89 39.56 -39.41
N GLN C 920 -79.68 38.50 -39.43
CA GLN C 920 -79.18 37.15 -39.68
C GLN C 920 -78.15 37.07 -40.79
N LYS C 921 -78.40 37.70 -41.94
CA LYS C 921 -77.48 37.57 -43.06
C LYS C 921 -76.15 38.26 -42.82
N LEU C 922 -76.17 39.42 -42.19
CA LEU C 922 -74.93 40.09 -41.86
C LEU C 922 -74.15 39.33 -40.80
N ILE C 923 -74.85 38.81 -39.80
CA ILE C 923 -74.18 38.06 -38.75
C ILE C 923 -73.53 36.80 -39.31
N ALA C 924 -74.19 36.14 -40.25
CA ALA C 924 -73.60 34.95 -40.86
C ALA C 924 -72.44 35.29 -41.78
N ASN C 925 -72.54 36.37 -42.56
CA ASN C 925 -71.39 36.84 -43.33
C ASN C 925 -70.19 37.13 -42.44
N GLN C 926 -70.42 37.77 -41.29
CA GLN C 926 -69.31 38.10 -40.41
C GLN C 926 -68.68 36.86 -39.80
N PHE C 927 -69.49 35.88 -39.40
CA PHE C 927 -68.93 34.64 -38.89
C PHE C 927 -68.13 33.92 -39.96
N ASN C 928 -68.60 33.94 -41.21
CA ASN C 928 -67.89 33.23 -42.27
C ASN C 928 -66.57 33.89 -42.61
N SER C 929 -66.52 35.21 -42.68
CA SER C 929 -65.25 35.88 -42.88
C SER C 929 -64.29 35.64 -41.72
N ALA C 930 -64.82 35.63 -40.49
CA ALA C 930 -63.94 35.40 -39.35
C ALA C 930 -63.36 33.99 -39.35
N ILE C 931 -64.13 33.00 -39.78
CA ILE C 931 -63.59 31.65 -39.85
C ILE C 931 -62.61 31.52 -41.00
N GLY C 932 -62.87 32.22 -42.10
CA GLY C 932 -61.94 32.18 -43.22
C GLY C 932 -60.63 32.89 -42.96
N LYS C 933 -60.61 33.79 -41.98
CA LYS C 933 -59.37 34.44 -41.59
C LYS C 933 -58.49 33.58 -40.70
N ILE C 934 -59.03 32.55 -40.05
CA ILE C 934 -58.23 31.73 -39.16
C ILE C 934 -57.33 30.79 -39.94
N GLN C 935 -57.88 30.17 -40.98
CA GLN C 935 -57.08 29.27 -41.80
C GLN C 935 -56.05 30.02 -42.62
N ASP C 936 -56.27 31.31 -42.86
CA ASP C 936 -55.27 32.11 -43.53
C ASP C 936 -54.08 32.36 -42.63
N SER C 937 -54.34 32.68 -41.36
CA SER C 937 -53.26 32.83 -40.41
C SER C 937 -52.60 31.51 -40.09
N LEU C 938 -53.29 30.39 -40.27
CA LEU C 938 -52.68 29.10 -39.99
C LEU C 938 -51.86 28.56 -41.15
N SER C 939 -52.32 28.72 -42.38
CA SER C 939 -51.54 28.28 -43.53
C SER C 939 -50.75 29.44 -44.12
N ALA C 944 -47.51 30.52 -33.62
CA ALA C 944 -48.84 29.93 -33.49
C ALA C 944 -48.85 28.77 -32.51
N LEU C 945 -48.26 27.65 -32.92
CA LEU C 945 -48.29 26.41 -32.15
C LEU C 945 -47.03 26.23 -31.30
N GLY C 946 -46.40 27.30 -30.86
CA GLY C 946 -45.24 27.21 -30.03
C GLY C 946 -45.48 26.65 -28.65
N LYS C 947 -46.68 26.78 -28.12
CA LYS C 947 -46.98 26.22 -26.81
C LYS C 947 -47.02 24.71 -26.83
N LEU C 948 -47.19 24.11 -28.00
CA LEU C 948 -47.10 22.68 -28.16
C LEU C 948 -45.72 22.22 -28.55
N GLN C 949 -44.99 23.05 -29.30
CA GLN C 949 -43.63 22.73 -29.68
C GLN C 949 -42.68 22.83 -28.49
N ASP C 950 -42.99 23.67 -27.51
CA ASP C 950 -42.20 23.74 -26.29
C ASP C 950 -42.16 22.43 -25.52
N VAL C 951 -43.27 21.71 -25.43
CA VAL C 951 -43.27 20.44 -24.73
C VAL C 951 -42.42 19.41 -25.48
N VAL C 952 -42.61 19.31 -26.80
CA VAL C 952 -41.81 18.39 -27.60
C VAL C 952 -40.32 18.69 -27.45
N ASN C 953 -39.95 19.96 -27.52
CA ASN C 953 -38.54 20.32 -27.45
C ASN C 953 -37.96 20.06 -26.06
N GLN C 954 -38.67 20.41 -24.99
CA GLN C 954 -38.14 20.14 -23.66
C GLN C 954 -37.94 18.65 -23.42
N ASN C 955 -38.86 17.81 -23.90
CA ASN C 955 -38.67 16.39 -23.65
C ASN C 955 -37.53 15.81 -24.47
N ALA C 956 -37.39 16.22 -25.73
CA ALA C 956 -36.25 15.75 -26.50
C ALA C 956 -34.94 16.24 -25.92
N GLN C 957 -34.91 17.46 -25.41
CA GLN C 957 -33.71 18.00 -24.82
C GLN C 957 -33.33 17.30 -23.53
N ALA C 958 -34.30 16.72 -22.82
CA ALA C 958 -33.94 15.92 -21.65
C ALA C 958 -33.44 14.53 -22.02
N LEU C 959 -34.09 13.88 -22.98
CA LEU C 959 -33.62 12.56 -23.39
C LEU C 959 -32.23 12.62 -24.01
N ASN C 960 -31.91 13.70 -24.72
CA ASN C 960 -30.58 13.81 -25.30
C ASN C 960 -29.50 13.92 -24.23
N THR C 961 -29.75 14.68 -23.18
CA THR C 961 -28.79 14.77 -22.08
C THR C 961 -28.62 13.45 -21.38
N LEU C 962 -29.71 12.71 -21.20
CA LEU C 962 -29.58 11.40 -20.58
C LEU C 962 -28.74 10.46 -21.43
N VAL C 963 -28.96 10.44 -22.74
CA VAL C 963 -28.14 9.63 -23.62
C VAL C 963 -26.68 10.05 -23.56
N LYS C 964 -26.42 11.36 -23.59
CA LYS C 964 -25.05 11.82 -23.70
C LYS C 964 -24.25 11.66 -22.43
N GLN C 965 -24.89 11.56 -21.28
CA GLN C 965 -24.12 11.31 -20.06
C GLN C 965 -23.54 9.91 -20.01
N LEU C 966 -23.81 9.06 -20.99
CA LEU C 966 -23.24 7.73 -21.03
C LEU C 966 -21.82 7.71 -21.57
N SER C 967 -21.18 8.86 -21.70
CA SER C 967 -19.84 8.93 -22.24
C SER C 967 -18.93 9.77 -21.35
N SER C 968 -19.30 9.94 -20.09
CA SER C 968 -18.45 10.53 -19.08
C SER C 968 -17.80 9.44 -18.27
N ASN C 969 -16.57 9.69 -17.83
CA ASN C 969 -15.82 8.74 -17.01
C ASN C 969 -16.21 8.78 -15.55
N PHE C 970 -16.68 9.92 -15.07
CA PHE C 970 -16.96 10.14 -13.66
C PHE C 970 -15.75 9.80 -12.81
N GLY C 971 -14.56 9.97 -13.39
CA GLY C 971 -13.34 9.68 -12.66
C GLY C 971 -12.83 8.27 -12.76
N ALA C 972 -13.20 7.54 -13.81
CA ALA C 972 -12.70 6.20 -14.06
C ALA C 972 -11.70 6.27 -15.21
N ILE C 973 -11.16 5.13 -15.60
CA ILE C 973 -10.17 5.10 -16.66
C ILE C 973 -10.80 5.14 -18.04
N SER C 974 -11.95 4.50 -18.23
CA SER C 974 -12.63 4.49 -19.51
C SER C 974 -14.08 4.84 -19.27
N SER C 975 -14.74 5.28 -20.33
CA SER C 975 -16.18 5.50 -20.30
C SER C 975 -16.96 4.26 -20.70
N VAL C 976 -16.34 3.32 -21.40
CA VAL C 976 -16.98 2.10 -21.86
C VAL C 976 -16.62 0.99 -20.89
N LEU C 977 -17.62 0.24 -20.45
CA LEU C 977 -17.44 -0.80 -19.45
C LEU C 977 -16.67 -1.99 -19.96
N ASN C 978 -16.77 -2.30 -21.26
CA ASN C 978 -16.04 -3.44 -21.82
C ASN C 978 -14.55 -3.20 -21.86
N ASP C 979 -14.10 -1.94 -21.93
CA ASP C 979 -12.67 -1.66 -21.91
C ASP C 979 -12.12 -1.61 -20.50
N ILE C 980 -12.99 -1.62 -19.48
CA ILE C 980 -12.51 -1.88 -18.14
C ILE C 980 -12.51 -3.38 -17.88
N LEU C 981 -13.52 -4.08 -18.39
CA LEU C 981 -13.59 -5.52 -18.21
C LEU C 981 -12.51 -6.26 -18.98
N SER C 982 -12.09 -5.75 -20.14
CA SER C 982 -11.17 -6.51 -20.97
C SER C 982 -9.75 -6.43 -20.48
N ARG C 983 -9.33 -5.27 -19.98
CA ARG C 983 -7.95 -5.09 -19.56
C ARG C 983 -7.83 -4.85 -18.06
N LEU C 984 -8.69 -5.46 -17.27
CA LEU C 984 -8.55 -5.44 -15.83
C LEU C 984 -9.18 -6.71 -15.26
N ASP C 985 -8.74 -7.09 -14.09
CA ASP C 985 -9.22 -8.29 -13.40
C ASP C 985 -10.11 -7.92 -12.24
N PRO C 986 -10.99 -8.82 -11.81
CA PRO C 986 -12.16 -8.45 -10.98
C PRO C 986 -11.83 -7.50 -9.84
N PRO C 987 -10.76 -7.72 -9.05
CA PRO C 987 -10.53 -6.84 -7.90
C PRO C 987 -10.36 -5.37 -8.25
N GLU C 988 -9.74 -5.07 -9.38
CA GLU C 988 -9.55 -3.68 -9.78
C GLU C 988 -10.53 -3.23 -10.86
N ALA C 989 -11.19 -4.16 -11.54
CA ALA C 989 -12.32 -3.79 -12.37
C ALA C 989 -13.44 -3.22 -11.52
N GLU C 990 -13.59 -3.74 -10.29
CA GLU C 990 -14.71 -3.37 -9.44
C GLU C 990 -14.64 -1.92 -9.01
N VAL C 991 -13.46 -1.44 -8.63
CA VAL C 991 -13.31 -0.06 -8.18
C VAL C 991 -13.60 0.95 -9.27
N GLN C 992 -13.26 0.64 -10.51
CA GLN C 992 -13.59 1.48 -11.64
C GLN C 992 -15.05 1.36 -12.06
N ILE C 993 -15.64 0.18 -11.93
CA ILE C 993 -17.04 0.01 -12.29
C ILE C 993 -17.95 0.73 -11.31
N ASP C 994 -17.53 0.84 -10.06
CA ASP C 994 -18.38 1.51 -9.08
C ASP C 994 -18.53 3.00 -9.34
N ARG C 995 -17.51 3.67 -9.87
CA ARG C 995 -17.66 5.09 -10.18
C ARG C 995 -18.61 5.31 -11.35
N LEU C 996 -18.57 4.43 -12.35
CA LEU C 996 -19.53 4.51 -13.43
C LEU C 996 -20.94 4.27 -12.94
N ILE C 997 -21.12 3.29 -12.06
CA ILE C 997 -22.45 3.04 -11.49
C ILE C 997 -22.94 4.25 -10.74
N THR C 998 -22.10 4.83 -9.89
CA THR C 998 -22.47 6.02 -9.15
C THR C 998 -22.87 7.18 -10.06
N GLY C 999 -22.10 7.47 -11.12
CA GLY C 999 -22.45 8.58 -11.98
C GLY C 999 -23.72 8.35 -12.78
N ARG C 1000 -23.89 7.15 -13.33
CA ARG C 1000 -25.05 6.88 -14.15
C ARG C 1000 -26.34 6.82 -13.34
N LEU C 1001 -26.28 6.29 -12.12
CA LEU C 1001 -27.45 6.35 -11.24
C LEU C 1001 -27.93 7.76 -10.98
N GLN C 1002 -27.01 8.67 -10.70
CA GLN C 1002 -27.37 10.06 -10.47
C GLN C 1002 -27.94 10.72 -11.72
N SER C 1003 -27.35 10.46 -12.88
CA SER C 1003 -27.95 10.93 -14.13
C SER C 1003 -29.41 10.51 -14.25
N LEU C 1004 -29.68 9.22 -14.07
CA LEU C 1004 -31.02 8.69 -14.21
C LEU C 1004 -32.00 9.28 -13.21
N GLN C 1005 -31.55 9.48 -11.97
CA GLN C 1005 -32.42 10.08 -10.97
C GLN C 1005 -32.76 11.52 -11.30
N THR C 1006 -31.81 12.29 -11.81
CA THR C 1006 -32.13 13.65 -12.22
C THR C 1006 -33.17 13.66 -13.34
N TYR C 1007 -33.02 12.77 -14.31
CA TYR C 1007 -34.00 12.67 -15.38
C TYR C 1007 -35.39 12.37 -14.84
N VAL C 1008 -35.50 11.41 -13.93
CA VAL C 1008 -36.83 11.04 -13.45
C VAL C 1008 -37.46 12.13 -12.59
N THR C 1009 -36.68 12.83 -11.76
CA THR C 1009 -37.26 13.90 -10.97
C THR C 1009 -37.76 15.03 -11.86
N GLN C 1010 -37.01 15.37 -12.90
CA GLN C 1010 -37.50 16.45 -13.74
C GLN C 1010 -38.63 16.03 -14.65
N GLN C 1011 -38.80 14.75 -14.93
CA GLN C 1011 -40.03 14.31 -15.58
C GLN C 1011 -41.22 14.37 -14.66
N LEU C 1012 -41.04 14.06 -13.38
CA LEU C 1012 -42.17 14.14 -12.46
C LEU C 1012 -42.64 15.57 -12.24
N ILE C 1013 -41.72 16.53 -12.31
CA ILE C 1013 -42.14 17.92 -12.10
C ILE C 1013 -42.85 18.45 -13.33
N ARG C 1014 -42.51 17.95 -14.50
CA ARG C 1014 -43.09 18.39 -15.76
C ARG C 1014 -44.42 17.72 -16.06
N ALA C 1015 -44.60 16.47 -15.66
CA ALA C 1015 -45.89 15.84 -15.77
C ALA C 1015 -46.96 16.51 -14.92
N ALA C 1016 -46.59 17.07 -13.79
CA ALA C 1016 -47.54 17.79 -12.94
C ALA C 1016 -47.97 19.11 -13.55
N GLU C 1017 -47.14 19.69 -14.41
CA GLU C 1017 -47.52 20.89 -15.13
C GLU C 1017 -48.40 20.56 -16.30
N ILE C 1018 -48.17 19.42 -16.94
CA ILE C 1018 -49.05 18.98 -18.01
C ILE C 1018 -50.43 18.59 -17.49
N ARG C 1019 -50.50 18.08 -16.27
CA ARG C 1019 -51.79 17.71 -15.70
C ARG C 1019 -52.65 18.93 -15.39
N ALA C 1020 -52.05 20.00 -14.91
CA ALA C 1020 -52.82 21.22 -14.67
C ALA C 1020 -53.39 21.78 -15.96
N SER C 1021 -52.62 21.75 -17.04
CA SER C 1021 -53.07 22.16 -18.36
C SER C 1021 -54.22 21.31 -18.87
N ALA C 1022 -54.13 19.99 -18.74
CA ALA C 1022 -55.20 19.11 -19.16
C ALA C 1022 -56.45 19.23 -18.29
N ASN C 1023 -56.32 19.54 -17.01
CA ASN C 1023 -57.50 19.83 -16.22
C ASN C 1023 -58.17 21.13 -16.64
N LEU C 1024 -57.38 22.16 -16.94
CA LEU C 1024 -57.96 23.38 -17.46
C LEU C 1024 -58.63 23.17 -18.82
N ALA C 1025 -58.08 22.32 -19.67
CA ALA C 1025 -58.70 22.07 -20.97
C ALA C 1025 -59.97 21.27 -20.84
N ALA C 1026 -60.02 20.32 -19.90
CA ALA C 1026 -61.27 19.65 -19.59
C ALA C 1026 -62.34 20.62 -19.10
N THR C 1027 -61.96 21.58 -18.26
CA THR C 1027 -62.93 22.52 -17.74
C THR C 1027 -63.43 23.46 -18.83
N LYS C 1028 -62.58 23.88 -19.76
CA LYS C 1028 -63.00 24.65 -20.91
C LYS C 1028 -63.87 23.87 -21.87
N MET C 1029 -63.60 22.60 -22.07
CA MET C 1029 -64.48 21.79 -22.88
C MET C 1029 -65.87 21.68 -22.30
N SER C 1030 -65.99 21.56 -20.98
CA SER C 1030 -67.32 21.48 -20.38
C SER C 1030 -68.03 22.83 -20.36
N GLU C 1031 -67.30 23.90 -20.12
CA GLU C 1031 -67.94 25.18 -19.87
C GLU C 1031 -68.01 26.09 -21.08
N CYS C 1032 -67.23 25.80 -22.12
CA CYS C 1032 -67.22 26.62 -23.32
C CYS C 1032 -67.78 25.94 -24.57
N VAL C 1033 -67.73 24.61 -24.62
CA VAL C 1033 -68.24 23.90 -25.78
C VAL C 1033 -69.60 23.29 -25.47
N LEU C 1034 -69.80 22.80 -24.25
CA LEU C 1034 -71.07 22.21 -23.88
C LEU C 1034 -71.97 23.19 -23.15
N GLY C 1035 -71.61 24.46 -23.10
CA GLY C 1035 -72.48 25.47 -22.57
C GLY C 1035 -72.07 26.85 -23.03
N GLN C 1036 -72.75 27.85 -22.49
CA GLN C 1036 -72.39 29.25 -22.66
C GLN C 1036 -71.95 29.81 -21.33
N SER C 1037 -70.78 30.42 -21.29
CA SER C 1037 -70.19 30.86 -20.05
C SER C 1037 -70.41 32.35 -19.83
N LYS C 1038 -70.51 32.74 -18.56
CA LYS C 1038 -70.55 34.13 -18.15
C LYS C 1038 -69.26 34.60 -17.49
N ARG C 1039 -68.32 33.71 -17.23
CA ARG C 1039 -67.04 34.09 -16.66
C ARG C 1039 -66.24 34.94 -17.64
N VAL C 1040 -65.86 36.14 -17.22
CA VAL C 1040 -65.20 37.08 -18.12
C VAL C 1040 -63.83 36.55 -18.50
N ASP C 1041 -63.56 36.56 -19.81
CA ASP C 1041 -62.26 36.14 -20.35
C ASP C 1041 -61.98 34.64 -20.32
N PHE C 1042 -62.91 33.85 -19.80
CA PHE C 1042 -62.69 32.40 -19.74
C PHE C 1042 -62.74 31.76 -21.12
N CYS C 1043 -63.63 32.26 -21.97
CA CYS C 1043 -63.77 31.71 -23.31
C CYS C 1043 -63.58 32.78 -24.39
N GLY C 1044 -62.42 33.44 -24.37
CA GLY C 1044 -62.12 34.48 -25.34
C GLY C 1044 -62.45 35.88 -24.86
N LYS C 1045 -62.04 36.89 -25.63
CA LYS C 1045 -62.30 38.28 -25.28
C LYS C 1045 -63.59 38.80 -25.90
N GLY C 1046 -64.54 39.16 -25.06
CA GLY C 1046 -65.84 39.65 -25.50
C GLY C 1046 -66.89 38.78 -24.86
N TYR C 1047 -68.16 38.98 -25.23
CA TYR C 1047 -69.25 38.18 -24.67
C TYR C 1047 -69.33 36.85 -25.39
N HIS C 1048 -69.02 35.77 -24.66
CA HIS C 1048 -68.98 34.44 -25.25
C HIS C 1048 -70.31 34.09 -25.89
N LEU C 1049 -70.26 33.63 -27.14
CA LEU C 1049 -71.41 33.01 -27.78
C LEU C 1049 -71.26 31.51 -27.88
N MET C 1050 -70.20 31.01 -28.52
CA MET C 1050 -70.03 29.56 -28.55
C MET C 1050 -68.58 29.23 -28.82
N SER C 1051 -68.25 27.94 -28.72
CA SER C 1051 -66.89 27.46 -28.92
C SER C 1051 -66.94 26.14 -29.67
N PHE C 1052 -65.89 25.88 -30.46
CA PHE C 1052 -65.73 24.64 -31.21
C PHE C 1052 -64.35 24.04 -30.92
N PRO C 1053 -64.25 22.76 -30.63
CA PRO C 1053 -62.95 22.11 -30.44
C PRO C 1053 -62.33 21.55 -31.72
N GLN C 1054 -61.01 21.51 -31.73
CA GLN C 1054 -60.24 20.90 -32.80
C GLN C 1054 -59.07 20.16 -32.18
N SER C 1055 -58.69 19.04 -32.75
CA SER C 1055 -57.59 18.29 -32.18
C SER C 1055 -56.25 18.74 -32.78
N ALA C 1056 -55.23 18.67 -31.96
CA ALA C 1056 -53.87 19.03 -32.35
C ALA C 1056 -52.97 17.87 -31.97
N PRO C 1057 -51.70 17.89 -32.39
CA PRO C 1057 -50.82 16.73 -32.11
C PRO C 1057 -50.73 16.26 -30.66
N HIS C 1058 -50.59 17.13 -29.67
CA HIS C 1058 -50.64 16.67 -28.29
C HIS C 1058 -51.50 17.61 -27.46
N GLY C 1059 -52.53 18.16 -28.06
CA GLY C 1059 -53.26 19.22 -27.43
C GLY C 1059 -54.60 19.42 -28.05
N VAL C 1060 -55.14 20.62 -27.86
CA VAL C 1060 -56.47 20.94 -28.35
C VAL C 1060 -56.50 22.42 -28.66
N VAL C 1061 -57.22 22.78 -29.72
CA VAL C 1061 -57.43 24.18 -30.11
C VAL C 1061 -58.91 24.48 -29.97
N PHE C 1062 -59.23 25.50 -29.19
CA PHE C 1062 -60.60 25.99 -29.09
C PHE C 1062 -60.76 27.21 -29.99
N LEU C 1063 -61.81 27.20 -30.80
CA LEU C 1063 -62.25 28.35 -31.58
C LEU C 1063 -63.42 28.99 -30.84
N HIS C 1064 -63.19 30.18 -30.31
CA HIS C 1064 -64.17 30.92 -29.52
C HIS C 1064 -64.86 31.96 -30.39
N VAL C 1065 -66.18 31.92 -30.44
CA VAL C 1065 -67.01 32.92 -31.10
C VAL C 1065 -67.59 33.83 -30.04
N THR C 1066 -67.29 35.12 -30.15
CA THR C 1066 -67.74 36.14 -29.21
C THR C 1066 -68.40 37.29 -29.95
N TYR C 1067 -69.13 38.07 -29.20
CA TYR C 1067 -69.83 39.25 -29.65
C TYR C 1067 -69.05 40.47 -29.15
N VAL C 1068 -68.75 41.41 -30.05
CA VAL C 1068 -67.99 42.59 -29.67
C VAL C 1068 -68.76 43.83 -30.09
N PRO C 1069 -69.23 44.67 -29.18
CA PRO C 1069 -69.99 45.86 -29.57
C PRO C 1069 -69.15 46.91 -30.27
N ALA C 1070 -69.78 47.68 -31.15
CA ALA C 1070 -69.08 48.56 -32.07
C ALA C 1070 -69.88 49.84 -32.34
N GLN C 1071 -69.14 50.90 -32.69
CA GLN C 1071 -69.68 52.17 -33.17
C GLN C 1071 -70.62 52.82 -32.16
N GLU C 1072 -70.04 53.18 -31.03
CA GLU C 1072 -70.79 53.78 -29.93
C GLU C 1072 -71.10 55.24 -30.20
N LYS C 1073 -72.24 55.68 -29.70
CA LYS C 1073 -72.64 57.07 -29.76
C LYS C 1073 -72.87 57.62 -28.36
N ASN C 1074 -72.79 58.95 -28.26
CA ASN C 1074 -73.01 59.72 -27.05
C ASN C 1074 -74.47 60.05 -26.83
N PHE C 1075 -74.90 60.03 -25.58
CA PHE C 1075 -76.27 60.42 -25.22
C PHE C 1075 -76.25 61.03 -23.83
N THR C 1076 -77.35 61.68 -23.47
CA THR C 1076 -77.63 62.18 -22.14
C THR C 1076 -78.50 61.17 -21.41
N THR C 1077 -78.21 60.92 -20.13
CA THR C 1077 -78.94 59.95 -19.32
C THR C 1077 -79.59 60.62 -18.12
N ALA C 1078 -80.51 59.87 -17.51
CA ALA C 1078 -81.14 60.22 -16.26
C ALA C 1078 -81.45 58.95 -15.50
N PRO C 1079 -81.34 58.97 -14.18
CA PRO C 1079 -81.72 57.78 -13.39
C PRO C 1079 -83.19 57.45 -13.46
N ALA C 1080 -84.06 58.46 -13.39
CA ALA C 1080 -85.49 58.24 -13.30
C ALA C 1080 -86.20 59.37 -14.04
N ILE C 1081 -87.47 59.14 -14.36
CA ILE C 1081 -88.33 60.15 -14.95
C ILE C 1081 -89.31 60.59 -13.88
N CYS C 1082 -89.69 61.86 -13.89
CA CYS C 1082 -90.74 62.33 -12.99
C CYS C 1082 -91.99 62.66 -13.79
N HIS C 1083 -93.11 62.08 -13.39
CA HIS C 1083 -94.37 62.32 -14.05
C HIS C 1083 -95.49 62.18 -13.05
N ASP C 1084 -96.34 63.19 -12.94
CA ASP C 1084 -97.46 63.21 -11.99
C ASP C 1084 -96.99 63.06 -10.56
N GLY C 1085 -95.86 63.67 -10.23
CA GLY C 1085 -95.31 63.49 -8.91
C GLY C 1085 -94.89 62.08 -8.57
N LYS C 1086 -94.50 61.29 -9.57
CA LYS C 1086 -94.06 59.93 -9.36
C LYS C 1086 -92.73 59.71 -10.05
N ALA C 1087 -91.91 58.84 -9.48
CA ALA C 1087 -90.62 58.47 -10.04
C ALA C 1087 -90.74 57.18 -10.82
N HIS C 1088 -90.26 57.18 -12.05
CA HIS C 1088 -90.36 56.04 -12.96
C HIS C 1088 -88.96 55.54 -13.27
N PHE C 1089 -88.79 54.26 -13.20
CA PHE C 1089 -87.55 53.58 -13.47
C PHE C 1089 -87.72 52.61 -14.63
N PRO C 1090 -86.70 52.40 -15.45
CA PRO C 1090 -86.83 51.44 -16.54
C PRO C 1090 -86.86 50.01 -16.05
N ARG C 1091 -87.65 49.19 -16.72
CA ARG C 1091 -87.70 47.78 -16.38
C ARG C 1091 -86.41 47.07 -16.78
N GLU C 1092 -85.96 47.27 -18.01
CA GLU C 1092 -84.68 46.71 -18.45
C GLU C 1092 -84.12 47.63 -19.53
N GLY C 1093 -83.26 48.55 -19.14
CA GLY C 1093 -82.69 49.46 -20.10
C GLY C 1093 -82.25 50.73 -19.43
N VAL C 1094 -82.09 51.76 -20.24
CA VAL C 1094 -81.69 53.07 -19.78
C VAL C 1094 -82.52 54.11 -20.49
N PHE C 1095 -82.78 55.20 -19.80
CA PHE C 1095 -83.36 56.40 -20.39
C PHE C 1095 -82.26 57.18 -21.10
N VAL C 1096 -82.47 57.52 -22.36
CA VAL C 1096 -81.49 58.28 -23.12
C VAL C 1096 -82.18 59.43 -23.84
N SER C 1097 -81.43 60.48 -24.09
CA SER C 1097 -81.95 61.63 -24.82
C SER C 1097 -81.10 61.87 -26.05
N ASN C 1098 -81.75 62.10 -27.19
CA ASN C 1098 -81.02 62.47 -28.40
C ASN C 1098 -80.77 63.98 -28.48
N GLY C 1099 -81.04 64.71 -27.42
CA GLY C 1099 -80.99 66.16 -27.42
C GLY C 1099 -82.31 66.82 -27.17
N THR C 1100 -83.42 66.23 -27.61
CA THR C 1100 -84.72 66.88 -27.45
C THR C 1100 -85.78 65.90 -26.95
N HIS C 1101 -85.57 64.60 -27.13
CA HIS C 1101 -86.58 63.59 -26.83
C HIS C 1101 -85.97 62.51 -25.97
N TRP C 1102 -86.80 61.90 -25.12
CA TRP C 1102 -86.38 60.85 -24.20
C TRP C 1102 -86.91 59.50 -24.64
N PHE C 1103 -86.06 58.49 -24.58
CA PHE C 1103 -86.38 57.13 -25.00
C PHE C 1103 -85.88 56.16 -23.94
N VAL C 1104 -86.32 54.92 -24.03
CA VAL C 1104 -85.72 53.80 -23.33
C VAL C 1104 -85.01 52.95 -24.37
N THR C 1105 -83.86 52.42 -24.02
CA THR C 1105 -83.14 51.52 -24.91
C THR C 1105 -82.56 50.41 -24.07
N GLN C 1106 -82.33 49.26 -24.70
CA GLN C 1106 -81.55 48.22 -24.07
C GLN C 1106 -80.08 48.61 -24.06
N ARG C 1107 -79.34 48.09 -23.08
CA ARG C 1107 -78.07 48.70 -22.73
C ARG C 1107 -76.93 48.33 -23.67
N ASN C 1108 -77.07 47.31 -24.50
CA ASN C 1108 -75.95 46.87 -25.34
C ASN C 1108 -76.16 47.15 -26.80
N PHE C 1109 -77.35 47.53 -27.21
CA PHE C 1109 -77.64 47.81 -28.62
C PHE C 1109 -78.57 49.01 -28.61
N TYR C 1110 -78.32 49.98 -29.47
CA TYR C 1110 -79.14 51.18 -29.48
C TYR C 1110 -80.41 50.89 -30.28
N GLU C 1111 -81.55 50.96 -29.60
CA GLU C 1111 -82.84 50.69 -30.22
C GLU C 1111 -83.90 51.44 -29.46
N PRO C 1112 -84.06 52.73 -29.75
CA PRO C 1112 -84.87 53.61 -28.89
C PRO C 1112 -86.37 53.41 -29.02
N GLN C 1113 -87.06 53.46 -27.89
CA GLN C 1113 -88.50 53.29 -27.84
C GLN C 1113 -89.12 54.34 -26.95
N ILE C 1114 -90.42 54.50 -27.08
CA ILE C 1114 -91.17 55.46 -26.28
C ILE C 1114 -91.24 54.98 -24.83
N ILE C 1115 -91.24 55.93 -23.91
CA ILE C 1115 -91.38 55.64 -22.49
C ILE C 1115 -92.86 55.51 -22.17
N THR C 1116 -93.30 54.31 -21.85
CA THR C 1116 -94.69 54.05 -21.51
C THR C 1116 -94.77 53.39 -20.14
N THR C 1117 -95.98 53.11 -19.70
CA THR C 1117 -96.20 52.43 -18.43
C THR C 1117 -95.98 50.94 -18.54
N ASP C 1118 -95.54 50.44 -19.69
CA ASP C 1118 -95.26 49.03 -19.90
C ASP C 1118 -93.78 48.71 -19.88
N ASN C 1119 -92.90 49.70 -20.04
CA ASN C 1119 -91.48 49.44 -19.91
C ASN C 1119 -90.86 50.13 -18.70
N THR C 1120 -91.67 50.71 -17.83
CA THR C 1120 -91.20 51.34 -16.62
C THR C 1120 -91.94 50.76 -15.42
N PHE C 1121 -91.48 51.09 -14.23
CA PHE C 1121 -92.23 50.87 -13.00
C PHE C 1121 -92.07 52.09 -12.10
N VAL C 1122 -92.95 52.20 -11.12
CA VAL C 1122 -93.03 53.38 -10.27
C VAL C 1122 -92.52 53.04 -8.87
N SER C 1123 -91.83 53.97 -8.24
CA SER C 1123 -91.47 53.83 -6.83
C SER C 1123 -91.20 55.21 -6.25
N GLY C 1124 -92.16 55.76 -5.52
CA GLY C 1124 -91.96 56.93 -4.70
C GLY C 1124 -92.32 58.24 -5.38
N ASN C 1125 -91.78 59.31 -4.80
CA ASN C 1125 -91.89 60.66 -5.32
C ASN C 1125 -90.64 61.03 -6.11
N CYS C 1126 -90.74 62.11 -6.88
CA CYS C 1126 -89.57 62.62 -7.60
C CYS C 1126 -88.92 63.74 -6.80
N ASP C 1127 -88.57 63.43 -5.55
CA ASP C 1127 -87.89 64.40 -4.72
C ASP C 1127 -86.80 63.78 -3.84
N VAL C 1128 -86.46 62.52 -4.09
CA VAL C 1128 -85.49 61.82 -3.25
C VAL C 1128 -84.30 61.36 -4.08
N VAL C 1129 -84.52 61.09 -5.35
CA VAL C 1129 -83.46 60.55 -6.20
C VAL C 1129 -82.73 61.71 -6.85
N ILE C 1130 -81.40 61.58 -6.94
CA ILE C 1130 -80.53 62.67 -7.38
C ILE C 1130 -80.38 62.58 -8.90
N GLY C 1131 -81.05 63.46 -9.61
CA GLY C 1131 -80.94 63.51 -11.06
C GLY C 1131 -82.20 63.20 -11.83
N ILE C 1132 -83.37 63.16 -11.19
CA ILE C 1132 -84.63 62.99 -11.92
C ILE C 1132 -84.77 64.09 -12.95
N VAL C 1133 -85.35 63.74 -14.10
CA VAL C 1133 -85.74 64.73 -15.08
C VAL C 1133 -87.24 64.61 -15.32
N ASN C 1134 -87.84 65.71 -15.77
CA ASN C 1134 -89.26 65.77 -16.03
C ASN C 1134 -89.61 65.41 -17.47
N ASN C 1135 -90.49 64.43 -17.63
CA ASN C 1135 -90.94 64.02 -18.95
C ASN C 1135 -92.24 63.26 -18.76
N THR C 1136 -92.87 62.90 -19.86
CA THR C 1136 -94.18 62.29 -19.82
C THR C 1136 -94.10 60.80 -20.09
N VAL C 1137 -94.87 60.03 -19.33
CA VAL C 1137 -94.92 58.58 -19.47
C VAL C 1137 -96.27 58.26 -20.08
N TYR C 1138 -96.25 57.78 -21.31
CA TYR C 1138 -97.46 57.61 -22.09
C TYR C 1138 -98.17 56.33 -21.66
N ASP C 1139 -99.46 56.45 -21.37
CA ASP C 1139 -100.29 55.31 -21.02
C ASP C 1139 -101.09 54.89 -22.26
N PRO C 1140 -100.96 53.65 -22.73
CA PRO C 1140 -101.67 53.24 -23.95
C PRO C 1140 -103.18 53.10 -23.78
N LEU C 1141 -103.59 52.67 -22.59
CA LEU C 1141 -104.99 52.37 -22.35
C LEU C 1141 -105.90 53.56 -22.57
N GLN C 1142 -105.42 54.75 -22.26
CA GLN C 1142 -106.32 55.91 -22.32
C GLN C 1142 -106.71 56.20 -23.76
N PRO C 1143 -105.77 56.40 -24.68
CA PRO C 1143 -106.18 56.52 -26.09
C PRO C 1143 -106.78 55.24 -26.63
N GLU C 1144 -106.63 54.11 -25.94
CA GLU C 1144 -107.35 52.92 -26.35
C GLU C 1144 -108.86 53.08 -26.14
N LEU C 1145 -109.26 53.28 -24.90
CA LEU C 1145 -110.67 53.39 -24.59
C LEU C 1145 -111.20 54.81 -24.74
N ASP C 1146 -110.35 55.76 -25.07
CA ASP C 1146 -110.73 57.17 -25.21
C ASP C 1146 -111.34 57.68 -23.91
N GLN D 1 26.69 -40.93 39.28
CA GLN D 1 27.47 -40.32 38.21
C GLN D 1 28.18 -41.38 37.42
N VAL D 2 28.80 -40.99 36.31
CA VAL D 2 29.55 -41.92 35.49
C VAL D 2 30.81 -42.33 36.25
N GLN D 3 30.79 -43.54 36.79
CA GLN D 3 31.85 -44.04 37.64
C GLN D 3 32.04 -45.53 37.38
N LEU D 4 33.22 -46.03 37.75
CA LEU D 4 33.43 -47.46 37.83
C LEU D 4 34.35 -47.71 39.02
N VAL D 5 33.93 -48.60 39.91
CA VAL D 5 34.65 -48.88 41.13
C VAL D 5 35.10 -50.33 41.12
N GLN D 6 36.41 -50.55 41.14
CA GLN D 6 36.97 -51.87 41.25
C GLN D 6 37.43 -52.10 42.68
N SER D 7 37.61 -53.36 43.04
CA SER D 7 38.15 -53.70 44.35
C SER D 7 38.82 -55.05 44.23
N GLY D 8 39.79 -55.30 45.12
CA GLY D 8 40.36 -56.62 45.20
C GLY D 8 41.83 -56.71 44.84
N ALA D 9 42.60 -55.67 45.15
CA ALA D 9 44.05 -55.71 44.96
C ALA D 9 44.63 -56.76 45.90
N GLU D 10 45.08 -57.89 45.35
CA GLU D 10 45.34 -59.04 46.19
C GLU D 10 46.50 -59.83 45.63
N VAL D 11 46.80 -60.95 46.30
CA VAL D 11 47.91 -61.82 45.96
C VAL D 11 47.41 -63.26 45.97
N LYS D 12 47.84 -64.04 44.98
CA LYS D 12 47.44 -65.44 44.89
C LYS D 12 48.69 -66.30 44.72
N LYS D 13 48.49 -67.61 44.88
CA LYS D 13 49.54 -68.59 44.68
C LYS D 13 49.20 -69.25 43.35
N PRO D 14 50.19 -69.79 42.64
CA PRO D 14 49.91 -70.40 41.34
C PRO D 14 49.06 -71.64 41.46
N GLY D 15 48.26 -71.88 40.42
CA GLY D 15 47.30 -72.96 40.45
C GLY D 15 46.16 -72.66 41.40
N ALA D 16 45.46 -71.57 41.14
CA ALA D 16 44.36 -71.15 42.01
C ALA D 16 43.36 -70.39 41.16
N SER D 17 42.50 -69.61 41.80
CA SER D 17 41.40 -68.95 41.11
C SER D 17 41.10 -67.63 41.80
N VAL D 18 40.57 -66.67 41.06
CA VAL D 18 40.31 -65.34 41.61
C VAL D 18 39.07 -64.74 40.96
N LYS D 19 38.33 -63.95 41.73
CA LYS D 19 37.15 -63.23 41.27
C LYS D 19 37.35 -61.75 41.51
N VAL D 20 37.06 -60.94 40.49
CA VAL D 20 37.33 -59.50 40.54
C VAL D 20 36.05 -58.75 40.18
N SER D 21 35.81 -57.64 40.88
CA SER D 21 34.54 -56.93 40.83
C SER D 21 34.72 -55.52 40.25
N CYS D 22 33.68 -55.07 39.55
CA CYS D 22 33.59 -53.70 39.08
C CYS D 22 32.19 -53.19 39.39
N LYS D 23 32.11 -52.18 40.25
CA LYS D 23 30.84 -51.59 40.64
C LYS D 23 30.57 -50.35 39.80
N ALA D 24 29.36 -50.24 39.25
CA ALA D 24 28.97 -49.13 38.41
C ALA D 24 27.97 -48.25 39.12
N SER D 25 27.75 -47.06 38.55
CA SER D 25 26.83 -46.08 39.09
C SER D 25 26.46 -45.10 38.00
N GLY D 26 25.42 -44.30 38.27
CA GLY D 26 25.02 -43.21 37.41
C GLY D 26 24.57 -43.60 36.02
N TYR D 27 24.04 -44.80 35.88
CA TYR D 27 23.57 -45.28 34.57
C TYR D 27 22.53 -46.38 34.74
N THR D 28 21.91 -46.76 33.64
CA THR D 28 20.89 -47.82 33.65
C THR D 28 21.52 -49.19 33.78
N PHE D 29 22.86 -49.23 33.80
CA PHE D 29 23.59 -50.49 33.92
C PHE D 29 23.39 -51.36 32.69
N THR D 30 22.36 -52.20 32.73
CA THR D 30 22.05 -53.09 31.63
C THR D 30 21.72 -52.32 30.36
N SER D 31 22.75 -51.78 29.72
CA SER D 31 22.57 -51.00 28.49
C SER D 31 23.89 -50.79 27.78
N TYR D 32 24.99 -51.05 28.48
CA TYR D 32 26.32 -50.88 27.92
C TYR D 32 27.20 -52.03 28.33
N ASP D 33 27.90 -52.61 27.35
CA ASP D 33 28.73 -53.78 27.55
C ASP D 33 30.01 -53.51 28.33
N ILE D 34 30.30 -54.39 29.27
CA ILE D 34 31.50 -54.28 30.08
C ILE D 34 32.63 -54.99 29.35
N ASN D 35 33.78 -54.33 29.30
CA ASN D 35 34.98 -54.87 28.66
C ASN D 35 36.19 -54.75 29.60
N TRP D 36 36.92 -55.84 29.79
CA TRP D 36 38.08 -55.86 30.66
C TRP D 36 39.32 -55.94 29.80
N VAL D 37 40.43 -55.41 30.29
CA VAL D 37 41.69 -55.49 29.57
C VAL D 37 42.77 -55.91 30.55
N ARG D 38 43.78 -56.59 30.03
CA ARG D 38 45.00 -56.85 30.77
C ARG D 38 45.99 -55.73 30.53
N GLN D 39 46.95 -55.60 31.44
CA GLN D 39 48.06 -54.69 31.27
C GLN D 39 49.18 -55.18 32.17
N ALA D 40 50.29 -55.56 31.55
CA ALA D 40 51.46 -55.99 32.29
C ALA D 40 52.22 -54.78 32.81
N THR D 41 53.45 -55.01 33.24
CA THR D 41 54.28 -53.90 33.67
C THR D 41 54.88 -53.24 32.44
N GLY D 42 54.33 -52.10 32.05
CA GLY D 42 54.84 -51.33 30.93
C GLY D 42 54.67 -52.01 29.59
N GLN D 43 53.45 -52.41 29.27
CA GLN D 43 53.18 -53.19 28.07
C GLN D 43 51.90 -52.67 27.43
N GLY D 44 51.32 -53.47 26.54
CA GLY D 44 50.09 -53.13 25.88
C GLY D 44 48.89 -53.75 26.56
N LEU D 45 47.78 -53.83 25.83
CA LEU D 45 46.53 -54.34 26.36
C LEU D 45 45.96 -55.42 25.46
N GLU D 46 44.86 -56.03 25.90
CA GLU D 46 44.21 -57.09 25.13
C GLU D 46 42.81 -57.38 25.66
N TRP D 47 42.36 -58.61 25.47
CA TRP D 47 41.03 -59.01 25.92
C TRP D 47 39.94 -58.27 25.15
N MET D 48 39.29 -58.99 24.23
CA MET D 48 38.23 -58.41 23.42
C MET D 48 36.97 -58.19 24.24
N GLY D 49 36.10 -57.31 23.77
CA GLY D 49 34.86 -57.01 24.46
C GLY D 49 33.97 -58.22 24.60
N TRP D 50 32.99 -58.14 25.50
CA TRP D 50 32.06 -59.24 25.73
C TRP D 50 31.06 -58.90 26.83
N MET D 51 30.00 -59.70 26.93
CA MET D 51 28.97 -59.49 27.93
C MET D 51 28.04 -58.34 27.53
N ASN D 52 26.77 -58.46 27.92
CA ASN D 52 25.78 -57.43 27.60
C ASN D 52 24.84 -57.16 28.77
N PRO D 53 24.08 -56.08 28.69
CA PRO D 53 23.14 -55.74 29.77
C PRO D 53 22.26 -56.96 30.10
N ASN D 54 21.35 -57.28 29.20
CA ASN D 54 20.44 -58.41 29.40
C ASN D 54 21.09 -59.74 29.01
N SER D 55 20.98 -60.71 29.91
CA SER D 55 21.56 -62.04 29.67
C SER D 55 22.99 -61.93 29.14
N GLY D 56 23.11 -61.61 27.85
CA GLY D 56 24.41 -61.49 27.22
C GLY D 56 25.13 -62.81 27.07
N ASN D 57 25.41 -63.19 25.83
CA ASN D 57 26.09 -64.44 25.54
C ASN D 57 27.54 -64.44 26.03
N THR D 58 28.17 -63.28 25.97
CA THR D 58 29.56 -63.14 26.40
C THR D 58 30.52 -63.74 25.39
N GLY D 59 31.67 -63.09 25.21
CA GLY D 59 32.66 -63.55 24.27
C GLY D 59 33.97 -63.92 24.95
N TYR D 60 35.06 -63.88 24.19
CA TYR D 60 36.37 -64.22 24.73
C TYR D 60 37.48 -63.76 23.79
N ALA D 61 38.73 -64.01 24.19
CA ALA D 61 39.88 -63.62 23.38
C ALA D 61 40.65 -64.80 22.82
N GLN D 62 40.10 -66.02 22.94
CA GLN D 62 40.49 -67.24 22.23
C GLN D 62 41.84 -67.81 22.62
N LYS D 63 42.64 -67.08 23.37
CA LYS D 63 43.73 -67.68 24.10
C LYS D 63 43.44 -67.71 25.58
N PHE D 64 42.45 -66.96 26.00
CA PHE D 64 41.87 -67.08 27.32
C PHE D 64 40.50 -67.69 27.09
N GLN D 65 40.41 -69.00 27.27
CA GLN D 65 39.17 -69.73 27.10
C GLN D 65 39.13 -70.84 28.13
N GLY D 66 37.99 -71.01 28.76
CA GLY D 66 37.88 -72.00 29.82
C GLY D 66 38.21 -71.42 31.16
N ARG D 67 39.37 -70.75 31.27
CA ARG D 67 39.75 -70.13 32.53
C ARG D 67 38.91 -68.90 32.83
N VAL D 68 38.28 -68.35 31.82
CA VAL D 68 37.58 -67.08 31.91
C VAL D 68 36.09 -67.31 32.10
N THR D 69 35.51 -66.60 33.06
CA THR D 69 34.09 -66.67 33.33
C THR D 69 33.60 -65.31 33.81
N MET D 70 32.44 -64.90 33.32
CA MET D 70 31.92 -63.57 33.50
C MET D 70 30.55 -63.67 34.14
N THR D 71 30.42 -63.17 35.37
CA THR D 71 29.16 -63.21 36.08
C THR D 71 28.81 -61.84 36.66
N ARG D 72 27.53 -61.47 36.57
CA ARG D 72 27.06 -60.19 37.08
C ARG D 72 25.78 -60.35 37.89
N ASN D 73 25.32 -59.25 38.48
CA ASN D 73 24.10 -59.26 39.27
C ASN D 73 23.20 -58.07 38.97
N THR D 74 21.93 -58.36 38.67
CA THR D 74 20.97 -57.31 38.36
C THR D 74 20.41 -56.68 39.62
N SER D 75 21.17 -56.78 40.72
CA SER D 75 20.75 -56.22 42.00
C SER D 75 21.28 -54.80 42.18
N ILE D 76 22.26 -54.44 41.36
CA ILE D 76 22.87 -53.11 41.43
C ILE D 76 23.68 -52.81 40.19
N SER D 77 23.90 -53.83 39.36
CA SER D 77 24.67 -53.68 38.13
C SER D 77 26.17 -53.72 38.41
N THR D 78 26.64 -54.87 38.88
CA THR D 78 28.06 -55.05 39.18
C THR D 78 28.63 -56.24 38.43
N ALA D 79 29.43 -55.97 37.41
CA ALA D 79 30.05 -57.02 36.60
C ALA D 79 31.30 -57.57 37.28
N TYR D 80 31.55 -58.86 37.09
CA TYR D 80 32.71 -59.51 37.69
C TYR D 80 33.50 -60.29 36.64
N MET D 81 34.47 -61.07 37.10
CA MET D 81 35.30 -61.87 36.20
C MET D 81 36.00 -62.90 37.07
N GLU D 82 35.89 -64.16 36.68
CA GLU D 82 36.48 -65.26 37.41
C GLU D 82 37.55 -65.91 36.55
N LEU D 83 38.79 -65.81 36.99
CA LEU D 83 39.91 -66.46 36.35
C LEU D 83 40.32 -67.67 37.18
N SER D 84 40.82 -68.69 36.49
CA SER D 84 41.13 -69.94 37.15
C SER D 84 42.45 -70.50 36.61
N SER D 85 43.10 -71.32 37.45
CA SER D 85 44.33 -72.06 37.15
C SER D 85 45.46 -71.10 36.77
N LEU D 86 45.81 -70.27 37.74
CA LEU D 86 46.76 -69.20 37.49
C LEU D 86 48.18 -69.75 37.40
N ARG D 87 48.98 -69.17 36.52
CA ARG D 87 50.26 -69.74 36.14
C ARG D 87 51.44 -68.82 36.43
N SER D 88 51.25 -67.81 37.29
CA SER D 88 52.32 -66.96 37.84
C SER D 88 53.06 -66.17 36.77
N GLU D 89 52.41 -65.97 35.63
CA GLU D 89 52.86 -64.98 34.67
C GLU D 89 51.69 -64.19 34.15
N ASP D 90 50.49 -64.49 34.63
CA ASP D 90 49.32 -63.67 34.38
C ASP D 90 49.20 -62.54 35.37
N THR D 91 50.21 -62.37 36.22
CA THR D 91 50.26 -61.25 37.15
C THR D 91 50.30 -59.95 36.37
N ALA D 92 49.29 -59.12 36.58
CA ALA D 92 49.07 -57.93 35.77
C ALA D 92 48.11 -57.01 36.51
N VAL D 93 47.63 -56.00 35.81
CA VAL D 93 46.53 -55.19 36.30
C VAL D 93 45.37 -55.34 35.34
N TYR D 94 44.16 -55.22 35.87
CA TYR D 94 42.95 -55.56 35.15
C TYR D 94 41.95 -54.42 35.26
N TYR D 95 41.29 -54.09 34.15
CA TYR D 95 40.50 -52.87 34.09
C TYR D 95 39.04 -53.18 33.74
N CYS D 96 38.23 -52.11 33.75
CA CYS D 96 36.83 -52.13 33.35
C CYS D 96 36.50 -50.85 32.61
N ALA D 97 35.55 -50.94 31.67
CA ALA D 97 35.12 -49.76 30.91
C ALA D 97 33.76 -50.01 30.29
N ARG D 98 33.00 -48.93 30.08
CA ARG D 98 31.58 -49.09 29.80
C ARG D 98 31.27 -49.23 28.33
N TYR D 99 32.16 -48.77 27.46
CA TYR D 99 32.03 -48.89 26.00
C TYR D 99 30.74 -48.21 25.51
N ILE D 100 30.71 -46.89 25.63
CA ILE D 100 29.48 -46.14 25.42
C ILE D 100 29.19 -46.03 23.93
N VAL D 101 27.91 -45.93 23.58
CA VAL D 101 27.51 -45.84 22.17
C VAL D 101 26.68 -44.59 21.91
N VAL D 102 26.56 -44.21 20.63
CA VAL D 102 25.79 -43.03 20.27
C VAL D 102 25.26 -43.06 18.85
N VAL D 103 23.96 -43.25 18.71
CA VAL D 103 23.30 -43.29 17.40
C VAL D 103 24.08 -44.06 16.33
N PRO D 104 24.93 -43.36 15.60
CA PRO D 104 25.72 -44.02 14.54
C PRO D 104 26.38 -45.29 15.08
N ALA D 105 27.54 -45.12 15.71
CA ALA D 105 28.30 -46.22 16.29
C ALA D 105 29.00 -45.77 17.57
N ALA D 106 29.00 -46.64 18.57
CA ALA D 106 29.63 -46.33 19.86
C ALA D 106 31.01 -45.75 19.60
N LYS D 107 31.44 -44.84 20.48
CA LYS D 107 32.75 -44.20 20.36
C LYS D 107 33.63 -44.52 21.56
N GLY D 108 34.56 -45.45 21.38
CA GLY D 108 35.47 -45.85 22.43
C GLY D 108 34.74 -46.20 23.72
N PHE D 109 35.51 -46.38 24.79
CA PHE D 109 34.93 -46.73 26.09
C PHE D 109 34.50 -45.48 26.85
N ASP D 110 33.30 -45.52 27.42
CA ASP D 110 32.78 -44.40 28.18
C ASP D 110 33.70 -44.03 29.34
N PRO D 111 33.67 -44.81 30.40
CA PRO D 111 34.51 -44.54 31.57
C PRO D 111 35.78 -45.38 31.53
N TRP D 112 36.34 -45.66 32.70
CA TRP D 112 37.56 -46.45 32.81
C TRP D 112 37.81 -46.86 34.26
N GLY D 113 37.67 -48.15 34.53
CA GLY D 113 37.87 -48.68 35.86
C GLY D 113 39.13 -48.13 36.51
N GLN D 114 39.21 -48.24 37.83
CA GLN D 114 40.36 -47.74 38.57
C GLN D 114 41.50 -48.75 38.51
N GLY D 115 41.22 -49.93 37.95
CA GLY D 115 42.24 -50.95 37.86
C GLY D 115 42.34 -51.72 39.16
N THR D 116 43.01 -52.87 39.10
CA THR D 116 43.21 -53.67 40.30
C THR D 116 44.52 -54.42 40.22
N LEU D 117 44.90 -55.12 41.27
CA LEU D 117 46.15 -55.86 41.25
C LEU D 117 45.97 -57.34 41.54
N VAL D 118 46.58 -58.16 40.70
CA VAL D 118 46.67 -59.58 41.01
C VAL D 118 48.12 -60.00 40.85
N THR D 119 48.68 -60.52 41.94
CA THR D 119 50.09 -60.91 41.95
C THR D 119 50.13 -62.40 42.26
N VAL D 120 50.59 -63.17 41.29
CA VAL D 120 50.70 -64.63 41.45
C VAL D 120 52.14 -65.06 41.61
N SER D 121 52.41 -65.85 42.64
CA SER D 121 53.75 -66.34 42.92
C SER D 121 53.84 -67.00 44.30
N SER D 122 54.45 -68.17 44.36
CA SER D 122 54.60 -68.90 45.61
C SER D 122 55.56 -68.18 46.55
N ALA D 123 55.11 -67.07 47.12
CA ALA D 123 55.94 -66.30 48.04
C ALA D 123 55.16 -65.93 49.31
N SER D 124 53.84 -65.83 49.17
CA SER D 124 52.99 -65.48 50.30
C SER D 124 53.17 -64.03 50.71
N THR D 125 54.22 -63.76 51.49
CA THR D 125 54.50 -62.41 51.96
C THR D 125 55.76 -62.39 52.83
N LYS D 126 56.59 -61.37 52.63
CA LYS D 126 57.82 -61.24 53.39
C LYS D 126 58.16 -59.76 53.58
N GLY D 127 58.86 -59.47 54.66
CA GLY D 127 59.24 -58.13 55.01
C GLY D 127 60.54 -57.72 54.36
N PRO D 128 60.76 -56.41 54.24
CA PRO D 128 61.95 -55.94 53.54
C PRO D 128 63.18 -55.94 54.43
N SER D 129 64.34 -56.14 53.81
CA SER D 129 65.63 -55.98 54.47
C SER D 129 66.27 -54.69 53.98
N VAL D 130 66.71 -53.85 54.91
CA VAL D 130 67.14 -52.49 54.60
C VAL D 130 68.63 -52.36 54.89
N PHE D 131 69.35 -51.69 53.98
CA PHE D 131 70.71 -51.24 54.17
C PHE D 131 70.83 -49.77 53.79
N PRO D 132 71.70 -49.02 54.45
CA PRO D 132 71.96 -47.64 53.99
C PRO D 132 73.16 -47.61 53.04
N LEU D 133 72.96 -47.00 51.87
CA LEU D 133 74.06 -46.78 50.93
C LEU D 133 74.63 -45.40 51.22
N ALA D 134 75.79 -45.39 51.83
CA ALA D 134 76.48 -44.25 52.39
C ALA D 134 76.89 -43.26 51.29
N PRO D 135 76.91 -41.97 51.58
CA PRO D 135 77.52 -41.02 50.66
C PRO D 135 79.03 -41.21 50.63
N SER D 136 79.60 -41.20 49.43
CA SER D 136 81.02 -41.46 49.28
C SER D 136 81.60 -40.53 48.23
N SER D 137 82.93 -40.41 48.24
CA SER D 137 83.61 -39.61 47.24
C SER D 137 83.43 -40.17 45.84
N LYS D 138 83.24 -41.49 45.71
CA LYS D 138 82.91 -42.07 44.43
C LYS D 138 81.51 -41.67 43.97
N SER D 139 80.64 -41.30 44.91
CA SER D 139 79.38 -40.67 44.58
C SER D 139 79.45 -39.14 44.61
N THR D 140 80.46 -38.59 45.30
CA THR D 140 80.60 -37.15 45.39
C THR D 140 81.20 -36.58 44.11
N SER D 141 80.71 -35.41 43.69
CA SER D 141 81.23 -34.70 42.53
C SER D 141 80.99 -33.20 42.74
N GLY D 142 82.04 -32.49 43.13
CA GLY D 142 81.93 -31.04 43.23
C GLY D 142 81.06 -30.62 44.40
N GLY D 143 79.92 -30.01 44.07
CA GLY D 143 79.07 -29.39 45.08
C GLY D 143 78.11 -30.33 45.77
N THR D 144 77.86 -31.51 45.19
CA THR D 144 76.84 -32.41 45.72
C THR D 144 77.36 -33.83 45.86
N ALA D 145 76.69 -34.61 46.71
CA ALA D 145 77.00 -36.02 46.91
C ALA D 145 75.70 -36.74 47.22
N ALA D 146 75.59 -38.00 46.80
CA ALA D 146 74.36 -38.76 46.85
C ALA D 146 74.45 -39.85 47.92
N LEU D 147 73.33 -40.08 48.61
CA LEU D 147 73.19 -41.14 49.60
C LEU D 147 71.78 -41.72 49.50
N GLY D 148 71.61 -42.95 49.97
CA GLY D 148 70.31 -43.56 49.82
C GLY D 148 70.09 -44.76 50.71
N CYS D 149 69.01 -45.47 50.44
CA CYS D 149 68.62 -46.64 51.21
C CYS D 149 68.18 -47.74 50.26
N LEU D 150 68.70 -48.95 50.48
CA LEU D 150 68.39 -50.13 49.68
C LEU D 150 67.44 -51.01 50.47
N VAL D 151 66.22 -51.19 49.96
CA VAL D 151 65.21 -51.99 50.61
C VAL D 151 64.90 -53.15 49.68
N LYS D 152 65.22 -54.38 50.10
CA LYS D 152 65.23 -55.52 49.20
C LYS D 152 64.45 -56.70 49.79
N ASP D 153 64.27 -57.71 48.94
CA ASP D 153 63.67 -58.99 49.31
C ASP D 153 62.35 -58.87 50.04
N TYR D 154 61.32 -58.41 49.33
CA TYR D 154 59.97 -58.44 49.85
C TYR D 154 59.00 -58.84 48.75
N PHE D 155 57.99 -59.64 49.09
CA PHE D 155 56.95 -59.97 48.12
C PHE D 155 55.85 -58.92 48.00
N PRO D 156 55.27 -58.43 49.10
CA PRO D 156 54.04 -57.65 48.98
C PRO D 156 54.26 -56.27 48.38
N GLU D 157 54.15 -56.21 47.05
CA GLU D 157 54.57 -55.17 46.12
C GLU D 157 54.49 -53.75 46.67
N PRO D 158 53.35 -53.29 47.22
CA PRO D 158 53.32 -51.90 47.68
C PRO D 158 54.17 -51.68 48.92
N VAL D 159 55.29 -50.97 48.76
CA VAL D 159 56.20 -50.65 49.84
C VAL D 159 56.64 -49.19 49.64
N THR D 160 56.94 -48.48 50.71
CA THR D 160 57.30 -47.09 50.55
C THR D 160 58.51 -46.77 51.41
N VAL D 161 59.36 -45.89 50.89
CA VAL D 161 60.49 -45.35 51.62
C VAL D 161 60.46 -43.84 51.47
N SER D 162 60.41 -43.13 52.59
CA SER D 162 60.47 -41.69 52.59
C SER D 162 61.80 -41.24 53.16
N TRP D 163 62.10 -39.95 52.99
CA TRP D 163 63.30 -39.37 53.53
C TRP D 163 62.96 -38.36 54.61
N ASN D 164 63.41 -38.65 55.83
CA ASN D 164 63.21 -37.76 56.97
C ASN D 164 61.73 -37.47 57.19
N SER D 165 60.95 -38.55 57.31
CA SER D 165 59.52 -38.48 57.60
C SER D 165 58.77 -37.63 56.58
N GLY D 166 59.30 -37.57 55.35
CA GLY D 166 58.68 -36.78 54.31
C GLY D 166 59.22 -35.38 54.15
N ALA D 167 60.35 -35.06 54.78
CA ALA D 167 60.88 -33.70 54.73
C ALA D 167 61.55 -33.36 53.41
N LEU D 168 62.53 -34.14 52.97
CA LEU D 168 63.32 -33.82 51.78
C LEU D 168 62.55 -34.27 50.54
N THR D 169 62.31 -33.31 49.64
CA THR D 169 61.66 -33.60 48.38
C THR D 169 62.60 -33.26 47.22
N SER D 170 63.75 -32.69 47.54
CA SER D 170 64.75 -32.33 46.55
C SER D 170 65.75 -33.47 46.38
N GLY D 171 65.87 -33.97 45.14
CA GLY D 171 66.79 -35.03 44.82
C GLY D 171 66.33 -36.42 45.23
N VAL D 172 65.29 -36.53 46.05
CA VAL D 172 64.77 -37.82 46.47
C VAL D 172 64.12 -38.49 45.27
N HIS D 173 64.67 -39.64 44.86
CA HIS D 173 64.13 -40.41 43.74
C HIS D 173 64.14 -41.91 44.02
N THR D 174 62.95 -42.50 44.15
CA THR D 174 62.83 -43.92 44.40
C THR D 174 62.72 -44.62 43.06
N PHE D 175 63.55 -45.61 42.85
CA PHE D 175 63.58 -46.25 41.56
C PHE D 175 62.60 -47.41 41.53
N PRO D 176 62.09 -47.77 40.35
CA PRO D 176 61.13 -48.87 40.28
C PRO D 176 61.70 -50.14 40.88
N ALA D 177 60.86 -50.83 41.63
CA ALA D 177 61.29 -52.08 42.24
C ALA D 177 61.61 -53.10 41.16
N VAL D 178 62.55 -53.97 41.48
CA VAL D 178 62.97 -55.00 40.54
C VAL D 178 62.56 -56.35 41.10
N LEU D 179 62.13 -57.23 40.21
CA LEU D 179 61.68 -58.56 40.56
C LEU D 179 62.78 -59.55 40.23
N GLN D 180 63.33 -60.17 41.27
CA GLN D 180 64.45 -61.09 41.12
C GLN D 180 63.98 -62.46 40.67
N SER D 181 64.95 -63.34 40.41
CA SER D 181 64.62 -64.72 40.11
C SER D 181 64.09 -65.44 41.34
N SER D 182 64.51 -65.00 42.54
CA SER D 182 64.01 -65.60 43.76
C SER D 182 62.51 -65.38 43.93
N GLY D 183 61.91 -64.47 43.16
CA GLY D 183 60.51 -64.17 43.27
C GLY D 183 60.19 -62.99 44.15
N LEU D 184 61.18 -62.38 44.78
CA LEU D 184 60.95 -61.26 45.68
C LEU D 184 61.41 -59.96 45.03
N TYR D 185 60.77 -58.87 45.43
CA TYR D 185 61.09 -57.57 44.88
C TYR D 185 62.26 -56.95 45.61
N SER D 186 62.80 -55.88 45.02
CA SER D 186 63.86 -55.10 45.63
C SER D 186 63.91 -53.74 44.95
N LEU D 187 64.31 -52.72 45.71
CA LEU D 187 64.46 -51.39 45.17
C LEU D 187 65.46 -50.61 46.01
N SER D 188 65.81 -49.43 45.51
CA SER D 188 66.74 -48.53 46.19
C SER D 188 66.35 -47.07 45.88
N SER D 189 66.25 -46.25 46.92
CA SER D 189 65.87 -44.85 46.76
C SER D 189 67.04 -43.99 47.16
N VAL D 190 67.40 -43.03 46.31
CA VAL D 190 68.60 -42.23 46.51
C VAL D 190 68.26 -40.75 46.41
N VAL D 191 69.01 -39.93 47.14
CA VAL D 191 68.84 -38.49 47.14
C VAL D 191 70.22 -37.84 47.21
N THR D 192 70.40 -36.77 46.45
CA THR D 192 71.62 -35.99 46.45
C THR D 192 71.47 -34.81 47.39
N VAL D 193 72.57 -34.37 47.98
CA VAL D 193 72.59 -33.34 49.02
C VAL D 193 73.97 -32.70 48.96
N PRO D 194 74.09 -31.39 49.18
CA PRO D 194 75.40 -30.73 49.04
C PRO D 194 76.51 -31.46 49.76
N SER D 195 77.67 -31.55 49.09
CA SER D 195 78.78 -32.30 49.64
C SER D 195 79.34 -31.65 50.90
N SER D 196 79.05 -30.37 51.12
CA SER D 196 79.39 -29.76 52.40
C SER D 196 78.55 -30.34 53.52
N SER D 197 77.43 -31.00 53.18
CA SER D 197 76.47 -31.51 54.14
C SER D 197 76.44 -33.04 54.18
N LEU D 198 77.61 -33.70 54.14
CA LEU D 198 77.64 -35.15 54.16
C LEU D 198 76.94 -35.72 55.40
N GLY D 199 77.48 -35.45 56.59
CA GLY D 199 76.87 -35.96 57.80
C GLY D 199 76.11 -34.91 58.57
N THR D 200 76.17 -33.66 58.12
CA THR D 200 75.77 -32.52 58.94
C THR D 200 74.33 -32.61 59.42
N GLN D 201 73.38 -32.80 58.51
CA GLN D 201 71.98 -32.79 58.88
C GLN D 201 71.43 -34.22 58.97
N THR D 202 70.13 -34.33 59.18
CA THR D 202 69.49 -35.63 59.34
C THR D 202 69.05 -36.18 57.99
N TYR D 203 69.43 -37.41 57.70
CA TYR D 203 68.97 -38.12 56.52
C TYR D 203 68.59 -39.53 56.94
N ILE D 204 67.35 -39.72 57.36
CA ILE D 204 66.86 -41.00 57.84
C ILE D 204 65.75 -41.46 56.92
N CYS D 205 65.93 -42.62 56.31
CA CYS D 205 64.91 -43.20 55.44
C CYS D 205 63.92 -43.98 56.28
N ASN D 206 62.65 -43.67 56.08
CA ASN D 206 61.52 -44.24 56.80
C ASN D 206 60.92 -45.30 55.88
N VAL D 207 61.10 -46.56 56.23
CA VAL D 207 60.63 -47.69 55.44
C VAL D 207 59.33 -48.17 56.05
N ASN D 208 58.26 -48.19 55.26
CA ASN D 208 56.96 -48.70 55.67
C ASN D 208 56.45 -49.72 54.66
N HIS D 209 56.04 -50.87 55.19
CA HIS D 209 55.52 -51.99 54.41
C HIS D 209 54.07 -52.19 54.86
N LYS D 210 53.14 -51.80 54.00
CA LYS D 210 51.71 -51.72 54.35
C LYS D 210 50.99 -53.06 54.39
N PRO D 211 51.25 -54.00 53.48
CA PRO D 211 50.63 -55.32 53.66
C PRO D 211 51.05 -56.00 54.94
N SER D 212 52.35 -55.95 55.27
CA SER D 212 52.80 -56.27 56.61
C SER D 212 52.66 -55.01 57.46
N ASN D 213 53.30 -54.97 58.63
CA ASN D 213 53.30 -53.79 59.47
C ASN D 213 54.72 -53.39 59.85
N THR D 214 55.60 -53.33 58.86
CA THR D 214 57.00 -52.99 59.09
C THR D 214 57.22 -51.49 58.96
N LYS D 215 57.88 -50.92 59.97
CA LYS D 215 58.23 -49.50 60.00
C LYS D 215 59.60 -49.36 60.65
N VAL D 216 60.60 -48.98 59.87
CA VAL D 216 61.98 -48.87 60.36
C VAL D 216 62.62 -47.61 59.79
N ASP D 217 63.34 -46.87 60.63
CA ASP D 217 64.06 -45.68 60.21
C ASP D 217 65.56 -45.99 60.23
N LYS D 218 66.22 -45.76 59.10
CA LYS D 218 67.65 -46.04 58.96
C LYS D 218 68.40 -44.77 58.58
N LYS D 219 69.46 -44.46 59.33
CA LYS D 219 70.27 -43.28 59.06
C LYS D 219 71.40 -43.64 58.10
N VAL D 220 71.67 -42.74 57.17
CA VAL D 220 72.75 -42.91 56.20
C VAL D 220 73.84 -41.89 56.49
N GLU D 221 75.05 -42.37 56.70
CA GLU D 221 76.19 -41.53 57.05
C GLU D 221 77.36 -41.89 56.14
N PRO D 222 78.28 -40.95 55.93
CA PRO D 222 79.45 -41.25 55.08
C PRO D 222 80.21 -42.48 55.57
N LYS D 223 80.93 -43.10 54.64
CA LYS D 223 81.64 -44.33 54.94
C LYS D 223 82.73 -44.07 55.98
N SER D 224 82.95 -45.08 56.83
CA SER D 224 83.87 -44.98 57.95
C SER D 224 85.29 -44.64 57.49
N ASP E 1 44.41 -60.78 14.00
CA ASP E 1 44.49 -60.56 12.55
C ASP E 1 45.03 -59.16 12.23
N ILE E 2 44.20 -58.16 12.46
CA ILE E 2 44.59 -56.78 12.20
C ILE E 2 45.58 -56.27 13.24
N VAL E 3 46.83 -56.11 12.82
CA VAL E 3 47.87 -55.63 13.72
C VAL E 3 48.07 -54.12 13.59
N MET E 4 47.99 -53.43 14.72
CA MET E 4 48.15 -51.99 14.75
C MET E 4 49.59 -51.65 15.10
N THR E 5 50.45 -51.77 14.10
CA THR E 5 51.84 -51.41 14.28
C THR E 5 51.99 -49.90 14.26
N GLN E 6 52.54 -49.37 15.35
CA GLN E 6 52.79 -47.93 15.47
C GLN E 6 54.28 -47.77 15.31
N SER E 7 54.72 -46.88 14.43
CA SER E 7 56.16 -46.72 14.21
C SER E 7 56.87 -45.92 15.30
N PRO E 8 56.50 -44.69 15.64
CA PRO E 8 57.42 -43.89 16.46
C PRO E 8 57.29 -44.17 17.95
N ASP E 9 58.36 -43.86 18.68
CA ASP E 9 58.48 -44.25 20.08
C ASP E 9 59.36 -43.25 20.79
N SER E 10 58.98 -42.86 22.00
CA SER E 10 59.77 -41.90 22.78
C SER E 10 60.08 -40.65 21.96
N LEU E 11 59.07 -39.81 21.77
CA LEU E 11 59.25 -38.57 21.01
C LEU E 11 59.66 -37.42 21.92
N ALA E 12 60.45 -37.74 22.93
CA ALA E 12 60.93 -36.72 23.87
C ALA E 12 61.43 -35.48 23.14
N VAL E 13 60.50 -34.59 22.81
CA VAL E 13 60.83 -33.36 22.10
C VAL E 13 60.36 -32.13 22.89
N SER E 14 61.04 -31.01 22.67
CA SER E 14 60.69 -29.77 23.35
C SER E 14 59.20 -29.49 23.27
N LEU E 15 58.61 -29.06 24.38
CA LEU E 15 57.19 -28.75 24.42
C LEU E 15 56.79 -27.81 23.29
N GLY E 16 55.53 -27.90 22.88
CA GLY E 16 55.03 -27.05 21.81
C GLY E 16 55.18 -27.69 20.45
N GLU E 17 56.11 -28.63 20.34
CA GLU E 17 56.35 -29.32 19.07
C GLU E 17 55.07 -29.93 18.52
N ARG E 18 55.17 -30.58 17.36
CA ARG E 18 54.02 -31.20 16.73
C ARG E 18 54.29 -32.68 16.42
N ALA E 19 54.07 -33.53 17.41
CA ALA E 19 54.29 -34.97 17.24
C ALA E 19 53.35 -35.53 16.19
N THR E 20 53.74 -36.65 15.59
CA THR E 20 52.99 -37.27 14.48
C THR E 20 53.09 -38.78 14.62
N ILE E 21 52.04 -39.39 15.14
CA ILE E 21 52.07 -40.81 15.50
C ILE E 21 51.24 -41.59 14.51
N ASN E 22 51.88 -42.48 13.78
CA ASN E 22 51.23 -43.18 12.68
C ASN E 22 51.06 -44.64 13.05
N CYS E 23 49.97 -45.24 12.54
CA CYS E 23 49.72 -46.66 12.66
C CYS E 23 48.68 -47.12 11.66
N LYS E 24 48.71 -48.39 11.27
CA LYS E 24 47.78 -48.93 10.29
C LYS E 24 47.77 -50.46 10.27
N SER E 25 46.61 -51.05 9.93
CA SER E 25 46.47 -52.39 9.37
C SER E 25 45.05 -52.63 8.91
N SER E 26 44.88 -53.14 7.67
CA SER E 26 43.70 -53.92 7.28
C SER E 26 42.36 -53.20 7.45
N GLN E 27 42.10 -52.20 6.59
CA GLN E 27 41.17 -51.07 6.75
C GLN E 27 39.82 -51.41 7.38
N SER E 28 39.26 -50.45 8.11
CA SER E 28 37.97 -50.62 8.77
C SER E 28 37.03 -49.47 8.47
N VAL E 29 37.05 -49.01 7.22
CA VAL E 29 36.19 -47.90 6.80
C VAL E 29 34.75 -48.10 7.28
N LEU E 30 34.32 -49.35 7.32
CA LEU E 30 32.97 -49.68 7.75
C LEU E 30 31.93 -49.07 6.81
N TYR E 31 31.30 -49.91 6.01
CA TYR E 31 30.28 -49.46 5.07
C TYR E 31 29.08 -48.86 5.80
N SER E 32 27.91 -48.96 5.17
CA SER E 32 26.69 -48.43 5.76
C SER E 32 26.62 -46.91 5.64
N SER E 33 27.27 -46.38 4.61
CA SER E 33 27.28 -44.94 4.38
C SER E 33 28.01 -44.21 5.51
N ASN E 34 28.06 -44.84 6.68
CA ASN E 34 28.73 -44.25 7.84
C ASN E 34 30.22 -44.09 7.61
N ASN E 35 30.60 -43.75 6.39
CA ASN E 35 32.01 -43.56 6.05
C ASN E 35 32.71 -42.60 7.00
N LYS E 36 33.12 -43.12 8.16
CA LYS E 36 33.80 -42.31 9.16
C LYS E 36 35.17 -42.89 9.50
N ASN E 37 35.16 -44.07 10.11
CA ASN E 37 36.40 -44.73 10.50
C ASN E 37 36.15 -45.97 11.38
N TYR E 38 36.79 -46.00 12.54
CA TYR E 38 36.64 -47.12 13.47
C TYR E 38 37.88 -47.32 14.32
N LEU E 39 38.09 -46.42 15.28
CA LEU E 39 39.23 -46.49 16.18
C LEU E 39 39.39 -45.16 16.93
N ALA E 40 39.67 -45.25 18.22
CA ALA E 40 39.83 -44.05 19.02
C ALA E 40 41.30 -43.93 19.34
N TRP E 41 41.66 -42.80 19.93
CA TRP E 41 43.01 -42.51 20.37
C TRP E 41 42.89 -42.52 21.88
N TYR E 42 43.95 -42.87 22.59
CA TYR E 42 43.84 -42.92 24.03
C TYR E 42 44.99 -42.19 24.70
N GLN E 43 44.78 -41.80 25.94
CA GLN E 43 45.84 -41.19 26.73
C GLN E 43 45.80 -41.80 28.11
N GLN E 44 46.92 -42.38 28.53
CA GLN E 44 47.03 -43.01 29.83
C GLN E 44 48.20 -42.35 30.56
N LYS E 45 47.88 -41.61 31.60
CA LYS E 45 48.91 -41.02 32.44
C LYS E 45 49.61 -42.12 33.21
N PRO E 46 50.90 -41.99 33.49
CA PRO E 46 51.60 -43.05 34.24
C PRO E 46 51.09 -43.14 35.67
N GLY E 47 50.81 -44.37 36.08
CA GLY E 47 50.15 -44.58 37.35
C GLY E 47 48.72 -44.13 37.36
N GLN E 48 47.99 -44.33 36.28
CA GLN E 48 46.63 -43.84 36.16
C GLN E 48 45.87 -44.73 35.18
N PRO E 49 44.55 -44.77 35.25
CA PRO E 49 43.78 -45.41 34.20
C PRO E 49 43.87 -44.60 32.92
N PRO E 50 43.56 -45.19 31.77
CA PRO E 50 43.55 -44.43 30.52
C PRO E 50 42.42 -43.41 30.48
N LYS E 51 42.44 -42.61 29.42
CA LYS E 51 41.40 -41.64 29.16
C LYS E 51 41.05 -41.70 27.68
N LEU E 52 40.08 -40.92 27.27
CA LEU E 52 39.67 -40.93 25.89
C LEU E 52 40.06 -39.63 25.20
N LEU E 53 40.49 -39.76 23.96
CA LEU E 53 40.86 -38.68 23.07
C LEU E 53 40.06 -38.87 21.79
N ILE E 54 40.57 -38.32 20.69
CA ILE E 54 39.97 -38.35 19.36
C ILE E 54 39.39 -39.71 19.02
N TYR E 55 38.12 -39.72 18.62
CA TYR E 55 37.45 -40.94 18.20
C TYR E 55 36.71 -40.70 16.90
N TRP E 56 36.25 -41.81 16.33
CA TRP E 56 35.90 -42.01 14.92
C TRP E 56 37.04 -41.74 13.95
N ALA E 57 38.26 -41.53 14.47
CA ALA E 57 39.38 -40.78 13.87
C ALA E 57 38.98 -39.36 13.50
N SER E 58 37.87 -38.84 14.04
CA SER E 58 37.23 -37.68 13.45
C SER E 58 37.26 -36.48 14.36
N THR E 59 38.40 -36.25 15.02
CA THR E 59 38.69 -35.02 15.78
C THR E 59 37.68 -34.80 16.92
N ARG E 60 37.04 -35.86 17.39
CA ARG E 60 35.77 -35.68 18.08
C ARG E 60 35.96 -35.51 19.59
N GLU E 61 37.07 -34.89 19.99
CA GLU E 61 37.53 -34.68 21.37
C GLU E 61 36.46 -34.27 22.37
N SER E 62 36.52 -34.82 23.58
CA SER E 62 35.45 -34.62 24.55
C SER E 62 35.95 -34.07 25.86
N GLY E 63 35.72 -32.79 26.12
CA GLY E 63 36.29 -32.12 27.27
C GLY E 63 37.78 -32.01 27.12
N VAL E 64 38.23 -31.89 25.88
CA VAL E 64 39.64 -32.00 25.52
C VAL E 64 40.00 -30.79 24.67
N PRO E 65 41.03 -30.02 25.02
CA PRO E 65 41.37 -28.83 24.24
C PRO E 65 41.96 -29.17 22.89
N ASP E 66 42.01 -28.18 22.02
CA ASP E 66 42.13 -28.34 20.57
C ASP E 66 43.48 -28.87 20.11
N ARG E 67 44.54 -28.68 20.91
CA ARG E 67 45.91 -29.01 20.54
C ARG E 67 46.04 -30.48 20.22
N PHE E 68 45.38 -31.32 21.02
CA PHE E 68 45.18 -32.71 20.68
C PHE E 68 44.18 -32.78 19.54
N SER E 69 44.60 -33.32 18.41
CA SER E 69 43.83 -33.19 17.16
C SER E 69 44.14 -34.41 16.31
N GLY E 70 43.10 -35.10 15.86
CA GLY E 70 43.28 -36.30 15.09
C GLY E 70 43.29 -36.08 13.60
N SER E 71 43.30 -37.20 12.87
CA SER E 71 43.06 -37.24 11.43
C SER E 71 42.61 -38.65 11.10
N GLY E 72 42.44 -38.94 9.82
CA GLY E 72 41.94 -40.24 9.44
C GLY E 72 41.94 -40.44 7.94
N SER E 73 41.93 -41.71 7.56
CA SER E 73 41.63 -42.19 6.23
C SER E 73 41.11 -43.62 6.32
N GLY E 74 41.12 -44.33 5.20
CA GLY E 74 40.66 -45.71 5.19
C GLY E 74 41.49 -46.70 5.97
N THR E 75 42.81 -46.69 5.79
CA THR E 75 43.70 -47.63 6.49
C THR E 75 44.66 -46.89 7.41
N ASP E 76 45.19 -45.77 6.94
CA ASP E 76 46.23 -45.05 7.65
C ASP E 76 45.64 -43.80 8.29
N PHE E 77 46.26 -43.36 9.38
CA PHE E 77 45.87 -42.14 10.07
C PHE E 77 46.94 -41.72 11.05
N THR E 78 46.63 -40.66 11.79
CA THR E 78 47.57 -40.11 12.75
C THR E 78 46.82 -39.31 13.80
N LEU E 79 47.23 -39.45 15.04
CA LEU E 79 47.08 -38.36 15.99
C LEU E 79 48.20 -37.38 15.69
N THR E 80 47.94 -36.10 15.92
CA THR E 80 48.93 -35.06 15.66
C THR E 80 48.74 -33.87 16.60
N ILE E 81 49.06 -34.06 17.86
CA ILE E 81 48.92 -33.01 18.86
C ILE E 81 49.75 -31.78 18.49
N SER E 82 49.14 -30.61 18.62
CA SER E 82 49.82 -29.36 18.29
C SER E 82 50.13 -28.56 19.55
N SER E 83 51.10 -27.64 19.44
CA SER E 83 51.49 -26.82 20.57
C SER E 83 51.50 -27.61 21.88
N LEU E 84 52.20 -28.73 21.86
CA LEU E 84 52.29 -29.59 23.04
C LEU E 84 52.71 -28.79 24.27
N GLN E 85 52.19 -29.18 25.43
CA GLN E 85 52.50 -28.50 26.67
C GLN E 85 52.73 -29.50 27.80
N ALA E 86 53.45 -29.06 28.83
CA ALA E 86 53.74 -29.92 29.99
C ALA E 86 52.50 -30.68 30.44
N GLU E 87 52.70 -31.92 30.86
CA GLU E 87 51.58 -32.76 31.33
C GLU E 87 50.82 -33.47 30.20
N ASP E 88 51.40 -33.55 29.01
CA ASP E 88 50.87 -34.36 27.92
C ASP E 88 51.73 -35.60 27.76
N VAL E 89 52.64 -35.75 28.70
CA VAL E 89 53.56 -36.87 28.74
C VAL E 89 52.81 -38.12 29.15
N ALA E 90 52.53 -38.98 28.20
CA ALA E 90 51.72 -40.16 28.49
C ALA E 90 52.06 -41.24 27.48
N VAL E 91 51.24 -42.27 27.45
CA VAL E 91 51.36 -43.35 26.49
C VAL E 91 50.08 -43.38 25.68
N TYR E 92 50.21 -43.50 24.37
CA TYR E 92 49.12 -43.19 23.45
C TYR E 92 48.84 -44.42 22.60
N TYR E 93 47.75 -45.11 22.91
CA TYR E 93 47.41 -46.33 22.21
C TYR E 93 46.41 -46.07 21.11
N CYS E 94 46.13 -47.10 20.32
CA CYS E 94 45.16 -46.99 19.24
C CYS E 94 43.97 -47.91 19.53
N GLN E 95 43.32 -48.38 18.48
CA GLN E 95 42.17 -49.27 18.63
C GLN E 95 42.00 -50.16 17.41
N GLN E 96 40.83 -50.77 17.27
CA GLN E 96 40.55 -51.66 16.15
C GLN E 96 39.07 -51.67 15.79
N TYR E 97 38.21 -51.64 16.81
CA TYR E 97 36.77 -51.64 16.59
C TYR E 97 36.24 -53.05 16.29
N TYR E 98 35.33 -53.15 15.32
CA TYR E 98 34.74 -54.42 14.95
C TYR E 98 35.77 -55.55 14.91
N SER E 99 37.05 -55.20 14.83
CA SER E 99 38.12 -56.19 14.79
C SER E 99 37.95 -57.23 15.90
N THR E 100 38.55 -56.94 17.05
CA THR E 100 38.48 -57.81 18.21
C THR E 100 39.31 -57.23 19.36
N PRO E 101 40.63 -57.22 19.21
CA PRO E 101 41.52 -56.69 20.23
C PRO E 101 42.01 -55.30 19.89
N LEU E 102 43.12 -54.89 20.48
CA LEU E 102 43.70 -53.58 20.22
C LEU E 102 45.18 -53.67 19.92
N THR E 103 45.85 -52.53 19.88
CA THR E 103 47.27 -52.48 19.60
C THR E 103 47.77 -51.06 19.42
N PHE E 104 48.82 -50.71 20.12
CA PHE E 104 49.39 -49.36 20.04
C PHE E 104 50.46 -49.15 21.10
N GLY E 105 51.36 -48.20 20.84
CA GLY E 105 52.43 -47.91 21.78
C GLY E 105 53.17 -46.65 21.40
N GLY E 106 53.19 -45.68 22.32
CA GLY E 106 53.86 -44.41 22.08
C GLY E 106 53.98 -43.58 23.34
N GLY E 107 54.83 -42.56 23.29
CA GLY E 107 55.05 -41.68 24.43
C GLY E 107 56.12 -40.65 24.18
N THR E 108 56.34 -39.78 25.16
CA THR E 108 57.36 -38.74 25.04
C THR E 108 57.90 -38.35 26.41
N LYS E 109 58.80 -37.35 26.42
CA LYS E 109 59.40 -36.89 27.66
C LYS E 109 59.86 -35.45 27.55
N VAL E 110 61.12 -35.25 27.19
CA VAL E 110 61.67 -33.92 27.04
C VAL E 110 62.86 -33.91 26.07
N GLU E 111 63.61 -32.83 26.06
CA GLU E 111 64.77 -32.69 25.19
C GLU E 111 65.76 -31.67 25.72
N ILE E 112 65.25 -30.56 26.24
CA ILE E 112 66.08 -29.50 26.79
C ILE E 112 66.72 -28.67 25.68
N LYS E 113 67.72 -27.87 26.05
CA LYS E 113 68.40 -27.03 25.08
C LYS E 113 69.92 -27.19 25.20
N ARG E 114 70.43 -27.15 26.43
CA ARG E 114 71.85 -27.29 26.67
C ARG E 114 72.40 -28.57 26.04
N THR E 115 73.70 -28.79 26.20
CA THR E 115 74.34 -29.98 25.65
C THR E 115 73.60 -31.24 26.04
N VAL E 116 74.01 -32.37 25.47
CA VAL E 116 73.38 -33.65 25.75
C VAL E 116 73.45 -33.99 27.24
N ALA E 117 74.02 -33.08 28.02
CA ALA E 117 74.17 -33.27 29.46
C ALA E 117 74.94 -34.55 29.76
N ALA E 118 74.90 -34.98 31.02
CA ALA E 118 75.59 -36.18 31.44
C ALA E 118 75.17 -36.57 32.86
N PRO E 119 75.25 -37.84 33.19
CA PRO E 119 74.84 -38.27 34.53
C PRO E 119 75.91 -38.00 35.57
N SER E 120 75.46 -37.68 36.77
CA SER E 120 76.32 -37.87 37.93
C SER E 120 76.35 -39.36 38.22
N VAL E 121 77.54 -39.95 38.37
CA VAL E 121 77.66 -41.37 38.67
C VAL E 121 78.12 -41.55 40.11
N PHE E 122 77.68 -42.63 40.74
CA PHE E 122 78.06 -42.93 42.12
C PHE E 122 77.95 -44.43 42.40
N ILE E 123 78.98 -45.00 43.01
CA ILE E 123 78.99 -46.43 43.30
C ILE E 123 78.95 -46.60 44.81
N PHE E 124 78.13 -47.55 45.27
CA PHE E 124 77.94 -47.81 46.69
C PHE E 124 78.37 -49.24 46.99
N PRO E 125 79.31 -49.46 47.89
CA PRO E 125 79.66 -50.83 48.28
C PRO E 125 78.60 -51.43 49.18
N PRO E 126 78.62 -52.75 49.40
CA PRO E 126 77.59 -53.35 50.25
C PRO E 126 77.79 -52.99 51.72
N SER E 127 76.68 -52.79 52.41
CA SER E 127 76.74 -52.43 53.82
C SER E 127 77.19 -53.63 54.66
N ASP E 128 77.88 -53.32 55.76
CA ASP E 128 78.39 -54.37 56.63
C ASP E 128 77.28 -55.26 57.16
N GLU E 129 76.06 -54.72 57.31
CA GLU E 129 74.94 -55.51 57.80
C GLU E 129 74.60 -56.63 56.83
N GLN E 130 74.67 -56.34 55.53
CA GLN E 130 74.29 -57.32 54.53
C GLN E 130 75.32 -58.44 54.41
N LEU E 131 76.60 -58.12 54.56
CA LEU E 131 77.62 -59.16 54.48
C LEU E 131 77.49 -60.15 55.64
N LYS E 132 76.90 -59.72 56.76
CA LYS E 132 76.54 -60.70 57.79
C LYS E 132 75.54 -61.69 57.25
N SER E 133 74.47 -61.18 56.61
CA SER E 133 73.41 -62.02 56.08
C SER E 133 73.92 -63.04 55.07
N GLY E 134 74.99 -62.73 54.36
CA GLY E 134 75.61 -63.64 53.42
C GLY E 134 75.44 -63.30 51.96
N THR E 135 75.13 -62.06 51.63
CA THR E 135 74.95 -61.60 50.25
C THR E 135 75.45 -60.16 50.14
N ALA E 136 75.89 -59.78 48.94
CA ALA E 136 76.44 -58.46 48.69
C ALA E 136 75.73 -57.78 47.51
N SER E 137 74.99 -56.70 47.78
CA SER E 137 74.48 -55.86 46.69
C SER E 137 75.44 -54.69 46.48
N VAL E 138 75.78 -54.45 45.21
CA VAL E 138 76.67 -53.37 44.84
C VAL E 138 75.88 -52.44 43.95
N VAL E 139 75.53 -51.27 44.44
CA VAL E 139 74.65 -50.38 43.70
C VAL E 139 75.48 -49.34 42.99
N CYS E 140 75.06 -48.98 41.79
CA CYS E 140 75.67 -47.91 41.02
C CYS E 140 74.55 -47.02 40.54
N LEU E 141 74.68 -45.72 40.81
CA LEU E 141 73.63 -44.77 40.53
C LEU E 141 74.06 -43.82 39.40
N LEU E 142 73.14 -43.51 38.48
CA LEU E 142 73.35 -42.53 37.41
C LEU E 142 72.28 -41.46 37.58
N ASN E 143 72.70 -40.25 37.93
CA ASN E 143 71.74 -39.22 38.36
C ASN E 143 71.48 -38.22 37.25
N ASN E 144 70.23 -37.84 37.08
CA ASN E 144 69.85 -36.89 36.05
C ASN E 144 70.57 -37.14 34.73
N PHE E 145 69.80 -37.20 33.65
CA PHE E 145 70.36 -37.45 32.32
C PHE E 145 69.27 -37.63 31.29
N TYR E 146 69.33 -36.86 30.21
CA TYR E 146 68.35 -36.94 29.14
C TYR E 146 68.46 -38.26 28.38
N PRO E 147 69.53 -38.35 27.50
CA PRO E 147 69.60 -39.64 26.79
C PRO E 147 69.59 -40.83 27.75
N ARG E 148 68.48 -41.57 27.77
CA ARG E 148 68.35 -42.72 28.65
C ARG E 148 69.13 -43.92 28.11
N GLU E 149 69.50 -43.84 26.83
CA GLU E 149 70.25 -44.91 26.19
C GLU E 149 71.65 -45.05 26.79
N ALA E 150 71.71 -45.04 28.12
CA ALA E 150 72.98 -45.17 28.82
C ALA E 150 73.33 -46.64 28.98
N LYS E 151 74.63 -46.94 29.03
CA LYS E 151 75.16 -48.28 29.27
C LYS E 151 75.84 -48.33 30.63
N VAL E 152 75.53 -49.35 31.42
CA VAL E 152 76.18 -49.60 32.70
C VAL E 152 76.93 -50.92 32.58
N GLN E 153 78.25 -50.85 32.54
CA GLN E 153 79.11 -52.03 32.53
C GLN E 153 79.71 -52.20 33.92
N TRP E 154 79.35 -53.28 34.61
CA TRP E 154 80.04 -53.67 35.82
C TRP E 154 81.32 -54.39 35.46
N LYS E 155 82.35 -54.18 36.26
CA LYS E 155 83.60 -54.90 36.11
C LYS E 155 84.03 -55.31 37.50
N VAL E 156 84.47 -56.55 37.64
CA VAL E 156 85.00 -57.04 38.90
C VAL E 156 86.43 -57.49 38.64
N ASP E 157 87.40 -56.79 39.24
CA ASP E 157 88.81 -57.01 38.95
C ASP E 157 89.08 -56.93 37.46
N ASN E 158 88.38 -56.02 36.78
CA ASN E 158 88.54 -55.75 35.35
C ASN E 158 87.93 -56.85 34.47
N ALA E 159 87.03 -57.66 35.01
CA ALA E 159 86.31 -58.65 34.22
C ALA E 159 84.90 -58.15 34.02
N LEU E 160 84.48 -58.00 32.77
CA LEU E 160 83.14 -57.49 32.54
C LEU E 160 82.14 -58.54 33.03
N GLN E 161 81.21 -58.10 33.87
CA GLN E 161 80.26 -58.96 34.58
C GLN E 161 78.95 -59.03 33.80
N SER E 162 78.54 -60.24 33.44
CA SER E 162 77.32 -60.42 32.67
C SER E 162 76.36 -61.33 33.41
N GLY E 163 75.13 -60.85 33.61
CA GLY E 163 74.07 -61.71 34.08
C GLY E 163 73.86 -61.79 35.57
N ASN E 164 74.41 -60.85 36.33
CA ASN E 164 74.11 -60.76 37.76
C ASN E 164 73.75 -59.34 38.14
N SER E 165 73.23 -58.54 37.21
CA SER E 165 72.85 -57.18 37.50
C SER E 165 71.39 -56.97 37.11
N GLN E 166 70.78 -55.92 37.69
CA GLN E 166 69.45 -55.46 37.32
C GLN E 166 69.43 -53.94 37.37
N GLU E 167 68.74 -53.33 36.42
CA GLU E 167 68.59 -51.89 36.34
C GLU E 167 67.12 -51.53 36.51
N SER E 168 66.87 -50.30 36.96
CA SER E 168 65.60 -49.65 36.70
C SER E 168 65.82 -48.16 36.56
N VAL E 169 64.85 -47.50 35.93
CA VAL E 169 64.96 -46.14 35.45
C VAL E 169 63.71 -45.39 35.87
N THR E 170 63.84 -44.11 36.12
CA THR E 170 62.71 -43.35 36.61
C THR E 170 61.95 -42.74 35.44
N GLU E 171 60.72 -42.31 35.70
CA GLU E 171 59.99 -41.56 34.70
C GLU E 171 60.68 -40.22 34.46
N GLN E 172 60.55 -39.73 33.23
CA GLN E 172 61.13 -38.44 32.87
C GLN E 172 60.71 -37.49 33.97
N ASP E 173 61.65 -36.68 34.44
CA ASP E 173 61.38 -35.75 35.53
C ASP E 173 60.53 -34.56 35.06
N SER E 174 59.47 -34.26 35.81
CA SER E 174 58.57 -33.17 35.44
C SER E 174 59.22 -31.79 35.53
N LYS E 175 60.30 -31.63 36.29
CA LYS E 175 60.97 -30.35 36.37
C LYS E 175 62.02 -30.17 35.27
N ASP E 176 63.06 -31.01 35.28
CA ASP E 176 64.19 -30.83 34.38
C ASP E 176 64.25 -31.87 33.26
N SER E 177 63.18 -32.62 33.07
CA SER E 177 63.07 -33.60 31.98
C SER E 177 64.28 -34.53 31.81
N THR E 178 64.82 -35.01 32.93
CA THR E 178 65.94 -35.93 32.93
C THR E 178 65.51 -37.31 33.39
N TYR E 179 66.42 -38.27 33.28
CA TYR E 179 66.18 -39.64 33.71
C TYR E 179 67.26 -40.10 34.68
N SER E 180 66.91 -40.94 35.66
CA SER E 180 67.87 -41.42 36.63
C SER E 180 67.81 -42.94 36.65
N LEU E 181 68.97 -43.58 36.84
CA LEU E 181 69.06 -45.02 36.66
C LEU E 181 69.86 -45.64 37.79
N SER E 182 69.40 -46.80 38.25
CA SER E 182 70.04 -47.52 39.34
C SER E 182 70.30 -48.94 38.89
N SER E 183 71.56 -49.36 38.88
CA SER E 183 71.93 -50.73 38.54
C SER E 183 72.46 -51.43 39.79
N THR E 184 71.95 -52.62 40.07
CA THR E 184 72.34 -53.39 41.25
C THR E 184 73.03 -54.69 40.84
N LEU E 185 74.24 -54.90 41.34
CA LEU E 185 75.00 -56.12 41.11
C LEU E 185 74.88 -56.99 42.34
N THR E 186 74.47 -58.25 42.18
CA THR E 186 74.23 -59.10 43.35
C THR E 186 75.17 -60.30 43.35
N LEU E 187 75.89 -60.47 44.46
CA LEU E 187 76.88 -61.50 44.66
C LEU E 187 76.65 -62.18 46.00
N SER E 188 77.26 -63.35 46.17
CA SER E 188 77.27 -63.96 47.47
C SER E 188 78.37 -63.33 48.32
N LYS E 189 78.26 -63.46 49.65
CA LYS E 189 79.36 -63.00 50.50
C LYS E 189 80.64 -63.71 50.10
N ALA E 190 80.57 -65.03 49.95
CA ALA E 190 81.73 -65.83 49.57
C ALA E 190 82.38 -65.32 48.28
N ASP E 191 81.58 -65.18 47.22
CA ASP E 191 82.14 -64.72 45.95
C ASP E 191 82.58 -63.26 46.01
N TYR E 192 81.90 -62.45 46.83
CA TYR E 192 82.30 -61.05 46.99
C TYR E 192 83.74 -60.96 47.52
N GLU E 193 84.01 -61.67 48.61
CA GLU E 193 85.31 -61.79 49.27
C GLU E 193 86.40 -62.45 48.42
N LYS E 194 86.15 -62.80 47.16
CA LYS E 194 87.16 -63.39 46.28
C LYS E 194 87.82 -62.39 45.34
N HIS E 195 87.33 -61.15 45.29
CA HIS E 195 87.84 -60.13 44.37
C HIS E 195 88.06 -58.82 45.12
N LYS E 196 88.75 -57.86 44.47
CA LYS E 196 89.14 -56.62 45.11
C LYS E 196 88.43 -55.40 44.55
N VAL E 197 88.69 -55.03 43.29
CA VAL E 197 88.17 -53.80 42.71
C VAL E 197 86.77 -54.05 42.18
N TYR E 198 85.80 -53.27 42.64
CA TYR E 198 84.48 -53.24 42.04
C TYR E 198 84.30 -51.91 41.34
N ALA E 199 83.97 -51.96 40.07
CA ALA E 199 83.91 -50.80 39.19
C ALA E 199 82.59 -50.78 38.45
N CYS E 200 82.16 -49.59 38.09
CA CYS E 200 80.91 -49.36 37.38
C CYS E 200 81.24 -48.35 36.29
N GLU E 201 81.19 -48.76 35.03
CA GLU E 201 81.63 -47.90 33.93
C GLU E 201 80.41 -47.46 33.13
N VAL E 202 80.13 -46.17 33.12
CA VAL E 202 78.93 -45.62 32.48
C VAL E 202 79.29 -44.97 31.15
N THR E 203 78.57 -45.34 30.10
CA THR E 203 78.72 -44.77 28.76
C THR E 203 77.49 -43.92 28.46
N HIS E 204 77.68 -42.75 27.87
CA HIS E 204 76.55 -41.84 27.64
C HIS E 204 76.99 -40.73 26.69
N GLN E 205 76.00 -40.18 25.99
CA GLN E 205 76.29 -39.21 24.93
C GLN E 205 76.89 -37.92 25.48
N GLY E 206 76.51 -37.54 26.70
CA GLY E 206 77.09 -36.37 27.33
C GLY E 206 78.49 -36.57 27.89
N LEU E 207 79.01 -37.79 27.84
CA LEU E 207 80.38 -38.10 28.25
C LEU E 207 81.23 -38.30 26.99
N SER E 208 82.38 -37.62 26.94
CA SER E 208 83.28 -37.79 25.80
C SER E 208 83.93 -39.16 25.82
N SER E 209 84.26 -39.67 27.01
CA SER E 209 84.67 -41.05 27.17
C SER E 209 84.09 -41.56 28.48
N PRO E 210 83.90 -42.89 28.61
CA PRO E 210 83.08 -43.39 29.71
C PRO E 210 83.68 -43.07 31.06
N VAL E 211 82.80 -42.96 32.03
CA VAL E 211 83.18 -42.63 33.40
C VAL E 211 83.11 -43.92 34.19
N THR E 212 84.14 -44.18 34.98
CA THR E 212 84.15 -45.32 35.89
C THR E 212 84.23 -44.81 37.31
N LYS E 213 83.28 -45.21 38.14
CA LYS E 213 83.39 -45.05 39.59
C LYS E 213 83.66 -46.41 40.20
N SER E 214 84.63 -46.47 41.13
CA SER E 214 85.05 -47.76 41.64
C SER E 214 85.52 -47.64 43.08
N PHE E 215 85.45 -48.75 43.79
CA PHE E 215 86.00 -48.85 45.14
C PHE E 215 86.79 -50.14 45.25
N ASN E 216 87.48 -50.28 46.36
CA ASN E 216 88.33 -51.42 46.63
C ASN E 216 87.81 -52.08 47.90
N ARG E 217 87.23 -53.28 47.76
CA ARG E 217 86.65 -54.00 48.89
C ARG E 217 87.59 -54.00 50.07
N GLY E 218 87.11 -53.45 51.18
CA GLY E 218 87.85 -53.53 52.42
C GLY E 218 88.81 -52.39 52.68
N GLU E 219 88.62 -51.24 52.03
CA GLU E 219 89.47 -50.06 52.23
C GLU E 219 88.60 -48.91 52.74
N CYS E 220 88.64 -48.67 54.05
CA CYS E 220 87.96 -47.52 54.66
C CYS E 220 88.32 -46.24 53.91
N GLN F 1 42.77 -33.98 -28.24
CA GLN F 1 43.04 -33.52 -26.88
C GLN F 1 44.37 -32.81 -26.84
N VAL F 2 44.67 -32.19 -25.70
CA VAL F 2 45.95 -31.51 -25.54
C VAL F 2 47.06 -32.56 -25.45
N GLN F 3 47.81 -32.69 -26.54
CA GLN F 3 48.83 -33.72 -26.67
C GLN F 3 49.99 -33.16 -27.46
N LEU F 4 51.15 -33.80 -27.31
CA LEU F 4 52.27 -33.57 -28.20
C LEU F 4 52.96 -34.91 -28.40
N VAL F 5 53.15 -35.28 -29.66
CA VAL F 5 53.74 -36.56 -30.01
C VAL F 5 55.04 -36.33 -30.74
N GLN F 6 56.14 -36.80 -30.15
CA GLN F 6 57.45 -36.76 -30.80
C GLN F 6 57.76 -38.14 -31.34
N SER F 7 58.70 -38.18 -32.27
CA SER F 7 59.19 -39.44 -32.81
C SER F 7 60.61 -39.25 -33.30
N GLY F 8 61.37 -40.33 -33.33
CA GLY F 8 62.67 -40.27 -33.94
C GLY F 8 63.84 -40.51 -33.01
N ALA F 9 63.66 -41.36 -32.00
CA ALA F 9 64.76 -41.75 -31.14
C ALA F 9 65.79 -42.52 -31.94
N GLU F 10 66.93 -41.91 -32.21
CA GLU F 10 67.81 -42.44 -33.24
C GLU F 10 69.26 -42.18 -32.86
N VAL F 11 70.16 -42.57 -33.76
CA VAL F 11 71.60 -42.47 -33.56
C VAL F 11 72.21 -41.90 -34.84
N LYS F 12 73.16 -40.98 -34.67
CA LYS F 12 73.83 -40.37 -35.80
C LYS F 12 75.35 -40.48 -35.60
N LYS F 13 76.07 -40.18 -36.68
CA LYS F 13 77.53 -40.14 -36.68
C LYS F 13 77.87 -38.66 -36.70
N PRO F 14 79.03 -38.28 -36.17
CA PRO F 14 79.40 -36.86 -36.13
C PRO F 14 79.61 -36.29 -37.52
N GLY F 15 79.30 -35.01 -37.65
CA GLY F 15 79.33 -34.36 -38.95
C GLY F 15 78.20 -34.82 -39.83
N ALA F 16 76.98 -34.62 -39.36
CA ALA F 16 75.81 -35.06 -40.10
C ALA F 16 74.65 -34.13 -39.75
N SER F 17 73.43 -34.58 -40.00
CA SER F 17 72.27 -33.72 -39.85
C SER F 17 71.08 -34.56 -39.44
N VAL F 18 70.12 -33.97 -38.74
CA VAL F 18 68.97 -34.71 -38.25
C VAL F 18 67.73 -33.81 -38.23
N LYS F 19 66.58 -34.42 -38.47
CA LYS F 19 65.28 -33.75 -38.43
C LYS F 19 64.39 -34.44 -37.41
N VAL F 20 63.75 -33.65 -36.56
CA VAL F 20 62.97 -34.19 -35.46
C VAL F 20 61.56 -33.58 -35.50
N SER F 21 60.56 -34.40 -35.21
CA SER F 21 59.16 -34.06 -35.41
C SER F 21 58.40 -34.00 -34.09
N CYS F 22 57.42 -33.11 -34.04
CA CYS F 22 56.47 -33.03 -32.93
C CYS F 22 55.08 -32.89 -33.54
N LYS F 23 54.24 -33.89 -33.29
CA LYS F 23 52.87 -33.89 -33.79
C LYS F 23 51.93 -33.39 -32.70
N ALA F 24 51.05 -32.46 -33.06
CA ALA F 24 50.10 -31.88 -32.12
C ALA F 24 48.69 -32.35 -32.42
N SER F 25 47.79 -32.08 -31.47
CA SER F 25 46.39 -32.47 -31.58
C SER F 25 45.58 -31.63 -30.61
N GLY F 26 44.26 -31.68 -30.78
CA GLY F 26 43.32 -31.07 -29.86
C GLY F 26 43.41 -29.57 -29.74
N TYR F 27 43.87 -28.89 -30.79
CA TYR F 27 44.00 -27.44 -30.78
C TYR F 27 43.98 -26.87 -32.19
N THR F 28 43.91 -25.56 -32.29
CA THR F 28 43.89 -24.88 -33.59
C THR F 28 45.26 -24.88 -34.23
N PHE F 29 46.25 -25.40 -33.51
CA PHE F 29 47.62 -25.45 -34.00
C PHE F 29 48.21 -24.05 -34.15
N THR F 30 48.03 -23.45 -35.32
CA THR F 30 48.54 -22.11 -35.59
C THR F 30 47.91 -21.09 -34.65
N SER F 31 48.36 -21.07 -33.41
CA SER F 31 47.84 -20.15 -32.41
C SER F 31 48.74 -20.10 -31.18
N TYR F 32 49.63 -21.07 -31.06
CA TYR F 32 50.55 -21.14 -29.94
C TYR F 32 51.93 -21.54 -30.42
N ASP F 33 52.93 -20.79 -29.96
CA ASP F 33 54.31 -20.98 -30.38
C ASP F 33 54.97 -22.23 -29.83
N ILE F 34 55.67 -22.94 -30.71
CA ILE F 34 56.37 -24.15 -30.33
C ILE F 34 57.75 -23.75 -29.83
N ASN F 35 58.15 -24.34 -28.71
CA ASN F 35 59.45 -24.11 -28.10
C ASN F 35 60.15 -25.44 -27.77
N TRP F 36 61.40 -25.59 -28.19
CA TRP F 36 62.15 -26.81 -27.96
C TRP F 36 63.21 -26.51 -26.91
N VAL F 37 63.58 -27.53 -26.14
CA VAL F 37 64.64 -27.38 -25.16
C VAL F 37 65.60 -28.55 -25.29
N ARG F 38 66.85 -28.29 -24.93
CA ARG F 38 67.83 -29.36 -24.77
C ARG F 38 67.82 -29.84 -23.33
N GLN F 39 68.31 -31.04 -23.13
CA GLN F 39 68.52 -31.59 -21.78
C GLN F 39 69.57 -32.68 -21.92
N ALA F 40 70.70 -32.48 -21.26
CA ALA F 40 71.76 -33.46 -21.24
C ALA F 40 71.43 -34.55 -20.22
N THR F 41 72.42 -35.36 -19.88
CA THR F 41 72.22 -36.36 -18.86
C THR F 41 72.35 -35.68 -17.49
N GLY F 42 71.22 -35.44 -16.85
CA GLY F 42 71.19 -34.87 -15.52
C GLY F 42 71.69 -33.45 -15.46
N GLN F 43 71.11 -32.57 -16.27
CA GLN F 43 71.58 -31.19 -16.39
C GLN F 43 70.37 -30.28 -16.47
N GLY F 44 70.59 -29.05 -16.92
CA GLY F 44 69.54 -28.07 -17.08
C GLY F 44 69.01 -28.03 -18.50
N LEU F 45 68.35 -26.93 -18.84
CA LEU F 45 67.72 -26.77 -20.14
C LEU F 45 68.16 -25.46 -20.79
N GLU F 46 67.72 -25.25 -22.03
CA GLU F 46 68.07 -24.03 -22.76
C GLU F 46 67.18 -23.86 -23.98
N TRP F 47 67.71 -23.18 -25.00
CA TRP F 47 66.96 -22.95 -26.23
C TRP F 47 65.76 -22.05 -25.99
N MET F 48 65.88 -20.79 -26.41
CA MET F 48 64.80 -19.82 -26.24
C MET F 48 63.65 -20.10 -27.19
N GLY F 49 62.48 -19.59 -26.85
CA GLY F 49 61.29 -19.78 -27.68
C GLY F 49 61.46 -19.22 -29.08
N TRP F 50 60.59 -19.65 -29.99
CA TRP F 50 60.64 -19.19 -31.37
C TRP F 50 59.55 -19.85 -32.22
N MET F 51 59.33 -19.31 -33.40
CA MET F 51 58.31 -19.85 -34.31
C MET F 51 56.91 -19.44 -33.87
N ASN F 52 56.03 -19.25 -34.84
CA ASN F 52 54.65 -18.86 -34.57
C ASN F 52 53.65 -19.59 -35.45
N PRO F 53 52.36 -19.53 -35.11
CA PRO F 53 51.34 -20.19 -35.91
C PRO F 53 51.48 -19.80 -37.38
N ASN F 54 51.14 -18.56 -37.71
CA ASN F 54 51.23 -18.07 -39.08
C ASN F 54 52.66 -17.64 -39.44
N SER F 55 53.14 -18.11 -40.58
CA SER F 55 54.48 -17.76 -41.04
C SER F 55 55.50 -17.89 -39.92
N GLY F 56 55.52 -16.89 -39.03
CA GLY F 56 56.45 -16.89 -37.92
C GLY F 56 57.88 -16.67 -38.34
N ASN F 57 58.48 -15.59 -37.87
CA ASN F 57 59.86 -15.26 -38.21
C ASN F 57 60.85 -16.26 -37.61
N THR F 58 60.53 -16.77 -36.44
CA THR F 58 61.39 -17.74 -35.76
C THR F 58 62.61 -17.06 -35.14
N GLY F 59 63.02 -17.53 -33.97
CA GLY F 59 64.17 -16.98 -33.28
C GLY F 59 65.29 -17.98 -33.11
N TYR F 60 66.14 -17.75 -32.11
CA TYR F 60 67.26 -18.64 -31.86
C TYR F 60 67.86 -18.38 -30.47
N ALA F 61 68.88 -19.15 -30.13
CA ALA F 61 69.55 -19.00 -28.84
C ALA F 61 70.97 -18.49 -28.95
N GLN F 62 71.39 -18.06 -30.14
CA GLN F 62 72.57 -17.25 -30.42
C GLN F 62 73.90 -17.96 -30.23
N LYS F 63 73.90 -19.13 -29.63
CA LYS F 63 75.02 -20.04 -29.77
C LYS F 63 74.66 -21.22 -30.63
N PHE F 64 73.38 -21.40 -30.88
CA PHE F 64 72.90 -22.30 -31.90
C PHE F 64 72.35 -21.39 -32.98
N GLN F 65 73.15 -21.17 -34.01
CA GLN F 65 72.76 -20.32 -35.13
C GLN F 65 73.37 -20.91 -36.39
N GLY F 66 72.58 -20.97 -37.44
CA GLY F 66 73.05 -21.58 -38.67
C GLY F 66 72.76 -23.06 -38.71
N ARG F 67 73.13 -23.79 -37.66
CA ARG F 67 72.83 -25.21 -37.60
C ARG F 67 71.36 -25.48 -37.38
N VAL F 68 70.65 -24.49 -36.89
CA VAL F 68 69.27 -24.64 -36.46
C VAL F 68 68.31 -24.15 -37.55
N THR F 69 67.32 -24.98 -37.84
CA THR F 69 66.29 -24.63 -38.83
C THR F 69 64.97 -25.24 -38.39
N MET F 70 63.90 -24.47 -38.55
CA MET F 70 62.59 -24.77 -38.00
C MET F 70 61.60 -24.77 -39.15
N THR F 71 61.03 -25.93 -39.45
CA THR F 71 60.06 -26.06 -40.54
C THR F 71 58.81 -26.80 -40.06
N ARG F 72 57.65 -26.32 -40.49
CA ARG F 72 56.37 -26.94 -40.12
C ARG F 72 55.46 -27.10 -41.32
N ASN F 73 54.32 -27.73 -41.12
CA ASN F 73 53.35 -27.95 -42.18
C ASN F 73 51.92 -27.66 -41.75
N THR F 74 51.23 -26.82 -42.51
CA THR F 74 49.85 -26.45 -42.20
C THR F 74 48.88 -27.52 -42.67
N SER F 75 49.38 -28.75 -42.82
CA SER F 75 48.55 -29.85 -43.27
C SER F 75 47.95 -30.61 -42.09
N ILE F 76 48.50 -30.39 -40.90
CA ILE F 76 48.02 -31.04 -39.70
C ILE F 76 48.56 -30.35 -38.45
N SER F 77 49.50 -29.43 -38.64
CA SER F 77 50.09 -28.70 -37.52
C SER F 77 51.19 -29.52 -36.84
N THR F 78 52.26 -29.80 -37.58
CA THR F 78 53.37 -30.57 -37.03
C THR F 78 54.69 -29.81 -37.18
N ALA F 79 55.19 -29.31 -36.05
CA ALA F 79 56.44 -28.56 -36.06
C ALA F 79 57.64 -29.49 -36.03
N TYR F 80 58.73 -29.07 -36.68
CA TYR F 80 59.94 -29.87 -36.74
C TYR F 80 61.16 -29.06 -36.34
N MET F 81 62.34 -29.62 -36.54
CA MET F 81 63.59 -28.95 -36.20
C MET F 81 64.70 -29.70 -36.90
N GLU F 82 65.52 -28.96 -37.64
CA GLU F 82 66.61 -29.54 -38.40
C GLU F 82 67.92 -29.03 -37.84
N LEU F 83 68.70 -29.93 -37.27
CA LEU F 83 70.04 -29.64 -36.79
C LEU F 83 71.07 -30.18 -37.76
N SER F 84 72.20 -29.50 -37.86
CA SER F 84 73.21 -29.86 -38.84
C SER F 84 74.59 -29.75 -38.22
N SER F 85 75.52 -30.52 -38.81
CA SER F 85 76.95 -30.54 -38.47
C SER F 85 77.15 -30.91 -37.00
N LEU F 86 76.74 -32.13 -36.69
CA LEU F 86 76.73 -32.57 -35.31
C LEU F 86 78.15 -32.91 -34.85
N ARG F 87 78.43 -32.60 -33.58
CA ARG F 87 79.79 -32.62 -33.07
C ARG F 87 79.99 -33.59 -31.91
N SER F 88 79.07 -34.54 -31.74
CA SER F 88 79.20 -35.68 -30.80
C SER F 88 79.32 -35.24 -29.35
N GLU F 89 78.85 -34.05 -29.05
CA GLU F 89 78.62 -33.65 -27.68
C GLU F 89 77.28 -32.95 -27.56
N ASP F 90 76.56 -32.82 -28.67
CA ASP F 90 75.17 -32.36 -28.65
C ASP F 90 74.21 -33.50 -28.41
N THR F 91 74.73 -34.68 -28.11
CA THR F 91 73.91 -35.83 -27.76
C THR F 91 73.15 -35.51 -26.48
N ALA F 92 71.82 -35.52 -26.59
CA ALA F 92 70.96 -35.05 -25.52
C ALA F 92 69.55 -35.57 -25.79
N VAL F 93 68.58 -35.05 -25.05
CA VAL F 93 67.18 -35.27 -25.34
C VAL F 93 66.56 -33.92 -25.65
N TYR F 94 65.54 -33.95 -26.49
CA TYR F 94 64.97 -32.75 -27.08
C TYR F 94 63.46 -32.77 -26.92
N TYR F 95 62.88 -31.62 -26.56
CA TYR F 95 61.49 -31.58 -26.15
C TYR F 95 60.67 -30.64 -27.02
N CYS F 96 59.36 -30.61 -26.75
CA CYS F 96 58.40 -29.70 -27.38
C CYS F 96 57.38 -29.27 -26.34
N ALA F 97 56.86 -28.05 -26.50
CA ALA F 97 55.84 -27.53 -25.59
C ALA F 97 55.08 -26.39 -26.24
N ARG F 98 53.83 -26.20 -25.85
CA ARG F 98 52.94 -25.35 -26.63
C ARG F 98 52.97 -23.90 -26.20
N TYR F 99 53.40 -23.62 -24.98
CA TYR F 99 53.55 -22.24 -24.47
C TYR F 99 52.21 -21.49 -24.50
N ILE F 100 51.28 -21.95 -23.67
CA ILE F 100 49.90 -21.49 -23.76
C ILE F 100 49.78 -20.09 -23.16
N VAL F 101 48.83 -19.31 -23.66
CA VAL F 101 48.64 -17.95 -23.16
C VAL F 101 47.21 -17.72 -22.66
N VAL F 102 47.02 -16.67 -21.88
CA VAL F 102 45.69 -16.37 -21.34
C VAL F 102 45.50 -14.90 -20.99
N VAL F 103 44.70 -14.21 -21.79
CA VAL F 103 44.39 -12.79 -21.59
C VAL F 103 45.59 -11.95 -21.16
N PRO F 104 45.83 -11.83 -19.87
CA PRO F 104 46.97 -11.04 -19.39
C PRO F 104 48.25 -11.43 -20.13
N ALA F 105 48.91 -12.48 -19.65
CA ALA F 105 50.13 -12.98 -20.24
C ALA F 105 50.19 -14.50 -20.14
N ALA F 106 50.66 -15.16 -21.19
CA ALA F 106 50.77 -16.61 -21.22
C ALA F 106 51.41 -17.09 -19.92
N LYS F 107 51.00 -18.28 -19.47
CA LYS F 107 51.53 -18.85 -18.24
C LYS F 107 52.25 -20.17 -18.52
N GLY F 108 53.57 -20.12 -18.54
CA GLY F 108 54.38 -21.30 -18.79
C GLY F 108 53.96 -22.04 -20.03
N PHE F 109 54.50 -23.24 -20.22
CA PHE F 109 54.19 -24.05 -21.39
C PHE F 109 52.94 -24.90 -21.13
N ASP F 110 52.03 -24.92 -22.10
CA ASP F 110 50.80 -25.68 -22.00
C ASP F 110 51.09 -27.16 -21.75
N PRO F 111 51.47 -27.87 -22.81
CA PRO F 111 51.78 -29.30 -22.69
C PRO F 111 53.26 -29.52 -22.52
N TRP F 112 53.73 -30.70 -22.94
CA TRP F 112 55.14 -31.06 -22.84
C TRP F 112 55.43 -32.32 -23.65
N GLY F 113 56.18 -32.15 -24.74
CA GLY F 113 56.53 -33.27 -25.60
C GLY F 113 56.99 -34.47 -24.81
N GLN F 114 56.98 -35.64 -25.46
CA GLN F 114 57.39 -36.87 -24.81
C GLN F 114 58.91 -36.98 -24.84
N GLY F 115 59.56 -36.06 -25.52
CA GLY F 115 61.01 -36.11 -25.60
C GLY F 115 61.47 -37.08 -26.67
N THR F 116 62.73 -36.98 -27.06
CA THR F 116 63.29 -37.89 -28.05
C THR F 116 64.76 -38.13 -27.77
N LEU F 117 65.39 -39.01 -28.53
CA LEU F 117 66.81 -39.28 -28.32
C LEU F 117 67.65 -39.05 -29.55
N VAL F 118 68.74 -38.33 -29.39
CA VAL F 118 69.74 -38.26 -30.44
C VAL F 118 71.10 -38.57 -29.83
N THR F 119 71.73 -39.61 -30.37
CA THR F 119 73.02 -40.07 -29.86
C THR F 119 74.02 -39.94 -30.99
N VAL F 120 75.00 -39.07 -30.80
CA VAL F 120 76.03 -38.85 -31.80
C VAL F 120 77.36 -39.44 -31.36
N SER F 121 77.97 -40.24 -32.22
CA SER F 121 79.24 -40.86 -31.93
C SER F 121 79.59 -41.94 -32.97
N SER F 122 80.84 -41.91 -33.45
CA SER F 122 81.29 -42.86 -34.44
C SER F 122 81.40 -44.26 -33.85
N ALA F 123 80.25 -44.89 -33.61
CA ALA F 123 80.23 -46.24 -33.05
C ALA F 123 79.27 -47.15 -33.82
N SER F 124 78.26 -46.54 -34.43
CA SER F 124 77.27 -47.29 -35.21
C SER F 124 76.37 -48.12 -34.31
N THR F 125 76.87 -49.28 -33.90
CA THR F 125 76.10 -50.17 -33.03
C THR F 125 76.89 -51.44 -32.71
N LYS F 126 76.84 -51.86 -31.46
CA LYS F 126 77.54 -53.06 -31.02
C LYS F 126 76.78 -53.76 -29.91
N GLY F 127 76.96 -55.07 -29.82
CA GLY F 127 76.28 -55.88 -28.86
C GLY F 127 77.01 -55.94 -27.54
N PRO F 128 76.31 -56.28 -26.47
CA PRO F 128 76.92 -56.26 -25.14
C PRO F 128 77.72 -57.53 -24.87
N SER F 129 78.76 -57.38 -24.06
CA SER F 129 79.51 -58.50 -23.53
C SER F 129 79.15 -58.68 -22.06
N VAL F 130 78.80 -59.90 -21.67
CA VAL F 130 78.22 -60.17 -20.36
C VAL F 130 79.19 -61.04 -19.57
N PHE F 131 79.35 -60.71 -18.28
CA PHE F 131 80.02 -61.54 -17.28
C PHE F 131 79.15 -61.65 -16.05
N PRO F 132 79.18 -62.78 -15.34
CA PRO F 132 78.50 -62.86 -14.05
C PRO F 132 79.45 -62.50 -12.90
N LEU F 133 79.03 -61.56 -12.05
CA LEU F 133 79.77 -61.22 -10.85
C LEU F 133 79.22 -62.08 -9.72
N ALA F 134 79.99 -63.08 -9.34
CA ALA F 134 79.65 -64.15 -8.43
C ALA F 134 79.40 -63.61 -7.02
N PRO F 135 78.51 -64.24 -6.27
CA PRO F 135 78.42 -63.92 -4.84
C PRO F 135 79.64 -64.44 -4.11
N SER F 136 80.18 -63.61 -3.21
CA SER F 136 81.40 -63.96 -2.52
C SER F 136 81.30 -63.52 -1.07
N SER F 137 82.19 -64.09 -0.24
CA SER F 137 82.25 -63.69 1.16
C SER F 137 82.66 -62.24 1.31
N LYS F 138 83.43 -61.69 0.38
CA LYS F 138 83.73 -60.27 0.39
C LYS F 138 82.50 -59.43 0.08
N SER F 139 81.51 -60.01 -0.59
CA SER F 139 80.20 -59.40 -0.72
C SER F 139 79.23 -59.88 0.34
N THR F 140 79.50 -61.02 0.97
CA THR F 140 78.61 -61.56 1.99
C THR F 140 78.81 -60.82 3.31
N SER F 141 77.70 -60.59 4.02
CA SER F 141 77.73 -59.97 5.35
C SER F 141 76.51 -60.46 6.13
N GLY F 142 76.74 -61.41 7.03
CA GLY F 142 75.67 -61.87 7.91
C GLY F 142 74.62 -62.65 7.15
N GLY F 143 73.41 -62.08 7.08
CA GLY F 143 72.27 -62.80 6.55
C GLY F 143 72.13 -62.77 5.04
N THR F 144 72.81 -61.86 4.37
CA THR F 144 72.62 -61.67 2.94
C THR F 144 73.96 -61.60 2.20
N ALA F 145 73.91 -61.88 0.90
CA ALA F 145 75.06 -61.78 0.01
C ALA F 145 74.56 -61.35 -1.36
N ALA F 146 75.40 -60.59 -2.07
CA ALA F 146 75.01 -59.95 -3.32
C ALA F 146 75.69 -60.62 -4.51
N LEU F 147 74.96 -60.73 -5.61
CA LEU F 147 75.47 -61.25 -6.87
C LEU F 147 74.85 -60.46 -8.02
N GLY F 148 75.51 -60.46 -9.18
CA GLY F 148 74.99 -59.65 -10.26
C GLY F 148 75.56 -60.03 -11.61
N CYS F 149 75.28 -59.16 -12.58
CA CYS F 149 75.71 -59.37 -13.96
C CYS F 149 76.25 -58.05 -14.52
N LEU F 150 77.41 -58.13 -15.15
CA LEU F 150 78.08 -56.98 -15.75
C LEU F 150 77.91 -57.07 -17.26
N VAL F 151 77.20 -56.10 -17.83
CA VAL F 151 76.94 -56.04 -19.26
C VAL F 151 77.61 -54.79 -19.79
N LYS F 152 78.63 -54.96 -20.63
CA LYS F 152 79.51 -53.86 -20.99
C LYS F 152 79.68 -53.73 -22.49
N ASP F 153 80.34 -52.65 -22.90
CA ASP F 153 80.73 -52.38 -24.29
C ASP F 153 79.60 -52.53 -25.29
N TYR F 154 78.63 -51.63 -25.23
CA TYR F 154 77.59 -51.56 -26.26
C TYR F 154 77.31 -50.10 -26.58
N PHE F 155 77.07 -49.78 -27.84
CA PHE F 155 76.65 -48.43 -28.20
C PHE F 155 75.15 -48.19 -28.05
N PRO F 156 74.27 -49.06 -28.55
CA PRO F 156 72.86 -48.67 -28.67
C PRO F 156 72.15 -48.61 -27.33
N GLU F 157 72.19 -47.42 -26.73
CA GLU F 157 71.88 -47.05 -25.35
C GLU F 157 70.80 -47.90 -24.68
N PRO F 158 69.61 -48.05 -25.26
CA PRO F 158 68.58 -48.83 -24.55
C PRO F 158 68.91 -50.31 -24.50
N VAL F 159 69.26 -50.79 -23.31
CA VAL F 159 69.57 -52.20 -23.07
C VAL F 159 68.93 -52.58 -21.74
N THR F 160 68.54 -53.84 -21.59
CA THR F 160 67.87 -54.21 -20.35
C THR F 160 68.44 -55.54 -19.86
N VAL F 161 68.52 -55.66 -18.53
CA VAL F 161 68.89 -56.89 -17.87
C VAL F 161 67.86 -57.16 -16.79
N SER F 162 67.22 -58.32 -16.86
CA SER F 162 66.28 -58.73 -15.85
C SER F 162 66.87 -59.88 -15.04
N TRP F 163 66.24 -60.20 -13.92
CA TRP F 163 66.66 -61.31 -13.09
C TRP F 163 65.60 -62.39 -13.10
N ASN F 164 65.98 -63.57 -13.61
CA ASN F 164 65.11 -64.74 -13.65
C ASN F 164 63.82 -64.42 -14.38
N SER F 165 63.97 -63.92 -15.62
CA SER F 165 62.85 -63.64 -16.52
C SER F 165 61.84 -62.67 -15.89
N GLY F 166 62.31 -61.82 -14.98
CA GLY F 166 61.45 -60.88 -14.30
C GLY F 166 60.91 -61.34 -12.97
N ALA F 167 61.45 -62.42 -12.40
CA ALA F 167 60.91 -62.96 -11.16
C ALA F 167 61.31 -62.16 -9.92
N LEU F 168 62.61 -61.93 -9.71
CA LEU F 168 63.10 -61.29 -8.49
C LEU F 168 62.98 -59.78 -8.64
N THR F 169 62.25 -59.16 -7.72
CA THR F 169 62.13 -57.71 -7.70
C THR F 169 62.71 -57.16 -6.40
N SER F 170 63.12 -58.05 -5.50
CA SER F 170 63.72 -57.66 -4.24
C SER F 170 65.23 -57.60 -4.38
N GLY F 171 65.79 -56.42 -4.06
CA GLY F 171 67.22 -56.21 -4.12
C GLY F 171 67.79 -56.01 -5.51
N VAL F 172 67.01 -56.29 -6.56
CA VAL F 172 67.46 -56.11 -7.92
C VAL F 172 67.59 -54.61 -8.19
N HIS F 173 68.80 -54.15 -8.47
CA HIS F 173 69.06 -52.75 -8.77
C HIS F 173 70.06 -52.59 -9.92
N THR F 174 69.58 -52.08 -11.06
CA THR F 174 70.43 -51.87 -12.22
C THR F 174 70.98 -50.44 -12.14
N PHE F 175 72.28 -50.33 -12.23
CA PHE F 175 72.88 -49.02 -12.06
C PHE F 175 72.97 -48.30 -13.40
N PRO F 176 72.98 -46.96 -13.37
CA PRO F 176 73.03 -46.21 -14.63
C PRO F 176 74.24 -46.62 -15.45
N ALA F 177 74.01 -46.76 -16.76
CA ALA F 177 75.09 -47.12 -17.64
C ALA F 177 76.15 -46.04 -17.65
N VAL F 178 77.39 -46.44 -17.86
CA VAL F 178 78.50 -45.50 -17.89
C VAL F 178 79.05 -45.46 -19.30
N LEU F 179 79.44 -44.26 -19.73
CA LEU F 179 79.97 -44.04 -21.05
C LEU F 179 81.49 -43.91 -20.96
N GLN F 180 82.19 -44.86 -21.55
CA GLN F 180 83.64 -44.92 -21.45
C GLN F 180 84.28 -43.97 -22.46
N SER F 181 85.61 -43.88 -22.38
CA SER F 181 86.34 -43.11 -23.39
C SER F 181 86.30 -43.79 -24.74
N SER F 182 86.19 -45.12 -24.76
CA SER F 182 86.07 -45.84 -26.01
C SER F 182 84.84 -45.45 -26.80
N GLY F 183 83.87 -44.80 -26.16
CA GLY F 183 82.63 -44.43 -26.79
C GLY F 183 81.49 -45.39 -26.58
N LEU F 184 81.73 -46.51 -25.90
CA LEU F 184 80.70 -47.51 -25.68
C LEU F 184 80.22 -47.48 -24.24
N TYR F 185 78.97 -47.87 -24.04
CA TYR F 185 78.38 -47.87 -22.72
C TYR F 185 78.73 -49.14 -21.96
N SER F 186 78.45 -49.12 -20.67
CA SER F 186 78.64 -50.29 -19.81
C SER F 186 77.82 -50.09 -18.55
N LEU F 187 77.35 -51.18 -17.98
CA LEU F 187 76.60 -51.13 -16.73
C LEU F 187 76.70 -52.48 -16.04
N SER F 188 76.21 -52.50 -14.79
CA SER F 188 76.19 -53.70 -13.97
C SER F 188 74.96 -53.68 -13.06
N SER F 189 74.21 -54.78 -13.04
CA SER F 189 73.00 -54.87 -12.23
C SER F 189 73.22 -55.92 -11.16
N VAL F 190 72.93 -55.58 -9.91
CA VAL F 190 73.23 -56.45 -8.78
C VAL F 190 71.99 -56.61 -7.92
N VAL F 191 71.90 -57.78 -7.27
CA VAL F 191 70.80 -58.11 -6.39
C VAL F 191 71.35 -58.89 -5.20
N THR F 192 70.83 -58.59 -4.01
CA THR F 192 71.19 -59.28 -2.79
C THR F 192 70.16 -60.37 -2.51
N VAL F 193 70.60 -61.44 -1.86
CA VAL F 193 69.80 -62.64 -1.65
C VAL F 193 70.37 -63.30 -0.39
N PRO F 194 69.55 -63.91 0.47
CA PRO F 194 70.06 -64.47 1.73
C PRO F 194 71.29 -65.35 1.53
N SER F 195 72.26 -65.19 2.43
CA SER F 195 73.53 -65.90 2.29
C SER F 195 73.34 -67.41 2.46
N SER F 196 72.23 -67.83 3.07
CA SER F 196 71.92 -69.26 3.08
C SER F 196 71.57 -69.75 1.68
N SER F 197 71.26 -68.84 0.77
CA SER F 197 70.80 -69.16 -0.57
C SER F 197 71.81 -68.77 -1.65
N LEU F 198 73.10 -69.01 -1.43
CA LEU F 198 74.11 -68.64 -2.41
C LEU F 198 73.85 -69.29 -3.76
N GLY F 199 73.93 -70.62 -3.82
CA GLY F 199 73.69 -71.31 -5.08
C GLY F 199 72.34 -71.99 -5.15
N THR F 200 71.59 -71.96 -4.05
CA THR F 200 70.42 -72.83 -3.89
C THR F 200 69.39 -72.65 -5.00
N GLN F 201 68.94 -71.43 -5.25
CA GLN F 201 67.87 -71.21 -6.19
C GLN F 201 68.43 -70.69 -7.51
N THR F 202 67.54 -70.34 -8.43
CA THR F 202 67.94 -69.86 -9.75
C THR F 202 68.14 -68.35 -9.74
N TYR F 203 69.29 -67.91 -10.24
CA TYR F 203 69.58 -66.49 -10.43
C TYR F 203 70.21 -66.34 -11.79
N ILE F 204 69.39 -66.16 -12.82
CA ILE F 204 69.85 -66.05 -14.19
C ILE F 204 69.46 -64.67 -14.70
N CYS F 205 70.45 -63.88 -15.10
CA CYS F 205 70.21 -62.57 -15.67
C CYS F 205 69.92 -62.71 -17.16
N ASN F 206 68.81 -62.11 -17.57
CA ASN F 206 68.30 -62.14 -18.94
C ASN F 206 68.68 -60.81 -19.56
N VAL F 207 69.64 -60.85 -20.49
CA VAL F 207 70.14 -59.67 -21.16
C VAL F 207 69.47 -59.55 -22.51
N ASN F 208 68.79 -58.43 -22.75
CA ASN F 208 68.15 -58.15 -24.02
C ASN F 208 68.58 -56.79 -24.54
N HIS F 209 69.01 -56.77 -25.80
CA HIS F 209 69.48 -55.58 -26.50
C HIS F 209 68.50 -55.35 -27.66
N LYS F 210 67.66 -54.32 -27.53
CA LYS F 210 66.54 -54.10 -28.43
C LYS F 210 66.92 -53.48 -29.78
N PRO F 211 67.85 -52.52 -29.85
CA PRO F 211 68.28 -52.08 -31.19
C PRO F 211 68.90 -53.20 -32.00
N SER F 212 69.77 -54.01 -31.39
CA SER F 212 70.16 -55.27 -31.98
C SER F 212 69.11 -56.31 -31.58
N ASN F 213 69.42 -57.58 -31.74
CA ASN F 213 68.51 -58.65 -31.33
C ASN F 213 69.23 -59.66 -30.43
N THR F 214 69.95 -59.15 -29.44
CA THR F 214 70.71 -59.99 -28.52
C THR F 214 69.86 -60.37 -27.32
N LYS F 215 69.85 -61.67 -27.02
CA LYS F 215 69.13 -62.23 -25.88
C LYS F 215 69.95 -63.37 -25.31
N VAL F 216 70.50 -63.19 -24.11
CA VAL F 216 71.37 -64.19 -23.49
C VAL F 216 71.04 -64.28 -22.01
N ASP F 217 70.97 -65.51 -21.48
CA ASP F 217 70.74 -65.75 -20.06
C ASP F 217 72.02 -66.27 -19.44
N LYS F 218 72.48 -65.60 -18.38
CA LYS F 218 73.72 -65.95 -17.70
C LYS F 218 73.44 -66.27 -16.23
N LYS F 219 73.91 -67.41 -15.77
CA LYS F 219 73.73 -67.84 -14.39
C LYS F 219 74.90 -67.34 -13.55
N VAL F 220 74.60 -66.87 -12.34
CA VAL F 220 75.61 -66.39 -11.40
C VAL F 220 75.67 -67.36 -10.22
N GLU F 221 76.86 -67.89 -9.96
CA GLU F 221 77.08 -68.87 -8.91
C GLU F 221 78.26 -68.43 -8.07
N PRO F 222 78.33 -68.87 -6.81
CA PRO F 222 79.47 -68.50 -5.97
C PRO F 222 80.79 -68.88 -6.60
N LYS F 223 81.84 -68.19 -6.18
CA LYS F 223 83.16 -68.40 -6.75
C LYS F 223 83.66 -69.81 -6.44
N SER F 224 84.39 -70.36 -7.41
CA SER F 224 84.89 -71.74 -7.33
C SER F 224 85.73 -71.98 -6.08
N ASP G 1 71.96 -13.32 -19.98
CA ASP G 1 72.05 -12.15 -19.11
C ASP G 1 71.52 -12.45 -17.71
N ILE G 2 70.20 -12.60 -17.60
CA ILE G 2 69.57 -12.91 -16.32
C ILE G 2 69.84 -14.35 -15.90
N VAL G 3 70.68 -14.52 -14.88
CA VAL G 3 71.01 -15.84 -14.38
C VAL G 3 70.14 -16.22 -13.19
N MET G 4 69.49 -17.37 -13.29
CA MET G 4 68.62 -17.85 -12.22
C MET G 4 69.39 -18.82 -11.34
N THR G 5 70.22 -18.25 -10.48
CA THR G 5 70.96 -19.05 -9.53
C THR G 5 70.05 -19.51 -8.41
N GLN G 6 69.95 -20.82 -8.24
CA GLN G 6 69.15 -21.42 -7.18
C GLN G 6 70.15 -21.91 -6.14
N SER G 7 69.95 -21.54 -4.88
CA SER G 7 70.91 -21.97 -3.86
C SER G 7 70.76 -23.43 -3.42
N PRO G 8 69.62 -23.91 -2.94
CA PRO G 8 69.65 -25.21 -2.26
C PRO G 8 69.58 -26.38 -3.22
N ASP G 9 70.06 -27.53 -2.75
CA ASP G 9 70.26 -28.70 -3.60
C ASP G 9 70.14 -29.95 -2.75
N SER G 10 69.46 -30.97 -3.26
CA SER G 10 69.28 -32.22 -2.52
C SER G 10 68.76 -31.97 -1.11
N LEU G 11 67.48 -31.63 -1.02
CA LEU G 11 66.85 -31.37 0.27
C LEU G 11 66.27 -32.64 0.88
N ALA G 12 66.94 -33.76 0.64
CA ALA G 12 66.50 -35.06 1.16
C ALA G 12 66.09 -34.94 2.62
N VAL G 13 64.84 -34.53 2.86
CA VAL G 13 64.33 -34.37 4.22
C VAL G 13 63.07 -35.22 4.42
N SER G 14 62.82 -35.61 5.67
CA SER G 14 61.65 -36.41 6.00
C SER G 14 60.39 -35.82 5.40
N LEU G 15 59.55 -36.68 4.83
CA LEU G 15 58.30 -36.25 4.22
C LEU G 15 57.50 -35.35 5.16
N GLY G 16 56.69 -34.48 4.59
CA GLY G 16 55.87 -33.57 5.36
C GLY G 16 56.56 -32.25 5.65
N GLU G 17 57.89 -32.26 5.59
CA GLU G 17 58.68 -31.07 5.83
C GLU G 17 58.24 -29.92 4.95
N ARG G 18 58.88 -28.76 5.11
CA ARG G 18 58.54 -27.58 4.33
C ARG G 18 59.78 -27.01 3.63
N ALA G 19 60.08 -27.55 2.46
CA ALA G 19 61.23 -27.10 1.68
C ALA G 19 61.05 -25.65 1.26
N THR G 20 62.17 -24.97 1.00
CA THR G 20 62.17 -23.55 0.66
C THR G 20 63.25 -23.28 -0.37
N ILE G 21 62.85 -23.17 -1.62
CA ILE G 21 63.79 -23.12 -2.74
C ILE G 21 63.83 -21.70 -3.29
N ASN G 22 64.98 -21.06 -3.19
CA ASN G 22 65.11 -19.66 -3.53
C ASN G 22 65.93 -19.51 -4.79
N CYS G 23 65.61 -18.47 -5.56
CA CYS G 23 66.38 -18.09 -6.73
C CYS G 23 66.05 -16.67 -7.16
N LYS G 24 66.97 -16.00 -7.85
CA LYS G 24 66.79 -14.62 -8.27
C LYS G 24 67.81 -14.20 -9.32
N SER G 25 67.41 -13.28 -10.20
CA SER G 25 68.29 -12.37 -10.95
C SER G 25 67.48 -11.33 -11.70
N SER G 26 67.83 -10.04 -11.58
CA SER G 26 67.55 -9.02 -12.59
C SER G 26 66.07 -8.84 -12.93
N GLN G 27 65.30 -8.26 -12.00
CA GLN G 27 63.85 -8.34 -11.83
C GLN G 27 63.01 -8.26 -13.12
N SER G 28 61.88 -8.95 -13.11
CA SER G 28 61.00 -8.97 -14.27
C SER G 28 59.56 -8.66 -13.88
N VAL G 29 59.40 -7.69 -12.97
CA VAL G 29 58.08 -7.29 -12.51
C VAL G 29 57.12 -7.09 -13.67
N LEU G 30 57.64 -6.62 -14.79
CA LEU G 30 56.84 -6.38 -15.99
C LEU G 30 55.78 -5.31 -15.72
N TYR G 31 55.98 -4.13 -16.27
CA TYR G 31 55.04 -3.03 -16.11
C TYR G 31 53.69 -3.36 -16.72
N SER G 32 52.97 -2.32 -17.15
CA SER G 32 51.66 -2.50 -17.76
C SER G 32 50.59 -2.78 -16.71
N SER G 33 50.81 -2.27 -15.50
CA SER G 33 49.87 -2.49 -14.40
C SER G 33 49.78 -3.95 -14.02
N ASN G 34 50.11 -4.83 -14.97
CA ASN G 34 50.06 -6.27 -14.73
C ASN G 34 51.06 -6.70 -13.67
N ASN G 35 51.25 -5.87 -12.65
CA ASN G 35 52.18 -6.17 -11.57
C ASN G 35 51.92 -7.55 -10.97
N LYS G 36 52.44 -8.58 -11.62
CA LYS G 36 52.28 -9.95 -11.14
C LYS G 36 53.63 -10.62 -10.93
N ASN G 37 54.35 -10.85 -12.03
CA ASN G 37 55.66 -11.49 -11.95
C ASN G 37 56.21 -11.82 -13.34
N TYR G 38 56.56 -13.09 -13.54
CA TYR G 38 57.11 -13.53 -14.81
C TYR G 38 58.06 -14.72 -14.65
N LEU G 39 57.49 -15.88 -14.37
CA LEU G 39 58.25 -17.11 -14.18
C LEU G 39 57.40 -18.19 -13.53
N ALA G 40 57.49 -19.41 -14.05
CA ALA G 40 56.72 -20.51 -13.51
C ALA G 40 57.66 -21.40 -12.74
N TRP G 41 57.08 -22.37 -12.04
CA TRP G 41 57.82 -23.36 -11.28
C TRP G 41 57.57 -24.63 -12.07
N TYR G 42 58.50 -25.58 -12.03
CA TYR G 42 58.28 -26.79 -12.80
C TYR G 42 58.56 -28.02 -11.96
N GLN G 43 58.00 -29.13 -12.40
CA GLN G 43 58.26 -30.41 -11.75
C GLN G 43 58.49 -31.45 -12.83
N GLN G 44 59.64 -32.09 -12.78
CA GLN G 44 60.00 -33.12 -13.75
C GLN G 44 60.31 -34.39 -12.99
N LYS G 45 59.47 -35.39 -13.14
CA LYS G 45 59.72 -36.67 -12.54
C LYS G 45 60.89 -37.33 -13.26
N PRO G 46 61.71 -38.12 -12.58
CA PRO G 46 62.84 -38.77 -13.25
C PRO G 46 62.38 -39.79 -14.27
N GLY G 47 62.96 -39.70 -15.46
CA GLY G 47 62.48 -40.51 -16.56
C GLY G 47 61.13 -40.08 -17.06
N GLN G 48 60.87 -38.78 -17.11
CA GLN G 48 59.56 -38.28 -17.49
C GLN G 48 59.74 -36.89 -18.07
N PRO G 49 58.78 -36.42 -18.87
CA PRO G 49 58.78 -35.01 -19.25
C PRO G 49 58.45 -34.15 -18.06
N PRO G 50 58.75 -32.85 -18.10
CA PRO G 50 58.36 -31.96 -17.01
C PRO G 50 56.86 -31.75 -16.94
N LYS G 51 56.45 -31.05 -15.89
CA LYS G 51 55.06 -30.68 -15.69
C LYS G 51 55.03 -29.24 -15.24
N LEU G 52 53.83 -28.70 -15.07
CA LEU G 52 53.70 -27.32 -14.67
C LEU G 52 53.17 -27.23 -13.24
N LEU G 53 53.72 -26.27 -12.51
CA LEU G 53 53.36 -25.92 -11.15
C LEU G 53 53.05 -24.44 -11.15
N ILE G 54 53.17 -23.82 -9.96
CA ILE G 54 52.90 -22.41 -9.70
C ILE G 54 53.44 -21.51 -10.80
N TYR G 55 52.58 -20.66 -11.34
CA TYR G 55 52.97 -19.70 -12.35
C TYR G 55 52.41 -18.34 -12.00
N TRP G 56 52.90 -17.34 -12.75
CA TRP G 56 52.94 -15.92 -12.43
C TRP G 56 53.70 -15.59 -11.16
N ALA G 57 54.38 -16.58 -10.57
CA ALA G 57 54.74 -16.69 -9.15
C ALA G 57 53.53 -16.60 -8.22
N SER G 58 52.33 -16.78 -8.76
CA SER G 58 51.14 -16.33 -8.04
C SER G 58 50.23 -17.48 -7.64
N THR G 59 50.82 -18.57 -7.14
CA THR G 59 50.12 -19.68 -6.50
C THR G 59 49.11 -20.34 -7.45
N ARG G 60 49.31 -20.21 -8.76
CA ARG G 60 48.19 -20.37 -9.67
C ARG G 60 48.04 -21.81 -10.14
N GLU G 61 48.38 -22.77 -9.29
CA GLU G 61 48.42 -24.22 -9.53
C GLU G 61 47.25 -24.80 -10.31
N SER G 62 47.53 -25.74 -11.21
CA SER G 62 46.50 -26.21 -12.13
C SER G 62 46.35 -27.72 -12.08
N GLY G 63 45.28 -28.20 -11.47
CA GLY G 63 45.11 -29.62 -11.23
C GLY G 63 46.14 -30.11 -10.24
N VAL G 64 46.52 -29.23 -9.32
CA VAL G 64 47.66 -29.43 -8.44
C VAL G 64 47.20 -29.15 -7.01
N PRO G 65 47.39 -30.07 -6.07
CA PRO G 65 46.90 -29.85 -4.70
C PRO G 65 47.71 -28.80 -3.96
N ASP G 66 47.18 -28.33 -2.85
CA ASP G 66 47.54 -27.06 -2.23
C ASP G 66 48.93 -27.04 -1.61
N ARG G 67 49.47 -28.21 -1.26
CA ARG G 67 50.74 -28.33 -0.53
C ARG G 67 51.87 -27.70 -1.32
N PHE G 68 51.86 -27.92 -2.62
CA PHE G 68 52.70 -27.16 -3.54
C PHE G 68 52.16 -25.75 -3.62
N SER G 69 52.95 -24.77 -3.22
CA SER G 69 52.45 -23.42 -2.98
C SER G 69 53.60 -22.45 -3.25
N GLY G 70 53.36 -21.46 -4.09
CA GLY G 70 54.40 -20.53 -4.45
C GLY G 70 54.42 -19.27 -3.61
N SER G 71 55.27 -18.34 -4.02
CA SER G 71 55.29 -16.98 -3.52
C SER G 71 55.96 -16.11 -4.57
N GLY G 72 56.17 -14.84 -4.27
CA GLY G 72 56.74 -13.95 -5.27
C GLY G 72 57.05 -12.58 -4.71
N SER G 73 57.94 -11.91 -5.40
CA SER G 73 58.20 -10.48 -5.27
C SER G 73 58.78 -9.98 -6.59
N GLY G 74 59.40 -8.80 -6.55
CA GLY G 74 60.00 -8.23 -7.74
C GLY G 74 61.20 -8.97 -8.30
N THR G 75 62.17 -9.33 -7.47
CA THR G 75 63.36 -10.05 -7.94
C THR G 75 63.46 -11.43 -7.31
N ASP G 76 63.14 -11.54 -6.04
CA ASP G 76 63.32 -12.76 -5.29
C ASP G 76 61.97 -13.42 -5.06
N PHE G 77 62.00 -14.75 -4.93
CA PHE G 77 60.81 -15.53 -4.64
C PHE G 77 61.19 -16.93 -4.19
N THR G 78 60.16 -17.75 -3.99
CA THR G 78 60.37 -19.12 -3.53
C THR G 78 59.15 -19.95 -3.89
N LEU G 79 59.40 -21.17 -4.33
CA LEU G 79 58.46 -22.25 -4.13
C LEU G 79 58.63 -22.68 -2.69
N THR G 80 57.54 -23.13 -2.06
CA THR G 80 57.58 -23.59 -0.67
C THR G 80 56.53 -24.65 -0.42
N ILE G 81 56.76 -25.85 -0.94
CA ILE G 81 55.83 -26.95 -0.77
C ILE G 81 55.64 -27.29 0.71
N SER G 82 54.38 -27.48 1.10
CA SER G 82 54.05 -27.80 2.50
C SER G 82 53.60 -29.25 2.63
N SER G 83 53.69 -29.78 3.85
CA SER G 83 53.28 -31.15 4.11
C SER G 83 53.69 -32.08 2.97
N LEU G 84 54.96 -32.04 2.60
CA LEU G 84 55.47 -32.88 1.52
C LEU G 84 55.10 -34.34 1.72
N GLN G 85 54.84 -35.04 0.63
CA GLN G 85 54.48 -36.46 0.70
C GLN G 85 55.20 -37.26 -0.38
N ALA G 86 55.30 -38.57 -0.16
CA ALA G 86 55.96 -39.46 -1.11
C ALA G 86 55.53 -39.16 -2.54
N GLU G 87 56.46 -39.27 -3.48
CA GLU G 87 56.18 -39.01 -4.90
C GLU G 87 56.24 -37.52 -5.28
N ASP G 88 56.84 -36.69 -4.45
CA ASP G 88 57.13 -35.31 -4.79
C ASP G 88 58.61 -35.16 -5.08
N VAL G 89 59.28 -36.32 -5.11
CA VAL G 89 60.69 -36.40 -5.38
C VAL G 89 60.95 -36.12 -6.84
N ALA G 90 61.45 -34.94 -7.15
CA ALA G 90 61.63 -34.54 -8.53
C ALA G 90 62.73 -33.51 -8.61
N VAL G 91 62.82 -32.88 -9.77
CA VAL G 91 63.76 -31.79 -9.98
C VAL G 91 62.94 -30.56 -10.35
N TYR G 92 63.26 -29.43 -9.74
CA TYR G 92 62.36 -28.28 -9.73
C TYR G 92 63.10 -27.09 -10.33
N TYR G 93 62.73 -26.73 -11.56
CA TYR G 93 63.40 -25.66 -12.26
C TYR G 93 62.61 -24.37 -12.14
N CYS G 94 63.20 -23.28 -12.63
CA CYS G 94 62.56 -21.99 -12.60
C CYS G 94 62.29 -21.53 -14.03
N GLN G 95 62.24 -20.21 -14.23
CA GLN G 95 61.99 -19.64 -15.55
C GLN G 95 62.62 -18.28 -15.69
N GLN G 96 62.20 -17.53 -16.71
CA GLN G 96 62.72 -16.19 -16.95
C GLN G 96 61.69 -15.29 -17.62
N TYR G 97 60.95 -15.85 -18.56
CA TYR G 97 59.92 -15.09 -19.28
C TYR G 97 60.54 -14.24 -20.39
N TYR G 98 60.05 -13.01 -20.53
CA TYR G 98 60.54 -12.09 -21.56
C TYR G 98 62.05 -12.15 -21.74
N SER G 99 62.74 -12.70 -20.73
CA SER G 99 64.19 -12.81 -20.78
C SER G 99 64.66 -13.42 -22.09
N THR G 100 64.76 -14.75 -22.09
CA THR G 100 65.18 -15.50 -23.27
C THR G 100 65.25 -17.00 -22.93
N PRO G 101 66.22 -17.38 -22.11
CA PRO G 101 66.38 -18.78 -21.73
C PRO G 101 65.83 -19.04 -20.34
N LEU G 102 66.31 -20.12 -19.70
CA LEU G 102 65.85 -20.47 -18.37
C LEU G 102 67.03 -20.77 -17.45
N THR G 103 66.74 -21.30 -16.27
CA THR G 103 67.78 -21.63 -15.31
C THR G 103 67.18 -22.05 -13.98
N PHE G 104 67.63 -23.19 -13.47
CA PHE G 104 67.13 -23.70 -12.20
C PHE G 104 67.65 -25.11 -11.94
N GLY G 105 67.69 -25.51 -10.67
CA GLY G 105 68.15 -26.82 -10.30
C GLY G 105 67.88 -27.14 -8.84
N GLY G 106 67.13 -28.19 -8.60
CA GLY G 106 66.79 -28.61 -7.25
C GLY G 106 66.17 -29.99 -7.20
N GLY G 107 66.09 -30.56 -6.00
CA GLY G 107 65.53 -31.87 -5.81
C GLY G 107 65.64 -32.36 -4.38
N THR G 108 65.10 -33.55 -4.12
CA THR G 108 65.13 -34.13 -2.78
C THR G 108 65.11 -35.65 -2.84
N LYS G 109 65.09 -36.29 -1.67
CA LYS G 109 65.07 -37.74 -1.58
C LYS G 109 64.42 -38.20 -0.29
N VAL G 110 65.26 -38.45 0.73
CA VAL G 110 64.77 -38.89 2.02
C VAL G 110 65.73 -38.50 3.14
N GLU G 111 65.54 -39.10 4.31
CA GLU G 111 66.39 -38.81 5.46
C GLU G 111 66.35 -39.96 6.47
N ILE G 112 65.16 -40.51 6.69
CA ILE G 112 64.99 -41.61 7.63
C ILE G 112 65.01 -41.12 9.08
N LYS G 113 65.16 -42.05 10.01
CA LYS G 113 65.19 -41.71 11.43
C LYS G 113 66.38 -42.35 12.12
N ARG G 114 66.58 -43.65 11.87
CA ARG G 114 67.69 -44.38 12.47
C ARG G 114 69.02 -43.70 12.19
N THR G 115 70.10 -44.28 12.70
CA THR G 115 71.43 -43.73 12.51
C THR G 115 71.71 -43.43 11.05
N VAL G 116 72.84 -42.78 10.78
CA VAL G 116 73.22 -42.44 9.41
C VAL G 116 73.34 -43.68 8.53
N ALA G 117 73.04 -44.84 9.12
CA ALA G 117 73.11 -46.10 8.39
C ALA G 117 74.51 -46.32 7.82
N ALA G 118 74.63 -47.30 6.92
CA ALA G 118 75.90 -47.60 6.30
C ALA G 118 75.70 -48.57 5.14
N PRO G 119 76.58 -48.56 4.16
CA PRO G 119 76.42 -49.44 3.02
C PRO G 119 76.90 -50.86 3.32
N SER G 120 76.22 -51.83 2.73
CA SER G 120 76.83 -53.13 2.55
C SER G 120 77.85 -53.00 1.41
N VAL G 121 79.08 -53.44 1.62
CA VAL G 121 80.11 -53.35 0.58
C VAL G 121 80.39 -54.75 0.05
N PHE G 122 80.74 -54.84 -1.23
CA PHE G 122 81.06 -56.11 -1.86
C PHE G 122 81.98 -55.90 -3.07
N ILE G 123 83.04 -56.68 -3.17
CA ILE G 123 83.98 -56.55 -4.28
C ILE G 123 83.90 -57.82 -5.11
N PHE G 124 83.89 -57.64 -6.43
CA PHE G 124 83.77 -58.74 -7.38
C PHE G 124 85.02 -58.78 -8.26
N PRO G 125 85.75 -59.88 -8.29
CA PRO G 125 86.90 -59.99 -9.20
C PRO G 125 86.43 -60.19 -10.64
N PRO G 126 87.31 -60.03 -11.62
CA PRO G 126 86.88 -60.22 -13.01
C PRO G 126 86.62 -61.68 -13.33
N SER G 127 85.58 -61.91 -14.14
CA SER G 127 85.23 -63.27 -14.52
C SER G 127 86.28 -63.86 -15.47
N ASP G 128 86.44 -65.18 -15.39
CA ASP G 128 87.43 -65.85 -16.22
C ASP G 128 87.17 -65.64 -17.71
N GLU G 129 85.90 -65.44 -18.08
CA GLU G 129 85.58 -65.22 -19.49
C GLU G 129 86.20 -63.92 -19.99
N GLN G 130 86.20 -62.90 -19.15
CA GLN G 130 86.70 -61.59 -19.58
C GLN G 130 88.22 -61.59 -19.70
N LEU G 131 88.92 -62.30 -18.82
CA LEU G 131 90.36 -62.36 -18.91
C LEU G 131 90.81 -63.05 -20.20
N LYS G 132 89.97 -63.92 -20.77
CA LYS G 132 90.27 -64.42 -22.11
C LYS G 132 90.27 -63.28 -23.11
N SER G 133 89.22 -62.45 -23.06
CA SER G 133 89.07 -61.32 -23.99
C SER G 133 90.26 -60.36 -23.93
N GLY G 134 90.90 -60.24 -22.77
CA GLY G 134 92.07 -59.41 -22.61
C GLY G 134 91.89 -58.16 -21.79
N THR G 135 90.86 -58.08 -20.98
CA THR G 135 90.57 -56.93 -20.13
C THR G 135 89.96 -57.42 -18.81
N ALA G 136 90.16 -56.65 -17.74
CA ALA G 136 89.70 -57.01 -16.40
C ALA G 136 88.85 -55.87 -15.81
N SER G 137 87.55 -56.11 -15.61
CA SER G 137 86.73 -55.19 -14.82
C SER G 137 86.66 -55.69 -13.38
N VAL G 138 86.89 -54.79 -12.45
CA VAL G 138 86.84 -55.11 -11.03
C VAL G 138 85.74 -54.26 -10.42
N VAL G 139 84.64 -54.88 -10.05
CA VAL G 139 83.48 -54.13 -9.60
C VAL G 139 83.45 -54.11 -8.09
N CYS G 140 83.04 -52.99 -7.53
CA CYS G 140 82.84 -52.84 -6.10
C CYS G 140 81.47 -52.23 -5.90
N LEU G 141 80.65 -52.87 -5.07
CA LEU G 141 79.27 -52.47 -4.88
C LEU G 141 79.06 -51.91 -3.47
N LEU G 142 78.30 -50.83 -3.36
CA LEU G 142 77.91 -50.24 -2.07
C LEU G 142 76.39 -50.26 -2.03
N ASN G 143 75.82 -51.05 -1.13
CA ASN G 143 74.40 -51.34 -1.17
C ASN G 143 73.64 -50.54 -0.11
N ASN G 144 72.49 -50.00 -0.49
CA ASN G 144 71.68 -49.21 0.43
C ASN G 144 72.53 -48.26 1.28
N PHE G 145 72.15 -46.99 1.30
CA PHE G 145 72.86 -45.99 2.07
C PHE G 145 72.31 -44.58 1.81
N TYR G 146 71.96 -43.88 2.88
CA TYR G 146 71.41 -42.54 2.76
C TYR G 146 72.48 -41.55 2.27
N PRO G 147 73.42 -41.17 3.22
CA PRO G 147 74.43 -40.22 2.72
C PRO G 147 75.12 -40.74 1.46
N ARG G 148 74.81 -40.13 0.32
CA ARG G 148 75.40 -40.53 -0.95
C ARG G 148 76.84 -40.03 -1.07
N GLU G 149 77.21 -39.08 -0.22
CA GLU G 149 78.55 -38.52 -0.23
C GLU G 149 79.59 -39.56 0.18
N ALA G 150 79.48 -40.75 -0.39
CA ALA G 150 80.41 -41.83 -0.08
C ALA G 150 81.64 -41.70 -0.95
N LYS G 151 82.78 -42.17 -0.44
CA LYS G 151 84.04 -42.22 -1.18
C LYS G 151 84.43 -43.67 -1.45
N VAL G 152 84.80 -43.97 -2.70
CA VAL G 152 85.30 -45.28 -3.10
C VAL G 152 86.75 -45.11 -3.51
N GLN G 153 87.67 -45.61 -2.70
CA GLN G 153 89.08 -45.61 -3.01
C GLN G 153 89.49 -47.02 -3.43
N TRP G 154 89.88 -47.19 -4.70
CA TRP G 154 90.51 -48.42 -5.13
C TRP G 154 91.97 -48.41 -4.73
N LYS G 155 92.48 -49.58 -4.37
CA LYS G 155 93.89 -49.74 -4.10
C LYS G 155 94.33 -51.01 -4.78
N VAL G 156 95.47 -50.97 -5.44
CA VAL G 156 96.04 -52.15 -6.05
C VAL G 156 97.42 -52.37 -5.43
N ASP G 157 97.57 -53.46 -4.69
CA ASP G 157 98.78 -53.71 -3.91
C ASP G 157 99.09 -52.52 -3.00
N ASN G 158 98.05 -51.90 -2.47
CA ASN G 158 98.14 -50.78 -1.54
C ASN G 158 98.53 -49.48 -2.20
N ALA G 159 98.38 -49.37 -3.52
CA ALA G 159 98.63 -48.13 -4.23
C ALA G 159 97.28 -47.52 -4.60
N LEU G 160 97.02 -46.31 -4.15
CA LEU G 160 95.72 -45.72 -4.46
C LEU G 160 95.65 -45.47 -5.96
N GLN G 161 94.58 -45.97 -6.59
CA GLN G 161 94.39 -45.97 -8.03
C GLN G 161 93.59 -44.76 -8.47
N SER G 162 94.15 -43.95 -9.35
CA SER G 162 93.48 -42.74 -9.80
C SER G 162 93.32 -42.76 -11.32
N GLY G 163 92.08 -42.60 -11.77
CA GLY G 163 91.83 -42.35 -13.18
C GLY G 163 91.58 -43.55 -14.04
N ASN G 164 91.23 -44.70 -13.45
CA ASN G 164 90.80 -45.85 -14.21
C ASN G 164 89.53 -46.45 -13.64
N SER G 165 88.73 -45.64 -12.95
CA SER G 165 87.48 -46.12 -12.37
C SER G 165 86.32 -45.26 -12.88
N GLN G 166 85.12 -45.81 -12.78
CA GLN G 166 83.87 -45.10 -13.04
C GLN G 166 82.83 -45.55 -12.04
N GLU G 167 82.02 -44.60 -11.57
CA GLU G 167 80.93 -44.87 -10.65
C GLU G 167 79.61 -44.54 -11.31
N SER G 168 78.54 -45.18 -10.82
CA SER G 168 77.20 -44.62 -10.97
C SER G 168 76.37 -44.99 -9.76
N VAL G 169 75.28 -44.23 -9.57
CA VAL G 169 74.49 -44.24 -8.35
C VAL G 169 73.04 -44.31 -8.75
N THR G 170 72.23 -44.94 -7.92
CA THR G 170 70.83 -45.13 -8.27
C THR G 170 70.00 -43.97 -7.74
N GLU G 171 68.80 -43.84 -8.26
CA GLU G 171 67.87 -42.88 -7.70
C GLU G 171 67.49 -43.30 -6.29
N GLN G 172 67.19 -42.30 -5.46
CA GLN G 172 66.79 -42.56 -4.09
C GLN G 172 65.71 -43.63 -4.18
N ASP G 173 65.79 -44.64 -3.31
CA ASP G 173 64.84 -45.72 -3.34
C ASP G 173 63.46 -45.32 -2.79
N SER G 174 62.40 -45.64 -3.54
CA SER G 174 61.05 -45.25 -3.14
C SER G 174 60.58 -45.96 -1.87
N LYS G 175 61.16 -47.11 -1.51
CA LYS G 175 60.77 -47.78 -0.29
C LYS G 175 61.55 -47.29 0.93
N ASP G 176 62.87 -47.47 0.95
CA ASP G 176 63.67 -47.17 2.13
C ASP G 176 64.53 -45.93 1.98
N SER G 177 64.29 -45.13 0.95
CA SER G 177 65.01 -43.87 0.72
C SER G 177 66.53 -43.94 0.85
N THR G 178 67.12 -45.00 0.32
CA THR G 178 68.56 -45.20 0.33
C THR G 178 69.13 -45.05 -1.08
N TYR G 179 70.46 -45.05 -1.16
CA TYR G 179 71.17 -44.95 -2.44
C TYR G 179 72.16 -46.12 -2.58
N SER G 180 72.36 -46.60 -3.80
CA SER G 180 73.27 -47.70 -4.05
C SER G 180 74.25 -47.28 -5.12
N LEU G 181 75.51 -47.72 -5.00
CA LEU G 181 76.59 -47.21 -5.84
C LEU G 181 77.45 -48.34 -6.34
N SER G 182 77.85 -48.26 -7.60
CA SER G 182 78.68 -49.27 -8.24
C SER G 182 79.89 -48.58 -8.84
N SER G 183 81.09 -48.96 -8.42
CA SER G 183 82.32 -48.44 -8.99
C SER G 183 83.04 -49.54 -9.74
N THR G 184 83.44 -49.26 -10.98
CA THR G 184 84.11 -50.25 -11.82
C THR G 184 85.55 -49.80 -12.12
N LEU G 185 86.51 -50.66 -11.81
CA LEU G 185 87.92 -50.42 -12.10
C LEU G 185 88.28 -51.23 -13.34
N THR G 186 88.86 -50.58 -14.35
CA THR G 186 89.12 -51.27 -15.62
C THR G 186 90.62 -51.31 -15.91
N LEU G 187 91.13 -52.53 -16.13
CA LEU G 187 92.54 -52.81 -16.36
C LEU G 187 92.69 -53.71 -17.58
N SER G 188 93.90 -53.77 -18.11
CA SER G 188 94.17 -54.76 -19.13
C SER G 188 94.45 -56.10 -18.47
N LYS G 189 94.30 -57.19 -19.23
CA LYS G 189 94.69 -58.49 -18.70
C LYS G 189 96.15 -58.45 -18.27
N ALA G 190 97.02 -57.94 -19.14
CA ALA G 190 98.45 -57.84 -18.85
C ALA G 190 98.71 -57.10 -17.54
N ASP G 191 98.15 -55.89 -17.39
CA ASP G 191 98.39 -55.11 -16.17
C ASP G 191 97.70 -55.75 -14.97
N TYR G 192 96.57 -56.42 -15.18
CA TYR G 192 95.90 -57.10 -14.08
C TYR G 192 96.81 -58.15 -13.45
N GLU G 193 97.38 -59.02 -14.28
CA GLU G 193 98.33 -60.08 -13.94
C GLU G 193 99.65 -59.59 -13.36
N LYS G 194 99.85 -58.29 -13.17
CA LYS G 194 101.09 -57.75 -12.60
C LYS G 194 100.99 -57.45 -11.10
N HIS G 195 99.81 -57.56 -10.51
CA HIS G 195 99.59 -57.24 -9.10
C HIS G 195 98.77 -58.33 -8.43
N LYS G 196 98.70 -58.30 -7.08
CA LYS G 196 98.06 -59.35 -6.32
C LYS G 196 96.77 -58.91 -5.63
N VAL G 197 96.87 -58.01 -4.64
CA VAL G 197 95.71 -57.64 -3.83
C VAL G 197 94.92 -56.54 -4.55
N TYR G 198 93.64 -56.79 -4.77
CA TYR G 198 92.74 -55.75 -5.22
C TYR G 198 91.78 -55.43 -4.09
N ALA G 199 91.71 -54.16 -3.72
CA ALA G 199 90.99 -53.70 -2.56
C ALA G 199 90.10 -52.52 -2.95
N CYS G 200 89.01 -52.37 -2.21
CA CYS G 200 88.03 -51.32 -2.42
C CYS G 200 87.72 -50.76 -1.04
N GLU G 201 88.10 -49.53 -0.76
CA GLU G 201 87.95 -48.96 0.58
C GLU G 201 86.87 -47.90 0.56
N VAL G 202 85.78 -48.13 1.29
CA VAL G 202 84.61 -47.25 1.27
C VAL G 202 84.58 -46.41 2.54
N THR G 203 84.43 -45.09 2.37
CA THR G 203 84.29 -44.14 3.46
C THR G 203 82.86 -43.62 3.48
N HIS G 204 82.27 -43.50 4.68
CA HIS G 204 80.87 -43.11 4.76
C HIS G 204 80.54 -42.75 6.19
N GLN G 205 79.53 -41.89 6.35
CA GLN G 205 79.19 -41.34 7.66
C GLN G 205 78.68 -42.41 8.61
N GLY G 206 78.02 -43.44 8.11
CA GLY G 206 77.57 -44.53 8.94
C GLY G 206 78.66 -45.52 9.33
N LEU G 207 79.87 -45.36 8.80
CA LEU G 207 81.03 -46.15 9.19
C LEU G 207 81.93 -45.34 10.11
N SER G 208 82.30 -45.93 11.26
CA SER G 208 83.19 -45.24 12.17
C SER G 208 84.61 -45.14 11.60
N SER G 209 85.05 -46.16 10.89
CA SER G 209 86.27 -46.09 10.10
C SER G 209 86.05 -46.87 8.82
N PRO G 210 86.79 -46.55 7.76
CA PRO G 210 86.41 -47.05 6.43
C PRO G 210 86.49 -48.57 6.36
N VAL G 211 85.66 -49.11 5.48
CA VAL G 211 85.56 -50.54 5.28
C VAL G 211 86.29 -50.86 4.01
N THR G 212 87.13 -51.89 4.03
CA THR G 212 87.81 -52.37 2.85
C THR G 212 87.36 -53.80 2.58
N LYS G 213 86.85 -54.04 1.38
CA LYS G 213 86.65 -55.40 0.88
C LYS G 213 87.72 -55.68 -0.18
N SER G 214 88.35 -56.85 -0.11
CA SER G 214 89.47 -57.12 -0.98
C SER G 214 89.56 -58.60 -1.30
N PHE G 215 90.18 -58.90 -2.43
CA PHE G 215 90.49 -60.25 -2.82
C PHE G 215 91.94 -60.32 -3.30
N ASN G 216 92.41 -61.53 -3.52
CA ASN G 216 93.77 -61.79 -3.94
C ASN G 216 93.69 -62.51 -5.28
N ARG G 217 94.11 -61.83 -6.35
CA ARG G 217 94.04 -62.40 -7.69
C ARG G 217 94.58 -63.81 -7.71
N GLY G 218 93.75 -64.76 -8.12
CA GLY G 218 94.20 -66.11 -8.33
C GLY G 218 94.09 -67.02 -7.14
N GLU G 219 93.25 -66.68 -6.17
CA GLU G 219 93.04 -67.52 -4.98
C GLU G 219 91.57 -67.94 -4.91
N CYS G 220 91.28 -69.18 -5.34
CA CYS G 220 89.94 -69.76 -5.22
C CYS G 220 89.41 -69.59 -3.80
N GLN H 1 57.87 18.22 13.25
CA GLN H 1 57.56 16.80 13.10
C GLN H 1 58.08 16.05 14.31
N VAL H 2 57.72 14.77 14.39
CA VAL H 2 58.20 13.94 15.49
C VAL H 2 59.70 13.69 15.32
N GLN H 3 60.48 14.39 16.13
CA GLN H 3 61.94 14.37 16.03
C GLN H 3 62.53 14.45 17.42
N LEU H 4 63.78 14.02 17.54
CA LEU H 4 64.57 14.29 18.72
C LEU H 4 66.00 14.54 18.25
N VAL H 5 66.56 15.67 18.67
CA VAL H 5 67.89 16.08 18.25
C VAL H 5 68.80 16.14 19.46
N GLN H 6 69.84 15.30 19.46
CA GLN H 6 70.85 15.34 20.50
C GLN H 6 72.07 16.05 19.96
N SER H 7 72.93 16.51 20.87
CA SER H 7 74.19 17.11 20.49
C SER H 7 75.17 16.93 21.63
N GLY H 8 76.46 16.93 21.30
CA GLY H 8 77.46 16.93 22.33
C GLY H 8 78.36 15.71 22.39
N ALA H 9 78.65 15.12 21.24
CA ALA H 9 79.59 14.01 21.16
C ALA H 9 80.97 14.51 21.55
N GLU H 10 81.45 14.13 22.74
CA GLU H 10 82.58 14.82 23.31
C GLU H 10 83.42 13.84 24.12
N VAL H 11 84.46 14.38 24.75
CA VAL H 11 85.43 13.62 25.51
C VAL H 11 85.68 14.33 26.83
N LYS H 12 85.75 13.58 27.92
CA LYS H 12 86.00 14.13 29.23
C LYS H 12 87.14 13.39 29.89
N LYS H 13 87.63 13.97 30.99
CA LYS H 13 88.67 13.38 31.80
C LYS H 13 87.94 12.86 33.05
N PRO H 14 88.48 11.85 33.71
CA PRO H 14 87.80 11.31 34.89
C PRO H 14 87.77 12.29 36.04
N GLY H 15 86.71 12.19 36.84
CA GLY H 15 86.48 13.15 37.89
C GLY H 15 86.07 14.50 37.34
N ALA H 16 84.97 14.52 36.61
CA ALA H 16 84.51 15.74 35.99
C ALA H 16 82.99 15.66 35.86
N SER H 17 82.43 16.49 34.99
CA SER H 17 80.98 16.60 34.89
C SER H 17 80.62 16.93 33.46
N VAL H 18 79.41 16.54 33.03
CA VAL H 18 78.99 16.76 31.65
C VAL H 18 77.49 17.01 31.60
N LYS H 19 77.07 17.83 30.65
CA LYS H 19 75.67 18.15 30.39
C LYS H 19 75.34 17.79 28.96
N VAL H 20 74.22 17.09 28.76
CA VAL H 20 73.84 16.57 27.45
C VAL H 20 72.42 17.01 27.13
N SER H 21 72.18 17.36 25.87
CA SER H 21 70.96 18.01 25.44
C SER H 21 70.18 17.14 24.46
N CYS H 22 68.85 17.26 24.53
CA CYS H 22 67.95 16.64 23.55
C CYS H 22 66.92 17.69 23.16
N LYS H 23 66.94 18.07 21.89
CA LYS H 23 66.00 19.04 21.37
C LYS H 23 64.82 18.34 20.71
N ALA H 24 63.61 18.77 21.04
CA ALA H 24 62.39 18.17 20.52
C ALA H 24 61.72 19.11 19.54
N SER H 25 60.75 18.57 18.80
CA SER H 25 59.99 19.33 17.82
C SER H 25 58.70 18.57 17.51
N GLY H 26 57.79 19.27 16.84
CA GLY H 26 56.57 18.67 16.34
C GLY H 26 55.61 18.13 17.38
N TYR H 27 55.65 18.71 18.58
CA TYR H 27 54.77 18.27 19.67
C TYR H 27 54.58 19.37 20.70
N THR H 28 53.67 19.15 21.63
CA THR H 28 53.38 20.12 22.68
C THR H 28 54.48 20.13 23.74
N PHE H 29 55.46 19.24 23.58
CA PHE H 29 56.56 19.14 24.52
C PHE H 29 56.09 18.67 25.88
N THR H 30 55.73 19.62 26.74
CA THR H 30 55.24 19.30 28.08
C THR H 30 53.97 18.47 28.03
N SER H 31 54.13 17.18 27.72
CA SER H 31 52.99 16.28 27.64
C SER H 31 53.45 14.82 27.60
N TYR H 32 54.74 14.62 27.36
CA TYR H 32 55.30 13.28 27.29
C TYR H 32 56.64 13.24 27.99
N ASP H 33 56.82 12.26 28.85
CA ASP H 33 58.02 12.12 29.66
C ASP H 33 59.27 11.71 28.90
N ILE H 34 60.37 12.39 29.19
CA ILE H 34 61.64 12.08 28.55
C ILE H 34 62.31 10.99 29.36
N ASN H 35 62.84 10.00 28.65
CA ASN H 35 63.57 8.88 29.26
C ASN H 35 64.91 8.67 28.54
N TRP H 36 65.99 8.57 29.31
CA TRP H 36 67.32 8.38 28.77
C TRP H 36 67.76 6.96 29.08
N VAL H 37 68.60 6.40 28.21
CA VAL H 37 69.14 5.07 28.46
C VAL H 37 70.65 5.10 28.22
N ARG H 38 71.35 4.23 28.91
CA ARG H 38 72.75 3.97 28.63
C ARG H 38 72.86 2.83 27.63
N GLN H 39 74.00 2.77 26.97
CA GLN H 39 74.33 1.66 26.10
C GLN H 39 75.83 1.64 25.96
N ALA H 40 76.45 0.55 26.41
CA ALA H 40 77.88 0.37 26.29
C ALA H 40 78.22 -0.12 24.90
N THR H 41 79.43 -0.60 24.72
CA THR H 41 79.81 -1.16 23.43
C THR H 41 79.27 -2.59 23.35
N GLY H 42 78.19 -2.76 22.61
CA GLY H 42 77.61 -4.07 22.39
C GLY H 42 77.02 -4.69 23.64
N GLN H 43 76.12 -3.97 24.31
CA GLN H 43 75.57 -4.42 25.58
C GLN H 43 74.09 -4.10 25.60
N GLY H 44 73.49 -4.12 26.79
CA GLY H 44 72.10 -3.81 26.98
C GLY H 44 71.88 -2.36 27.35
N LEU H 45 70.70 -2.09 27.91
CA LEU H 45 70.32 -0.73 28.29
C LEU H 45 69.86 -0.68 29.73
N GLU H 46 69.57 0.53 30.22
CA GLU H 46 69.11 0.72 31.58
C GLU H 46 68.51 2.11 31.78
N TRP H 47 68.59 2.61 33.00
CA TRP H 47 68.06 3.94 33.33
C TRP H 47 66.54 3.97 33.19
N MET H 48 65.85 3.96 34.33
CA MET H 48 64.40 3.99 34.34
C MET H 48 63.86 5.36 33.95
N GLY H 49 62.61 5.41 33.51
CA GLY H 49 61.99 6.65 33.09
C GLY H 49 61.94 7.67 34.21
N TRP H 50 61.70 8.93 33.86
CA TRP H 50 61.62 10.00 34.84
C TRP H 50 61.38 11.35 34.17
N MET H 51 61.02 12.35 34.96
CA MET H 51 60.76 13.69 34.44
C MET H 51 59.40 13.76 33.76
N ASN H 52 58.74 14.92 33.85
CA ASN H 52 57.44 15.12 33.24
C ASN H 52 57.31 16.49 32.59
N PRO H 53 56.28 16.68 31.77
CA PRO H 53 56.07 17.97 31.11
C PRO H 53 56.12 19.10 32.13
N ASN H 54 55.10 19.20 32.97
CA ASN H 54 55.03 20.24 33.99
C ASN H 54 55.82 19.88 35.23
N SER H 55 56.65 20.81 35.69
CA SER H 55 57.48 20.60 36.87
C SER H 55 58.16 19.23 36.83
N GLY H 56 57.39 18.19 37.14
CA GLY H 56 57.91 16.84 37.14
C GLY H 56 58.88 16.59 38.28
N ASN H 57 58.54 15.64 39.15
CA ASN H 57 59.38 15.31 40.29
C ASN H 57 60.69 14.65 39.86
N THR H 58 60.64 13.87 38.78
CA THR H 58 61.81 13.18 38.27
C THR H 58 62.18 11.97 39.14
N GLY H 59 62.63 10.91 38.50
CA GLY H 59 63.00 9.70 39.20
C GLY H 59 64.48 9.37 39.04
N TYR H 60 64.81 8.09 39.20
CA TYR H 60 66.20 7.64 39.07
C TYR H 60 66.28 6.12 38.95
N ALA H 61 67.49 5.61 38.82
CA ALA H 61 67.71 4.18 38.69
C ALA H 61 68.42 3.58 39.89
N GLN H 62 68.60 4.34 40.97
CA GLN H 62 68.98 3.90 42.31
C GLN H 62 70.41 3.39 42.45
N LYS H 63 71.09 3.17 41.36
CA LYS H 63 72.54 3.08 41.39
C LYS H 63 73.18 4.29 40.77
N PHE H 64 72.39 5.06 40.04
CA PHE H 64 72.78 6.39 39.62
C PHE H 64 71.91 7.33 40.44
N GLN H 65 72.49 7.84 41.52
CA GLN H 65 71.80 8.77 42.41
C GLN H 65 72.81 9.78 42.90
N GLY H 66 72.42 11.04 42.90
CA GLY H 66 73.35 12.08 43.30
C GLY H 66 74.10 12.63 42.11
N ARG H 67 74.72 11.74 41.33
CA ARG H 67 75.44 12.19 40.14
C ARG H 67 74.50 12.65 39.04
N VAL H 68 73.26 12.24 39.12
CA VAL H 68 72.29 12.47 38.06
C VAL H 68 71.42 13.67 38.38
N THR H 69 71.26 14.54 37.39
CA THR H 69 70.42 15.72 37.51
C THR H 69 69.78 16.02 36.16
N MET H 70 68.51 16.39 36.20
CA MET H 70 67.67 16.51 35.02
C MET H 70 67.10 17.91 35.00
N THR H 71 67.50 18.71 34.00
CA THR H 71 67.01 20.08 33.88
C THR H 71 66.53 20.36 32.46
N ARG H 72 65.40 21.07 32.35
CA ARG H 72 64.84 21.40 31.06
C ARG H 72 64.43 22.88 30.99
N ASN H 73 63.98 23.32 29.82
CA ASN H 73 63.56 24.70 29.63
C ASN H 73 62.26 24.80 28.85
N THR H 74 61.30 25.54 29.42
CA THR H 74 60.00 25.71 28.77
C THR H 74 60.05 26.80 27.71
N SER H 75 61.25 27.05 27.19
CA SER H 75 61.45 28.07 26.16
C SER H 75 61.35 27.47 24.76
N ILE H 76 61.44 26.14 24.69
CA ILE H 76 61.36 25.44 23.41
C ILE H 76 61.12 23.94 23.62
N SER H 77 61.23 23.50 24.87
CA SER H 77 61.02 22.10 25.21
C SER H 77 62.27 21.27 24.91
N THR H 78 63.35 21.57 25.63
CA THR H 78 64.62 20.85 25.45
C THR H 78 65.09 20.25 26.77
N ALA H 79 64.98 18.93 26.89
CA ALA H 79 65.40 18.23 28.10
C ALA H 79 66.90 17.98 28.09
N TYR H 80 67.51 18.01 29.27
CA TYR H 80 68.94 17.79 29.41
C TYR H 80 69.23 16.73 30.47
N MET H 81 70.51 16.58 30.81
CA MET H 81 70.93 15.60 31.81
C MET H 81 72.35 15.98 32.21
N GLU H 82 72.56 16.11 33.52
CA GLU H 82 73.85 16.49 34.05
C GLU H 82 74.40 15.35 34.88
N LEU H 83 75.49 14.76 34.41
CA LEU H 83 76.21 13.73 35.12
C LEU H 83 77.46 14.32 35.75
N SER H 84 77.86 13.78 36.89
CA SER H 84 78.96 14.33 37.64
C SER H 84 79.83 13.21 38.19
N SER H 85 81.11 13.55 38.44
CA SER H 85 82.12 12.69 39.05
C SER H 85 82.32 11.41 38.23
N LEU H 86 82.78 11.61 37.01
CA LEU H 86 82.88 10.52 36.06
C LEU H 86 84.07 9.64 36.40
N ARG H 87 83.90 8.33 36.18
CA ARG H 87 84.85 7.35 36.69
C ARG H 87 85.47 6.50 35.58
N SER H 88 85.41 6.96 34.33
CA SER H 88 86.13 6.38 33.18
C SER H 88 85.74 4.94 32.89
N GLU H 89 84.55 4.55 33.33
CA GLU H 89 83.93 3.34 32.86
C GLU H 89 82.46 3.59 32.57
N ASP H 90 82.00 4.82 32.77
CA ASP H 90 80.68 5.23 32.33
C ASP H 90 80.69 5.70 30.89
N THR H 91 81.82 5.54 30.21
CA THR H 91 81.93 5.85 28.80
C THR H 91 80.98 4.95 28.01
N ALA H 92 80.02 5.58 27.32
CA ALA H 92 78.92 4.87 26.70
C ALA H 92 78.28 5.80 25.68
N VAL H 93 77.12 5.40 25.18
CA VAL H 93 76.27 6.27 24.39
C VAL H 93 74.97 6.44 25.14
N TYR H 94 74.35 7.60 24.94
CA TYR H 94 73.21 8.02 25.74
C TYR H 94 72.09 8.49 24.83
N TYR H 95 70.86 8.11 25.16
CA TYR H 95 69.76 8.30 24.23
C TYR H 95 68.64 9.14 24.85
N CYS H 96 67.62 9.43 24.02
CA CYS H 96 66.41 10.11 24.42
C CYS H 96 65.22 9.50 23.70
N ALA H 97 64.05 9.53 24.34
CA ALA H 97 62.83 9.00 23.72
C ALA H 97 61.61 9.58 24.41
N ARG H 98 60.51 9.68 23.67
CA ARG H 98 59.40 10.50 24.13
C ARG H 98 58.40 9.74 24.98
N TYR H 99 58.35 8.42 24.86
CA TYR H 99 57.49 7.56 25.66
C TYR H 99 56.00 7.92 25.48
N ILE H 100 55.51 7.69 24.26
CA ILE H 100 54.19 8.19 23.88
C ILE H 100 53.10 7.35 24.52
N VAL H 101 51.96 7.96 24.78
CA VAL H 101 50.84 7.25 25.40
C VAL H 101 49.57 7.32 24.54
N VAL H 102 48.62 6.44 24.82
CA VAL H 102 47.38 6.42 24.05
C VAL H 102 46.21 5.80 24.83
N VAL H 103 45.27 6.65 25.23
CA VAL H 103 44.08 6.22 25.96
C VAL H 103 44.35 5.15 27.03
N PRO H 104 44.27 3.89 26.65
CA PRO H 104 44.51 2.80 27.61
C PRO H 104 45.81 3.05 28.37
N ALA H 105 46.92 2.64 27.78
CA ALA H 105 48.24 2.81 28.37
C ALA H 105 49.28 3.08 27.27
N ALA H 106 50.21 4.00 27.56
CA ALA H 106 51.26 4.35 26.62
C ALA H 106 51.86 3.08 26.03
N LYS H 107 52.29 3.15 24.78
CA LYS H 107 52.89 2.00 24.10
C LYS H 107 54.33 2.30 23.70
N GLY H 108 55.27 1.78 24.47
CA GLY H 108 56.68 1.98 24.19
C GLY H 108 57.04 3.45 24.01
N PHE H 109 58.26 3.70 23.57
CA PHE H 109 58.72 5.06 23.34
C PHE H 109 58.34 5.56 21.95
N ASP H 110 57.82 6.78 21.89
CA ASP H 110 57.41 7.37 20.62
C ASP H 110 58.56 7.43 19.63
N PRO H 111 59.46 8.39 19.83
CA PRO H 111 60.61 8.54 18.94
C PRO H 111 61.84 7.84 19.51
N TRP H 112 63.01 8.34 19.14
CA TRP H 112 64.28 7.78 19.60
C TRP H 112 65.44 8.71 19.26
N GLY H 113 66.03 9.33 20.28
CA GLY H 113 67.15 10.22 20.09
C GLY H 113 68.18 9.66 19.13
N GLN H 114 69.03 10.53 18.60
CA GLN H 114 70.07 10.13 17.66
C GLN H 114 71.26 9.57 18.43
N GLY H 115 71.22 9.68 19.75
CA GLY H 115 72.33 9.19 20.55
C GLY H 115 73.46 10.19 20.60
N THR H 116 74.37 10.00 21.55
CA THR H 116 75.52 10.88 21.66
C THR H 116 76.72 10.11 22.18
N LEU H 117 77.88 10.76 22.25
CA LEU H 117 79.07 10.08 22.73
C LEU H 117 79.70 10.77 23.91
N VAL H 118 80.01 10.00 24.95
CA VAL H 118 80.84 10.50 26.03
C VAL H 118 81.96 9.53 26.27
N THR H 119 83.19 10.01 26.13
CA THR H 119 84.37 9.16 26.29
C THR H 119 85.19 9.72 27.43
N VAL H 120 85.29 8.94 28.50
CA VAL H 120 86.04 9.35 29.68
C VAL H 120 87.35 8.58 29.79
N SER H 121 88.45 9.32 29.96
CA SER H 121 89.76 8.70 30.08
C SER H 121 90.87 9.75 30.00
N SER H 122 91.83 9.67 30.91
CA SER H 122 92.94 10.61 30.94
C SER H 122 93.87 10.41 29.75
N ALA H 123 93.41 10.82 28.58
CA ALA H 123 94.20 10.69 27.36
C ALA H 123 94.20 11.99 26.56
N SER H 124 93.15 12.77 26.70
CA SER H 124 93.02 14.04 26.00
C SER H 124 92.79 13.83 24.50
N THR H 125 93.87 13.57 23.77
CA THR H 125 93.78 13.35 22.33
C THR H 125 95.15 13.08 21.74
N LYS H 126 95.23 12.11 20.83
CA LYS H 126 96.48 11.76 20.18
C LYS H 126 96.22 11.26 18.76
N GLY H 127 97.22 11.45 17.91
CA GLY H 127 97.12 11.08 16.52
C GLY H 127 97.52 9.65 16.29
N PRO H 128 97.08 9.08 15.17
CA PRO H 128 97.33 7.66 14.92
C PRO H 128 98.73 7.44 14.34
N SER H 129 99.28 6.27 14.64
CA SER H 129 100.51 5.79 14.02
C SER H 129 100.16 4.69 13.03
N VAL H 130 100.65 4.80 11.80
CA VAL H 130 100.23 3.94 10.70
C VAL H 130 101.41 3.09 10.26
N PHE H 131 101.13 1.81 9.99
CA PHE H 131 102.04 0.89 9.33
C PHE H 131 101.30 0.17 8.21
N PRO H 132 101.98 -0.17 7.12
CA PRO H 132 101.34 -1.01 6.09
C PRO H 132 101.66 -2.48 6.34
N LEU H 133 100.61 -3.31 6.38
CA LEU H 133 100.76 -4.76 6.48
C LEU H 133 100.77 -5.30 5.05
N ALA H 134 101.95 -5.69 4.61
CA ALA H 134 102.27 -6.07 3.26
C ALA H 134 101.54 -7.35 2.86
N PRO H 135 101.20 -7.50 1.58
CA PRO H 135 100.72 -8.79 1.11
C PRO H 135 101.86 -9.80 1.08
N SER H 136 101.59 -11.01 1.55
CA SER H 136 102.63 -12.03 1.66
C SER H 136 102.06 -13.37 1.25
N SER H 137 102.98 -14.30 0.95
CA SER H 137 102.57 -15.66 0.62
C SER H 137 101.88 -16.34 1.80
N LYS H 138 102.22 -15.96 3.03
CA LYS H 138 101.49 -16.46 4.19
C LYS H 138 100.07 -15.93 4.24
N SER H 139 99.82 -14.78 3.60
CA SER H 139 98.48 -14.30 3.38
C SER H 139 97.93 -14.73 2.02
N THR H 140 98.80 -15.09 1.08
CA THR H 140 98.36 -15.50 -0.25
C THR H 140 97.83 -16.93 -0.22
N SER H 141 96.76 -17.17 -0.99
CA SER H 141 96.20 -18.50 -1.15
C SER H 141 95.52 -18.58 -2.52
N GLY H 142 96.20 -19.22 -3.47
CA GLY H 142 95.59 -19.44 -4.77
C GLY H 142 95.44 -18.16 -5.56
N GLY H 143 94.18 -17.76 -5.77
CA GLY H 143 93.90 -16.65 -6.68
C GLY H 143 93.98 -15.27 -6.04
N THR H 144 93.97 -15.19 -4.72
CA THR H 144 93.90 -13.91 -4.03
C THR H 144 94.94 -13.81 -2.93
N ALA H 145 95.26 -12.57 -2.55
CA ALA H 145 96.17 -12.28 -1.45
C ALA H 145 95.71 -10.99 -0.79
N ALA H 146 95.92 -10.89 0.52
CA ALA H 146 95.38 -9.80 1.33
C ALA H 146 96.49 -8.86 1.77
N LEU H 147 96.18 -7.56 1.80
CA LEU H 147 97.07 -6.52 2.30
C LEU H 147 96.24 -5.47 3.04
N GLY H 148 96.89 -4.72 3.92
CA GLY H 148 96.12 -3.77 4.69
C GLY H 148 96.98 -2.71 5.36
N CYS H 149 96.33 -1.98 6.26
CA CYS H 149 96.97 -0.88 6.98
C CYS H 149 96.57 -0.95 8.45
N LEU H 150 97.56 -0.83 9.32
CA LEU H 150 97.37 -0.88 10.76
C LEU H 150 97.52 0.55 11.30
N VAL H 151 96.43 1.07 11.85
CA VAL H 151 96.41 2.43 12.39
C VAL H 151 96.13 2.30 13.89
N LYS H 152 97.10 2.67 14.71
CA LYS H 152 97.07 2.36 16.13
C LYS H 152 97.32 3.58 16.99
N ASP H 153 97.14 3.39 18.30
CA ASP H 153 97.44 4.38 19.34
C ASP H 153 96.86 5.75 19.06
N TYR H 154 95.53 5.86 19.13
CA TYR H 154 94.87 7.14 19.09
C TYR H 154 93.72 7.17 20.10
N PHE H 155 93.52 8.29 20.77
CA PHE H 155 92.36 8.42 21.65
C PHE H 155 91.08 8.83 20.93
N PRO H 156 91.08 9.85 20.07
CA PRO H 156 89.81 10.41 19.62
C PRO H 156 89.06 9.49 18.67
N GLU H 157 88.20 8.65 19.26
CA GLU H 157 87.55 7.46 18.71
C GLU H 157 87.22 7.53 17.22
N PRO H 158 86.53 8.56 16.72
CA PRO H 158 86.19 8.54 15.29
C PRO H 158 87.41 8.74 14.41
N VAL H 159 87.82 7.68 13.72
CA VAL H 159 88.96 7.71 12.80
C VAL H 159 88.55 6.90 11.57
N THR H 160 89.08 7.26 10.40
CA THR H 160 88.67 6.53 9.21
C THR H 160 89.90 6.21 8.37
N VAL H 161 89.85 5.06 7.72
CA VAL H 161 90.85 4.64 6.76
C VAL H 161 90.12 4.17 5.52
N SER H 162 90.43 4.78 4.38
CA SER H 162 89.87 4.38 3.10
C SER H 162 90.96 3.73 2.26
N TRP H 163 90.55 3.08 1.18
CA TRP H 163 91.49 2.47 0.26
C TRP H 163 91.43 3.19 -1.08
N ASN H 164 92.55 3.78 -1.46
CA ASN H 164 92.69 4.47 -2.74
C ASN H 164 91.63 5.56 -2.90
N SER H 165 91.59 6.45 -1.91
CA SER H 165 90.70 7.61 -1.91
C SER H 165 89.23 7.21 -2.06
N GLY H 166 88.89 6.00 -1.61
CA GLY H 166 87.53 5.50 -1.75
C GLY H 166 87.25 4.67 -2.98
N ALA H 167 88.29 4.24 -3.69
CA ALA H 167 88.09 3.50 -4.93
C ALA H 167 87.68 2.04 -4.70
N LEU H 168 88.46 1.28 -3.95
CA LEU H 168 88.23 -0.16 -3.78
C LEU H 168 87.16 -0.37 -2.72
N THR H 169 86.08 -1.05 -3.09
CA THR H 169 85.01 -1.40 -2.16
C THR H 169 84.90 -2.91 -2.04
N SER H 170 85.67 -3.63 -2.85
CA SER H 170 85.69 -5.09 -2.84
C SER H 170 86.76 -5.59 -1.89
N GLY H 171 86.36 -6.38 -0.91
CA GLY H 171 87.27 -6.97 0.05
C GLY H 171 87.75 -6.01 1.14
N VAL H 172 87.52 -4.72 0.99
CA VAL H 172 87.91 -3.74 2.00
C VAL H 172 87.04 -3.94 3.23
N HIS H 173 87.68 -4.30 4.34
CA HIS H 173 86.97 -4.51 5.61
C HIS H 173 87.76 -3.94 6.79
N THR H 174 87.23 -2.88 7.41
CA THR H 174 87.87 -2.25 8.55
C THR H 174 87.32 -2.91 9.81
N PHE H 175 88.21 -3.38 10.64
CA PHE H 175 87.77 -4.11 11.81
C PHE H 175 87.52 -3.16 12.98
N PRO H 176 86.65 -3.53 13.90
CA PRO H 176 86.37 -2.64 15.03
C PRO H 176 87.63 -2.29 15.78
N ALA H 177 87.74 -1.03 16.15
CA ALA H 177 88.90 -0.58 16.90
C ALA H 177 88.96 -1.28 18.25
N VAL H 178 90.16 -1.49 18.74
CA VAL H 178 90.36 -2.14 20.02
C VAL H 178 90.94 -1.14 20.99
N LEU H 179 90.49 -1.23 22.24
CA LEU H 179 90.91 -0.33 23.30
C LEU H 179 91.93 -1.05 24.16
N GLN H 180 93.15 -0.57 24.16
CA GLN H 180 94.25 -1.20 24.87
C GLN H 180 94.24 -0.83 26.35
N SER H 181 95.13 -1.45 27.10
CA SER H 181 95.30 -1.06 28.50
C SER H 181 95.91 0.33 28.62
N SER H 182 96.71 0.73 27.63
CA SER H 182 97.28 2.07 27.64
C SER H 182 96.20 3.15 27.58
N GLY H 183 94.98 2.80 27.22
CA GLY H 183 93.91 3.75 27.10
C GLY H 183 93.69 4.28 25.70
N LEU H 184 94.50 3.88 24.74
CA LEU H 184 94.38 4.35 23.37
C LEU H 184 93.81 3.27 22.47
N TYR H 185 93.13 3.70 21.42
CA TYR H 185 92.51 2.77 20.50
C TYR H 185 93.51 2.30 19.45
N SER H 186 93.11 1.26 18.72
CA SER H 186 93.90 0.74 17.62
C SER H 186 92.99 -0.11 16.74
N LEU H 187 93.30 -0.12 15.44
CA LEU H 187 92.55 -0.94 14.50
C LEU H 187 93.41 -1.24 13.29
N SER H 188 92.89 -2.12 12.44
CA SER H 188 93.57 -2.54 11.21
C SER H 188 92.52 -2.84 10.14
N SER H 189 92.69 -2.28 8.95
CA SER H 189 91.75 -2.50 7.86
C SER H 189 92.47 -3.25 6.74
N VAL H 190 91.85 -4.32 6.26
CA VAL H 190 92.49 -5.21 5.30
C VAL H 190 91.58 -5.42 4.11
N VAL H 191 92.20 -5.64 2.95
CA VAL H 191 91.48 -5.91 1.71
C VAL H 191 92.24 -6.97 0.93
N THR H 192 91.49 -7.88 0.32
CA THR H 192 92.05 -8.92 -0.53
C THR H 192 91.99 -8.47 -1.98
N VAL H 193 92.93 -8.94 -2.80
CA VAL H 193 93.10 -8.50 -4.17
C VAL H 193 93.79 -9.65 -4.90
N PRO H 194 93.46 -9.93 -6.17
CA PRO H 194 94.05 -11.10 -6.85
C PRO H 194 95.56 -11.17 -6.70
N SER H 195 96.04 -12.40 -6.47
CA SER H 195 97.47 -12.59 -6.22
C SER H 195 98.30 -12.28 -7.45
N SER H 196 97.69 -12.26 -8.63
CA SER H 196 98.40 -11.78 -9.81
C SER H 196 98.67 -10.28 -9.71
N SER H 197 97.95 -9.59 -8.83
CA SER H 197 98.02 -8.14 -8.69
C SER H 197 98.65 -7.70 -7.38
N LEU H 198 99.72 -8.35 -6.94
CA LEU H 198 100.36 -7.99 -5.68
C LEU H 198 100.79 -6.52 -5.66
N GLY H 199 101.74 -6.15 -6.53
CA GLY H 199 102.19 -4.78 -6.55
C GLY H 199 101.65 -4.00 -7.74
N THR H 200 100.93 -4.67 -8.64
CA THR H 200 100.63 -4.13 -9.95
C THR H 200 99.90 -2.78 -9.89
N GLN H 201 98.79 -2.71 -9.18
CA GLN H 201 98.00 -1.50 -9.17
C GLN H 201 98.25 -0.70 -7.89
N THR H 202 97.48 0.37 -7.71
CA THR H 202 97.64 1.25 -6.57
C THR H 202 96.78 0.76 -5.40
N TYR H 203 97.40 0.63 -4.23
CA TYR H 203 96.71 0.32 -3.00
C TYR H 203 97.26 1.22 -1.91
N ILE H 204 96.68 2.40 -1.78
CA ILE H 204 97.13 3.40 -0.81
C ILE H 204 96.00 3.65 0.17
N CYS H 205 96.25 3.39 1.44
CA CYS H 205 95.29 3.65 2.50
C CYS H 205 95.37 5.12 2.92
N ASN H 206 94.21 5.77 2.92
CA ASN H 206 94.05 7.17 3.24
C ASN H 206 93.53 7.23 4.66
N VAL H 207 94.39 7.67 5.58
CA VAL H 207 94.07 7.75 7.00
C VAL H 207 93.68 9.18 7.32
N ASN H 208 92.47 9.37 7.85
CA ASN H 208 91.99 10.67 8.28
C ASN H 208 91.48 10.59 9.70
N HIS H 209 91.95 11.53 10.53
CA HIS H 209 91.60 11.65 11.94
C HIS H 209 90.89 12.99 12.10
N LYS H 210 89.57 12.95 12.29
CA LYS H 210 88.72 14.13 12.25
C LYS H 210 88.78 15.00 13.50
N PRO H 211 88.84 14.45 14.72
CA PRO H 211 89.04 15.34 15.87
C PRO H 211 90.35 16.10 15.80
N SER H 212 91.44 15.42 15.43
CA SER H 212 92.65 16.12 15.03
C SER H 212 92.52 16.46 13.55
N ASN H 213 93.61 16.81 12.89
CA ASN H 213 93.60 17.08 11.45
C ASN H 213 94.67 16.26 10.73
N THR H 214 94.72 14.97 11.03
CA THR H 214 95.71 14.08 10.44
C THR H 214 95.18 13.46 9.16
N LYS H 215 95.98 13.54 8.09
CA LYS H 215 95.66 12.96 6.79
C LYS H 215 96.95 12.44 6.18
N VAL H 216 97.07 11.12 6.07
CA VAL H 216 98.28 10.48 5.55
C VAL H 216 97.91 9.33 4.64
N ASP H 217 98.59 9.23 3.50
CA ASP H 217 98.39 8.14 2.56
C ASP H 217 99.60 7.20 2.61
N LYS H 218 99.34 5.92 2.85
CA LYS H 218 100.39 4.91 2.97
C LYS H 218 100.19 3.82 1.94
N LYS H 219 101.24 3.53 1.17
CA LYS H 219 101.19 2.49 0.14
C LYS H 219 101.61 1.15 0.75
N VAL H 220 100.91 0.09 0.37
CA VAL H 220 101.21 -1.26 0.83
C VAL H 220 101.72 -2.07 -0.35
N GLU H 221 102.92 -2.63 -0.20
CA GLU H 221 103.58 -3.39 -1.24
C GLU H 221 104.04 -4.72 -0.67
N PRO H 222 104.21 -5.74 -1.52
CA PRO H 222 104.69 -7.04 -1.02
C PRO H 222 106.01 -6.91 -0.28
N LYS H 223 106.26 -7.87 0.60
CA LYS H 223 107.45 -7.85 1.43
C LYS H 223 108.70 -7.95 0.58
N SER H 224 109.75 -7.25 1.03
CA SER H 224 111.01 -7.15 0.30
C SER H 224 111.63 -8.52 0.02
N ASP I 1 64.48 -6.06 39.96
CA ASP I 1 63.64 -7.16 40.44
C ASP I 1 63.27 -8.10 39.31
N ILE I 2 62.39 -7.63 38.41
CA ILE I 2 61.94 -8.43 37.29
C ILE I 2 63.04 -8.53 36.21
N VAL I 3 63.63 -9.72 36.10
CA VAL I 3 64.69 -9.94 35.13
C VAL I 3 64.14 -10.54 33.84
N MET I 4 64.44 -9.90 32.72
CA MET I 4 63.96 -10.36 31.42
C MET I 4 65.05 -11.20 30.76
N THR I 5 65.17 -12.44 31.23
CA THR I 5 66.11 -13.36 30.63
C THR I 5 65.59 -13.86 29.31
N GLN I 6 66.37 -13.63 28.26
CA GLN I 6 66.02 -14.09 26.91
C GLN I 6 66.94 -15.26 26.64
N SER I 7 66.39 -16.39 26.21
CA SER I 7 67.23 -17.57 25.98
C SER I 7 68.03 -17.51 24.67
N PRO I 8 67.45 -17.35 23.48
CA PRO I 8 68.23 -17.63 22.28
C PRO I 8 69.10 -16.45 21.86
N ASP I 9 70.14 -16.76 21.10
CA ASP I 9 71.18 -15.79 20.76
C ASP I 9 71.81 -16.16 19.44
N SER I 10 72.05 -15.18 18.59
CA SER I 10 72.66 -15.43 17.28
C SER I 10 71.91 -16.52 16.53
N LEU I 11 70.73 -16.18 16.01
CA LEU I 11 69.92 -17.14 15.27
C LEU I 11 70.26 -17.10 13.79
N ALA I 12 71.53 -16.88 13.47
CA ALA I 12 71.98 -16.81 12.09
C ALA I 12 71.40 -17.97 11.27
N VAL I 13 70.18 -17.78 10.78
CA VAL I 13 69.52 -18.81 9.98
C VAL I 13 69.12 -18.27 8.61
N SER I 14 69.02 -19.17 7.64
CA SER I 14 68.65 -18.79 6.28
C SER I 14 67.41 -17.90 6.28
N LEU I 15 67.44 -16.85 5.47
CA LEU I 15 66.33 -15.92 5.37
C LEU I 15 65.01 -16.66 5.12
N GLY I 16 63.91 -16.06 5.57
CA GLY I 16 62.60 -16.66 5.39
C GLY I 16 62.20 -17.53 6.56
N GLU I 17 63.20 -18.00 7.31
CA GLU I 17 62.94 -18.85 8.48
C GLU I 17 61.97 -18.19 9.44
N ARG I 18 61.66 -18.89 10.53
CA ARG I 18 60.73 -18.37 11.53
C ARG I 18 61.35 -18.39 12.92
N ALA I 19 62.11 -17.34 13.25
CA ALA I 19 62.75 -17.24 14.55
C ALA I 19 61.73 -17.18 15.65
N THR I 20 62.13 -17.56 16.86
CA THR I 20 61.22 -17.64 18.01
C THR I 20 61.99 -17.23 19.27
N ILE I 21 61.79 -16.00 19.70
CA ILE I 21 62.60 -15.41 20.76
C ILE I 21 61.76 -15.30 22.03
N ASN I 22 62.17 -16.03 23.06
CA ASN I 22 61.39 -16.15 24.26
C ASN I 22 62.07 -15.40 25.40
N CYS I 23 61.25 -14.86 26.30
CA CYS I 23 61.72 -14.23 27.53
C CYS I 23 60.59 -14.09 28.53
N LYS I 24 60.93 -14.05 29.82
CA LYS I 24 59.93 -13.95 30.88
C LYS I 24 60.54 -13.55 32.21
N SER I 25 59.76 -12.85 33.05
CA SER I 25 59.91 -12.78 34.51
C SER I 25 58.73 -12.07 35.13
N SER I 26 58.11 -12.65 36.17
CA SER I 26 57.37 -11.91 37.20
C SER I 26 56.21 -11.06 36.67
N GLN I 27 55.13 -11.72 36.24
CA GLN I 27 54.09 -11.27 35.30
C GLN I 27 53.61 -9.83 35.48
N SER I 28 53.23 -9.21 34.38
CA SER I 28 52.75 -7.82 34.41
C SER I 28 51.42 -7.68 33.66
N VAL I 29 50.54 -8.66 33.84
CA VAL I 29 49.24 -8.65 33.17
C VAL I 29 48.56 -7.29 33.33
N LEU I 30 48.80 -6.64 34.47
CA LEU I 30 48.21 -5.34 34.73
C LEU I 30 46.68 -5.41 34.77
N TYR I 31 46.12 -5.32 35.98
CA TYR I 31 44.67 -5.39 36.15
C TYR I 31 43.99 -4.22 35.47
N SER I 32 42.83 -3.82 35.99
CA SER I 32 42.06 -2.72 35.43
C SER I 32 41.33 -3.14 34.16
N SER I 33 40.99 -4.42 34.08
CA SER I 33 40.28 -4.96 32.93
C SER I 33 41.14 -4.88 31.66
N ASN I 34 42.08 -3.95 31.66
CA ASN I 34 42.97 -3.77 30.52
C ASN I 34 43.86 -4.99 30.28
N ASN I 35 43.30 -6.17 30.51
CA ASN I 35 44.04 -7.41 30.31
C ASN I 35 44.68 -7.49 28.93
N LYS I 36 45.83 -6.85 28.78
CA LYS I 36 46.55 -6.84 27.51
C LYS I 36 47.96 -7.39 27.68
N ASN I 37 48.79 -6.67 28.43
CA ASN I 37 50.18 -7.08 28.66
C ASN I 37 51.00 -5.99 29.37
N TYR I 38 52.12 -5.63 28.76
CA TYR I 38 53.00 -4.61 29.33
C TYR I 38 54.45 -4.82 28.93
N LEU I 39 54.77 -4.55 27.68
CA LEU I 39 56.13 -4.70 27.16
C LEU I 39 56.11 -4.64 25.64
N ALA I 40 57.08 -3.91 25.06
CA ALA I 40 57.15 -3.79 23.62
C ALA I 40 58.34 -4.62 23.17
N TRP I 41 58.46 -4.74 21.86
CA TRP I 41 59.55 -5.45 21.22
C TRP I 41 60.32 -4.33 20.53
N TYR I 42 61.63 -4.49 20.37
CA TYR I 42 62.38 -3.41 19.75
C TYR I 42 63.27 -3.94 18.66
N GLN I 43 63.66 -3.04 17.76
CA GLN I 43 64.62 -3.38 16.72
C GLN I 43 65.63 -2.26 16.61
N GLN I 44 66.89 -2.59 16.77
CA GLN I 44 67.97 -1.62 16.69
C GLN I 44 68.94 -2.09 15.62
N LYS I 45 69.00 -1.35 14.53
CA LYS I 45 69.96 -1.65 13.49
C LYS I 45 71.35 -1.30 14.00
N PRO I 46 72.38 -2.02 13.58
CA PRO I 46 73.74 -1.72 14.06
C PRO I 46 74.22 -0.38 13.54
N GLY I 47 74.76 0.41 14.46
CA GLY I 47 75.08 1.78 14.14
C GLY I 47 73.88 2.66 13.93
N GLN I 48 72.82 2.47 14.71
CA GLN I 48 71.59 3.19 14.53
C GLN I 48 70.86 3.27 15.87
N PRO I 49 69.97 4.23 16.04
CA PRO I 49 69.09 4.19 17.20
C PRO I 49 68.10 3.06 17.07
N PRO I 50 67.48 2.64 18.17
CA PRO I 50 66.45 1.60 18.09
C PRO I 50 65.19 2.09 17.38
N LYS I 51 64.28 1.15 17.17
CA LYS I 51 62.99 1.43 16.57
C LYS I 51 61.94 0.67 17.36
N LEU I 52 60.68 0.87 17.01
CA LEU I 52 59.61 0.20 17.72
C LEU I 52 58.97 -0.87 16.85
N LEU I 53 58.64 -1.98 17.49
CA LEU I 53 57.95 -3.12 16.91
C LEU I 53 56.73 -3.38 17.78
N ILE I 54 56.26 -4.64 17.74
CA ILE I 54 55.08 -5.12 18.46
C ILE I 54 55.04 -4.61 19.89
N TYR I 55 53.92 -4.01 20.26
CA TYR I 55 53.70 -3.53 21.61
C TYR I 55 52.34 -3.97 22.10
N TRP I 56 52.14 -3.75 23.41
CA TRP I 56 51.18 -4.42 24.29
C TRP I 56 51.35 -5.94 24.35
N ALA I 57 52.43 -6.47 23.76
CA ALA I 57 52.57 -7.83 23.24
C ALA I 57 51.49 -8.19 22.21
N SER I 58 50.80 -7.19 21.66
CA SER I 58 49.53 -7.46 21.00
C SER I 58 49.57 -7.16 19.52
N THR I 59 50.65 -7.54 18.85
CA THR I 59 50.79 -7.54 17.39
C THR I 59 50.62 -6.13 16.80
N ARG I 60 50.86 -5.10 17.61
CA ARG I 60 50.27 -3.80 17.30
C ARG I 60 51.18 -2.95 16.42
N GLU I 61 51.94 -3.60 15.55
CA GLU I 61 52.96 -3.03 14.66
C GLU I 61 52.60 -1.71 13.97
N SER I 62 53.55 -0.79 13.88
CA SER I 62 53.24 0.55 13.41
C SER I 62 54.12 0.96 12.24
N GLY I 63 53.57 0.97 11.03
CA GLY I 63 54.35 1.21 9.84
C GLY I 63 55.29 0.04 9.60
N VAL I 64 54.86 -1.15 10.01
CA VAL I 64 55.71 -2.32 10.09
C VAL I 64 54.99 -3.47 9.38
N PRO I 65 55.61 -4.12 8.41
CA PRO I 65 54.92 -5.19 7.68
C PRO I 65 54.73 -6.44 8.52
N ASP I 66 53.86 -7.32 8.04
CA ASP I 66 53.20 -8.34 8.86
C ASP I 66 54.13 -9.45 9.35
N ARG I 67 55.25 -9.68 8.66
CA ARG I 67 56.16 -10.78 8.94
C ARG I 67 56.68 -10.71 10.36
N PHE I 68 57.01 -9.50 10.81
CA PHE I 68 57.24 -9.23 12.21
C PHE I 68 55.92 -9.31 12.94
N SER I 69 55.80 -10.24 13.88
CA SER I 69 54.51 -10.59 14.45
C SER I 69 54.74 -11.07 15.88
N GLY I 70 54.02 -10.49 16.82
CA GLY I 70 54.21 -10.83 18.21
C GLY I 70 53.29 -11.90 18.72
N SER I 71 53.35 -12.13 20.02
CA SER I 71 52.38 -12.92 20.76
C SER I 71 52.45 -12.49 22.22
N GLY I 72 51.73 -13.18 23.09
CA GLY I 72 51.68 -12.75 24.47
C GLY I 72 50.93 -13.72 25.34
N SER I 73 51.24 -13.66 26.63
CA SER I 73 50.46 -14.24 27.71
C SER I 73 50.73 -13.44 28.99
N GLY I 74 50.40 -14.02 30.13
CA GLY I 74 50.63 -13.36 31.40
C GLY I 74 52.07 -13.16 31.80
N THR I 75 52.93 -14.18 31.69
CA THR I 75 54.33 -14.06 32.06
C THR I 75 55.23 -14.29 30.86
N ASP I 76 54.89 -15.26 30.03
CA ASP I 76 55.74 -15.67 28.92
C ASP I 76 55.16 -15.16 27.62
N PHE I 77 56.04 -14.95 26.64
CA PHE I 77 55.64 -14.52 25.31
C PHE I 77 56.79 -14.70 24.34
N THR I 78 56.55 -14.26 23.10
CA THR I 78 57.54 -14.39 22.05
C THR I 78 57.25 -13.36 20.96
N LEU I 79 58.31 -12.76 20.44
CA LEU I 79 58.29 -12.29 19.08
C LEU I 79 58.51 -13.51 18.20
N THR I 80 57.92 -13.51 17.01
CA THR I 80 58.07 -14.63 16.08
C THR I 80 57.97 -14.16 14.64
N ILE I 81 59.00 -13.47 14.17
CA ILE I 81 59.03 -12.97 12.80
C ILE I 81 58.90 -14.10 11.79
N SER I 82 58.05 -13.90 10.79
CA SER I 82 57.83 -14.90 9.75
C SER I 82 58.44 -14.46 8.43
N SER I 83 58.70 -15.43 7.55
CA SER I 83 59.27 -15.15 6.25
C SER I 83 60.34 -14.06 6.34
N LEU I 84 61.31 -14.26 7.23
CA LEU I 84 62.38 -13.29 7.41
C LEU I 84 63.04 -12.95 6.09
N GLN I 85 63.48 -11.70 5.95
CA GLN I 85 64.14 -11.24 4.73
C GLN I 85 65.35 -10.38 5.05
N ALA I 86 66.26 -10.28 4.09
CA ALA I 86 67.47 -9.47 4.27
C ALA I 86 67.15 -8.11 4.89
N GLU I 87 68.04 -7.64 5.75
CA GLU I 87 67.86 -6.34 6.42
C GLU I 87 66.96 -6.42 7.66
N ASP I 88 66.74 -7.61 8.21
CA ASP I 88 66.09 -7.78 9.50
C ASP I 88 67.11 -8.15 10.55
N VAL I 89 68.37 -8.10 10.11
CA VAL I 89 69.50 -8.41 10.95
C VAL I 89 69.71 -7.29 11.95
N ALA I 90 69.34 -7.52 13.19
CA ALA I 90 69.40 -6.47 14.19
C ALA I 90 69.52 -7.12 15.56
N VAL I 91 69.34 -6.31 16.59
CA VAL I 91 69.32 -6.77 17.96
C VAL I 91 67.96 -6.44 18.54
N TYR I 92 67.37 -7.39 19.24
CA TYR I 92 65.95 -7.36 19.54
C TYR I 92 65.77 -7.43 21.05
N TYR I 93 65.45 -6.29 21.66
CA TYR I 93 65.32 -6.22 23.10
C TYR I 93 63.86 -6.35 23.51
N CYS I 94 63.64 -6.43 24.83
CA CYS I 94 62.30 -6.54 25.37
C CYS I 94 61.99 -5.29 26.20
N GLN I 95 61.12 -5.44 27.18
CA GLN I 95 60.74 -4.33 28.05
C GLN I 95 60.31 -4.81 29.43
N GLN I 96 59.64 -3.94 30.17
CA GLN I 96 59.18 -4.29 31.51
C GLN I 96 57.92 -3.52 31.89
N TYR I 97 57.86 -2.25 31.51
CA TYR I 97 56.71 -1.41 31.82
C TYR I 97 56.75 -0.89 33.25
N TYR I 98 55.59 -0.90 33.90
CA TYR I 98 55.48 -0.43 35.28
C TYR I 98 56.66 -0.86 36.15
N SER I 99 57.40 -1.88 35.70
CA SER I 99 58.54 -2.38 36.44
C SER I 99 59.47 -1.25 36.85
N THR I 100 60.43 -0.95 35.99
CA THR I 100 61.40 0.11 36.22
C THR I 100 62.39 0.18 35.06
N PRO I 101 63.25 -0.83 34.95
CA PRO I 101 64.25 -0.87 33.88
C PRO I 101 63.82 -1.80 32.75
N LEU I 102 64.79 -2.27 31.98
CA LEU I 102 64.52 -3.17 30.87
C LEU I 102 65.45 -4.37 30.89
N THR I 103 65.43 -5.15 29.82
CA THR I 103 66.28 -6.33 29.72
C THR I 103 65.94 -7.15 28.49
N PHE I 104 66.95 -7.49 27.70
CA PHE I 104 66.75 -8.28 26.49
C PHE I 104 68.04 -8.34 25.67
N GLY I 105 68.15 -9.38 24.83
CA GLY I 105 69.32 -9.55 23.99
C GLY I 105 69.12 -10.63 22.96
N GLY I 106 69.23 -10.27 21.69
CA GLY I 106 69.07 -11.22 20.61
C GLY I 106 69.53 -10.65 19.27
N GLY I 107 69.69 -11.54 18.29
CA GLY I 107 70.12 -11.13 16.97
C GLY I 107 70.33 -12.31 16.04
N THR I 108 70.67 -12.01 14.79
CA THR I 108 70.91 -13.05 13.79
C THR I 108 71.91 -12.59 12.74
N LYS I 109 72.14 -13.44 11.75
CA LYS I 109 73.09 -13.13 10.67
C LYS I 109 72.75 -13.89 9.40
N VAL I 110 73.37 -15.06 9.22
CA VAL I 110 73.14 -15.88 8.05
C VAL I 110 73.44 -17.35 8.35
N GLU I 111 73.52 -18.15 7.28
CA GLU I 111 73.80 -19.58 7.43
C GLU I 111 74.39 -20.15 6.15
N ILE I 112 73.86 -19.73 5.01
CA ILE I 112 74.33 -20.20 3.71
C ILE I 112 73.83 -21.61 3.41
N LYS I 113 74.42 -22.25 2.41
CA LYS I 113 74.02 -23.59 2.03
C LYS I 113 75.23 -24.51 1.91
N ARG I 114 76.26 -24.03 1.23
CA ARG I 114 77.49 -24.81 1.04
C ARG I 114 78.05 -25.29 2.38
N THR I 115 79.17 -26.00 2.33
CA THR I 115 79.81 -26.51 3.53
C THR I 115 80.01 -25.40 4.56
N VAL I 116 80.45 -25.79 5.75
CA VAL I 116 80.68 -24.83 6.83
C VAL I 116 81.72 -23.80 6.42
N ALA I 117 82.18 -23.88 5.17
CA ALA I 117 83.18 -22.95 4.66
C ALA I 117 84.43 -22.94 5.53
N ALA I 118 85.29 -21.95 5.33
CA ALA I 118 86.52 -21.82 6.08
C ALA I 118 87.16 -20.47 5.82
N PRO I 119 87.95 -19.97 6.77
CA PRO I 119 88.58 -18.67 6.57
C PRO I 119 89.82 -18.76 5.71
N SER I 120 90.05 -17.72 4.93
CA SER I 120 91.40 -17.47 4.44
C SER I 120 92.20 -16.90 5.60
N VAL I 121 93.37 -17.46 5.88
CA VAL I 121 94.22 -16.98 6.97
C VAL I 121 95.42 -16.27 6.39
N PHE I 122 95.91 -15.25 7.10
CA PHE I 122 97.08 -14.50 6.67
C PHE I 122 97.77 -13.85 7.88
N ILE I 123 99.10 -13.99 7.95
CA ILE I 123 99.85 -13.43 9.05
C ILE I 123 100.75 -12.33 8.51
N PHE I 124 100.80 -11.21 9.24
CA PHE I 124 101.57 -10.04 8.83
C PHE I 124 102.64 -9.77 9.88
N PRO I 125 103.91 -9.74 9.53
CA PRO I 125 104.95 -9.37 10.50
C PRO I 125 104.95 -7.87 10.75
N PRO I 126 105.62 -7.39 11.79
CA PRO I 126 105.61 -5.96 12.07
C PRO I 126 106.43 -5.18 11.04
N SER I 127 105.95 -4.00 10.68
CA SER I 127 106.63 -3.17 9.71
C SER I 127 107.92 -2.59 10.30
N ASP I 128 108.92 -2.40 9.43
CA ASP I 128 110.21 -1.88 9.88
C ASP I 128 110.07 -0.53 10.56
N GLU I 129 109.07 0.26 10.17
CA GLU I 129 108.87 1.56 10.80
C GLU I 129 108.54 1.42 12.28
N GLN I 130 107.74 0.42 12.61
CA GLN I 130 107.30 0.24 13.99
C GLN I 130 108.43 -0.25 14.87
N LEU I 131 109.30 -1.11 14.36
CA LEU I 131 110.41 -1.60 15.16
C LEU I 131 111.38 -0.46 15.50
N LYS I 132 111.42 0.60 14.70
CA LYS I 132 112.15 1.79 15.11
C LYS I 132 111.53 2.37 16.38
N SER I 133 110.20 2.53 16.37
CA SER I 133 109.47 3.11 17.50
C SER I 133 109.69 2.34 18.79
N GLY I 134 109.94 1.03 18.70
CA GLY I 134 110.23 0.21 19.85
C GLY I 134 109.15 -0.75 20.26
N THR I 135 108.22 -1.10 19.36
CA THR I 135 107.12 -2.01 19.64
C THR I 135 106.82 -2.81 18.36
N ALA I 136 106.31 -4.03 18.52
CA ALA I 136 106.02 -4.93 17.41
C ALA I 136 104.57 -5.40 17.46
N SER I 137 103.74 -5.00 16.50
CA SER I 137 102.42 -5.61 16.34
C SER I 137 102.50 -6.71 15.29
N VAL I 138 101.94 -7.87 15.61
CA VAL I 138 101.92 -9.00 14.72
C VAL I 138 100.47 -9.32 14.43
N VAL I 139 100.01 -9.03 13.23
CA VAL I 139 98.60 -9.17 12.91
C VAL I 139 98.37 -10.50 12.23
N CYS I 140 97.24 -11.11 12.52
CA CYS I 140 96.80 -12.33 11.88
C CYS I 140 95.36 -12.12 11.46
N LEU I 141 95.07 -12.35 10.19
CA LEU I 141 93.76 -12.08 9.63
C LEU I 141 93.05 -13.38 9.26
N LEU I 142 91.74 -13.45 9.55
CA LEU I 142 90.89 -14.59 9.16
C LEU I 142 89.79 -14.01 8.29
N ASN I 143 89.77 -14.37 7.01
CA ASN I 143 88.91 -13.69 6.05
C ASN I 143 87.69 -14.53 5.73
N ASN I 144 86.53 -13.88 5.64
CA ASN I 144 85.29 -14.57 5.34
C ASN I 144 85.16 -15.90 6.08
N PHE I 145 84.03 -16.09 6.74
CA PHE I 145 83.79 -17.32 7.49
C PHE I 145 82.49 -17.23 8.29
N TYR I 146 81.62 -18.21 8.11
CA TYR I 146 80.34 -18.24 8.80
C TYR I 146 80.54 -18.49 10.30
N PRO I 147 80.85 -19.81 10.66
CA PRO I 147 81.03 -20.01 12.10
C PRO I 147 82.04 -19.04 12.69
N ARG I 148 81.58 -18.08 13.47
CA ARG I 148 82.45 -17.09 14.10
C ARG I 148 83.20 -17.69 15.28
N GLU I 149 82.71 -18.83 15.76
CA GLU I 149 83.33 -19.50 16.90
C GLU I 149 84.73 -20.01 16.54
N ALA I 150 85.52 -19.16 15.91
CA ALA I 150 86.87 -19.51 15.52
C ALA I 150 87.82 -19.27 16.69
N LYS I 151 88.90 -20.06 16.74
CA LYS I 151 89.96 -19.90 17.74
C LYS I 151 91.24 -19.43 17.06
N VAL I 152 91.89 -18.41 17.61
CA VAL I 152 93.17 -17.92 17.15
C VAL I 152 94.19 -18.18 18.26
N GLN I 153 95.08 -19.13 18.04
CA GLN I 153 96.17 -19.41 18.95
C GLN I 153 97.46 -18.85 18.38
N TRP I 154 98.03 -17.85 19.04
CA TRP I 154 99.38 -17.40 18.73
C TRP I 154 100.38 -18.33 19.36
N LYS I 155 101.48 -18.54 18.66
CA LYS I 155 102.60 -19.31 19.18
C LYS I 155 103.86 -18.55 18.86
N VAL I 156 104.75 -18.44 19.81
CA VAL I 156 106.06 -17.82 19.56
C VAL I 156 107.11 -18.86 19.88
N ASP I 157 107.86 -19.30 18.86
CA ASP I 157 108.79 -20.40 19.00
C ASP I 157 108.11 -21.62 19.58
N ASN I 158 106.86 -21.84 19.20
CA ASN I 158 106.06 -22.99 19.62
C ASN I 158 105.57 -22.89 21.05
N ALA I 159 105.56 -21.71 21.65
CA ALA I 159 105.02 -21.49 22.98
C ALA I 159 103.68 -20.80 22.83
N LEU I 160 102.62 -21.40 23.33
CA LEU I 160 101.32 -20.77 23.18
C LEU I 160 101.31 -19.48 24.00
N GLN I 161 100.94 -18.38 23.34
CA GLN I 161 101.00 -17.02 23.91
C GLN I 161 99.66 -16.64 24.51
N SER I 162 99.66 -16.29 25.78
CA SER I 162 98.43 -15.95 26.47
C SER I 162 98.53 -14.55 27.06
N GLY I 163 97.57 -13.69 26.70
CA GLY I 163 97.42 -12.42 27.39
C GLY I 163 98.15 -11.25 26.79
N ASN I 164 98.58 -11.34 25.53
CA ASN I 164 99.14 -10.19 24.83
C ASN I 164 98.51 -10.04 23.46
N SER I 165 97.29 -10.53 23.27
CA SER I 165 96.61 -10.41 21.98
C SER I 165 95.27 -9.74 22.20
N GLN I 166 94.73 -9.19 21.10
CA GLN I 166 93.37 -8.66 21.04
C GLN I 166 92.77 -9.00 19.69
N GLU I 167 91.48 -9.34 19.69
CA GLU I 167 90.73 -9.65 18.49
C GLU I 167 89.63 -8.63 18.29
N SER I 168 89.20 -8.46 17.04
CA SER I 168 87.87 -7.94 16.78
C SER I 168 87.34 -8.57 15.50
N VAL I 169 86.02 -8.50 15.36
CA VAL I 169 85.27 -9.26 14.37
C VAL I 169 84.30 -8.30 13.70
N THR I 170 84.00 -8.56 12.44
CA THR I 170 83.15 -7.64 11.70
C THR I 170 81.70 -8.07 11.82
N GLU I 171 80.80 -7.16 11.49
CA GLU I 171 79.40 -7.54 11.40
C GLU I 171 79.20 -8.52 10.24
N GLN I 172 78.21 -9.40 10.40
CA GLN I 172 77.89 -10.36 9.37
C GLN I 172 77.82 -9.58 8.07
N ASP I 173 78.44 -10.11 7.03
CA ASP I 173 78.46 -9.42 5.75
C ASP I 173 77.11 -9.46 5.03
N SER I 174 76.64 -8.30 4.56
CA SER I 174 75.34 -8.22 3.92
C SER I 174 75.28 -8.95 2.58
N LYS I 175 76.42 -9.21 1.93
CA LYS I 175 76.42 -9.95 0.68
C LYS I 175 76.49 -11.47 0.90
N ASP I 176 77.58 -11.95 1.49
CA ASP I 176 77.81 -13.39 1.60
C ASP I 176 77.64 -13.93 3.02
N SER I 177 77.07 -13.13 3.91
CA SER I 177 76.79 -13.55 5.29
C SER I 177 77.94 -14.25 6.02
N THR I 178 79.15 -13.74 5.84
CA THR I 178 80.34 -14.27 6.49
C THR I 178 80.85 -13.30 7.55
N TYR I 179 81.85 -13.75 8.31
CA TYR I 179 82.48 -12.94 9.34
C TYR I 179 84.00 -12.91 9.13
N SER I 180 84.63 -11.79 9.46
CA SER I 180 86.07 -11.65 9.31
C SER I 180 86.66 -11.21 10.63
N LEU I 181 87.85 -11.71 10.95
CA LEU I 181 88.42 -11.53 12.27
C LEU I 181 89.89 -11.14 12.18
N SER I 182 90.29 -10.22 13.04
CA SER I 182 91.66 -9.72 13.07
C SER I 182 92.18 -9.85 14.50
N SER I 183 93.25 -10.61 14.69
CA SER I 183 93.89 -10.73 16.00
C SER I 183 95.26 -10.07 15.96
N THR I 184 95.54 -9.22 16.93
CA THR I 184 96.80 -8.48 17.00
C THR I 184 97.60 -8.91 18.23
N LEU I 185 98.84 -9.34 18.02
CA LEU I 185 99.75 -9.71 19.09
C LEU I 185 100.72 -8.56 19.29
N THR I 186 100.86 -8.06 20.52
CA THR I 186 101.69 -6.88 20.76
C THR I 186 102.86 -7.21 21.68
N LEU I 187 104.07 -6.91 21.21
CA LEU I 187 105.32 -7.18 21.89
C LEU I 187 106.19 -5.94 21.89
N SER I 188 107.20 -5.94 22.75
CA SER I 188 108.19 -4.90 22.68
C SER I 188 109.20 -5.25 21.59
N LYS I 189 109.92 -4.23 21.09
CA LYS I 189 110.99 -4.52 20.15
C LYS I 189 111.98 -5.48 20.77
N ALA I 190 112.40 -5.19 22.01
CA ALA I 190 113.34 -6.04 22.73
C ALA I 190 112.86 -7.50 22.79
N ASP I 191 111.64 -7.72 23.27
CA ASP I 191 111.13 -9.09 23.39
C ASP I 191 110.89 -9.71 22.01
N TYR I 192 110.53 -8.90 21.02
CA TYR I 192 110.33 -9.42 19.68
C TYR I 192 111.61 -10.07 19.15
N GLU I 193 112.72 -9.34 19.24
CA GLU I 193 114.07 -9.74 18.85
C GLU I 193 114.64 -10.90 19.66
N LYS I 194 113.90 -11.49 20.60
CA LYS I 194 114.37 -12.63 21.39
C LYS I 194 113.90 -13.98 20.87
N HIS I 195 113.02 -14.01 19.86
CA HIS I 195 112.44 -15.24 19.33
C HIS I 195 112.47 -15.22 17.81
N LYS I 196 112.21 -16.37 17.18
CA LYS I 196 112.34 -16.52 15.73
C LYS I 196 111.01 -16.74 15.03
N VAL I 197 110.35 -17.87 15.27
CA VAL I 197 109.13 -18.22 14.52
C VAL I 197 107.94 -17.55 15.19
N TYR I 198 107.18 -16.78 14.41
CA TYR I 198 105.88 -16.30 14.86
C TYR I 198 104.82 -16.99 14.03
N ALA I 199 103.87 -17.62 14.73
CA ALA I 199 102.87 -18.48 14.12
C ALA I 199 101.49 -18.08 14.63
N CYS I 200 100.49 -18.34 13.81
CA CYS I 200 99.11 -18.03 14.11
C CYS I 200 98.31 -19.26 13.70
N GLU I 201 97.73 -19.99 14.65
CA GLU I 201 97.07 -21.26 14.35
C GLU I 201 95.57 -21.08 14.50
N VAL I 202 94.82 -21.22 13.42
CA VAL I 202 93.38 -20.97 13.41
C VAL I 202 92.62 -22.30 13.40
N THR I 203 91.67 -22.42 14.31
CA THR I 203 90.78 -23.58 14.41
C THR I 203 89.38 -23.16 13.98
N HIS I 204 88.70 -24.00 13.21
CA HIS I 204 87.39 -23.63 12.67
C HIS I 204 86.72 -24.86 12.09
N GLN I 205 85.39 -24.80 12.06
CA GLN I 205 84.59 -25.96 11.68
C GLN I 205 84.79 -26.33 10.21
N GLY I 206 85.06 -25.34 9.36
CA GLY I 206 85.34 -25.61 7.96
C GLY I 206 86.75 -26.13 7.68
N LEU I 207 87.60 -26.20 8.70
CA LEU I 207 88.93 -26.79 8.60
C LEU I 207 88.91 -28.17 9.25
N SER I 208 89.42 -29.17 8.52
CA SER I 208 89.51 -30.52 9.07
C SER I 208 90.55 -30.60 10.17
N SER I 209 91.66 -29.89 10.03
CA SER I 209 92.62 -29.70 11.10
C SER I 209 93.15 -28.28 11.02
N PRO I 210 93.63 -27.73 12.13
CA PRO I 210 93.86 -26.28 12.18
C PRO I 210 94.94 -25.85 11.19
N VAL I 211 94.81 -24.61 10.75
CA VAL I 211 95.71 -24.02 9.79
C VAL I 211 96.63 -23.11 10.55
N THR I 212 97.93 -23.20 10.27
CA THR I 212 98.92 -22.31 10.84
C THR I 212 99.56 -21.51 9.72
N LYS I 213 99.52 -20.19 9.81
CA LYS I 213 100.34 -19.32 8.99
C LYS I 213 101.45 -18.74 9.85
N SER I 214 102.68 -18.75 9.34
CA SER I 214 103.81 -18.37 10.18
C SER I 214 104.90 -17.75 9.33
N PHE I 215 105.71 -16.92 9.97
CA PHE I 215 106.90 -16.35 9.37
C PHE I 215 108.06 -16.48 10.33
N ASN I 216 109.24 -16.16 9.84
CA ASN I 216 110.48 -16.26 10.61
C ASN I 216 111.08 -14.87 10.66
N ARG I 217 111.09 -14.27 11.85
CA ARG I 217 111.60 -12.92 12.02
C ARG I 217 112.94 -12.75 11.35
N GLY I 218 113.01 -11.82 10.41
CA GLY I 218 114.26 -11.45 9.81
C GLY I 218 114.63 -12.22 8.57
N GLU I 219 113.65 -12.83 7.89
CA GLU I 219 113.89 -13.57 6.65
C GLU I 219 113.07 -12.94 5.51
N CYS I 220 113.75 -12.13 4.69
CA CYS I 220 113.13 -11.54 3.49
C CYS I 220 112.43 -12.63 2.68
C1 NAG J . -31.71 -25.73 31.95
C2 NAG J . -32.94 -26.58 31.61
C3 NAG J . -33.98 -26.43 32.73
C4 NAG J . -33.34 -26.83 34.06
C5 NAG J . -32.11 -25.97 34.31
C6 NAG J . -31.42 -26.41 35.60
C7 NAG J . -33.03 -26.59 29.18
C8 NAG J . -33.63 -26.13 27.87
N2 NAG J . -33.52 -26.12 30.34
O3 NAG J . -35.10 -27.28 32.46
O4 NAG J . -34.28 -26.63 35.12
O5 NAG J . -31.19 -26.14 33.21
O6 NAG J . -30.33 -25.54 35.90
O7 NAG J . -32.12 -27.39 29.17
C1 NAG J . -35.55 -26.63 35.67
C2 NAG J . -35.81 -25.82 36.94
C3 NAG J . -37.27 -26.00 37.36
C4 NAG J . -38.18 -25.56 36.21
C5 NAG J . -37.83 -26.38 34.96
C6 NAG J . -38.69 -25.91 33.79
C7 NAG J . -33.68 -25.82 38.12
C8 NAG J . -32.78 -26.32 39.22
N2 NAG J . -34.93 -26.31 38.01
O3 NAG J . -37.54 -25.19 38.51
O4 NAG J . -39.55 -25.79 36.55
O5 NAG J . -36.45 -26.20 34.64
O6 NAG J . -38.45 -26.75 32.65
O7 NAG J . -33.28 -25.00 37.33
C1 NAG K . -9.26 -36.16 38.59
C2 NAG K . -9.41 -34.65 38.42
C3 NAG K . -9.22 -33.95 39.76
C4 NAG K . -10.09 -34.57 40.84
C5 NAG K . -10.02 -36.11 40.82
C6 NAG K . -11.07 -36.76 41.71
C7 NAG K . -8.82 -33.32 36.46
C8 NAG K . -7.71 -32.85 35.56
N2 NAG K . -8.46 -34.13 37.45
O3 NAG K . -9.51 -32.58 39.62
O4 NAG K . -9.59 -34.15 42.10
O5 NAG K . -10.22 -36.62 39.51
O6 NAG K . -12.36 -36.69 41.13
O7 NAG K . -9.97 -32.97 36.28
C1 NAG K . -10.33 -33.09 42.68
C2 NAG K . -10.49 -33.47 44.15
C3 NAG K . -11.21 -32.36 44.93
C4 NAG K . -10.55 -31.00 44.69
C5 NAG K . -10.40 -30.74 43.18
C6 NAG K . -9.65 -29.47 42.88
C7 NAG K . -11.27 -35.44 45.39
C8 NAG K . -12.04 -36.72 45.31
N2 NAG K . -11.20 -34.73 44.27
O3 NAG K . -11.16 -32.65 46.32
O4 NAG K . -11.34 -29.98 45.27
O5 NAG K . -9.68 -31.82 42.58
O6 NAG K . -8.25 -29.64 43.06
O7 NAG K . -10.74 -35.07 46.43
C1 NAG L . -80.09 50.99 8.12
C2 NAG L . -81.05 51.90 8.86
C3 NAG L . -80.44 53.29 9.02
C4 NAG L . -79.06 53.20 9.67
C5 NAG L . -78.19 52.23 8.89
C6 NAG L . -76.86 51.97 9.56
C7 NAG L . -83.44 51.43 8.68
C8 NAG L . -84.69 51.61 7.86
N2 NAG L . -82.34 51.99 8.19
O3 NAG L . -81.30 54.09 9.82
O4 NAG L . -78.45 54.49 9.64
O5 NAG L . -78.84 50.97 8.78
O6 NAG L . -75.98 51.27 8.70
O7 NAG L . -83.45 50.79 9.73
C1 NAG L . -77.87 54.88 10.91
C2 NAG L . -76.76 55.91 10.67
C3 NAG L . -76.20 56.41 12.00
C4 NAG L . -77.32 56.83 12.96
C5 NAG L . -78.39 55.75 13.05
C6 NAG L . -79.59 56.19 13.84
C7 NAG L . -75.25 55.94 8.74
C8 NAG L . -74.12 55.23 8.04
N2 NAG L . -75.69 55.36 9.87
O3 NAG L . -75.36 57.52 11.74
O4 NAG L . -76.77 57.06 14.25
O5 NAG L . -78.87 55.43 11.74
O6 NAG L . -80.44 57.01 13.04
O7 NAG L . -75.73 56.98 8.32
C1 NAG M . -62.05 61.86 0.35
C2 NAG M . -62.39 63.35 0.40
C3 NAG M . -61.15 64.14 0.78
C4 NAG M . -60.53 63.62 2.06
C5 NAG M . -60.34 62.11 2.01
C6 NAG M . -59.97 61.50 3.34
C7 NAG M . -64.02 64.55 -0.95
C8 NAG M . -64.44 64.96 -2.33
N2 NAG M . -62.92 63.82 -0.86
O3 NAG M . -61.49 65.51 0.94
O4 NAG M . -59.24 64.22 2.17
O5 NAG M . -61.56 61.46 1.60
O6 NAG M . -59.04 60.44 3.20
O7 NAG M . -64.66 64.88 0.04
C1 NAG M . -58.82 64.73 3.47
C2 NAG M . -57.69 65.72 3.18
C3 NAG M . -57.13 66.29 4.48
C4 NAG M . -58.27 66.90 5.31
C5 NAG M . -59.40 65.89 5.49
C6 NAG M . -60.61 66.49 6.16
C7 NAG M . -55.80 64.17 2.51
C8 NAG M . -55.91 63.41 3.80
N2 NAG M . -56.64 65.21 2.31
O3 NAG M . -56.15 67.29 4.19
O4 NAG M . -57.78 67.28 6.58
O5 NAG M . -59.84 65.38 4.22
O6 NAG M . -60.96 67.74 5.55
O7 NAG M . -54.97 63.86 1.67
C1 NAG N . -88.43 34.54 14.31
C2 NAG N . -87.52 35.42 15.14
C3 NAG N . -86.78 34.57 16.17
C4 NAG N . -87.69 33.59 16.90
C5 NAG N . -88.72 32.93 15.98
C6 NAG N . -89.82 32.21 16.71
C7 NAG N . -86.55 37.45 14.14
C8 NAG N . -85.50 37.98 13.21
N2 NAG N . -86.58 36.12 14.29
O3 NAG N . -86.13 35.43 17.10
O4 NAG N . -86.89 32.53 17.41
O5 NAG N . -89.34 33.91 15.14
O6 NAG N . -90.06 32.77 18.00
O7 NAG N . -87.34 38.19 14.71
C1 NAG N . -87.02 32.32 18.84
C2 NAG N . -86.28 31.05 19.24
C3 NAG N . -86.30 30.86 20.76
C4 NAG N . -85.78 32.10 21.45
C5 NAG N . -86.55 33.33 20.98
C6 NAG N . -85.99 34.62 21.53
C7 NAG N . -87.89 29.22 18.54
C8 NAG N . -88.99 29.81 19.38
N2 NAG N . -86.69 29.85 18.53
O3 NAG N . -85.47 29.74 21.11
O4 NAG N . -85.90 31.96 22.87
O5 NAG N . -86.49 33.43 19.55
O6 NAG N . -84.82 35.00 20.82
O7 NAG N . -88.08 28.21 17.88
C1 NAG O . -100.21 45.22 8.27
C2 NAG O . -100.59 45.77 9.63
C3 NAG O . -101.89 46.57 9.52
C4 NAG O . -101.78 47.63 8.43
C5 NAG O . -101.21 47.05 7.13
C6 NAG O . -100.80 48.12 6.13
C7 NAG O . -99.88 44.47 11.59
C8 NAG O . -100.18 43.32 12.49
N2 NAG O . -100.75 44.70 10.60
O3 NAG O . -102.17 47.18 10.76
O4 NAG O . -103.10 48.10 8.15
O5 NAG O . -100.02 46.29 7.38
O6 NAG O . -101.52 47.98 4.91
O7 NAG O . -98.87 45.17 11.74
C1 NAG O . -103.21 49.53 8.03
C2 NAG O . -104.70 49.87 7.95
C3 NAG O . -104.89 51.37 7.86
C4 NAG O . -104.17 52.07 9.00
C5 NAG O . -102.71 51.62 9.08
C6 NAG O . -102.01 52.13 10.32
C7 NAG O . -105.07 49.36 5.56
C8 NAG O . -105.88 48.56 4.59
N2 NAG O . -105.36 49.18 6.85
O3 NAG O . -106.28 51.66 7.90
O4 NAG O . -104.20 53.48 8.80
O5 NAG O . -102.63 50.19 9.14
O6 NAG O . -102.22 51.28 11.43
O7 NAG O . -104.20 50.13 5.18
C1 NAG P . -110.93 29.13 0.59
C2 NAG P . -111.39 28.26 1.76
C3 NAG P . -112.23 27.10 1.26
C4 NAG P . -113.42 27.63 0.48
C5 NAG P . -112.91 28.49 -0.68
C6 NAG P . -114.02 29.13 -1.48
C7 NAG P . -110.12 28.02 3.83
C8 NAG P . -108.91 27.44 4.47
N2 NAG P . -110.25 27.77 2.53
O3 NAG P . -112.68 26.32 2.37
O4 NAG P . -114.17 26.54 -0.04
O5 NAG P . -112.09 29.55 -0.17
O6 NAG P . -114.47 30.34 -0.88
O7 NAG P . -110.94 28.70 4.44
C1 NAG P . -115.39 26.36 0.71
C2 NAG P . -116.26 25.40 -0.06
C3 NAG P . -117.56 25.13 0.69
C4 NAG P . -117.26 24.65 2.11
C5 NAG P . -116.30 25.62 2.81
C6 NAG P . -115.85 25.12 4.16
C7 NAG P . -115.80 25.57 -2.45
C8 NAG P . -116.22 26.18 -3.76
N2 NAG P . -116.54 25.91 -1.40
O3 NAG P . -118.30 24.15 -0.01
O4 NAG P . -118.46 24.55 2.85
O5 NAG P . -115.12 25.83 2.02
O6 NAG P . -114.95 24.02 4.06
O7 NAG P . -114.85 24.80 -2.36
C1 NAG Q . -8.00 -7.63 -49.74
C2 NAG Q . -8.08 -6.92 -51.09
C3 NAG Q . -9.13 -7.62 -51.97
C4 NAG Q . -8.76 -9.10 -52.10
C5 NAG Q . -8.67 -9.72 -50.71
C6 NAG Q . -8.25 -11.18 -50.83
C7 NAG Q . -7.50 -4.60 -50.61
C8 NAG Q . -7.89 -3.16 -50.41
N2 NAG Q . -8.45 -5.52 -50.90
O3 NAG Q . -9.16 -7.00 -53.26
O4 NAG Q . -9.78 -9.77 -52.85
O5 NAG Q . -7.69 -9.02 -49.94
O6 NAG Q . -8.27 -11.80 -49.55
O7 NAG Q . -6.34 -4.94 -50.52
C1 NAG Q . -10.26 -10.62 -53.88
C2 NAG Q . -9.84 -11.62 -54.96
C3 NAG Q . -10.82 -11.61 -56.13
C4 NAG Q . -12.26 -11.72 -55.64
C5 NAG Q . -12.53 -10.72 -54.52
C6 NAG Q . -13.95 -10.88 -53.98
C7 NAG Q . -7.97 -11.93 -56.47
C8 NAG Q . -8.02 -11.19 -57.77
N2 NAG Q . -8.51 -11.30 -55.43
O3 NAG Q . -10.53 -12.70 -57.01
O4 NAG Q . -13.16 -11.48 -56.73
O5 NAG Q . -11.60 -10.91 -53.46
O6 NAG Q . -14.87 -11.06 -55.06
O7 NAG Q . -7.48 -13.04 -56.37
C1 NAG R . 13.54 -20.57 -45.00
C2 NAG R . 12.43 -20.76 -43.97
C3 NAG R . 11.94 -22.20 -44.01
C4 NAG R . 11.60 -22.64 -45.43
C5 NAG R . 12.70 -22.24 -46.43
C6 NAG R . 12.29 -22.43 -47.87
C7 NAG R . 12.17 -19.64 -41.81
C8 NAG R . 12.76 -19.42 -40.45
N2 NAG R . 12.87 -20.42 -42.63
O3 NAG R . 10.81 -22.33 -43.18
O4 NAG R . 11.55 -24.07 -45.44
O5 NAG R . 13.05 -20.86 -46.28
O6 NAG R . 11.37 -21.42 -48.29
O7 NAG R . 11.11 -19.11 -42.15
C1 NAG R . 10.21 -24.57 -45.41
C2 NAG R . 10.20 -25.70 -46.43
C3 NAG R . 8.83 -26.40 -46.45
C4 NAG R . 8.42 -26.81 -45.05
C5 NAG R . 8.51 -25.63 -44.09
C6 NAG R . 8.23 -25.99 -42.66
C7 NAG R . 10.83 -25.94 -48.81
C8 NAG R . 11.15 -25.21 -50.07
N2 NAG R . 10.52 -25.18 -47.76
O3 NAG R . 8.91 -27.56 -47.27
O4 NAG R . 7.08 -27.30 -45.06
O5 NAG R . 9.84 -25.08 -44.13
O6 NAG R . 9.34 -26.66 -42.06
O7 NAG R . 10.84 -27.16 -48.74
C1 NAG S . -86.14 24.76 -44.91
C2 NAG S . -86.70 26.07 -45.42
C3 NAG S . -87.76 25.81 -46.47
C4 NAG S . -87.20 24.94 -47.58
C5 NAG S . -86.55 23.69 -46.99
C6 NAG S . -85.83 22.85 -48.02
C7 NAG S . -86.82 28.10 -44.04
C8 NAG S . -87.45 28.74 -42.85
N2 NAG S . -87.23 26.86 -44.33
O3 NAG S . -88.21 27.05 -47.01
O4 NAG S . -88.24 24.52 -48.46
O5 NAG S . -85.59 24.03 -45.99
O6 NAG S . -85.62 21.53 -47.57
O7 NAG S . -85.97 28.67 -44.72
C1 NAG S . -88.11 25.13 -49.75
C2 NAG S . -88.82 24.26 -50.81
C3 NAG S . -88.75 24.94 -52.18
C4 NAG S . -89.26 26.37 -52.09
C5 NAG S . -88.49 27.12 -51.01
C6 NAG S . -88.95 28.55 -50.82
C7 NAG S . -88.77 21.87 -50.26
C8 NAG S . -88.03 20.57 -50.45
N2 NAG S . -88.23 22.93 -50.87
O3 NAG S . -89.54 24.19 -53.11
O4 NAG S . -89.09 27.04 -53.34
O5 NAG S . -88.66 26.45 -49.76
O6 NAG S . -87.90 29.34 -50.27
O7 NAG S . -89.79 21.94 -49.61
C1 NAG T . -93.19 11.24 -15.48
C2 NAG T . -94.39 10.44 -15.88
C3 NAG T . -95.03 9.82 -14.65
C4 NAG T . -94.03 8.89 -14.00
C5 NAG T . -92.72 9.62 -13.69
C6 NAG T . -91.61 8.69 -13.30
C7 NAG T . -96.09 12.21 -16.20
C8 NAG T . -96.99 12.86 -17.21
N2 NAG T . -95.35 11.20 -16.67
O3 NAG T . -96.20 9.10 -14.99
O4 NAG T . -94.58 8.38 -12.79
O5 NAG T . -92.24 10.38 -14.82
O6 NAG T . -90.56 9.36 -12.62
O7 NAG T . -96.02 12.60 -15.04
C1 NAG T . -94.65 6.94 -12.75
C2 NAG T . -94.81 6.52 -11.29
C3 NAG T . -94.97 5.01 -11.19
C4 NAG T . -96.10 4.53 -12.08
C5 NAG T . -95.86 5.01 -13.51
C6 NAG T . -96.99 4.66 -14.44
C7 NAG T . -93.78 7.78 -9.46
C8 NAG T . -92.50 8.13 -8.76
N2 NAG T . -93.66 6.96 -10.52
O3 NAG T . -95.25 4.65 -9.83
O4 NAG T . -96.16 3.11 -12.08
O5 NAG T . -95.75 6.43 -13.51
O6 NAG T . -98.17 5.38 -14.11
O7 NAG T . -94.87 8.22 -9.10
C1 NAG U . -86.71 8.04 5.52
C2 NAG U . -87.96 7.69 6.31
C3 NAG U . -87.67 6.51 7.23
C4 NAG U . -87.12 5.34 6.44
C5 NAG U . -85.92 5.78 5.60
C6 NAG U . -85.44 4.71 4.64
C7 NAG U . -89.72 9.14 7.19
C8 NAG U . -90.04 10.35 8.02
N2 NAG U . -88.43 8.82 7.09
O3 NAG U . -88.87 6.14 7.89
O4 NAG U . -86.72 4.32 7.34
O5 NAG U . -86.27 6.91 4.80
O6 NAG U . -84.07 4.84 4.32
O7 NAG U . -90.59 8.49 6.63
C1 NAG U . -87.19 3.02 6.96
C2 NAG U . -86.72 2.04 8.03
C3 NAG U . -87.19 0.63 7.69
C4 NAG U . -88.70 0.61 7.48
C5 NAG U . -89.10 1.68 6.46
C6 NAG U . -90.59 1.81 6.30
C7 NAG U . -84.68 2.60 9.26
C8 NAG U . -85.58 3.14 10.32
N2 NAG U . -85.28 2.08 8.18
O3 NAG U . -86.84 -0.25 8.75
O4 NAG U . -89.11 -0.66 7.02
O5 NAG U . -88.61 2.96 6.85
O6 NAG U . -90.94 3.04 5.69
O7 NAG U . -83.46 2.63 9.37
C1 NAG V . -103.83 20.71 -31.08
C2 NAG V . -104.63 19.51 -31.57
C3 NAG V . -106.08 19.89 -31.75
C4 NAG V . -106.65 20.66 -30.56
C5 NAG V . -105.67 21.70 -30.00
C6 NAG V . -106.06 22.19 -28.63
C7 NAG V . -103.38 17.89 -32.93
C8 NAG V . -102.95 17.51 -34.31
N2 NAG V . -104.10 19.00 -32.82
O3 NAG V . -106.85 18.71 -31.96
O4 NAG V . -107.77 21.37 -31.08
O5 NAG V . -104.36 21.16 -29.88
O6 NAG V . -106.18 23.60 -28.60
O7 NAG V . -103.08 17.22 -31.95
C1 NAG V . -109.10 21.36 -30.49
C2 NAG V . -109.28 20.59 -29.18
C3 NAG V . -110.66 20.87 -28.59
C4 NAG V . -110.89 22.36 -28.45
C5 NAG V . -110.66 23.06 -29.79
C6 NAG V . -110.74 24.56 -29.70
C7 NAG V . -109.90 18.36 -30.04
C8 NAG V . -109.51 16.91 -30.08
N2 NAG V . -109.08 19.16 -29.35
O3 NAG V . -110.77 20.23 -27.32
O4 NAG V . -112.24 22.60 -28.04
O5 NAG V . -109.34 22.75 -30.26
O6 NAG V . -109.45 25.15 -29.68
O7 NAG V . -110.89 18.77 -30.61
C1 NAG W . -99.26 35.51 -44.45
C2 NAG W . -99.01 34.96 -45.84
C3 NAG W . -98.58 36.07 -46.77
C4 NAG W . -99.61 37.19 -46.76
C5 NAG W . -99.84 37.66 -45.33
C6 NAG W . -100.92 38.70 -45.19
C7 NAG W . -98.22 32.68 -46.30
C8 NAG W . -97.08 31.72 -46.16
N2 NAG W . -98.01 33.90 -45.80
O3 NAG W . -98.40 35.54 -48.08
O4 NAG W . -99.17 38.28 -47.56
O5 NAG W . -100.24 36.54 -44.52
O6 NAG W . -101.83 38.66 -46.28
O7 NAG W . -99.28 32.37 -46.83
C1 NAG W . -99.77 38.16 -48.86
C2 NAG W . -99.92 39.55 -49.50
C3 NAG W . -100.45 39.43 -50.93
C4 NAG W . -99.63 38.43 -51.73
C5 NAG W . -99.51 37.11 -50.98
C6 NAG W . -98.61 36.11 -51.68
C7 NAG W . -100.40 41.49 -48.08
C8 NAG W . -101.44 42.24 -47.31
N2 NAG W . -100.81 40.38 -48.71
O3 NAG W . -100.38 40.70 -51.55
O4 NAG W . -100.26 38.19 -52.98
O5 NAG W . -98.95 37.34 -49.69
O6 NAG W . -97.28 36.19 -51.18
O7 NAG W . -99.23 41.88 -48.13
C1 NAG X . 6.03 48.97 11.98
C2 NAG X . 5.44 49.81 13.10
C3 NAG X . 5.20 51.24 12.60
C4 NAG X . 6.51 51.82 12.07
C5 NAG X . 7.06 50.89 10.98
C6 NAG X . 8.41 51.43 10.49
C7 NAG X . 4.17 48.24 14.46
C8 NAG X . 2.87 47.63 14.91
N2 NAG X . 4.18 49.23 13.54
O3 NAG X . 4.71 52.06 13.66
O4 NAG X . 6.28 53.11 11.52
O5 NAG X . 7.23 49.57 11.51
O6 NAG X . 8.87 50.64 9.39
O7 NAG X . 5.22 47.84 14.92
C1 NAG X . 5.85 54.54 11.81
C2 NAG X . 6.21 55.62 10.79
C3 NAG X . 5.84 56.99 11.37
C4 NAG X . 4.35 56.99 11.72
C5 NAG X . 4.06 55.86 12.70
C6 NAG X . 2.56 55.83 13.01
C7 NAG X . 8.14 54.72 9.60
C8 NAG X . 9.62 54.67 9.33
N2 NAG X . 7.65 55.57 10.53
O3 NAG X . 6.11 58.01 10.40
O4 NAG X . 4.01 58.25 12.33
O5 NAG X . 4.45 54.62 12.12
O6 NAG X . 2.30 54.85 14.00
O7 NAG X . 7.39 54.00 8.99
C1 NAG Y . 29.78 41.14 14.29
C2 NAG Y . 28.95 40.74 13.07
C3 NAG Y . 29.56 41.34 11.81
C4 NAG Y . 29.80 42.84 11.97
C5 NAG Y . 30.47 43.17 13.31
C6 NAG Y . 30.49 44.65 13.61
C7 NAG Y . 27.72 38.65 12.74
C8 NAG Y . 27.82 37.16 12.60
N2 NAG Y . 28.86 39.29 12.94
O3 NAG Y . 28.69 41.09 10.72
O4 NAG Y . 30.70 43.24 10.95
O5 NAG Y . 29.79 42.54 14.40
O6 NAG Y . 29.20 45.13 13.99
O7 NAG Y . 26.64 39.23 12.68
C1 NAG Y . 30.05 43.87 9.84
C2 NAG Y . 30.92 45.08 9.51
C3 NAG Y . 30.38 45.82 8.28
C4 NAG Y . 30.17 44.85 7.13
C5 NAG Y . 29.31 43.67 7.57
C6 NAG Y . 29.16 42.61 6.51
C7 NAG Y . 31.87 46.97 10.76
C8 NAG Y . 31.80 47.77 12.04
N2 NAG Y . 30.99 45.97 10.66
O3 NAG Y . 31.33 46.80 7.88
O4 NAG Y . 29.51 45.53 6.06
O5 NAG Y . 29.94 43.03 8.70
O6 NAG Y . 30.33 41.82 6.38
O7 NAG Y . 32.69 47.23 9.88
C1 NAG Z . -73.52 66.77 -12.65
C2 NAG Z . -74.42 67.35 -11.57
C3 NAG Z . -74.95 68.72 -11.99
C4 NAG Z . -73.77 69.62 -12.36
C5 NAG Z . -72.91 68.93 -13.42
C6 NAG Z . -71.69 69.73 -13.80
C7 NAG Z . -76.44 65.83 -11.85
C8 NAG Z . -76.55 66.16 -13.31
N2 NAG Z . -75.47 66.44 -11.13
O3 NAG Z . -75.68 69.28 -10.91
O4 NAG Z . -74.21 70.87 -12.87
O5 NAG Z . -72.44 67.66 -12.91
O6 NAG Z . -70.54 69.36 -13.04
O7 NAG Z . -77.23 65.06 -11.32
C1 NAG Z . -73.95 71.83 -11.83
C2 NAG Z . -73.74 73.21 -12.43
C3 NAG Z . -73.55 74.23 -11.31
C4 NAG Z . -74.72 74.17 -10.34
C5 NAG Z . -74.89 72.75 -9.82
C6 NAG Z . -76.12 72.57 -8.95
C7 NAG Z . -72.68 73.70 -14.58
C8 NAG Z . -71.41 73.63 -15.38
N2 NAG Z . -72.61 73.23 -13.33
O3 NAG Z . -73.45 75.54 -11.86
O4 NAG Z . -74.50 75.04 -9.24
O5 NAG Z . -75.06 71.85 -10.93
O6 NAG Z . -77.06 71.73 -9.59
O7 NAG Z . -73.72 74.16 -15.04
C1 NAG AA . -72.64 47.57 -39.11
C2 NAG AA . -73.26 48.44 -40.18
C3 NAG AA . -73.25 47.70 -41.52
C4 NAG AA . -71.85 47.22 -41.86
C5 NAG AA . -71.26 46.45 -40.70
C6 NAG AA . -69.79 46.12 -40.88
C7 NAG AA . -74.89 50.12 -39.49
C8 NAG AA . -76.31 50.39 -39.15
N2 NAG AA . -74.60 48.86 -39.84
O3 NAG AA . -73.72 48.58 -42.54
O4 NAG AA . -71.93 46.35 -42.99
O5 NAG AA . -71.34 47.19 -39.49
O6 NAG AA . -69.54 44.74 -40.68
O7 NAG AA . -74.03 50.99 -39.44
C1 NAG AA . -71.00 46.68 -44.05
C2 NAG AA . -71.09 45.61 -45.14
C3 NAG AA . -70.19 45.99 -46.33
C4 NAG AA . -70.52 47.40 -46.81
C5 NAG AA . -70.40 48.37 -45.63
C6 NAG AA . -70.77 49.79 -45.99
C7 NAG AA . -71.52 43.25 -44.63
C8 NAG AA . -70.95 41.98 -44.06
N2 NAG AA . -70.70 44.31 -44.63
O3 NAG AA . -70.39 45.07 -47.40
O4 NAG AA . -69.63 47.79 -47.83
O5 NAG AA . -71.30 47.96 -44.59
O6 NAG AA . -69.68 50.66 -45.78
O7 NAG AA . -72.66 43.33 -45.07
C1 NAG BA . -68.53 27.16 -47.49
C2 NAG BA . -69.31 27.08 -48.81
C3 NAG BA . -68.54 26.26 -49.83
C4 NAG BA . -67.10 26.76 -49.96
C5 NAG BA . -66.46 26.78 -48.59
C6 NAG BA . -65.04 27.30 -48.60
C7 NAG BA . -71.76 27.13 -49.00
C8 NAG BA . -73.03 26.40 -48.73
N2 NAG BA . -70.63 26.51 -48.61
O3 NAG BA . -69.19 26.32 -51.09
O4 NAG BA . -66.35 25.87 -50.79
O5 NAG BA . -67.21 27.64 -47.74
O6 NAG BA . -64.90 28.51 -47.86
O7 NAG BA . -71.74 28.22 -49.54
C1 NAG BA . -65.90 26.55 -51.97
C2 NAG BA . -64.75 25.76 -52.59
C3 NAG BA . -64.26 26.45 -53.85
C4 NAG BA . -65.42 26.63 -54.82
C5 NAG BA . -66.61 27.31 -54.14
C6 NAG BA . -67.85 27.27 -55.01
C7 NAG BA . -62.91 26.55 -51.13
C8 NAG BA . -61.84 26.12 -50.17
N2 NAG BA . -63.65 25.56 -51.65
O3 NAG BA . -63.25 25.66 -54.47
O4 NAG BA . -65.00 27.42 -55.93
O5 NAG BA . -66.96 26.64 -52.91
O6 NAG BA . -68.18 25.92 -55.33
O7 NAG BA . -63.10 27.73 -51.40
C1 NAG CA . -68.67 62.06 -26.63
C2 NAG CA . -67.73 61.61 -27.75
C3 NAG CA . -66.27 61.89 -27.38
C4 NAG CA . -66.07 63.33 -26.91
C5 NAG CA . -67.08 63.63 -25.81
C6 NAG CA . -67.02 65.06 -25.30
C7 NAG CA . -68.34 59.72 -29.20
C8 NAG CA . -68.49 58.23 -29.28
N2 NAG CA . -67.92 60.20 -28.03
O3 NAG CA . -65.44 61.63 -28.51
O4 NAG CA . -64.77 63.50 -26.37
O5 NAG CA . -68.40 63.42 -26.30
O6 NAG CA . -67.68 65.97 -26.19
O7 NAG CA . -68.58 60.44 -30.16
C1 NAG CA . -63.83 64.12 -27.26
C2 NAG CA . -63.54 65.57 -26.81
C3 NAG CA . -62.37 66.20 -27.57
C4 NAG CA . -61.17 65.26 -27.59
C5 NAG CA . -61.59 63.90 -28.12
C6 NAG CA . -60.46 62.89 -28.14
C7 NAG CA . -65.47 66.81 -27.91
C8 NAG CA . -65.10 66.27 -29.26
N2 NAG CA . -64.72 66.43 -26.85
O3 NAG CA . -62.02 67.43 -26.96
O4 NAG CA . -60.15 65.80 -28.42
O5 NAG CA . -62.61 63.37 -27.27
O6 NAG CA . -59.97 62.68 -29.45
O7 NAG CA . -66.44 67.55 -27.76
C1 NAG DA . -84.78 63.17 -31.59
C2 NAG DA . -84.56 64.19 -32.71
C3 NAG DA . -85.88 64.75 -33.19
C4 NAG DA . -86.88 63.64 -33.52
C5 NAG DA . -86.96 62.67 -32.34
C6 NAG DA . -87.83 61.47 -32.62
C7 NAG DA . -82.46 65.47 -32.68
C8 NAG DA . -81.72 66.63 -32.08
N2 NAG DA . -83.70 65.28 -32.24
O3 NAG DA . -85.66 65.55 -34.36
O4 NAG DA . -88.16 64.21 -33.72
O5 NAG DA . -85.66 62.17 -32.04
O6 NAG DA . -87.09 60.45 -33.28
O7 NAG DA . -81.95 64.76 -33.54
C1 NAG DA . -88.70 63.85 -35.01
C2 NAG DA . -90.06 64.56 -35.13
C3 NAG DA . -90.67 64.30 -36.51
C4 NAG DA . -89.68 64.70 -37.60
C5 NAG DA . -88.35 63.99 -37.38
C6 NAG DA . -87.29 64.42 -38.36
C7 NAG DA . -91.57 63.10 -33.71
C8 NAG DA . -91.20 61.87 -34.51
N2 NAG DA . -90.99 64.27 -34.04
O3 NAG DA . -91.87 65.05 -36.65
O4 NAG DA . -90.19 64.34 -38.88
O5 NAG DA . -87.84 64.26 -36.07
O6 NAG DA . -87.64 64.08 -39.69
O7 NAG DA . -92.35 63.04 -32.77
C1 NAG EA . -90.56 69.86 -12.93
C2 NAG EA . -89.77 71.05 -12.42
C3 NAG EA . -90.18 71.35 -10.98
C4 NAG EA . -91.69 71.51 -10.86
C5 NAG EA . -92.39 70.31 -11.48
C6 NAG EA . -93.88 70.46 -11.54
C7 NAG EA . -87.67 70.91 -13.66
C8 NAG EA . -86.20 70.64 -13.59
N2 NAG EA . -88.35 70.80 -12.52
O3 NAG EA . -89.52 72.54 -10.57
O4 NAG EA . -92.06 71.59 -9.49
O5 NAG EA . -91.94 70.11 -12.83
O6 NAG EA . -94.52 69.31 -12.08
O7 NAG EA . -88.22 71.20 -14.72
C1 NAG EA . -92.25 72.94 -9.08
C2 NAG EA . -93.28 72.97 -7.95
C3 NAG EA . -93.41 74.39 -7.40
C4 NAG EA . -92.06 74.94 -7.01
C5 NAG EA . -91.09 74.85 -8.18
C6 NAG EA . -89.68 75.28 -7.84
C7 NAG EA . -94.96 71.22 -8.25
C8 NAG EA . -96.32 70.89 -8.79
N2 NAG EA . -94.56 72.48 -8.42
O3 NAG EA . -94.27 74.37 -6.26
O4 NAG EA . -92.17 76.30 -6.60
O5 NAG EA . -91.01 73.48 -8.62
O6 NAG EA . -88.98 74.26 -7.14
O7 NAG EA . -94.27 70.38 -7.69
C1 NAG FA . 23.23 -60.58 44.23
C2 NAG FA . 23.77 -60.10 45.57
C3 NAG FA . 23.28 -61.03 46.67
C4 NAG FA . 21.74 -61.06 46.65
C5 NAG FA . 21.27 -61.51 45.26
C6 NAG FA . 19.74 -61.50 45.20
C7 NAG FA . 25.91 -59.06 45.03
C8 NAG FA . 27.42 -59.08 45.00
N2 NAG FA . 25.23 -60.11 45.54
O3 NAG FA . 23.72 -60.54 47.94
O4 NAG FA . 21.27 -61.99 47.63
O5 NAG FA . 21.79 -60.62 44.28
O6 NAG FA . 19.31 -62.02 43.95
O7 NAG FA . 25.30 -58.10 44.61
C1 NAG FA . 20.83 -62.32 49.08
C2 NAG FA . 20.56 -63.73 49.59
C3 NAG FA . 20.26 -63.82 51.09
C4 NAG FA . 21.21 -62.99 51.94
C5 NAG FA . 21.41 -61.61 51.29
C6 NAG FA . 22.45 -60.81 52.06
C7 NAG FA . 19.38 -64.24 47.52
C8 NAG FA . 18.12 -63.64 46.97
N2 NAG FA . 19.45 -64.31 48.84
O3 NAG FA . 20.33 -65.18 51.51
O4 NAG FA . 20.59 -62.79 53.21
O5 NAG FA . 21.82 -61.74 49.93
O6 NAG FA . 22.29 -59.41 51.77
O7 NAG FA . 20.29 -64.61 46.80
C1 NAG FA . 20.05 -63.65 54.34
C2 NAG FA . 18.65 -64.23 54.39
C3 NAG FA . 18.46 -65.09 55.63
C4 NAG FA . 19.60 -66.09 55.78
C5 NAG FA . 20.95 -65.40 55.65
C6 NAG FA . 22.09 -66.41 55.72
C7 NAG FA . 17.18 -62.68 53.23
C8 NAG FA . 15.81 -62.09 53.31
N2 NAG FA . 17.67 -63.16 54.37
O3 NAG FA . 17.21 -65.80 55.52
O4 NAG FA . 19.51 -66.72 57.06
O5 NAG FA . 21.01 -64.70 54.40
O6 NAG FA . 22.11 -67.20 54.53
O7 NAG FA . 17.80 -62.73 52.18
C1 NAG GA . 53.05 -31.59 -45.87
C2 NAG GA . 52.97 -33.12 -45.86
C3 NAG GA . 53.12 -33.65 -47.30
C4 NAG GA . 52.03 -33.00 -48.18
C5 NAG GA . 52.15 -31.49 -48.10
C6 NAG GA . 51.04 -30.84 -48.92
C7 NAG GA . 53.88 -33.78 -43.69
C8 NAG GA . 54.98 -34.33 -42.85
N2 NAG GA . 54.04 -33.67 -45.03
O3 NAG GA . 52.96 -35.06 -47.31
O4 NAG GA . 52.20 -33.43 -49.53
O5 NAG GA . 52.04 -31.06 -46.73
O6 NAG GA . 51.22 -29.42 -48.95
O7 NAG GA . 52.83 -33.42 -43.19
C1 NAG GA . 51.95 -34.44 -50.67
C2 NAG GA . 52.65 -34.39 -52.04
C3 NAG GA . 52.32 -35.57 -52.95
C4 NAG GA . 52.35 -36.92 -52.24
C5 NAG GA . 51.64 -36.81 -50.90
C6 NAG GA . 51.77 -38.11 -50.11
C7 NAG GA . 52.37 -31.98 -52.08
C8 NAG GA . 51.11 -31.16 -52.13
N2 NAG GA . 52.33 -33.15 -52.71
O3 NAG GA . 53.25 -35.59 -54.04
O4 NAG GA . 51.63 -37.86 -53.04
O5 NAG GA . 52.18 -35.73 -50.12
O6 NAG GA . 50.73 -38.17 -49.12
O7 NAG GA . 53.36 -31.60 -51.48
C1 NAG GA . 51.69 -38.40 -54.47
C2 NAG GA . 51.06 -37.73 -55.68
C3 NAG GA . 51.37 -38.50 -56.95
C4 NAG GA . 52.86 -38.81 -57.05
C5 NAG GA . 53.38 -39.41 -55.76
C6 NAG GA . 54.88 -39.66 -55.84
C7 NAG GA . 49.07 -36.56 -54.92
C8 NAG GA . 47.66 -36.24 -55.32
N2 NAG GA . 49.63 -37.61 -55.49
O3 NAG GA . 50.96 -37.73 -58.10
O4 NAG GA . 53.08 -39.73 -58.13
O5 NAG GA . 53.09 -38.53 -54.68
O6 NAG GA . 55.56 -38.40 -55.80
O7 NAG GA . 49.67 -35.86 -54.11
C1 NAG HA . 66.27 29.01 28.60
C2 NAG HA . 67.22 29.43 27.48
C3 NAG HA . 67.87 30.77 27.85
C4 NAG HA . 66.78 31.81 28.10
C5 NAG HA . 65.85 31.30 29.20
C6 NAG HA . 64.71 32.30 29.41
C7 NAG HA . 68.02 27.33 26.53
C8 NAG HA . 69.09 26.29 26.35
N2 NAG HA . 68.25 28.41 27.31
O3 NAG HA . 68.70 31.21 26.76
O4 NAG HA . 67.37 33.04 28.50
O5 NAG HA . 65.29 30.03 28.80
O6 NAG HA . 63.90 31.88 30.51
O7 NAG HA . 66.96 27.21 25.96
C1 NAG HA . 68.01 34.41 28.18
C2 NAG HA . 68.68 35.31 29.22
C3 NAG HA . 69.34 36.56 28.63
C4 NAG HA . 70.17 36.27 27.38
C5 NAG HA . 69.38 35.34 26.46
C6 NAG HA . 70.23 34.94 25.25
C7 NAG HA . 66.88 34.83 30.77
C8 NAG HA . 65.42 35.18 30.69
N2 NAG HA . 67.71 35.71 30.22
O3 NAG HA . 70.19 37.15 29.62
O4 NAG HA . 70.37 37.51 26.69
O5 NAG HA . 68.96 34.16 27.14
O6 NAG HA . 69.38 34.51 24.19
O7 NAG HA . 67.27 33.81 31.31
C1 NAG HA . 70.96 38.87 27.00
C2 NAG HA . 70.22 40.02 27.68
C3 NAG HA . 71.13 41.22 27.88
C4 NAG HA . 72.45 40.80 28.52
C5 NAG HA . 73.06 39.60 27.80
C6 NAG HA . 74.34 39.13 28.48
C7 NAG HA . 67.88 39.84 27.07
C8 NAG HA . 66.70 40.68 26.69
N2 NAG HA . 69.07 40.40 26.88
O3 NAG HA . 70.49 42.19 28.71
O4 NAG HA . 73.38 41.89 28.49
O5 NAG HA . 72.12 38.53 27.76
O6 NAG HA . 74.01 38.51 29.73
O7 NAG HA . 67.76 38.71 27.50
C1 NAG IA . -22.97 23.12 45.45
C2 NAG IA . -24.35 23.43 46.04
C3 NAG IA . -24.39 23.01 47.51
C4 NAG IA . -23.95 21.56 47.66
C5 NAG IA . -22.60 21.34 46.99
C6 NAG IA . -22.16 19.89 47.01
C7 NAG IA . -25.65 25.31 45.12
C8 NAG IA . -25.82 26.80 45.09
N2 NAG IA . -24.66 24.84 45.91
O3 NAG IA . -25.71 23.19 48.02
O4 NAG IA . -23.84 21.21 49.03
O5 NAG IA . -22.67 21.73 45.61
O6 NAG IA . -22.59 19.24 48.18
O7 NAG IA . -26.36 24.55 44.47
C1 NAG JA . 9.98 41.42 41.50
C2 NAG JA . 11.37 42.02 41.72
C3 NAG JA . 12.29 41.58 40.58
C4 NAG JA . 12.33 40.07 40.49
C5 NAG JA . 10.91 39.50 40.38
C6 NAG JA . 10.90 37.99 40.48
C7 NAG JA . 12.34 44.13 42.46
C8 NAG JA . 12.19 45.62 42.50
N2 NAG JA . 11.36 43.46 41.85
O3 NAG JA . 13.60 42.08 40.81
O4 NAG JA . 13.06 39.68 39.33
O5 NAG JA . 10.08 39.99 41.44
O6 NAG JA . 12.16 37.45 40.14
O7 NAG JA . 13.30 43.56 42.95
C1 NAG KA . 17.33 19.65 34.87
C2 NAG KA . 18.34 19.23 33.81
C3 NAG KA . 19.06 17.96 34.25
C4 NAG KA . 19.65 18.14 35.65
C5 NAG KA . 18.60 18.66 36.63
C6 NAG KA . 19.19 19.02 37.97
C7 NAG KA . 18.35 19.17 31.36
C8 NAG KA . 17.53 18.92 30.13
N2 NAG KA . 17.70 19.03 32.53
O3 NAG KA . 20.09 17.66 33.32
O4 NAG KA . 20.14 16.88 36.12
O5 NAG KA . 17.99 19.85 36.12
O6 NAG KA . 19.69 20.36 37.97
O7 NAG KA . 19.54 19.46 31.31
C1 NAG LA . 0.81 14.81 29.98
C2 NAG LA . 1.87 14.44 28.93
C3 NAG LA . 1.47 13.17 28.17
C4 NAG LA . 1.12 12.05 29.14
C5 NAG LA . 0.03 12.52 30.08
C6 NAG LA . -0.37 11.50 31.10
C7 NAG LA . 3.16 15.65 27.22
C8 NAG LA . 3.19 16.84 26.31
N2 NAG LA . 2.07 15.53 28.00
O3 NAG LA . 2.53 12.76 27.32
O4 NAG LA . 0.67 10.89 28.43
O5 NAG LA . 0.52 13.66 30.80
O6 NAG LA . -1.42 10.66 30.61
O7 NAG LA . 4.08 14.84 27.27
C1 NAG MA . -19.78 52.13 20.33
C2 NAG MA . -19.66 53.23 19.25
C3 NAG MA . -20.57 54.43 19.56
C4 NAG MA . -21.98 53.96 19.87
C5 NAG MA . -21.95 52.89 20.95
C6 NAG MA . -23.32 52.32 21.26
C7 NAG MA . -17.40 54.25 19.82
C8 NAG MA . -17.84 54.53 21.24
N2 NAG MA . -18.28 53.65 18.99
O3 NAG MA . -20.58 55.30 18.45
O4 NAG MA . -22.77 55.05 20.30
O5 NAG MA . -21.15 51.80 20.52
O6 NAG MA . -23.50 51.06 20.62
O7 NAG MA . -16.27 54.55 19.44
C1 NAG NA . -44.61 43.55 22.63
C2 NAG NA . -46.08 43.58 22.94
C3 NAG NA . -46.65 44.96 22.67
C4 NAG NA . -45.85 46.01 23.43
C5 NAG NA . -44.36 45.87 23.16
C6 NAG NA . -43.50 46.77 24.02
C7 NAG NA . -47.55 41.62 22.74
C8 NAG NA . -48.23 40.66 21.79
N2 NAG NA . -46.80 42.57 22.17
O3 NAG NA . -48.02 45.00 23.08
O4 NAG NA . -46.27 47.32 23.02
O5 NAG NA . -43.94 44.52 23.44
O6 NAG NA . -42.82 46.04 25.04
O7 NAG NA . -47.70 41.55 23.95
C1 NAG OA . -48.80 4.17 30.16
C2 NAG OA . -50.11 3.94 29.43
C3 NAG OA . -51.22 3.58 30.42
C4 NAG OA . -50.78 2.39 31.27
C5 NAG OA . -49.43 2.65 31.91
C6 NAG OA . -48.89 1.44 32.63
C7 NAG OA . -51.41 5.07 27.67
C8 NAG OA . -51.66 6.36 26.97
N2 NAG OA . -50.49 5.10 28.64
O3 NAG OA . -52.42 3.29 29.74
O4 NAG OA . -51.75 2.16 32.28
O5 NAG OA . -48.46 3.00 30.91
O6 NAG OA . -49.05 0.26 31.85
O7 NAG OA . -52.01 4.05 27.37
C1 NAG PA . -64.52 18.10 34.18
C2 NAG PA . -63.94 17.98 35.59
C3 NAG PA . -63.99 16.53 36.06
C4 NAG PA . -65.40 15.97 35.91
C5 NAG PA . -65.86 16.15 34.47
C6 NAG PA . -67.28 15.67 34.25
C7 NAG PA . -62.16 19.44 36.45
C8 NAG PA . -60.72 19.82 36.34
N2 NAG PA . -62.57 18.47 35.62
O3 NAG PA . -63.59 16.46 37.42
O4 NAG PA . -65.42 14.59 36.25
O5 NAG PA . -65.83 17.55 34.14
O6 NAG PA . -67.32 14.27 34.03
O7 NAG PA . -62.93 19.99 37.23
C1 NAG QA . -97.26 22.86 8.00
C2 NAG QA . -98.36 22.30 7.08
C3 NAG QA . -99.70 22.28 7.81
C4 NAG QA . -99.56 21.61 9.18
C5 NAG QA . -98.42 22.23 9.95
C6 NAG QA . -98.17 21.57 11.29
C7 NAG QA . -97.64 22.92 4.81
C8 NAG QA . -97.86 23.85 3.66
N2 NAG QA . -98.45 23.10 5.86
O3 NAG QA . -100.65 21.58 7.03
O4 NAG QA . -100.75 21.75 9.93
O5 NAG QA . -97.21 22.11 9.18
O6 NAG QA . -97.93 22.54 12.30
O7 NAG QA . -96.78 22.05 4.79
C1 NAG RA . -39.57 -37.97 -18.01
C2 NAG RA . -40.80 -38.10 -18.93
C3 NAG RA . -40.52 -39.08 -20.06
C4 NAG RA . -39.24 -38.72 -20.78
C5 NAG RA . -38.09 -38.57 -19.80
C6 NAG RA . -36.82 -38.06 -20.47
C7 NAG RA . -43.19 -38.05 -18.39
C8 NAG RA . -44.28 -38.59 -17.52
N2 NAG RA . -41.97 -38.52 -18.17
O3 NAG RA . -41.60 -39.07 -20.97
O4 NAG RA . -38.92 -39.74 -21.74
O5 NAG RA . -38.43 -37.62 -18.79
O6 NAG RA . -35.73 -38.95 -20.29
O7 NAG RA . -43.42 -37.21 -19.27
C1 NAG SA . -28.28 -51.70 16.22
C2 NAG SA . -27.48 -52.54 17.18
C3 NAG SA . -26.85 -51.65 18.23
C4 NAG SA . -26.01 -50.58 17.56
C5 NAG SA . -26.75 -49.87 16.42
C6 NAG SA . -25.82 -49.05 15.55
C7 NAG SA . -28.20 -54.87 17.43
C8 NAG SA . -29.11 -55.82 18.14
N2 NAG SA . -28.29 -53.59 17.79
O3 NAG SA . -26.05 -52.44 19.11
O4 NAG SA . -25.63 -49.59 18.52
O5 NAG SA . -27.41 -50.80 15.54
O6 NAG SA . -24.67 -48.64 16.26
O7 NAG SA . -27.42 -55.24 16.57
C1 NAG TA . -6.66 -42.46 8.74
C2 NAG TA . -5.99 -41.25 9.40
C3 NAG TA . -4.50 -41.26 9.08
C4 NAG TA . -3.89 -42.58 9.55
C5 NAG TA . -4.63 -43.74 8.88
C6 NAG TA . -4.07 -45.07 9.38
C7 NAG TA . -7.73 -39.54 9.45
C8 NAG TA . -8.35 -38.27 8.93
N2 NAG TA . -6.60 -40.02 8.89
O3 NAG TA . -3.86 -40.17 9.75
O4 NAG TA . -2.51 -42.63 9.18
O5 NAG TA . -6.03 -43.65 9.19
O6 NAG TA . -4.69 -46.15 8.67
O7 NAG TA . -8.25 -40.13 10.38
C1 NAG UA . -14.92 -31.70 -1.50
C2 NAG UA . -13.73 -31.13 -0.76
C3 NAG UA . -12.56 -30.88 -1.72
C4 NAG UA . -12.29 -32.10 -2.58
C5 NAG UA . -13.57 -32.62 -3.22
C6 NAG UA . -13.31 -33.88 -4.01
C7 NAG UA . -13.49 -29.50 1.02
C8 NAG UA . -14.06 -28.27 1.66
N2 NAG UA . -14.09 -29.90 -0.10
O3 NAG UA . -11.38 -30.55 -0.96
O4 NAG UA . -11.35 -31.76 -3.61
O5 NAG UA . -14.53 -32.90 -2.20
O6 NAG UA . -13.31 -33.57 -5.42
O7 NAG UA . -12.54 -30.09 1.49
C1 NAG VA . -53.18 -21.23 15.73
C2 NAG VA . -53.87 -20.49 16.87
C3 NAG VA . -54.92 -21.36 17.53
C4 NAG VA . -55.85 -21.99 16.49
C5 NAG VA . -55.03 -22.65 15.38
C6 NAG VA . -55.96 -23.21 14.30
C7 NAG VA . -52.59 -18.78 18.02
C8 NAG VA . -53.73 -17.83 17.92
N2 NAG VA . -52.88 -20.07 17.84
O3 NAG VA . -55.71 -20.56 18.43
O4 NAG VA . -56.68 -22.98 17.12
O5 NAG VA . -54.15 -21.69 14.79
O6 NAG VA . -55.17 -23.77 13.24
O7 NAG VA . -51.44 -18.42 18.24
C1 NAG WA . -65.17 -14.34 -8.97
C2 NAG WA . -65.70 -14.12 -7.53
C3 NAG WA . -67.22 -14.06 -7.53
C4 NAG WA . -67.74 -13.05 -8.55
C5 NAG WA . -67.16 -13.35 -9.92
C6 NAG WA . -67.54 -12.32 -10.96
C7 NAG WA . -65.55 -16.45 -6.71
C8 NAG WA . -64.94 -17.33 -5.66
N2 NAG WA . -65.22 -15.14 -6.62
O3 NAG WA . -67.68 -13.69 -6.23
O4 NAG WA . -69.16 -13.08 -8.60
O5 NAG WA . -65.74 -13.37 -9.85
O6 NAG WA . -66.53 -11.33 -11.07
O7 NAG WA . -66.29 -16.88 -7.57
C1 NAG XA . -40.91 -7.58 -39.62
C2 NAG XA . -41.18 -8.53 -40.79
C3 NAG XA . -41.34 -7.74 -42.08
C4 NAG XA . -42.39 -6.66 -41.91
C5 NAG XA . -42.08 -5.80 -40.70
C6 NAG XA . -43.14 -4.78 -40.39
C7 NAG XA . -40.35 -10.80 -41.24
C8 NAG XA . -39.14 -11.67 -41.35
N2 NAG XA . -40.12 -9.52 -40.94
O3 NAG XA . -41.70 -8.61 -43.15
O4 NAG XA . -42.44 -5.83 -43.07
O5 NAG XA . -41.97 -6.63 -39.53
O6 NAG XA . -43.75 -5.06 -39.15
O7 NAG XA . -41.49 -11.24 -41.40
C1 NAG YA . -63.02 -10.38 -40.75
C2 NAG YA . -63.64 -11.67 -41.24
C3 NAG YA . -62.70 -12.37 -42.22
C4 NAG YA . -62.33 -11.42 -43.35
C5 NAG YA . -61.82 -10.08 -42.80
C6 NAG YA . -61.63 -9.04 -43.89
C7 NAG YA . -65.15 -13.12 -39.97
C8 NAG YA . -65.31 -13.99 -38.75
N2 NAG YA . -63.96 -12.54 -40.12
O3 NAG YA . -63.33 -13.53 -42.75
O4 NAG YA . -61.30 -11.99 -44.14
O5 NAG YA . -62.77 -9.52 -41.87
O6 NAG YA . -62.57 -9.23 -44.94
O7 NAG YA . -66.07 -12.97 -40.77
C1 NAG ZA . -88.81 13.10 -33.88
C2 NAG ZA . -88.52 11.79 -33.14
C3 NAG ZA . -87.22 11.18 -33.66
C4 NAG ZA . -87.33 10.98 -35.17
C5 NAG ZA . -87.66 12.32 -35.84
C6 NAG ZA . -87.85 12.11 -37.35
C7 NAG ZA . -89.50 12.12 -30.92
C8 NAG ZA . -89.37 12.40 -29.45
N2 NAG ZA . -88.41 12.06 -31.70
O3 NAG ZA . -86.99 9.93 -33.02
O4 NAG ZA . -86.09 10.48 -35.68
O5 NAG ZA . -88.87 12.84 -35.29
O6 NAG ZA . -88.02 13.37 -37.98
O7 NAG ZA . -90.60 11.94 -31.41
C1 NAG AB . -86.58 9.19 -36.56
C2 NAG AB . -85.50 8.91 -37.62
C3 NAG AB . -85.63 7.47 -38.11
C4 NAG AB . -85.65 6.50 -36.95
C5 NAG AB . -86.75 6.90 -35.96
C6 NAG AB . -86.82 6.04 -34.73
C7 NAG AB . -84.54 10.28 -39.41
C8 NAG AB . -84.82 11.24 -40.53
N2 NAG AB . -85.60 9.84 -38.74
O3 NAG AB . -84.55 7.18 -38.99
O4 NAG AB . -85.90 5.18 -37.44
O5 NAG AB . -86.50 8.24 -35.52
O6 NAG AB . -85.66 6.19 -33.92
O7 NAG AB . -83.40 9.94 -39.12
C1 NAG BB . -0.20 41.91 -39.66
C2 NAG BB . -1.01 43.22 -39.66
C3 NAG BB . -0.09 44.43 -39.68
C4 NAG BB . 0.93 44.35 -38.57
C5 NAG BB . 1.72 43.05 -38.70
C6 NAG BB . 2.71 42.85 -37.58
C7 NAG BB . -3.20 43.64 -40.67
C8 NAG BB . -4.00 43.64 -41.93
N2 NAG BB . -1.93 43.27 -40.79
O3 NAG BB . -0.87 45.61 -39.55
O4 NAG BB . 1.82 45.45 -38.64
O5 NAG BB . 0.81 41.95 -38.64
O6 NAG BB . 3.39 44.06 -37.28
O7 NAG BB . -3.69 43.95 -39.58
C1 NAG CB . 16.17 10.91 -57.54
C2 NAG CB . 16.63 10.07 -58.70
C3 NAG CB . 16.80 8.63 -58.24
C4 NAG CB . 17.75 8.57 -57.06
C5 NAG CB . 17.41 9.60 -55.98
C6 NAG CB . 18.51 9.77 -54.96
C7 NAG CB . 16.06 10.71 -60.99
C8 NAG CB . 15.00 10.75 -62.05
N2 NAG CB . 15.72 10.16 -59.82
O3 NAG CB . 17.28 7.83 -59.32
O4 NAG CB . 17.69 7.27 -56.47
O5 NAG CB . 17.17 10.91 -56.54
O6 NAG CB . 19.77 9.96 -55.59
O7 NAG CB . 17.19 11.14 -61.19
C1 NAG DB . 22.88 5.62 -34.63
C2 NAG DB . 22.97 4.41 -33.70
C3 NAG DB . 23.63 4.80 -32.39
C4 NAG DB . 24.93 5.55 -32.62
C5 NAG DB . 24.75 6.67 -33.63
C6 NAG DB . 26.05 7.32 -34.03
C7 NAG DB . 21.42 2.68 -32.89
C8 NAG DB . 19.98 2.28 -32.74
N2 NAG DB . 21.64 3.85 -33.47
O3 NAG DB . 23.88 3.63 -31.62
O4 NAG DB . 25.38 6.10 -31.39
O5 NAG DB . 24.17 6.16 -34.83
O6 NAG DB . 26.66 6.59 -35.10
O7 NAG DB . 22.34 1.96 -32.48
C1 NAG EB . 12.68 17.27 -28.47
C2 NAG EB . 13.47 16.35 -27.55
C3 NAG EB . 13.38 16.83 -26.10
C4 NAG EB . 13.70 18.31 -26.00
C5 NAG EB . 12.91 19.12 -27.02
C6 NAG EB . 13.28 20.59 -26.97
C7 NAG EB . 13.65 14.04 -28.27
C8 NAG EB . 12.93 12.74 -28.47
N2 NAG EB . 12.96 15.00 -27.65
O3 NAG EB . 14.30 16.08 -25.30
O4 NAG EB . 13.40 18.78 -24.68
O5 NAG EB . 13.15 18.61 -28.33
O6 NAG EB . 14.11 20.91 -28.11
O7 NAG EB . 14.80 14.21 -28.64
C1 NAG FB . -23.26 13.75 -52.51
C2 NAG FB . -23.43 13.36 -53.99
C3 NAG FB . -23.47 14.61 -54.88
C4 NAG FB . -24.53 15.57 -54.37
C5 NAG FB . -24.30 15.87 -52.88
C6 NAG FB . -25.38 16.75 -52.29
C7 NAG FB . -21.11 12.48 -54.57
C8 NAG FB . -20.48 13.78 -54.13
N2 NAG FB . -22.45 12.38 -54.46
O3 NAG FB . -23.74 14.22 -56.22
O4 NAG FB . -24.51 16.78 -55.11
O5 NAG FB . -24.30 14.65 -52.14
O6 NAG FB . -26.66 16.41 -52.80
O7 NAG FB . -20.44 11.56 -55.00
C1 NAG GB . -35.73 35.36 -42.97
C2 NAG GB . -36.97 36.24 -43.01
C3 NAG GB . -37.99 35.65 -43.99
C4 NAG GB . -37.35 35.38 -45.35
C5 NAG GB . -36.05 34.58 -45.19
C6 NAG GB . -35.30 34.42 -46.49
C7 NAG GB . -37.95 37.52 -41.15
C8 NAG GB . -37.73 38.73 -42.00
N2 NAG GB . -37.57 36.36 -41.69
O3 NAG GB . -39.07 36.56 -44.14
O4 NAG GB . -38.25 34.64 -46.15
O5 NAG GB . -35.17 35.26 -44.28
O6 NAG GB . -34.83 35.67 -46.98
O7 NAG GB . -38.46 37.58 -40.03
C1 NAG HB . -20.16 53.40 -12.37
C2 NAG HB . -21.04 53.86 -11.20
C3 NAG HB . -21.06 55.38 -11.10
C4 NAG HB . -19.64 55.93 -11.05
C5 NAG HB . -18.85 55.42 -12.25
C6 NAG HB . -17.41 55.86 -12.23
C7 NAG HB . -23.27 53.69 -12.26
C8 NAG HB . -24.62 53.03 -12.18
N2 NAG HB . -22.40 53.34 -11.30
O3 NAG HB . -21.75 55.76 -9.92
O4 NAG HB . -19.66 57.36 -11.07
O5 NAG HB . -18.85 53.99 -12.26
O6 NAG HB . -16.95 56.03 -10.89
O7 NAG HB . -22.99 54.47 -13.16
C1 NAG IB . -32.86 62.67 -24.88
C2 NAG IB . -31.61 63.36 -25.42
C3 NAG IB . -30.92 64.13 -24.30
C4 NAG IB . -31.89 65.11 -23.66
C5 NAG IB . -33.16 64.38 -23.20
C6 NAG IB . -34.23 65.31 -22.70
C7 NAG IB . -30.64 62.20 -27.34
C8 NAG IB . -29.63 61.19 -27.81
N2 NAG IB . -30.70 62.41 -26.03
O3 NAG IB . -29.80 64.83 -24.85
O4 NAG IB . -31.30 65.76 -22.56
O5 NAG IB . -33.73 63.65 -24.29
O6 NAG IB . -34.10 65.58 -21.31
O7 NAG IB . -31.37 62.81 -28.13
#